data_6XN7
#
_entry.id   6XN7
#
_cell.length_a   1.00
_cell.length_b   1.00
_cell.length_c   1.00
_cell.angle_alpha   90.00
_cell.angle_beta   90.00
_cell.angle_gamma   90.00
#
_symmetry.space_group_name_H-M   'P 1'
#
loop_
_entity.id
_entity.type
_entity.pdbx_description
1 polymer 'CRISPR-associated protein Cas10'
2 polymer 'CRISPR-associated protein Csm4'
3 polymer 'CRISPR-associated protein Csm3'
4 polymer 'CRISPR-associated protein Csm5'
5 polymer 'Crispr RNA'
6 polymer 'CRISPR-associated protein Csm2'
7 polymer 'Target RNA'
#
loop_
_entity_poly.entity_id
_entity_poly.type
_entity_poly.pdbx_seq_one_letter_code
_entity_poly.pdbx_strand_id
1 'polypeptide(L)'
;MDKINLVCGSLLHNIGKIIYRGTSERAKHSKLGGDFIKSFEQFRNTELTDCIRYHHAQEITSVKSNKEKNSLFYITYIAD
NISSGMDRRKDLEEGAEGFNWDKKVALGSVFNVLNEKEKGRQNYSYPFVARTRIKEEPLNFPTATQNQYTTSYYDGLITD
MKTILQRLKPDKEHINSLLQMMESLWSYVPSSTDKNQLVDISLYDHSRTTAAIASAIYDYFQAENITDYQKELFDYNATE
FYDKNAFLMMNFDMSGVQNFIYNISGSKALKSLRARSFYLDMLLEYISDNLLEKLELSRANILYVGGGHAYLLLANTNKT
KAILSDFEHDLKTWFLDKFKIDLYVAMAYTEVSANDLMNHNGHYRDIYRRLSQKTSAKKANRYTAEEILNLNHQGTENAR
ECRECKRSDLLIEEDDICEICDSLQKVSRDLTRENIFVIANEGVLDMPFGKKMSALSYSQADKLKKSNAEVQIYAKNISE
IGQNLMTRIDMGDYTYRSDFHEMLEEVEVGINRLGVLRADVDNLGQAFINGIPDDYLSISRTATFSRAMSRFFKNYLNQL
LAEKSYKINVIYAGGDDLFMIGAWQDILDFSIVLKQKFADFTQNKLSISAGIGMFREKYPVARMASLTGDLEDAAKDYKP
DERAVQATKNAVTLFDATNVFSWDTLENDIFVKLDAITKNFEKLDETGKAFIYRLIDLLRGVNENQQINIARLAYTLSRM
EEKIGKTFAQELYNWANADRKTLIMALEIYILKTRE
;
A
2 'polypeptide(L)'
;MKIIKLYFESPVHFGEKRLSESKITFSADTLFSALMIEAVGLGKEDEFYQLASNNLVKFSDAFPFIDQYYYIPKPMFNLK
LEKEDENPSKAFKKLLYVPIDSLEDYLSGGLDAYFERESFNLGKLALSEKVQQHDFKDSEPYNVGTFTFKENTGLYVLIE
QTHPLLEELLENLQYSGIGGKRNSGYGKFKFEILEDSDIEDLFSAKGNRKILLSGALPKDAELEQALKNASYLLERRGGF
VQSDTYATNLVKKQDLYVFKSGSTFENSFDGDIYQVGKKGNHPVYKYAKSFFLEVSV
;
B
3 'polypeptide(L)'
;MKLVIEGTIVLKTGMHIGGSSDFSAIGAVASPVVRDTLTRLPLIPGSSLKGKMRYLLAKELNNGILLNEPNNDQDEILRL
FGSSEKDKIRRARLKFNDIKLSNLAELETFNVSSTEVKFENTINRKTAVANPRQIERVIAGSKFDFEIFYNLDDIKEVEK
DFENIKQGFDLLEFDYLGGHGTRGSGRIAFENLSVITAVGNFEKINTLNEILGA
;
F,H,G,I
4 'polypeptide(L)'
;MKKTYRVTLTALGPIFIGGGEKLKKYEYIFDKQKKVAHMIDHTKFTKYLLEKNLLDDFTSRVNSHFDLYDYLVNKKGIVF
MPLVKYSVPVAQFRTEVKNRFGKPISSPPMNDLNTFVKDAFGRPYIPGSSLKGALRTAILNDLKEDTKENEVFAHLQVSD
SETIDLENLKVYQKVDYSKTAKPLPLYRECLKPNTEITFTVSFDDEYLTLKKIQNALHKTYQHYYIKWLKGGKVGETLIK
GVYDSHADELKKNTFALDQPSQNQGEIIYIGGGAGFVSKTLHYKSKNRDQARNDSFDILKQLFRTTYSKMRSVPDNVPVA
LKLAVETKTFNGRVTGKHYLEMGKARIKLEEL
;
J
5 'polyribonucleotide' ACGAGAACAUACGUUCUUUGAACCAAGCUUCAACUCC R
6 'polypeptide(L)'
;TELKIGNEKVNSTNFGDFAEKAIRGINHKPFVNSKGGEQKITTSKIRGILELVNKVYNRVINTNDVELSENILADIAYIK
VKIAYESGREPVVKDFIQRTAFTAAITDVMNQRTRESFLLFARYVESLIAYFKFYGGKD
;
C,D,E
7 'polyribonucleotide' AGGAGUUGAAGCUUGGUUCAAAGAACGUAUGUUCUCG T
#
# COMPACT_ATOMS: atom_id res chain seq x y z
N MET A 1 -42.21 -48.78 -61.41
CA MET A 1 -41.07 -49.32 -60.69
C MET A 1 -39.93 -48.32 -60.58
N ASP A 2 -40.26 -47.04 -60.47
CA ASP A 2 -39.26 -46.02 -60.27
C ASP A 2 -38.98 -45.80 -58.79
N LYS A 3 -37.78 -45.30 -58.49
CA LYS A 3 -37.35 -45.23 -57.11
C LYS A 3 -37.92 -44.03 -56.35
N ILE A 4 -38.63 -43.13 -57.02
CA ILE A 4 -39.27 -42.03 -56.29
C ILE A 4 -40.44 -42.54 -55.46
N ASN A 5 -41.24 -43.46 -56.01
CA ASN A 5 -42.27 -44.11 -55.21
C ASN A 5 -41.65 -45.03 -54.17
N LEU A 6 -40.45 -45.57 -54.44
CA LEU A 6 -39.75 -46.38 -53.46
C LEU A 6 -39.33 -45.55 -52.25
N VAL A 7 -38.72 -44.39 -52.49
CA VAL A 7 -38.24 -43.59 -51.36
C VAL A 7 -39.42 -42.99 -50.61
N CYS A 8 -40.52 -42.68 -51.33
CA CYS A 8 -41.75 -42.25 -50.65
C CYS A 8 -42.33 -43.36 -49.78
N GLY A 9 -42.34 -44.59 -50.28
CA GLY A 9 -42.83 -45.70 -49.48
C GLY A 9 -41.95 -46.03 -48.30
N SER A 10 -40.63 -45.93 -48.48
CA SER A 10 -39.71 -46.23 -47.40
C SER A 10 -39.74 -45.14 -46.33
N LEU A 11 -40.02 -43.89 -46.72
CA LEU A 11 -40.24 -42.87 -45.73
C LEU A 11 -41.57 -43.06 -45.00
N LEU A 12 -42.64 -43.34 -45.76
CA LEU A 12 -43.95 -43.57 -45.16
C LEU A 12 -44.10 -44.97 -44.57
N HIS A 13 -43.07 -45.81 -44.72
CA HIS A 13 -42.96 -47.03 -43.94
C HIS A 13 -42.95 -46.69 -42.45
N ASN A 14 -43.60 -47.55 -41.66
CA ASN A 14 -43.81 -47.40 -40.21
C ASN A 14 -44.55 -46.12 -39.84
N ILE A 15 -45.46 -45.65 -40.68
CA ILE A 15 -46.42 -44.64 -40.24
C ILE A 15 -47.56 -45.32 -39.48
N GLY A 16 -47.67 -46.65 -39.58
CA GLY A 16 -48.69 -47.33 -38.83
C GLY A 16 -48.40 -47.41 -37.35
N LYS A 17 -47.14 -47.18 -36.96
CA LYS A 17 -46.77 -47.30 -35.56
C LYS A 17 -47.40 -46.22 -34.71
N ILE A 18 -47.40 -44.97 -35.20
CA ILE A 18 -47.96 -43.86 -34.44
C ILE A 18 -49.48 -43.98 -34.36
N ILE A 19 -50.12 -44.43 -35.44
CA ILE A 19 -51.58 -44.49 -35.38
C ILE A 19 -52.06 -45.76 -34.68
N TYR A 20 -51.23 -46.81 -34.61
CA TYR A 20 -51.48 -47.88 -33.66
C TYR A 20 -51.36 -47.39 -32.23
N ARG A 21 -50.37 -46.56 -31.95
CA ARG A 21 -50.18 -46.11 -30.58
C ARG A 21 -51.19 -45.04 -30.18
N GLY A 22 -51.90 -44.46 -31.15
CA GLY A 22 -52.91 -43.48 -30.83
C GLY A 22 -54.34 -43.97 -30.84
N THR A 23 -54.73 -44.64 -31.93
CA THR A 23 -56.14 -44.82 -32.22
C THR A 23 -56.75 -45.99 -31.46
N SER A 24 -57.98 -46.35 -31.81
CA SER A 24 -58.76 -47.32 -31.06
C SER A 24 -58.56 -48.74 -31.57
N GLU A 25 -58.44 -48.91 -32.89
CA GLU A 25 -58.27 -50.24 -33.46
C GLU A 25 -56.91 -50.82 -33.10
N ARG A 26 -56.87 -52.14 -32.92
CA ARG A 26 -55.71 -52.82 -32.35
C ARG A 26 -55.09 -53.83 -33.31
N ALA A 27 -55.31 -53.66 -34.60
CA ALA A 27 -54.93 -54.67 -35.58
C ALA A 27 -53.43 -54.57 -35.90
N LYS A 28 -53.04 -55.25 -36.99
CA LYS A 28 -51.69 -55.14 -37.52
C LYS A 28 -51.45 -53.74 -38.06
N HIS A 29 -50.49 -53.02 -37.45
CA HIS A 29 -50.27 -51.60 -37.72
C HIS A 29 -49.89 -51.32 -39.16
N SER A 30 -49.34 -52.32 -39.87
CA SER A 30 -49.02 -52.16 -41.27
C SER A 30 -50.28 -51.92 -42.10
N LYS A 31 -51.35 -52.65 -41.78
CA LYS A 31 -52.65 -52.42 -42.41
C LYS A 31 -53.19 -51.05 -42.04
N LEU A 32 -52.99 -50.61 -40.80
CA LEU A 32 -53.42 -49.29 -40.36
C LEU A 32 -52.72 -48.18 -41.15
N GLY A 33 -51.41 -48.32 -41.35
CA GLY A 33 -50.70 -47.35 -42.17
C GLY A 33 -51.15 -47.38 -43.62
N GLY A 34 -51.40 -48.58 -44.15
CA GLY A 34 -51.81 -48.71 -45.54
C GLY A 34 -53.16 -48.07 -45.83
N ASP A 35 -54.17 -48.34 -45.01
CA ASP A 35 -55.47 -47.75 -45.29
C ASP A 35 -55.57 -46.30 -44.79
N PHE A 36 -54.69 -45.92 -43.85
CA PHE A 36 -54.51 -44.50 -43.51
C PHE A 36 -54.03 -43.70 -44.70
N ILE A 37 -53.09 -44.24 -45.46
CA ILE A 37 -52.56 -43.48 -46.58
C ILE A 37 -53.42 -43.67 -47.83
N LYS A 38 -54.08 -44.82 -47.98
CA LYS A 38 -54.95 -45.01 -49.12
C LYS A 38 -56.26 -44.26 -48.98
N SER A 39 -56.68 -43.95 -47.75
CA SER A 39 -57.85 -43.12 -47.50
C SER A 39 -57.51 -41.65 -47.39
N PHE A 40 -56.46 -41.19 -48.06
CA PHE A 40 -56.07 -39.79 -48.03
C PHE A 40 -56.74 -39.06 -49.20
N GLU A 41 -56.23 -37.86 -49.54
CA GLU A 41 -56.79 -37.03 -50.60
C GLU A 41 -56.76 -37.74 -51.95
N GLN A 42 -55.65 -38.39 -52.27
CA GLN A 42 -55.64 -39.34 -53.36
C GLN A 42 -55.48 -40.76 -52.82
N PHE A 43 -56.12 -41.69 -53.52
CA PHE A 43 -55.78 -43.10 -53.38
C PHE A 43 -54.46 -43.26 -54.09
N ARG A 44 -53.37 -43.26 -53.32
CA ARG A 44 -52.04 -43.36 -53.90
C ARG A 44 -51.85 -44.73 -54.54
N ASN A 45 -50.94 -44.80 -55.51
CA ASN A 45 -50.78 -45.97 -56.36
C ASN A 45 -50.25 -47.16 -55.59
N THR A 46 -50.27 -48.33 -56.23
CA THR A 46 -49.90 -49.59 -55.58
C THR A 46 -48.43 -49.60 -55.19
N GLU A 47 -47.60 -48.79 -55.87
CA GLU A 47 -46.17 -48.71 -55.59
C GLU A 47 -45.88 -48.23 -54.18
N LEU A 48 -46.68 -47.27 -53.69
CA LEU A 48 -46.58 -46.84 -52.31
C LEU A 48 -47.14 -47.85 -51.34
N THR A 49 -48.32 -48.42 -51.66
CA THR A 49 -49.04 -49.24 -50.71
C THR A 49 -48.34 -50.58 -50.48
N ASP A 50 -47.60 -51.09 -51.47
CA ASP A 50 -46.88 -52.32 -51.21
C ASP A 50 -45.64 -52.08 -50.35
N CYS A 51 -45.03 -50.90 -50.45
CA CYS A 51 -43.92 -50.56 -49.56
C CYS A 51 -44.40 -50.35 -48.14
N ILE A 52 -45.55 -49.70 -47.98
CA ILE A 52 -46.04 -49.35 -46.65
C ILE A 52 -46.69 -50.56 -46.00
N ARG A 53 -47.67 -51.15 -46.68
CA ARG A 53 -48.46 -52.22 -46.09
C ARG A 53 -47.71 -53.54 -46.09
N TYR A 54 -46.93 -53.82 -47.13
CA TYR A 54 -46.36 -55.16 -47.30
C TYR A 54 -44.85 -55.12 -47.04
N HIS A 55 -44.49 -55.26 -45.77
CA HIS A 55 -43.09 -55.44 -45.38
C HIS A 55 -43.11 -56.51 -44.29
N HIS A 56 -42.00 -56.63 -43.54
CA HIS A 56 -41.92 -57.49 -42.37
C HIS A 56 -42.18 -58.97 -42.65
N ALA A 57 -41.14 -59.67 -43.14
CA ALA A 57 -41.11 -60.93 -43.87
C ALA A 57 -42.22 -61.94 -43.61
N GLN A 58 -42.61 -62.12 -42.35
CA GLN A 58 -43.75 -62.95 -42.00
C GLN A 58 -45.04 -62.48 -42.67
N GLU A 59 -45.19 -61.16 -42.88
CA GLU A 59 -46.42 -60.65 -43.48
C GLU A 59 -46.47 -60.91 -44.98
N ILE A 60 -45.33 -61.04 -45.64
CA ILE A 60 -45.30 -61.21 -47.08
C ILE A 60 -44.88 -62.60 -47.53
N THR A 61 -44.47 -63.48 -46.62
CA THR A 61 -44.25 -64.87 -47.02
C THR A 61 -45.57 -65.63 -47.06
N SER A 62 -46.61 -65.09 -46.40
CA SER A 62 -47.93 -65.68 -46.47
C SER A 62 -48.54 -65.46 -47.85
N VAL A 63 -48.77 -64.19 -48.20
CA VAL A 63 -49.18 -63.84 -49.56
C VAL A 63 -47.95 -63.41 -50.35
N LYS A 64 -47.46 -64.31 -51.20
CA LYS A 64 -46.23 -64.08 -51.95
C LYS A 64 -46.43 -64.20 -53.47
N SER A 65 -47.09 -65.27 -53.92
CA SER A 65 -47.17 -65.56 -55.36
C SER A 65 -48.07 -64.56 -56.07
N ASN A 66 -49.12 -64.07 -55.41
CA ASN A 66 -49.94 -63.03 -56.00
C ASN A 66 -49.17 -61.71 -56.08
N LYS A 67 -48.23 -61.50 -55.17
CA LYS A 67 -47.35 -60.34 -55.22
C LYS A 67 -46.28 -60.58 -56.28
N GLU A 68 -45.77 -59.49 -56.84
CA GLU A 68 -45.00 -59.58 -58.07
C GLU A 68 -43.52 -59.83 -57.78
N LYS A 69 -42.82 -60.36 -58.77
CA LYS A 69 -41.39 -60.18 -58.84
C LYS A 69 -41.10 -58.79 -59.38
N ASN A 70 -39.93 -58.25 -59.02
CA ASN A 70 -39.55 -56.85 -59.28
C ASN A 70 -40.64 -55.92 -58.72
N SER A 71 -40.85 -55.99 -57.41
CA SER A 71 -42.04 -55.42 -56.81
C SER A 71 -41.76 -54.21 -55.92
N LEU A 72 -40.50 -53.86 -55.73
CA LEU A 72 -40.01 -52.61 -55.12
C LEU A 72 -40.31 -52.53 -53.62
N PHE A 73 -40.88 -53.56 -52.98
CA PHE A 73 -41.02 -53.53 -51.54
C PHE A 73 -40.07 -54.47 -50.80
N TYR A 74 -39.50 -55.46 -51.49
CA TYR A 74 -38.52 -56.34 -50.85
C TYR A 74 -37.27 -55.56 -50.46
N ILE A 75 -36.88 -54.59 -51.27
CA ILE A 75 -35.74 -53.76 -50.95
C ILE A 75 -36.06 -52.84 -49.78
N THR A 76 -37.32 -52.44 -49.62
CA THR A 76 -37.73 -51.71 -48.42
C THR A 76 -37.67 -52.59 -47.18
N TYR A 77 -38.06 -53.86 -47.31
CA TYR A 77 -37.98 -54.79 -46.20
C TYR A 77 -36.53 -55.01 -45.76
N ILE A 78 -35.64 -55.20 -46.72
CA ILE A 78 -34.24 -55.43 -46.34
C ILE A 78 -33.57 -54.13 -45.89
N ALA A 79 -34.05 -52.97 -46.34
CA ALA A 79 -33.52 -51.71 -45.84
C ALA A 79 -33.94 -51.47 -44.40
N ASP A 80 -35.20 -51.79 -44.07
CA ASP A 80 -35.66 -51.75 -42.69
C ASP A 80 -34.90 -52.74 -41.82
N ASN A 81 -34.53 -53.89 -42.39
CA ASN A 81 -33.77 -54.86 -41.62
C ASN A 81 -32.33 -54.39 -41.38
N ILE A 82 -31.75 -53.67 -42.34
CA ILE A 82 -30.35 -53.26 -42.21
C ILE A 82 -30.22 -52.01 -41.33
N SER A 83 -31.22 -51.11 -41.35
CA SER A 83 -31.10 -49.84 -40.63
C SER A 83 -31.09 -50.04 -39.11
N SER A 84 -31.74 -51.08 -38.62
CA SER A 84 -31.75 -51.31 -37.18
C SER A 84 -30.43 -51.90 -36.69
N GLY A 85 -29.71 -52.59 -37.57
CA GLY A 85 -28.43 -53.17 -37.21
C GLY A 85 -28.52 -54.36 -36.28
N MET A 86 -32.76 -55.48 -37.49
CA MET A 86 -31.87 -55.92 -36.43
C MET A 86 -31.49 -57.34 -36.81
N ASP A 87 -32.37 -58.29 -36.49
CA ASP A 87 -32.30 -59.67 -36.95
C ASP A 87 -33.69 -60.15 -37.31
N ARG A 88 -34.47 -59.31 -37.98
CA ARG A 88 -35.90 -59.52 -38.14
C ARG A 88 -36.19 -60.59 -39.20
N ARG A 89 -35.96 -61.84 -38.79
CA ARG A 89 -36.35 -63.02 -39.54
C ARG A 89 -37.46 -63.79 -38.85
N LYS A 90 -37.53 -63.71 -37.52
CA LYS A 90 -38.41 -64.53 -36.70
C LYS A 90 -39.27 -63.65 -35.79
N ASP A 91 -38.74 -62.49 -35.41
CA ASP A 91 -39.43 -61.61 -34.47
C ASP A 91 -40.65 -60.97 -35.12
N LEU A 92 -41.73 -60.88 -34.34
CA LEU A 92 -43.03 -60.45 -34.84
C LEU A 92 -43.11 -58.93 -34.97
N GLU A 93 -44.29 -58.47 -35.35
CA GLU A 93 -44.58 -57.05 -35.53
C GLU A 93 -45.63 -56.64 -34.52
N GLU A 94 -45.44 -55.47 -33.90
CA GLU A 94 -46.30 -55.08 -32.78
C GLU A 94 -47.71 -54.76 -33.26
N GLY A 95 -48.69 -55.35 -32.56
CA GLY A 95 -50.05 -55.39 -33.04
C GLY A 95 -50.43 -56.65 -33.76
N ALA A 96 -49.72 -57.76 -33.53
CA ALA A 96 -50.01 -59.02 -34.19
C ALA A 96 -50.99 -59.89 -33.42
N GLU A 97 -51.78 -59.31 -32.51
CA GLU A 97 -52.71 -59.99 -31.62
C GLU A 97 -52.02 -61.06 -30.77
N GLY A 98 -50.74 -60.86 -30.44
CA GLY A 98 -50.01 -61.85 -29.67
C GLY A 98 -50.41 -61.87 -28.22
N PHE A 99 -50.11 -60.79 -27.51
CA PHE A 99 -50.40 -60.65 -26.09
C PHE A 99 -50.25 -59.17 -25.73
N ASN A 100 -50.34 -58.89 -24.43
CA ASN A 100 -50.18 -57.56 -23.87
C ASN A 100 -48.77 -57.06 -24.07
N TRP A 101 -48.59 -56.12 -24.98
CA TRP A 101 -47.35 -55.37 -25.12
C TRP A 101 -47.68 -53.88 -25.06
N ASP A 102 -46.66 -53.10 -24.68
CA ASP A 102 -46.87 -51.73 -24.27
C ASP A 102 -47.32 -50.85 -25.44
N LYS A 103 -48.01 -49.78 -25.10
CA LYS A 103 -48.64 -48.87 -26.03
C LYS A 103 -48.09 -47.46 -25.95
N LYS A 104 -47.80 -46.97 -24.74
CA LYS A 104 -47.37 -45.60 -24.49
C LYS A 104 -46.04 -45.67 -23.77
N VAL A 105 -44.96 -45.78 -24.53
CA VAL A 105 -43.61 -45.81 -23.97
C VAL A 105 -42.86 -44.63 -24.57
N ALA A 106 -41.90 -44.09 -23.81
CA ALA A 106 -41.19 -42.91 -24.29
C ALA A 106 -39.91 -43.30 -24.99
N LEU A 107 -39.44 -42.40 -25.85
CA LEU A 107 -38.17 -42.57 -26.54
C LEU A 107 -37.02 -42.52 -25.53
N GLY A 108 -36.00 -43.32 -25.78
CA GLY A 108 -34.84 -43.35 -24.90
C GLY A 108 -33.90 -42.20 -25.14
N SER A 109 -32.60 -42.47 -25.20
CA SER A 109 -31.64 -41.48 -25.66
C SER A 109 -30.40 -42.18 -26.17
N VAL A 110 -29.70 -41.58 -27.15
CA VAL A 110 -28.43 -42.14 -27.58
C VAL A 110 -27.32 -41.70 -26.65
N PHE A 111 -27.60 -40.75 -25.76
CA PHE A 111 -26.59 -40.31 -24.83
C PHE A 111 -26.44 -41.22 -23.63
N ASN A 112 -27.38 -42.13 -23.39
CA ASN A 112 -27.21 -42.98 -22.23
C ASN A 112 -26.33 -44.17 -22.52
N VAL A 113 -26.46 -44.74 -23.71
CA VAL A 113 -25.56 -45.79 -24.17
C VAL A 113 -24.15 -45.26 -24.43
N LEU A 114 -24.01 -43.99 -24.81
CA LEU A 114 -22.73 -43.37 -25.12
C LEU A 114 -21.80 -43.37 -23.92
N ASN A 115 -20.54 -43.79 -24.15
CA ASN A 115 -19.51 -43.96 -23.12
C ASN A 115 -19.99 -44.86 -21.98
N GLU A 116 -20.38 -46.09 -22.34
CA GLU A 116 -20.94 -47.00 -21.35
C GLU A 116 -19.85 -47.55 -20.42
N LYS A 117 -18.70 -47.94 -20.99
CA LYS A 117 -17.71 -48.66 -20.18
C LYS A 117 -16.94 -47.75 -19.25
N GLU A 118 -16.97 -46.43 -19.46
CA GLU A 118 -16.40 -45.50 -18.49
C GLU A 118 -17.47 -44.71 -17.72
N LYS A 119 -18.34 -44.01 -18.42
CA LYS A 119 -19.29 -43.09 -17.81
C LYS A 119 -20.62 -43.74 -17.47
N GLY A 120 -20.74 -45.06 -17.59
CA GLY A 120 -21.95 -45.76 -17.19
C GLY A 120 -23.03 -45.73 -18.25
N ARG A 121 -24.04 -46.59 -18.12
CA ARG A 121 -25.16 -46.63 -19.04
C ARG A 121 -26.41 -46.23 -18.30
N GLN A 122 -26.81 -44.98 -18.46
CA GLN A 122 -28.02 -44.49 -17.80
C GLN A 122 -29.26 -44.99 -18.53
N ASN A 123 -30.42 -44.64 -17.99
CA ASN A 123 -31.68 -45.00 -18.62
C ASN A 123 -32.64 -43.84 -18.42
N TYR A 124 -32.65 -42.92 -19.37
CA TYR A 124 -33.45 -41.71 -19.31
C TYR A 124 -34.52 -41.78 -20.40
N SER A 125 -35.28 -40.70 -20.53
CA SER A 125 -36.31 -40.65 -21.53
C SER A 125 -36.58 -39.20 -21.91
N TYR A 126 -37.19 -39.02 -23.08
CA TYR A 126 -37.57 -37.71 -23.56
C TYR A 126 -39.07 -37.54 -23.37
N PRO A 127 -39.51 -36.71 -22.42
CA PRO A 127 -40.94 -36.42 -22.32
C PRO A 127 -41.39 -35.56 -23.47
N PHE A 128 -42.68 -35.66 -23.81
CA PHE A 128 -43.22 -34.93 -24.94
C PHE A 128 -43.61 -33.52 -24.50
N VAL A 129 -43.29 -32.55 -25.36
CA VAL A 129 -43.68 -31.16 -25.16
C VAL A 129 -44.40 -30.69 -26.42
N ALA A 130 -45.57 -30.09 -26.25
CA ALA A 130 -46.34 -29.61 -27.38
C ALA A 130 -46.13 -28.12 -27.58
N GLU A 137 -38.30 -29.02 -31.50
CA GLU A 137 -37.91 -27.64 -31.21
C GLU A 137 -38.25 -27.01 -29.82
N PRO A 138 -39.11 -27.60 -28.97
CA PRO A 138 -39.03 -27.25 -27.56
C PRO A 138 -37.77 -27.84 -26.94
N LEU A 139 -37.26 -27.14 -25.93
CA LEU A 139 -36.08 -27.61 -25.20
C LEU A 139 -36.46 -28.83 -24.39
N ASN A 140 -36.08 -30.01 -24.88
CA ASN A 140 -36.45 -31.28 -24.27
C ASN A 140 -35.19 -32.03 -23.87
N PHE A 141 -34.76 -31.78 -22.75
CA PHE A 141 -33.62 -32.50 -22.23
C PHE A 141 -34.08 -33.78 -21.54
N PRO A 142 -33.30 -34.86 -21.63
CA PRO A 142 -33.76 -36.13 -21.06
C PRO A 142 -33.76 -36.12 -19.54
N THR A 143 -34.88 -36.54 -18.96
CA THR A 143 -35.05 -36.65 -17.53
C THR A 143 -35.27 -38.12 -17.18
N ALA A 144 -34.70 -38.55 -16.06
CA ALA A 144 -34.69 -39.97 -15.73
C ALA A 144 -36.03 -40.49 -15.26
N THR A 145 -36.98 -39.59 -14.98
CA THR A 145 -38.34 -40.00 -14.64
C THR A 145 -38.99 -40.68 -15.84
N GLN A 146 -39.73 -41.75 -15.57
CA GLN A 146 -40.28 -42.58 -16.62
C GLN A 146 -41.45 -41.86 -17.28
N ASN A 147 -41.20 -41.31 -18.46
CA ASN A 147 -42.21 -40.54 -19.17
C ASN A 147 -43.08 -41.45 -20.03
N GLN A 148 -44.31 -41.01 -20.24
CA GLN A 148 -45.26 -41.73 -21.07
C GLN A 148 -45.92 -40.74 -22.02
N TYR A 149 -46.10 -41.15 -23.27
CA TYR A 149 -46.80 -40.34 -24.25
C TYR A 149 -48.27 -40.75 -24.26
N THR A 150 -49.15 -39.86 -23.79
CA THR A 150 -50.57 -40.14 -23.81
C THR A 150 -51.08 -40.19 -25.25
N THR A 151 -52.21 -40.89 -25.44
CA THR A 151 -52.73 -41.14 -26.77
C THR A 151 -53.22 -39.87 -27.46
N SER A 152 -53.48 -38.82 -26.69
CA SER A 152 -53.81 -37.53 -27.28
C SER A 152 -52.63 -36.93 -28.03
N TYR A 153 -51.40 -37.22 -27.60
CA TYR A 153 -50.21 -36.75 -28.31
C TYR A 153 -50.12 -37.38 -29.69
N TYR A 154 -50.37 -38.69 -29.78
CA TYR A 154 -50.34 -39.36 -31.06
C TYR A 154 -51.52 -38.94 -31.94
N ASP A 155 -52.68 -38.66 -31.34
CA ASP A 155 -53.82 -38.16 -32.12
C ASP A 155 -53.55 -36.76 -32.66
N GLY A 156 -52.87 -35.92 -31.86
CA GLY A 156 -52.47 -34.62 -32.34
C GLY A 156 -51.43 -34.71 -33.45
N LEU A 157 -50.54 -35.70 -33.34
CA LEU A 157 -49.59 -35.98 -34.42
C LEU A 157 -50.30 -36.39 -35.70
N ILE A 158 -51.36 -37.21 -35.55
CA ILE A 158 -52.17 -37.66 -36.68
C ILE A 158 -52.80 -36.46 -37.38
N THR A 159 -53.39 -35.56 -36.59
CA THR A 159 -54.04 -34.38 -37.18
C THR A 159 -53.03 -33.45 -37.83
N ASP A 160 -51.84 -33.30 -37.22
CA ASP A 160 -50.81 -32.44 -37.81
C ASP A 160 -50.28 -33.02 -39.13
N MET A 161 -50.03 -34.32 -39.18
CA MET A 161 -49.54 -34.90 -40.43
C MET A 161 -50.63 -35.01 -41.47
N LYS A 162 -51.90 -35.09 -41.06
CA LYS A 162 -53.01 -35.01 -42.01
C LYS A 162 -53.07 -33.62 -42.63
N THR A 163 -52.91 -32.58 -41.81
CA THR A 163 -52.99 -31.22 -42.31
C THR A 163 -51.77 -30.85 -43.15
N ILE A 164 -50.62 -31.50 -42.90
CA ILE A 164 -49.43 -31.19 -43.68
C ILE A 164 -49.40 -31.98 -44.98
N LEU A 165 -49.72 -33.27 -44.92
CA LEU A 165 -49.61 -34.14 -46.08
C LEU A 165 -50.60 -33.84 -47.20
N GLN A 166 -51.60 -33.00 -46.94
CA GLN A 166 -52.64 -32.72 -47.95
C GLN A 166 -52.07 -32.00 -49.16
N ARG A 167 -51.10 -31.13 -48.98
CA ARG A 167 -50.45 -30.46 -50.09
C ARG A 167 -49.31 -31.27 -50.68
N LEU A 168 -49.04 -32.45 -50.14
CA LEU A 168 -47.84 -33.21 -50.48
C LEU A 168 -48.24 -34.51 -51.17
N LYS A 169 -47.77 -34.68 -52.40
CA LYS A 169 -48.02 -35.84 -53.23
C LYS A 169 -46.68 -36.27 -53.79
N PRO A 170 -46.54 -37.55 -54.28
CA PRO A 170 -45.21 -38.00 -54.72
C PRO A 170 -44.69 -37.28 -55.94
N ASP A 171 -43.73 -36.40 -55.68
CA ASP A 171 -43.07 -35.59 -56.69
C ASP A 171 -41.60 -35.55 -56.33
N LYS A 172 -40.79 -35.15 -57.30
CA LYS A 172 -39.35 -35.08 -57.09
C LYS A 172 -38.97 -33.99 -56.09
N GLU A 173 -39.76 -32.93 -56.00
CA GLU A 173 -39.47 -31.80 -55.12
C GLU A 173 -40.14 -31.91 -53.76
N HIS A 174 -40.99 -32.91 -53.54
CA HIS A 174 -41.65 -33.09 -52.25
C HIS A 174 -40.89 -33.95 -51.27
N ILE A 175 -39.76 -34.53 -51.65
CA ILE A 175 -39.09 -35.49 -50.80
C ILE A 175 -38.51 -34.82 -49.57
N ASN A 176 -37.89 -33.65 -49.75
CA ASN A 176 -37.31 -32.94 -48.63
C ASN A 176 -38.39 -32.34 -47.73
N SER A 177 -39.51 -31.91 -48.32
CA SER A 177 -40.62 -31.39 -47.51
C SER A 177 -41.25 -32.49 -46.68
N LEU A 178 -41.36 -33.68 -47.24
CA LEU A 178 -41.86 -34.81 -46.48
C LEU A 178 -40.87 -35.22 -45.40
N LEU A 179 -39.57 -35.15 -45.71
CA LEU A 179 -38.53 -35.43 -44.73
C LEU A 179 -38.56 -34.45 -43.57
N GLN A 180 -38.74 -33.16 -43.85
CA GLN A 180 -38.77 -32.20 -42.74
C GLN A 180 -40.10 -32.25 -42.00
N MET A 181 -41.17 -32.75 -42.64
CA MET A 181 -42.37 -33.10 -41.89
C MET A 181 -42.09 -34.21 -40.89
N MET A 182 -41.40 -35.26 -41.35
CA MET A 182 -41.01 -36.36 -40.45
C MET A 182 -40.08 -35.87 -39.35
N GLU A 183 -39.18 -34.94 -39.70
CA GLU A 183 -38.25 -34.36 -38.74
C GLU A 183 -38.98 -33.56 -37.67
N SER A 184 -39.97 -32.76 -38.06
CA SER A 184 -40.69 -31.96 -37.10
C SER A 184 -41.62 -32.78 -36.23
N LEU A 185 -42.20 -33.86 -36.78
CA LEU A 185 -43.21 -34.62 -36.04
C LEU A 185 -42.62 -35.83 -35.30
N TRP A 186 -41.94 -36.73 -36.00
CA TRP A 186 -41.53 -38.00 -35.43
C TRP A 186 -40.14 -37.98 -34.81
N SER A 187 -39.65 -36.80 -34.42
CA SER A 187 -38.34 -36.75 -33.79
C SER A 187 -38.36 -37.32 -32.39
N TYR A 188 -39.50 -37.30 -31.73
CA TYR A 188 -39.64 -37.84 -30.38
C TYR A 188 -40.58 -39.04 -30.33
N VAL A 189 -40.82 -39.68 -31.46
CA VAL A 189 -41.59 -40.92 -31.54
C VAL A 189 -40.59 -42.07 -31.60
N PRO A 190 -40.58 -42.97 -30.63
CA PRO A 190 -39.64 -44.09 -30.68
C PRO A 190 -40.05 -45.13 -31.71
N SER A 191 -39.08 -45.55 -32.52
CA SER A 191 -39.34 -46.56 -33.53
C SER A 191 -39.61 -47.93 -32.92
N SER A 192 -38.96 -48.26 -31.80
CA SER A 192 -39.25 -49.48 -31.08
C SER A 192 -40.30 -49.22 -30.00
N THR A 193 -40.88 -50.31 -29.51
CA THR A 193 -41.86 -50.24 -28.43
C THR A 193 -41.79 -51.56 -27.67
N ASP A 194 -41.53 -51.47 -26.36
CA ASP A 194 -41.56 -52.60 -25.42
C ASP A 194 -40.59 -53.70 -25.84
N LYS A 195 -39.33 -53.32 -25.92
CA LYS A 195 -38.27 -54.18 -26.45
C LYS A 195 -37.03 -53.95 -25.59
N ASN A 196 -35.88 -54.25 -26.17
CA ASN A 196 -34.58 -53.91 -25.61
C ASN A 196 -34.31 -52.42 -25.79
N GLN A 197 -33.04 -52.03 -25.74
CA GLN A 197 -32.69 -50.62 -25.87
C GLN A 197 -32.69 -50.13 -27.33
N LEU A 198 -33.48 -50.74 -28.21
CA LEU A 198 -33.80 -50.19 -29.53
C LEU A 198 -34.76 -49.01 -29.44
N VAL A 199 -35.26 -48.66 -28.26
CA VAL A 199 -36.16 -47.51 -28.13
C VAL A 199 -35.45 -46.18 -28.31
N ASP A 200 -34.11 -46.17 -28.27
CA ASP A 200 -33.39 -44.91 -28.22
C ASP A 200 -33.26 -44.24 -29.57
N ILE A 201 -33.64 -44.91 -30.65
CA ILE A 201 -33.64 -44.31 -31.98
C ILE A 201 -35.03 -43.80 -32.30
N SER A 202 -35.09 -42.63 -32.90
CA SER A 202 -36.35 -42.01 -33.26
C SER A 202 -37.00 -42.74 -34.42
N LEU A 203 -38.26 -42.40 -34.67
CA LEU A 203 -38.94 -42.93 -35.84
C LEU A 203 -38.44 -42.24 -37.10
N TYR A 204 -38.17 -40.93 -37.01
CA TYR A 204 -37.71 -40.17 -38.17
C TYR A 204 -36.31 -40.58 -38.60
N ASP A 205 -35.42 -40.81 -37.64
CA ASP A 205 -34.05 -41.19 -37.99
C ASP A 205 -34.00 -42.58 -38.60
N HIS A 206 -34.78 -43.52 -38.05
CA HIS A 206 -34.85 -44.85 -38.62
C HIS A 206 -35.51 -44.83 -40.00
N SER A 207 -36.51 -43.98 -40.19
CA SER A 207 -37.15 -43.88 -41.49
C SER A 207 -36.22 -43.25 -42.52
N ARG A 208 -35.43 -42.26 -42.12
CA ARG A 208 -34.46 -41.64 -43.02
C ARG A 208 -33.37 -42.64 -43.41
N THR A 209 -32.90 -43.44 -42.44
CA THR A 209 -31.88 -44.44 -42.74
C THR A 209 -32.41 -45.55 -43.65
N THR A 210 -33.66 -45.98 -43.43
CA THR A 210 -34.18 -47.04 -44.29
C THR A 210 -34.53 -46.50 -45.68
N ALA A 211 -34.86 -45.21 -45.78
CA ALA A 211 -35.07 -44.61 -47.10
C ALA A 211 -33.77 -44.52 -47.88
N ALA A 212 -32.69 -44.11 -47.20
CA ALA A 212 -31.38 -44.01 -47.86
C ALA A 212 -30.88 -45.38 -48.30
N ILE A 213 -31.01 -46.37 -47.43
CA ILE A 213 -30.54 -47.72 -47.77
C ILE A 213 -31.39 -48.33 -48.88
N ALA A 214 -32.71 -48.08 -48.86
CA ALA A 214 -33.58 -48.59 -49.91
C ALA A 214 -33.25 -47.99 -51.28
N SER A 215 -33.00 -46.67 -51.32
CA SER A 215 -32.68 -46.03 -52.60
C SER A 215 -31.33 -46.50 -53.12
N ALA A 216 -30.35 -46.68 -52.23
CA ALA A 216 -29.05 -47.19 -52.64
C ALA A 216 -29.14 -48.62 -53.16
N ILE A 217 -29.96 -49.46 -52.51
CA ILE A 217 -30.13 -50.84 -52.95
C ILE A 217 -30.79 -50.89 -54.32
N TYR A 218 -31.78 -50.02 -54.56
CA TYR A 218 -32.41 -49.97 -55.88
C TYR A 218 -31.43 -49.53 -56.95
N ASP A 219 -30.58 -48.55 -56.65
CA ASP A 219 -29.63 -48.09 -57.66
C ASP A 219 -28.59 -49.17 -57.96
N TYR A 220 -28.16 -49.91 -56.93
CA TYR A 220 -27.28 -51.04 -57.13
C TYR A 220 -27.94 -52.11 -57.99
N PHE A 221 -29.22 -52.38 -57.74
CA PHE A 221 -29.93 -53.41 -58.50
C PHE A 221 -30.13 -53.00 -59.95
N GLN A 222 -30.42 -51.72 -60.19
CA GLN A 222 -30.70 -51.31 -61.55
C GLN A 222 -29.41 -51.01 -62.32
N ALA A 223 -28.27 -51.03 -61.64
CA ALA A 223 -27.03 -51.01 -62.42
C ALA A 223 -26.40 -52.41 -62.55
N GLU A 224 -26.68 -53.32 -61.63
CA GLU A 224 -26.09 -54.65 -61.66
C GLU A 224 -27.08 -55.72 -62.15
N ASN A 225 -28.24 -55.31 -62.68
CA ASN A 225 -29.18 -56.13 -63.44
C ASN A 225 -29.74 -57.29 -62.60
N ILE A 226 -30.42 -56.90 -61.52
CA ILE A 226 -31.17 -57.84 -60.70
C ILE A 226 -32.64 -57.46 -60.82
N THR A 227 -33.47 -58.43 -61.20
CA THR A 227 -34.92 -58.25 -61.25
C THR A 227 -35.68 -59.27 -60.42
N ASP A 228 -35.19 -60.52 -60.35
CA ASP A 228 -35.87 -61.57 -59.60
C ASP A 228 -35.35 -61.62 -58.15
N TYR A 229 -35.41 -60.46 -57.50
CA TYR A 229 -34.89 -60.36 -56.15
C TYR A 229 -35.83 -60.88 -55.08
N GLN A 230 -37.10 -61.14 -55.42
CA GLN A 230 -38.03 -61.76 -54.47
C GLN A 230 -37.55 -63.15 -54.06
N LYS A 231 -37.10 -63.94 -55.04
CA LYS A 231 -36.66 -65.30 -54.76
C LYS A 231 -35.32 -65.32 -54.03
N GLU A 232 -34.39 -64.44 -54.41
CA GLU A 232 -33.11 -64.45 -53.71
C GLU A 232 -33.17 -63.76 -52.35
N LEU A 233 -34.27 -63.07 -52.03
CA LEU A 233 -34.58 -62.83 -50.63
C LEU A 233 -35.25 -63.99 -49.92
N PHE A 234 -36.25 -64.64 -50.53
CA PHE A 234 -37.14 -65.49 -49.75
C PHE A 234 -37.01 -66.97 -50.04
N ASP A 235 -36.98 -67.39 -51.31
CA ASP A 235 -36.85 -68.82 -51.61
C ASP A 235 -35.45 -69.31 -51.27
N TYR A 236 -34.44 -68.49 -51.51
CA TYR A 236 -33.10 -68.68 -50.98
C TYR A 236 -32.82 -67.47 -50.11
N ASN A 237 -32.33 -67.69 -48.90
CA ASN A 237 -32.09 -66.59 -47.97
C ASN A 237 -30.94 -65.72 -48.48
N ALA A 238 -31.03 -64.42 -48.17
CA ALA A 238 -30.16 -63.41 -48.77
C ALA A 238 -28.91 -63.17 -47.97
N THR A 239 -28.38 -64.20 -47.29
CA THR A 239 -27.09 -64.08 -46.62
C THR A 239 -25.95 -63.88 -47.62
N GLU A 240 -26.14 -64.26 -48.88
CA GLU A 240 -25.16 -63.97 -49.91
C GLU A 240 -25.22 -62.51 -50.37
N PHE A 241 -26.39 -61.88 -50.27
CA PHE A 241 -26.50 -60.47 -50.61
C PHE A 241 -25.84 -59.60 -49.54
N TYR A 242 -25.85 -60.06 -48.30
CA TYR A 242 -25.25 -59.27 -47.22
C TYR A 242 -23.74 -59.17 -47.36
N ASP A 243 -23.12 -60.14 -48.02
CA ASP A 243 -21.69 -60.08 -48.29
C ASP A 243 -21.34 -59.13 -49.42
N LYS A 244 -22.31 -58.77 -50.26
CA LYS A 244 -22.05 -57.95 -51.44
C LYS A 244 -21.71 -56.52 -51.05
N ASN A 245 -20.59 -56.02 -51.56
CA ASN A 245 -20.18 -54.63 -51.33
C ASN A 245 -21.05 -53.72 -52.19
N ALA A 246 -22.25 -53.47 -51.69
CA ALA A 246 -23.31 -52.85 -52.47
C ALA A 246 -23.45 -51.35 -52.22
N PHE A 247 -22.68 -50.81 -51.30
CA PHE A 247 -22.84 -49.41 -50.93
C PHE A 247 -21.49 -48.70 -50.97
N LEU A 248 -21.55 -47.41 -51.26
CA LEU A 248 -20.45 -46.51 -50.96
C LEU A 248 -20.89 -45.63 -49.81
N MET A 249 -19.93 -45.14 -49.05
CA MET A 249 -20.21 -44.14 -48.03
C MET A 249 -19.09 -43.12 -48.17
N MET A 250 -19.44 -41.99 -48.75
CA MET A 250 -18.52 -40.95 -49.14
C MET A 250 -18.54 -39.84 -48.10
N ASN A 251 -17.41 -39.13 -47.97
CA ASN A 251 -17.42 -37.94 -47.14
C ASN A 251 -16.67 -36.80 -47.81
N PHE A 252 -17.04 -35.59 -47.45
CA PHE A 252 -16.33 -34.38 -47.78
C PHE A 252 -15.52 -34.00 -46.54
N ASP A 253 -14.38 -33.35 -46.75
CA ASP A 253 -13.69 -32.56 -45.70
C ASP A 253 -13.23 -31.25 -46.35
N MET A 254 -13.84 -30.16 -45.93
CA MET A 254 -13.30 -28.84 -46.21
C MET A 254 -11.96 -28.69 -45.51
N SER A 255 -11.01 -28.06 -46.20
CA SER A 255 -9.69 -27.83 -45.64
C SER A 255 -9.37 -26.35 -45.68
N GLY A 256 -8.70 -25.88 -44.63
CA GLY A 256 -8.37 -24.47 -44.53
C GLY A 256 -9.54 -23.58 -44.17
N VAL A 257 -10.47 -24.08 -43.37
CA VAL A 257 -11.65 -23.32 -43.00
C VAL A 257 -11.31 -22.18 -42.03
N GLN A 258 -10.39 -22.43 -41.08
CA GLN A 258 -10.10 -21.43 -40.05
C GLN A 258 -9.26 -20.29 -40.63
N ASN A 259 -8.28 -20.62 -41.47
CA ASN A 259 -7.49 -19.61 -42.14
C ASN A 259 -8.29 -18.80 -43.13
N PHE A 260 -9.42 -19.34 -43.61
CA PHE A 260 -10.30 -18.54 -44.46
C PHE A 260 -11.19 -17.62 -43.63
N ILE A 261 -11.84 -18.15 -42.61
CA ILE A 261 -12.82 -17.32 -41.89
C ILE A 261 -12.14 -16.33 -40.97
N TYR A 262 -10.84 -16.49 -40.70
CA TYR A 262 -10.09 -15.52 -39.91
C TYR A 262 -9.18 -14.65 -40.74
N ASN A 263 -9.60 -14.28 -41.95
CA ASN A 263 -8.88 -13.32 -42.77
C ASN A 263 -9.42 -11.91 -42.58
N ILE A 264 -9.89 -11.60 -41.37
CA ILE A 264 -10.60 -10.37 -41.03
C ILE A 264 -9.65 -9.21 -40.78
N SER A 265 -10.23 -8.03 -40.54
CA SER A 265 -9.61 -6.74 -40.74
C SER A 265 -10.03 -5.76 -39.66
N GLY A 266 -10.07 -4.47 -39.98
CA GLY A 266 -10.32 -3.45 -38.97
C GLY A 266 -11.80 -3.19 -38.80
N SER A 267 -12.30 -2.10 -39.40
CA SER A 267 -13.73 -1.92 -39.53
C SER A 267 -14.32 -3.05 -40.35
N LYS A 268 -15.59 -3.36 -40.07
CA LYS A 268 -16.35 -4.53 -40.56
C LYS A 268 -15.54 -5.83 -40.45
N ALA A 269 -15.05 -6.08 -39.24
CA ALA A 269 -14.34 -7.32 -38.95
C ALA A 269 -15.27 -8.43 -38.56
N LEU A 270 -16.17 -8.17 -37.61
CA LEU A 270 -16.99 -9.24 -37.05
C LEU A 270 -18.10 -9.66 -38.01
N LYS A 271 -18.64 -8.74 -38.79
CA LYS A 271 -19.66 -9.11 -39.76
C LYS A 271 -19.07 -9.94 -40.89
N SER A 272 -17.80 -9.68 -41.23
CA SER A 272 -17.12 -10.46 -42.24
C SER A 272 -16.88 -11.88 -41.77
N LEU A 273 -16.66 -12.07 -40.46
CA LEU A 273 -16.44 -13.40 -39.93
C LEU A 273 -17.72 -14.24 -39.98
N ARG A 274 -18.86 -13.60 -39.68
CA ARG A 274 -20.16 -14.25 -39.88
C ARG A 274 -20.38 -14.60 -41.33
N ALA A 275 -20.02 -13.68 -42.23
CA ALA A 275 -20.21 -13.89 -43.66
C ALA A 275 -19.40 -15.09 -44.16
N ARG A 276 -18.14 -15.18 -43.75
CA ARG A 276 -17.28 -16.25 -44.23
C ARG A 276 -17.65 -17.60 -43.61
N SER A 277 -18.00 -17.62 -42.32
CA SER A 277 -18.39 -18.87 -41.67
C SER A 277 -19.68 -19.42 -42.26
N PHE A 278 -20.68 -18.55 -42.43
CA PHE A 278 -21.94 -18.95 -43.05
C PHE A 278 -21.74 -19.38 -44.49
N TYR A 279 -20.87 -18.67 -45.22
CA TYR A 279 -20.58 -18.99 -46.61
C TYR A 279 -19.99 -20.38 -46.75
N LEU A 280 -19.02 -20.73 -45.90
CA LEU A 280 -18.39 -22.04 -46.05
C LEU A 280 -19.32 -23.17 -45.63
N ASP A 281 -20.09 -22.97 -44.55
CA ASP A 281 -21.04 -24.01 -44.12
C ASP A 281 -22.13 -24.23 -45.15
N MET A 282 -22.72 -23.17 -45.66
CA MET A 282 -23.84 -23.38 -46.59
C MET A 282 -23.33 -23.78 -47.95
N LEU A 283 -22.08 -23.41 -48.30
CA LEU A 283 -21.47 -23.90 -49.53
C LEU A 283 -21.23 -25.39 -49.48
N LEU A 284 -20.80 -25.91 -48.33
CA LEU A 284 -20.69 -27.35 -48.14
C LEU A 284 -22.05 -28.03 -48.25
N GLU A 285 -23.09 -27.41 -47.67
CA GLU A 285 -24.44 -27.96 -47.78
C GLU A 285 -24.91 -28.00 -49.24
N TYR A 286 -24.60 -26.96 -50.01
CA TYR A 286 -25.01 -26.92 -51.40
C TYR A 286 -24.29 -27.96 -52.26
N ILE A 287 -22.98 -28.15 -52.07
CA ILE A 287 -22.32 -29.14 -52.91
C ILE A 287 -22.70 -30.56 -52.51
N SER A 288 -22.96 -30.81 -51.22
CA SER A 288 -23.44 -32.13 -50.81
C SER A 288 -24.86 -32.40 -51.32
N ASP A 289 -25.69 -31.37 -51.43
CA ASP A 289 -27.00 -31.56 -52.06
C ASP A 289 -26.90 -31.69 -53.57
N ASN A 290 -25.96 -30.98 -54.20
CA ASN A 290 -25.89 -30.97 -55.66
C ASN A 290 -25.34 -32.28 -56.20
N LEU A 291 -24.49 -32.96 -55.45
CA LEU A 291 -24.06 -34.29 -55.89
C LEU A 291 -25.23 -35.27 -55.87
N LEU A 292 -26.11 -35.17 -54.88
CA LEU A 292 -27.31 -35.99 -54.85
C LEU A 292 -28.26 -35.63 -55.98
N GLU A 293 -28.29 -34.34 -56.36
CA GLU A 293 -29.14 -33.93 -57.47
C GLU A 293 -28.62 -34.44 -58.80
N LYS A 294 -27.29 -34.47 -58.96
CA LYS A 294 -26.72 -35.02 -60.20
C LYS A 294 -26.79 -36.53 -60.22
N LEU A 295 -26.78 -37.17 -59.05
CA LEU A 295 -26.81 -38.61 -58.94
C LEU A 295 -28.24 -39.16 -58.80
N GLU A 296 -29.24 -38.27 -58.82
CA GLU A 296 -30.66 -38.62 -58.67
C GLU A 296 -30.94 -39.34 -57.35
N LEU A 297 -30.72 -38.62 -56.26
CA LEU A 297 -31.00 -39.15 -54.94
C LEU A 297 -31.75 -38.11 -54.12
N SER A 298 -32.23 -38.55 -52.96
CA SER A 298 -32.92 -37.68 -52.01
C SER A 298 -31.93 -37.16 -50.98
N ARG A 299 -32.41 -36.27 -50.13
CA ARG A 299 -31.56 -35.78 -49.05
C ARG A 299 -31.51 -36.73 -47.87
N ALA A 300 -32.21 -37.87 -47.95
CA ALA A 300 -32.08 -38.88 -46.91
C ALA A 300 -30.74 -39.58 -46.99
N ASN A 301 -30.12 -39.60 -48.18
CA ASN A 301 -28.83 -40.24 -48.34
C ASN A 301 -27.70 -39.49 -47.66
N ILE A 302 -27.87 -38.19 -47.44
CA ILE A 302 -27.03 -37.47 -46.49
C ILE A 302 -27.26 -38.03 -45.10
N LEU A 303 -26.18 -38.41 -44.43
CA LEU A 303 -26.31 -38.81 -43.04
C LEU A 303 -26.01 -37.67 -42.07
N TYR A 304 -25.15 -36.73 -42.47
CA TYR A 304 -24.73 -35.62 -41.63
C TYR A 304 -23.98 -34.63 -42.50
N VAL A 305 -24.28 -33.34 -42.34
CA VAL A 305 -23.49 -32.26 -42.94
C VAL A 305 -23.13 -31.31 -41.80
N GLY A 306 -21.95 -31.46 -41.23
CA GLY A 306 -21.59 -30.71 -40.05
C GLY A 306 -20.72 -29.51 -40.32
N GLY A 307 -19.66 -29.37 -39.53
CA GLY A 307 -18.73 -28.29 -39.74
C GLY A 307 -17.57 -28.72 -40.60
N GLY A 308 -17.64 -28.45 -41.90
CA GLY A 308 -16.58 -28.78 -42.82
C GLY A 308 -16.60 -30.18 -43.38
N HIS A 309 -17.49 -31.05 -42.91
CA HIS A 309 -17.56 -32.42 -43.39
C HIS A 309 -18.99 -32.80 -43.71
N ALA A 310 -19.15 -33.85 -44.53
CA ALA A 310 -20.47 -34.29 -44.95
C ALA A 310 -20.42 -35.77 -45.30
N TYR A 311 -20.85 -36.63 -44.37
CA TYR A 311 -20.95 -38.06 -44.65
C TYR A 311 -22.18 -38.33 -45.49
N LEU A 312 -22.00 -39.01 -46.61
CA LEU A 312 -23.11 -39.41 -47.48
C LEU A 312 -23.21 -40.93 -47.48
N LEU A 313 -24.10 -41.45 -48.32
CA LEU A 313 -24.21 -42.90 -48.53
C LEU A 313 -24.78 -43.15 -49.90
N LEU A 314 -24.03 -43.86 -50.74
CA LEU A 314 -24.38 -44.03 -52.13
C LEU A 314 -24.45 -45.51 -52.49
N ALA A 315 -24.54 -45.83 -53.78
CA ALA A 315 -24.56 -47.19 -54.26
C ALA A 315 -23.25 -47.51 -54.96
N ASN A 316 -22.74 -48.72 -54.77
CA ASN A 316 -21.43 -49.09 -55.30
C ASN A 316 -21.50 -49.46 -56.77
N THR A 317 -21.81 -48.49 -57.62
CA THR A 317 -21.98 -48.75 -59.03
C THR A 317 -20.98 -47.92 -59.80
N ASN A 318 -20.59 -48.41 -60.98
CA ASN A 318 -19.63 -47.69 -61.81
C ASN A 318 -20.23 -46.40 -62.35
N LYS A 319 -21.56 -46.34 -62.47
CA LYS A 319 -22.24 -45.07 -62.74
C LYS A 319 -21.97 -44.07 -61.64
N THR A 320 -22.09 -44.52 -60.38
CA THR A 320 -21.85 -43.64 -59.24
C THR A 320 -20.39 -43.23 -59.15
N LYS A 321 -19.47 -44.16 -59.44
CA LYS A 321 -18.04 -43.83 -59.37
C LYS A 321 -17.64 -42.85 -60.47
N ALA A 322 -18.20 -43.02 -61.67
CA ALA A 322 -17.92 -42.07 -62.75
C ALA A 322 -18.49 -40.70 -62.44
N ILE A 323 -19.70 -40.66 -61.86
CA ILE A 323 -20.31 -39.38 -61.48
C ILE A 323 -19.49 -38.69 -60.40
N LEU A 324 -18.99 -39.47 -59.44
CA LEU A 324 -18.15 -38.92 -58.38
C LEU A 324 -16.84 -38.35 -58.94
N SER A 325 -16.23 -39.06 -59.90
CA SER A 325 -14.96 -38.59 -60.45
C SER A 325 -15.12 -37.30 -61.26
N ASP A 326 -16.09 -37.26 -62.17
CA ASP A 326 -16.22 -36.02 -62.94
C ASP A 326 -16.99 -34.94 -62.19
N PHE A 327 -17.50 -35.23 -61.00
CA PHE A 327 -17.97 -34.19 -60.09
C PHE A 327 -16.80 -33.58 -59.35
N GLU A 328 -15.90 -34.41 -58.83
CA GLU A 328 -14.82 -33.90 -57.99
C GLU A 328 -13.80 -33.17 -58.84
N HIS A 329 -13.66 -33.53 -60.13
CA HIS A 329 -12.79 -32.77 -61.01
C HIS A 329 -13.29 -31.34 -61.20
N ASP A 330 -14.59 -31.18 -61.42
CA ASP A 330 -15.16 -29.86 -61.60
C ASP A 330 -15.11 -29.05 -60.32
N LEU A 331 -15.35 -29.70 -59.17
CA LEU A 331 -15.29 -29.00 -57.89
C LEU A 331 -13.87 -28.57 -57.56
N LYS A 332 -12.89 -29.44 -57.85
CA LYS A 332 -11.50 -29.10 -57.63
C LYS A 332 -11.06 -27.97 -58.55
N THR A 333 -11.53 -27.98 -59.79
CA THR A 333 -11.22 -26.88 -60.71
C THR A 333 -11.84 -25.58 -60.25
N TRP A 334 -13.02 -25.63 -59.64
CA TRP A 334 -13.67 -24.39 -59.21
C TRP A 334 -12.99 -23.81 -57.97
N PHE A 335 -12.62 -24.65 -57.01
CA PHE A 335 -11.80 -24.17 -55.89
C PHE A 335 -10.46 -23.63 -56.34
N LEU A 336 -9.76 -24.34 -57.24
CA LEU A 336 -8.46 -23.85 -57.69
C LEU A 336 -8.58 -22.68 -58.65
N ASP A 337 -9.79 -22.38 -59.12
CA ASP A 337 -9.99 -21.15 -59.88
C ASP A 337 -9.96 -19.94 -58.96
N LYS A 338 -10.46 -20.08 -57.73
CA LYS A 338 -10.60 -18.95 -56.81
C LYS A 338 -9.72 -19.06 -55.58
N PHE A 339 -9.84 -20.14 -54.83
CA PHE A 339 -9.12 -20.30 -53.57
C PHE A 339 -8.02 -21.30 -53.89
N LYS A 340 -6.85 -20.79 -54.29
CA LYS A 340 -5.92 -21.55 -55.13
C LYS A 340 -5.36 -22.78 -54.42
N ILE A 341 -4.81 -22.61 -53.22
CA ILE A 341 -4.52 -23.77 -52.40
C ILE A 341 -5.09 -23.57 -51.01
N ASP A 342 -5.75 -22.43 -50.79
CA ASP A 342 -6.26 -22.10 -49.47
C ASP A 342 -7.44 -22.98 -49.09
N LEU A 343 -8.52 -22.94 -49.87
CA LEU A 343 -9.67 -23.79 -49.62
C LEU A 343 -9.66 -24.95 -50.60
N TYR A 344 -9.91 -26.14 -50.06
CA TYR A 344 -9.92 -27.36 -50.83
C TYR A 344 -10.85 -28.32 -50.13
N VAL A 345 -11.64 -29.08 -50.87
CA VAL A 345 -12.48 -30.10 -50.28
C VAL A 345 -12.05 -31.44 -50.84
N ALA A 346 -12.05 -32.46 -49.98
CA ALA A 346 -11.52 -33.76 -50.31
C ALA A 346 -12.67 -34.74 -50.39
N MET A 347 -12.80 -35.43 -51.52
CA MET A 347 -13.85 -36.40 -51.71
C MET A 347 -13.26 -37.78 -51.83
N ALA A 348 -13.40 -38.57 -50.77
CA ALA A 348 -12.97 -39.96 -50.80
C ALA A 348 -14.14 -40.84 -50.38
N TYR A 349 -14.16 -42.06 -50.89
CA TYR A 349 -15.26 -42.96 -50.60
C TYR A 349 -14.75 -44.38 -50.50
N THR A 350 -15.32 -45.12 -49.55
CA THR A 350 -15.00 -46.53 -49.38
C THR A 350 -16.17 -47.37 -49.89
N GLU A 351 -15.88 -48.65 -50.16
CA GLU A 351 -16.90 -49.60 -50.57
C GLU A 351 -17.32 -50.40 -49.32
N VAL A 352 -18.61 -50.35 -49.02
CA VAL A 352 -19.14 -50.92 -47.79
C VAL A 352 -20.29 -51.86 -48.13
N SER A 353 -20.26 -53.05 -47.51
CA SER A 353 -21.19 -54.12 -47.79
C SER A 353 -22.44 -53.96 -46.92
N ALA A 354 -23.22 -55.04 -46.82
CA ALA A 354 -24.41 -54.96 -45.98
C ALA A 354 -24.20 -55.62 -44.62
N ASN A 355 -23.21 -56.51 -44.49
CA ASN A 355 -22.89 -57.05 -43.17
C ASN A 355 -22.35 -55.99 -42.24
N ASP A 356 -21.51 -55.09 -42.76
CA ASP A 356 -20.85 -54.14 -41.87
C ASP A 356 -21.69 -52.90 -41.59
N LEU A 357 -22.81 -52.69 -42.29
CA LEU A 357 -23.76 -51.69 -41.80
C LEU A 357 -24.62 -52.24 -40.68
N MET A 358 -24.64 -53.55 -40.51
CA MET A 358 -25.31 -54.15 -39.37
C MET A 358 -24.37 -54.47 -38.22
N ASN A 359 -23.07 -54.24 -38.39
CA ASN A 359 -22.02 -54.71 -37.48
C ASN A 359 -22.15 -56.21 -37.21
N HIS A 360 -22.34 -56.99 -38.26
CA HIS A 360 -22.65 -58.41 -38.09
C HIS A 360 -21.43 -59.21 -37.65
N ASN A 361 -20.41 -59.24 -38.49
CA ASN A 361 -19.17 -59.93 -38.18
C ASN A 361 -18.07 -58.97 -37.73
N GLY A 362 -18.47 -57.91 -37.03
CA GLY A 362 -17.56 -56.82 -36.75
C GLY A 362 -17.65 -55.76 -37.83
N HIS A 363 -16.57 -55.01 -38.01
CA HIS A 363 -16.27 -54.17 -39.16
C HIS A 363 -17.18 -52.95 -39.29
N TYR A 364 -17.82 -52.48 -38.22
CA TYR A 364 -18.58 -51.24 -38.37
C TYR A 364 -17.65 -50.03 -38.36
N ARG A 365 -16.75 -49.96 -37.35
CA ARG A 365 -15.90 -48.80 -37.22
C ARG A 365 -14.84 -48.74 -38.31
N ASP A 366 -14.57 -49.86 -38.97
CA ASP A 366 -13.60 -49.85 -40.06
C ASP A 366 -14.13 -49.15 -41.30
N ILE A 367 -15.45 -48.95 -41.41
CA ILE A 367 -15.97 -48.11 -42.49
C ILE A 367 -15.49 -46.68 -42.34
N TYR A 368 -15.64 -46.13 -41.13
CA TYR A 368 -15.13 -44.81 -40.81
C TYR A 368 -13.61 -44.76 -40.86
N ARG A 369 -12.94 -45.85 -40.46
CA ARG A 369 -11.48 -45.88 -40.47
C ARG A 369 -10.93 -45.88 -41.89
N ARG A 370 -11.49 -46.71 -42.76
CA ARG A 370 -11.10 -46.73 -44.17
C ARG A 370 -11.46 -45.41 -44.85
N LEU A 371 -12.60 -44.82 -44.49
CA LEU A 371 -13.00 -43.55 -45.07
C LEU A 371 -12.06 -42.43 -44.66
N SER A 372 -11.67 -42.38 -43.39
CA SER A 372 -10.77 -41.31 -42.94
C SER A 372 -9.35 -41.54 -43.44
N GLN A 373 -8.94 -42.80 -43.61
CA GLN A 373 -7.64 -43.06 -44.20
C GLN A 373 -7.59 -42.65 -45.67
N LYS A 374 -8.67 -42.95 -46.41
CA LYS A 374 -8.72 -42.51 -47.80
C LYS A 374 -8.84 -41.00 -47.91
N THR A 375 -9.49 -40.36 -46.95
CA THR A 375 -9.64 -38.90 -47.01
C THR A 375 -8.33 -38.21 -46.64
N SER A 376 -7.59 -38.76 -45.69
CA SER A 376 -6.25 -38.24 -45.40
C SER A 376 -5.31 -38.46 -46.57
N ALA A 377 -5.44 -39.61 -47.25
CA ALA A 377 -4.64 -39.86 -48.45
C ALA A 377 -5.01 -38.90 -49.58
N LYS A 378 -6.29 -38.53 -49.67
CA LYS A 378 -6.69 -37.52 -50.64
C LYS A 378 -6.16 -36.15 -50.28
N LYS A 379 -6.13 -35.83 -48.98
CA LYS A 379 -5.61 -34.54 -48.54
C LYS A 379 -4.11 -34.43 -48.77
N ALA A 380 -3.40 -35.55 -48.73
CA ALA A 380 -1.97 -35.53 -49.05
C ALA A 380 -1.75 -35.40 -50.56
N ASN A 381 -2.37 -36.27 -51.34
CA ASN A 381 -2.18 -36.30 -52.79
C ASN A 381 -3.31 -35.55 -53.48
N ARG A 382 -3.38 -34.25 -53.22
CA ARG A 382 -4.59 -33.50 -53.54
C ARG A 382 -4.64 -32.92 -54.93
N TYR A 383 -3.55 -32.95 -55.69
CA TYR A 383 -3.57 -32.45 -57.05
C TYR A 383 -2.93 -33.47 -57.97
N THR A 384 -3.34 -33.46 -59.23
CA THR A 384 -2.59 -34.17 -60.24
C THR A 384 -1.60 -33.21 -60.88
N ALA A 385 -0.98 -33.63 -61.97
CA ALA A 385 0.07 -32.82 -62.58
C ALA A 385 -0.51 -31.63 -63.32
N GLU A 386 -1.76 -31.75 -63.79
CA GLU A 386 -2.37 -30.67 -64.56
C GLU A 386 -2.68 -29.47 -63.67
N GLU A 387 -3.19 -29.72 -62.46
CA GLU A 387 -3.47 -28.65 -61.52
C GLU A 387 -2.20 -27.92 -61.10
N ILE A 388 -1.14 -28.67 -60.79
CA ILE A 388 0.12 -28.07 -60.34
C ILE A 388 0.77 -27.29 -61.48
N LEU A 389 0.73 -27.84 -62.69
CA LEU A 389 1.30 -27.18 -63.84
C LEU A 389 0.56 -25.89 -64.19
N ASN A 390 -0.78 -25.92 -64.10
CA ASN A 390 -1.53 -24.70 -64.38
C ASN A 390 -1.38 -23.67 -63.26
N LEU A 391 -1.21 -24.13 -62.02
CA LEU A 391 -0.93 -23.22 -60.92
C LEU A 391 0.41 -22.53 -61.09
N ASN A 392 1.41 -23.26 -61.58
CA ASN A 392 2.71 -22.65 -61.82
C ASN A 392 2.69 -21.71 -63.02
N HIS A 393 2.01 -22.11 -64.09
CA HIS A 393 1.99 -21.33 -65.33
C HIS A 393 1.02 -20.17 -65.28
N GLN A 394 0.13 -20.11 -64.28
CA GLN A 394 -0.97 -19.15 -64.28
C GLN A 394 -0.48 -17.71 -64.23
N GLY A 395 -1.09 -16.87 -65.07
CA GLY A 395 -0.79 -15.47 -65.12
C GLY A 395 -2.04 -14.67 -65.35
N THR A 396 -1.93 -13.35 -65.27
CA THR A 396 -3.10 -12.49 -65.31
C THR A 396 -2.79 -11.07 -65.77
N GLU A 397 -3.75 -10.18 -65.56
CA GLU A 397 -3.58 -8.74 -65.76
C GLU A 397 -2.85 -8.15 -64.55
N ASN A 398 -3.01 -6.84 -64.37
CA ASN A 398 -2.36 -6.09 -63.28
C ASN A 398 -2.56 -6.73 -61.90
N ALA A 399 -3.81 -6.83 -61.44
CA ALA A 399 -4.22 -7.73 -60.36
C ALA A 399 -3.50 -7.46 -59.04
N ARG A 400 -3.82 -6.32 -58.44
CA ARG A 400 -3.33 -6.01 -57.11
C ARG A 400 -4.00 -6.90 -56.06
N GLU A 401 -3.70 -6.67 -54.79
CA GLU A 401 -4.21 -7.55 -53.75
C GLU A 401 -5.35 -6.89 -52.97
N CYS A 402 -6.22 -7.72 -52.40
CA CYS A 402 -7.36 -7.31 -51.59
C CYS A 402 -6.84 -6.67 -50.30
N ARG A 403 -7.64 -5.82 -49.70
CA ARG A 403 -7.21 -5.18 -48.46
C ARG A 403 -7.66 -5.97 -47.23
N GLU A 404 -8.89 -6.46 -47.26
CA GLU A 404 -9.37 -7.30 -46.16
C GLU A 404 -8.93 -8.75 -46.37
N CYS A 405 -9.26 -9.32 -47.52
CA CYS A 405 -8.66 -10.57 -47.96
C CYS A 405 -7.22 -10.29 -48.42
N LYS A 406 -6.47 -11.34 -48.74
CA LYS A 406 -5.17 -11.15 -49.38
C LYS A 406 -5.11 -12.15 -50.54
N ARG A 407 -5.65 -11.75 -51.68
CA ARG A 407 -5.62 -12.56 -52.88
C ARG A 407 -5.14 -11.68 -54.02
N SER A 408 -4.30 -12.23 -54.88
CA SER A 408 -3.84 -11.51 -56.07
C SER A 408 -4.87 -11.70 -57.20
N ASP A 409 -6.05 -11.12 -56.98
CA ASP A 409 -7.15 -11.19 -57.92
C ASP A 409 -7.37 -9.82 -58.53
N LEU A 410 -8.31 -9.73 -59.45
CA LEU A 410 -8.67 -8.44 -60.01
C LEU A 410 -9.58 -7.70 -59.04
N LEU A 411 -9.35 -6.42 -58.89
CA LEU A 411 -10.02 -5.65 -57.85
C LEU A 411 -11.20 -4.88 -58.45
N ILE A 412 -11.80 -4.01 -57.64
CA ILE A 412 -12.93 -3.18 -58.03
C ILE A 412 -12.67 -1.74 -57.63
N GLU A 413 -13.46 -0.84 -58.19
CA GLU A 413 -13.16 0.59 -58.12
C GLU A 413 -13.61 1.21 -56.79
N GLU A 414 -12.92 2.30 -56.43
CA GLU A 414 -13.17 3.27 -55.35
C GLU A 414 -12.84 2.70 -53.97
N ASP A 415 -12.66 1.39 -53.86
CA ASP A 415 -12.30 0.75 -52.62
C ASP A 415 -11.17 -0.26 -52.73
N ASP A 416 -10.83 -0.70 -53.95
CA ASP A 416 -9.55 -1.34 -54.28
C ASP A 416 -9.42 -2.67 -53.54
N ILE A 417 -10.47 -3.50 -53.66
CA ILE A 417 -10.51 -4.77 -52.94
C ILE A 417 -10.88 -5.89 -53.89
N CYS A 418 -10.49 -7.10 -53.49
CA CYS A 418 -11.00 -8.39 -53.90
C CYS A 418 -12.51 -8.52 -54.05
N GLU A 419 -12.93 -9.40 -54.95
CA GLU A 419 -14.34 -9.58 -55.26
C GLU A 419 -15.01 -10.65 -54.42
N ILE A 420 -14.26 -11.66 -53.97
CA ILE A 420 -14.78 -12.57 -52.94
C ILE A 420 -15.06 -11.81 -51.66
N CYS A 421 -14.12 -10.92 -51.29
CA CYS A 421 -14.26 -10.04 -50.14
C CYS A 421 -15.53 -9.18 -50.27
N ASP A 422 -15.74 -8.62 -51.46
CA ASP A 422 -16.88 -7.73 -51.70
C ASP A 422 -18.21 -8.49 -51.72
N SER A 423 -18.23 -9.67 -52.33
CA SER A 423 -19.45 -10.47 -52.37
C SER A 423 -19.85 -10.91 -50.97
N LEU A 424 -18.87 -11.29 -50.15
CA LEU A 424 -19.13 -11.60 -48.76
C LEU A 424 -19.65 -10.37 -48.01
N GLN A 425 -19.14 -9.18 -48.34
CA GLN A 425 -19.63 -7.95 -47.73
C GLN A 425 -21.09 -7.68 -48.07
N LYS A 426 -21.46 -7.84 -49.35
CA LYS A 426 -22.83 -7.55 -49.77
C LYS A 426 -23.83 -8.55 -49.20
N VAL A 427 -23.43 -9.84 -49.16
CA VAL A 427 -24.31 -10.84 -48.56
C VAL A 427 -24.38 -10.67 -47.04
N SER A 428 -23.30 -10.19 -46.42
CA SER A 428 -23.32 -9.87 -44.99
C SER A 428 -24.25 -8.72 -44.69
N ARG A 429 -24.37 -7.76 -45.62
CA ARG A 429 -25.44 -6.78 -45.51
C ARG A 429 -26.80 -7.44 -45.69
N ASP A 430 -26.91 -8.42 -46.59
CA ASP A 430 -28.18 -9.12 -46.78
C ASP A 430 -28.54 -10.01 -45.59
N LEU A 431 -27.55 -10.62 -44.93
CA LEU A 431 -27.86 -11.48 -43.79
C LEU A 431 -27.91 -10.73 -42.47
N THR A 432 -28.16 -9.42 -42.50
CA THR A 432 -28.57 -8.73 -41.28
C THR A 432 -30.02 -9.07 -40.94
N ARG A 433 -30.80 -9.45 -41.95
CA ARG A 433 -32.08 -10.16 -41.75
C ARG A 433 -31.85 -11.61 -42.16
N GLU A 434 -31.70 -12.47 -41.17
CA GLU A 434 -31.37 -13.88 -41.41
C GLU A 434 -32.66 -14.66 -41.64
N ASN A 435 -33.16 -14.67 -42.87
CA ASN A 435 -34.40 -15.41 -43.05
C ASN A 435 -34.38 -16.44 -44.16
N ILE A 436 -33.82 -16.12 -45.33
CA ILE A 436 -34.03 -16.94 -46.52
C ILE A 436 -32.92 -16.66 -47.52
N PHE A 437 -32.39 -17.72 -48.12
CA PHE A 437 -31.30 -17.63 -49.07
C PHE A 437 -31.64 -18.39 -50.34
N VAL A 438 -31.27 -17.82 -51.48
CA VAL A 438 -31.61 -18.37 -52.79
C VAL A 438 -30.31 -18.68 -53.54
N ILE A 439 -30.27 -19.83 -54.19
CA ILE A 439 -29.16 -20.18 -55.08
C ILE A 439 -29.73 -20.34 -56.47
N ALA A 440 -29.51 -19.33 -57.30
CA ALA A 440 -29.96 -19.31 -58.69
C ALA A 440 -28.74 -19.29 -59.59
N ASN A 441 -28.97 -19.26 -60.90
CA ASN A 441 -27.87 -19.22 -61.85
C ASN A 441 -27.33 -17.80 -62.08
N GLU A 442 -27.89 -16.81 -61.40
CA GLU A 442 -27.33 -15.47 -61.35
C GLU A 442 -27.47 -14.95 -59.93
N GLY A 443 -26.61 -14.01 -59.55
CA GLY A 443 -26.66 -13.49 -58.20
C GLY A 443 -25.45 -12.66 -57.80
N VAL A 444 -25.15 -12.62 -56.50
CA VAL A 444 -24.12 -11.74 -55.96
C VAL A 444 -22.95 -12.51 -55.34
N LEU A 445 -23.18 -13.74 -54.88
CA LEU A 445 -22.13 -14.52 -54.23
C LEU A 445 -21.88 -15.81 -55.02
N ASP A 446 -20.64 -15.97 -55.49
CA ASP A 446 -20.32 -17.05 -56.41
C ASP A 446 -20.19 -18.39 -55.69
N MET A 447 -20.89 -19.39 -56.20
CA MET A 447 -20.80 -20.77 -55.74
C MET A 447 -20.75 -21.68 -56.96
N PRO A 448 -20.11 -22.86 -56.85
CA PRO A 448 -20.10 -23.79 -57.97
C PRO A 448 -21.40 -24.57 -58.05
N PHE A 449 -21.87 -24.97 -59.23
CA PHE A 449 -21.19 -24.81 -60.50
C PHE A 449 -21.89 -23.79 -61.35
N GLY A 450 -21.39 -22.57 -61.34
CA GLY A 450 -22.05 -21.47 -62.02
C GLY A 450 -23.39 -21.13 -61.43
N LYS A 451 -23.51 -21.19 -60.10
CA LYS A 451 -24.76 -20.90 -59.42
C LYS A 451 -24.48 -19.90 -58.31
N LYS A 452 -24.92 -18.66 -58.52
CA LYS A 452 -24.60 -17.56 -57.62
C LYS A 452 -25.76 -17.28 -56.68
N MET A 453 -25.44 -17.08 -55.40
CA MET A 453 -26.46 -16.67 -54.45
C MET A 453 -26.85 -15.21 -54.66
N SER A 454 -28.08 -14.91 -54.26
CA SER A 454 -28.49 -13.52 -54.08
C SER A 454 -28.81 -13.25 -52.62
N ALA A 455 -29.31 -14.28 -51.92
CA ALA A 455 -29.78 -14.22 -50.53
C ALA A 455 -30.85 -13.12 -50.36
N LEU A 456 -31.94 -13.30 -51.10
CA LEU A 456 -33.00 -12.30 -51.18
C LEU A 456 -33.95 -12.44 -49.98
N SER A 457 -35.07 -11.75 -50.03
CA SER A 457 -36.09 -11.82 -48.99
C SER A 457 -37.26 -12.69 -49.45
N TYR A 458 -38.18 -12.95 -48.52
CA TYR A 458 -39.27 -13.90 -48.76
C TYR A 458 -40.31 -13.40 -49.74
N SER A 459 -40.46 -12.08 -49.90
CA SER A 459 -41.47 -11.56 -50.83
C SER A 459 -41.06 -11.83 -52.28
N GLN A 460 -39.82 -11.54 -52.63
CA GLN A 460 -39.32 -11.78 -53.97
C GLN A 460 -38.89 -13.23 -54.18
N ALA A 461 -38.92 -14.06 -53.15
CA ALA A 461 -38.67 -15.49 -53.31
C ALA A 461 -39.96 -16.28 -53.43
N ASP A 462 -41.09 -15.70 -53.04
CA ASP A 462 -42.38 -16.31 -53.35
C ASP A 462 -42.63 -16.29 -54.86
N LYS A 463 -42.31 -15.17 -55.51
CA LYS A 463 -42.50 -15.09 -56.96
C LYS A 463 -41.45 -15.90 -57.71
N LEU A 464 -40.24 -16.02 -57.15
CA LEU A 464 -39.10 -16.51 -57.91
C LEU A 464 -39.23 -18.00 -58.22
N LYS A 465 -39.81 -18.77 -57.31
CA LYS A 465 -40.10 -20.17 -57.61
C LYS A 465 -41.28 -20.21 -58.57
N LYS A 466 -40.98 -20.20 -59.86
CA LYS A 466 -41.96 -20.32 -60.93
C LYS A 466 -42.09 -21.76 -61.40
N SER A 467 -41.89 -22.70 -60.47
CA SER A 467 -41.60 -24.12 -60.75
C SER A 467 -40.43 -24.26 -61.72
N ASN A 468 -39.27 -23.71 -61.33
CA ASN A 468 -38.08 -23.81 -62.16
C ASN A 468 -37.37 -25.15 -62.00
N ALA A 469 -37.57 -25.84 -60.88
CA ALA A 469 -37.04 -27.18 -60.58
C ALA A 469 -35.51 -27.26 -60.57
N GLU A 470 -34.83 -26.11 -60.52
CA GLU A 470 -33.38 -26.08 -60.39
C GLU A 470 -32.89 -25.07 -59.37
N VAL A 471 -33.66 -24.02 -59.09
CA VAL A 471 -33.25 -22.93 -58.20
C VAL A 471 -33.64 -23.35 -56.79
N GLN A 472 -32.65 -23.79 -56.01
CA GLN A 472 -32.91 -24.21 -54.65
C GLN A 472 -32.94 -23.02 -53.71
N ILE A 473 -33.89 -23.04 -52.78
CA ILE A 473 -34.04 -22.01 -51.77
C ILE A 473 -33.78 -22.64 -50.41
N TYR A 474 -32.80 -22.08 -49.70
CA TYR A 474 -32.45 -22.51 -48.36
C TYR A 474 -32.92 -21.47 -47.36
N ALA A 475 -33.57 -21.91 -46.30
CA ALA A 475 -34.04 -20.99 -45.28
C ALA A 475 -34.08 -21.69 -43.94
N LYS A 476 -34.01 -20.89 -42.87
CA LYS A 476 -34.03 -21.39 -41.51
C LYS A 476 -35.43 -21.51 -40.92
N ASN A 477 -36.37 -20.72 -41.41
CA ASN A 477 -37.73 -20.67 -40.87
C ASN A 477 -38.69 -21.31 -41.85
N ILE A 478 -39.59 -22.14 -41.31
CA ILE A 478 -40.64 -22.77 -42.09
C ILE A 478 -41.97 -22.57 -41.38
N SER A 479 -42.89 -21.87 -42.02
CA SER A 479 -44.21 -21.60 -41.44
C SER A 479 -45.18 -22.71 -41.85
N GLU A 480 -45.39 -22.86 -43.16
CA GLU A 480 -46.23 -23.92 -43.70
C GLU A 480 -45.37 -24.77 -44.62
N ILE A 481 -45.49 -26.09 -44.47
CA ILE A 481 -44.59 -27.01 -45.16
C ILE A 481 -44.87 -27.02 -46.66
N GLY A 482 -46.14 -27.11 -47.04
CA GLY A 482 -46.47 -27.37 -48.42
C GLY A 482 -46.33 -26.16 -49.31
N GLN A 483 -46.65 -24.98 -48.79
CA GLN A 483 -46.68 -23.79 -49.64
C GLN A 483 -45.27 -23.30 -49.94
N ASN A 484 -44.31 -23.64 -49.08
CA ASN A 484 -42.95 -23.13 -49.22
C ASN A 484 -42.18 -23.96 -50.23
N LEU A 485 -42.03 -25.26 -49.93
CA LEU A 485 -41.30 -26.24 -50.74
C LEU A 485 -39.86 -25.77 -50.95
N MET A 486 -39.14 -25.77 -49.82
CA MET A 486 -37.76 -25.29 -49.78
C MET A 486 -36.99 -26.12 -48.76
N THR A 487 -35.67 -25.98 -48.80
CA THR A 487 -34.77 -26.81 -48.02
C THR A 487 -34.39 -26.06 -46.74
N ARG A 488 -34.31 -26.79 -45.63
CA ARG A 488 -34.05 -26.17 -44.33
C ARG A 488 -32.58 -26.30 -43.94
N ILE A 489 -32.01 -25.18 -43.49
CA ILE A 489 -30.60 -25.07 -43.13
C ILE A 489 -30.49 -24.55 -41.69
N ASP A 490 -29.72 -25.23 -40.86
CA ASP A 490 -29.49 -24.84 -39.47
C ASP A 490 -28.33 -23.85 -39.35
N MET A 491 -28.46 -22.92 -38.41
CA MET A 491 -27.44 -21.92 -38.11
C MET A 491 -27.79 -21.24 -36.78
N GLY A 492 -26.76 -20.84 -36.04
CA GLY A 492 -26.93 -20.10 -34.81
C GLY A 492 -26.68 -18.63 -35.01
N ASP A 493 -27.70 -17.80 -34.86
CA ASP A 493 -27.68 -16.46 -35.43
C ASP A 493 -28.33 -15.43 -34.52
N TYR A 494 -28.33 -15.66 -33.21
CA TYR A 494 -29.00 -14.73 -32.29
C TYR A 494 -28.17 -13.46 -32.18
N THR A 495 -28.54 -12.46 -32.95
CA THR A 495 -27.99 -11.12 -32.80
C THR A 495 -28.90 -10.37 -31.84
N TYR A 496 -28.39 -10.06 -30.65
CA TYR A 496 -29.17 -9.27 -29.69
C TYR A 496 -29.39 -7.86 -30.20
N ARG A 497 -28.35 -7.22 -30.72
CA ARG A 497 -28.46 -5.83 -31.16
C ARG A 497 -27.92 -5.63 -32.58
N SER A 498 -26.89 -6.41 -32.94
CA SER A 498 -26.01 -6.37 -34.10
C SER A 498 -25.02 -5.20 -34.03
N ASP A 499 -25.08 -4.36 -33.01
CA ASP A 499 -24.09 -3.33 -32.76
C ASP A 499 -23.70 -3.40 -31.30
N PHE A 500 -22.51 -2.91 -30.98
CA PHE A 500 -21.97 -3.03 -29.64
C PHE A 500 -21.82 -1.70 -28.92
N HIS A 501 -21.93 -0.58 -29.64
CA HIS A 501 -21.85 0.72 -28.99
C HIS A 501 -23.06 0.96 -28.10
N GLU A 502 -24.26 0.84 -28.66
CA GLU A 502 -25.48 1.02 -27.87
C GLU A 502 -25.67 -0.11 -26.89
N MET A 503 -25.26 -1.33 -27.27
CA MET A 503 -25.34 -2.50 -26.42
C MET A 503 -24.47 -2.37 -25.18
N LEU A 504 -23.25 -1.90 -25.34
CA LEU A 504 -22.39 -1.70 -24.18
C LEU A 504 -22.64 -0.37 -23.50
N GLU A 505 -23.43 0.51 -24.11
CA GLU A 505 -23.91 1.69 -23.40
C GLU A 505 -25.05 1.32 -22.45
N GLU A 506 -25.92 0.39 -22.85
CA GLU A 506 -27.04 0.06 -21.96
C GLU A 506 -26.71 -1.08 -21.00
N VAL A 507 -25.44 -1.45 -20.87
CA VAL A 507 -24.98 -2.18 -19.68
C VAL A 507 -24.74 -1.14 -18.60
N GLU A 508 -25.51 -1.19 -17.52
CA GLU A 508 -25.57 -0.04 -16.61
C GLU A 508 -24.40 -0.01 -15.63
N VAL A 509 -24.30 -1.00 -14.75
CA VAL A 509 -23.53 -0.87 -13.52
C VAL A 509 -22.21 -1.64 -13.60
N GLY A 510 -21.79 -2.04 -14.78
CA GLY A 510 -20.50 -2.70 -14.88
C GLY A 510 -19.47 -1.89 -15.63
N ILE A 511 -18.24 -2.39 -15.68
CA ILE A 511 -17.24 -1.80 -16.56
C ILE A 511 -17.56 -2.16 -17.99
N ASN A 512 -17.49 -1.19 -18.89
CA ASN A 512 -17.97 -1.41 -20.26
C ASN A 512 -16.89 -2.17 -21.04
N ARG A 513 -16.98 -3.49 -20.99
CA ARG A 513 -16.03 -4.35 -21.64
C ARG A 513 -16.77 -5.44 -22.39
N LEU A 514 -16.27 -5.77 -23.58
CA LEU A 514 -16.77 -6.92 -24.32
C LEU A 514 -16.30 -8.20 -23.68
N GLY A 515 -17.13 -9.23 -23.75
CA GLY A 515 -16.77 -10.57 -23.31
C GLY A 515 -16.90 -11.53 -24.46
N VAL A 516 -15.87 -12.36 -24.66
CA VAL A 516 -15.81 -13.30 -25.77
C VAL A 516 -15.68 -14.71 -25.21
N LEU A 517 -16.39 -15.67 -25.80
CA LEU A 517 -16.39 -17.03 -25.27
C LEU A 517 -16.15 -18.02 -26.42
N ARG A 518 -15.52 -19.15 -26.12
CA ARG A 518 -15.07 -20.07 -27.16
C ARG A 518 -15.66 -21.48 -27.10
N ALA A 519 -15.49 -22.24 -26.01
CA ALA A 519 -16.24 -23.48 -25.71
C ALA A 519 -16.12 -24.57 -26.78
N ASP A 520 -14.93 -25.14 -26.88
CA ASP A 520 -14.77 -26.39 -27.60
C ASP A 520 -15.39 -27.54 -26.80
N VAL A 521 -15.91 -28.54 -27.49
CA VAL A 521 -16.38 -29.75 -26.82
C VAL A 521 -15.23 -30.72 -26.64
N ASP A 522 -15.07 -31.23 -25.42
CA ASP A 522 -14.01 -32.17 -25.08
C ASP A 522 -14.26 -33.50 -25.77
N ASN A 523 -13.45 -33.78 -26.79
CA ASN A 523 -13.33 -35.09 -27.45
C ASN A 523 -14.65 -35.56 -28.04
N LEU A 524 -15.26 -34.71 -28.86
CA LEU A 524 -16.40 -35.20 -29.63
C LEU A 524 -15.96 -36.06 -30.79
N GLY A 525 -14.73 -35.89 -31.27
CA GLY A 525 -14.22 -36.76 -32.31
C GLY A 525 -14.05 -38.19 -31.84
N GLN A 526 -13.49 -38.35 -30.63
CA GLN A 526 -13.32 -39.67 -30.07
C GLN A 526 -14.66 -40.29 -29.70
N ALA A 527 -15.63 -39.46 -29.28
CA ALA A 527 -16.95 -39.99 -29.00
C ALA A 527 -17.67 -40.36 -30.29
N PHE A 528 -17.38 -39.65 -31.37
CA PHE A 528 -17.90 -40.01 -32.69
C PHE A 528 -17.34 -41.34 -33.18
N ILE A 529 -16.06 -41.58 -32.92
CA ILE A 529 -15.43 -42.81 -33.40
C ILE A 529 -15.81 -43.99 -32.53
N ASN A 530 -15.44 -43.96 -31.25
CA ASN A 530 -15.70 -45.09 -30.37
C ASN A 530 -16.26 -44.64 -29.04
N GLY A 531 -17.27 -43.78 -29.06
CA GLY A 531 -17.93 -43.40 -27.84
C GLY A 531 -19.16 -44.24 -27.54
N ILE A 532 -19.57 -45.07 -28.49
CA ILE A 532 -20.78 -45.88 -28.40
C ILE A 532 -20.39 -47.35 -28.50
N PRO A 533 -20.92 -48.22 -27.63
CA PRO A 533 -20.41 -49.60 -27.58
C PRO A 533 -20.87 -50.46 -28.73
N ASP A 534 -20.23 -51.63 -28.84
CA ASP A 534 -20.36 -52.47 -30.03
C ASP A 534 -21.67 -53.25 -30.03
N ASP A 535 -22.23 -53.54 -28.86
CA ASP A 535 -23.46 -54.31 -28.84
C ASP A 535 -24.66 -53.44 -29.20
N TYR A 536 -24.52 -52.13 -29.08
CA TYR A 536 -25.56 -51.19 -29.48
C TYR A 536 -25.14 -50.30 -30.64
N LEU A 537 -24.48 -50.87 -31.64
CA LEU A 537 -23.87 -50.10 -32.71
C LEU A 537 -24.53 -50.38 -34.05
N SER A 538 -25.07 -49.34 -34.67
CA SER A 538 -25.74 -49.45 -35.96
C SER A 538 -25.72 -48.09 -36.63
N ILE A 539 -26.25 -48.05 -37.86
CA ILE A 539 -26.25 -46.81 -38.61
C ILE A 539 -27.28 -45.83 -38.03
N SER A 540 -28.31 -46.36 -37.37
CA SER A 540 -29.35 -45.50 -36.82
C SER A 540 -28.83 -44.68 -35.64
N ARG A 541 -28.08 -45.32 -34.74
CA ARG A 541 -27.55 -44.60 -33.59
C ARG A 541 -26.42 -43.66 -33.99
N THR A 542 -25.58 -44.07 -34.94
CA THR A 542 -24.53 -43.20 -35.46
C THR A 542 -25.09 -42.00 -36.18
N ALA A 543 -26.27 -42.14 -36.81
CA ALA A 543 -26.94 -40.99 -37.39
C ALA A 543 -27.55 -40.10 -36.32
N THR A 544 -28.25 -40.68 -35.35
CA THR A 544 -29.04 -39.86 -34.43
C THR A 544 -28.16 -39.18 -33.38
N PHE A 545 -26.95 -39.68 -33.14
CA PHE A 545 -26.07 -39.03 -32.17
C PHE A 545 -25.52 -37.72 -32.74
N SER A 546 -25.08 -37.74 -33.99
CA SER A 546 -24.66 -36.51 -34.65
C SER A 546 -25.84 -35.58 -34.90
N ARG A 547 -27.01 -36.17 -35.18
CA ARG A 547 -28.26 -35.40 -35.22
C ARG A 547 -28.51 -34.66 -33.91
N ALA A 548 -28.30 -35.34 -32.77
CA ALA A 548 -28.56 -34.74 -31.47
C ALA A 548 -27.60 -33.59 -31.18
N MET A 549 -26.31 -33.78 -31.45
CA MET A 549 -25.36 -32.71 -31.14
C MET A 549 -25.51 -31.51 -32.08
N SER A 550 -25.79 -31.77 -33.36
CA SER A 550 -26.04 -30.65 -34.28
C SER A 550 -27.35 -29.94 -33.93
N ARG A 551 -28.34 -30.71 -33.48
CA ARG A 551 -29.61 -30.15 -33.02
C ARG A 551 -29.42 -29.23 -31.83
N PHE A 552 -28.61 -29.65 -30.85
CA PHE A 552 -28.29 -28.80 -29.71
C PHE A 552 -27.61 -27.51 -30.16
N PHE A 553 -26.46 -27.63 -30.81
CA PHE A 553 -25.64 -26.46 -31.04
C PHE A 553 -26.23 -25.52 -32.09
N LYS A 554 -27.22 -25.95 -32.87
CA LYS A 554 -27.82 -25.05 -33.83
C LYS A 554 -29.27 -24.68 -33.51
N ASN A 555 -29.88 -25.27 -32.48
CA ASN A 555 -31.21 -24.80 -32.12
C ASN A 555 -31.34 -24.48 -30.64
N TYR A 556 -30.73 -25.28 -29.77
CA TYR A 556 -31.02 -25.21 -28.36
C TYR A 556 -30.38 -23.98 -27.73
N LEU A 557 -29.16 -23.62 -28.14
CA LEU A 557 -28.56 -22.41 -27.57
C LEU A 557 -29.19 -21.15 -28.15
N ASN A 558 -29.76 -21.22 -29.36
CA ASN A 558 -30.60 -20.12 -29.84
C ASN A 558 -31.83 -19.95 -28.94
N GLN A 559 -32.43 -21.08 -28.54
CA GLN A 559 -33.53 -21.03 -27.58
C GLN A 559 -33.09 -20.43 -26.25
N LEU A 560 -31.90 -20.82 -25.78
CA LEU A 560 -31.39 -20.35 -24.49
C LEU A 560 -31.07 -18.86 -24.51
N LEU A 561 -30.52 -18.38 -25.62
CA LEU A 561 -30.27 -16.94 -25.75
C LEU A 561 -31.58 -16.18 -25.85
N ALA A 562 -32.61 -16.78 -26.46
CA ALA A 562 -33.87 -16.07 -26.65
C ALA A 562 -34.70 -16.02 -25.37
N GLU A 563 -34.71 -17.09 -24.57
CA GLU A 563 -35.73 -17.21 -23.53
C GLU A 563 -35.46 -16.27 -22.36
N LYS A 564 -34.20 -16.10 -21.99
CA LYS A 564 -33.76 -15.04 -21.11
C LYS A 564 -32.86 -14.15 -21.93
N SER A 565 -33.24 -12.89 -22.10
CA SER A 565 -32.65 -12.05 -23.15
C SER A 565 -31.23 -11.67 -22.75
N TYR A 566 -30.32 -12.62 -22.93
CA TYR A 566 -28.91 -12.39 -22.73
C TYR A 566 -28.40 -11.46 -23.80
N LYS A 567 -27.51 -10.55 -23.40
CA LYS A 567 -26.87 -9.63 -24.34
C LYS A 567 -25.65 -10.32 -24.94
N ILE A 568 -25.92 -11.20 -25.90
CA ILE A 568 -24.89 -12.02 -26.53
C ILE A 568 -25.19 -12.12 -28.02
N ASN A 569 -24.18 -11.86 -28.85
CA ASN A 569 -24.22 -12.19 -30.27
C ASN A 569 -23.44 -13.48 -30.47
N VAL A 570 -24.04 -14.43 -31.17
CA VAL A 570 -23.40 -15.72 -31.44
C VAL A 570 -23.05 -15.77 -32.92
N ILE A 571 -21.93 -16.42 -33.24
CA ILE A 571 -21.48 -16.53 -34.62
C ILE A 571 -21.37 -17.98 -35.05
N TYR A 572 -20.59 -18.78 -34.33
CA TYR A 572 -20.46 -20.18 -34.69
C TYR A 572 -21.52 -21.04 -34.02
N ALA A 573 -21.49 -22.32 -34.37
CA ALA A 573 -22.36 -23.32 -33.81
C ALA A 573 -21.74 -24.69 -34.05
N GLY A 574 -21.50 -25.45 -33.01
CA GLY A 574 -21.03 -26.80 -33.19
C GLY A 574 -20.09 -27.21 -32.09
N GLY A 575 -19.83 -28.51 -32.01
CA GLY A 575 -18.84 -29.00 -31.09
C GLY A 575 -17.41 -28.77 -31.56
N ASP A 576 -17.24 -28.40 -32.83
CA ASP A 576 -15.91 -28.04 -33.30
C ASP A 576 -15.45 -26.74 -32.66
N ASP A 577 -16.31 -25.72 -32.65
CA ASP A 577 -15.98 -24.42 -32.09
C ASP A 577 -17.28 -23.67 -31.81
N LEU A 578 -17.18 -22.64 -31.00
CA LEU A 578 -18.26 -21.70 -30.75
C LEU A 578 -17.63 -20.33 -30.59
N PHE A 579 -18.40 -19.28 -30.87
CA PHE A 579 -17.85 -17.93 -30.76
C PHE A 579 -18.99 -16.98 -30.43
N MET A 580 -19.10 -16.63 -29.16
CA MET A 580 -20.09 -15.65 -28.70
C MET A 580 -19.36 -14.42 -28.23
N ILE A 581 -19.93 -13.26 -28.52
CA ILE A 581 -19.38 -11.99 -28.07
C ILE A 581 -20.55 -11.12 -27.62
N GLY A 582 -20.35 -10.39 -26.53
CA GLY A 582 -21.41 -9.53 -26.01
C GLY A 582 -20.98 -8.86 -24.74
N ALA A 583 -21.96 -8.51 -23.92
CA ALA A 583 -21.68 -7.94 -22.61
C ALA A 583 -21.00 -8.98 -21.73
N TRP A 584 -19.96 -8.56 -21.03
CA TRP A 584 -19.11 -9.51 -20.32
C TRP A 584 -19.83 -10.14 -19.13
N GLN A 585 -20.75 -9.38 -18.52
CA GLN A 585 -21.53 -9.90 -17.42
C GLN A 585 -22.47 -11.00 -17.90
N ASP A 586 -23.06 -10.82 -19.08
CA ASP A 586 -23.95 -11.84 -19.62
C ASP A 586 -23.19 -13.03 -20.16
N ILE A 587 -21.99 -12.82 -20.69
CA ILE A 587 -21.14 -13.93 -21.11
C ILE A 587 -20.75 -14.78 -19.91
N LEU A 588 -20.36 -14.13 -18.81
CA LEU A 588 -19.96 -14.85 -17.62
C LEU A 588 -21.15 -15.51 -16.93
N ASP A 589 -22.32 -14.87 -16.97
CA ASP A 589 -23.51 -15.47 -16.37
C ASP A 589 -24.17 -16.49 -17.27
N PHE A 590 -23.79 -16.56 -18.54
CA PHE A 590 -24.35 -17.54 -19.46
C PHE A 590 -23.44 -18.75 -19.66
N SER A 591 -22.15 -18.63 -19.38
CA SER A 591 -21.24 -19.77 -19.54
C SER A 591 -21.61 -20.92 -18.62
N ILE A 592 -22.01 -20.60 -17.38
CA ILE A 592 -22.37 -21.65 -16.43
C ILE A 592 -23.67 -22.31 -16.82
N VAL A 593 -24.65 -21.56 -17.33
CA VAL A 593 -25.92 -22.21 -17.66
C VAL A 593 -25.78 -22.97 -18.98
N LEU A 594 -24.85 -22.55 -19.85
CA LEU A 594 -24.55 -23.37 -21.03
C LEU A 594 -23.89 -24.67 -20.61
N LYS A 595 -23.01 -24.62 -19.60
CA LYS A 595 -22.42 -25.86 -19.10
C LYS A 595 -23.47 -26.76 -18.47
N GLN A 596 -24.36 -26.18 -17.66
CA GLN A 596 -25.36 -26.98 -16.96
C GLN A 596 -26.34 -27.60 -17.95
N LYS A 597 -26.72 -26.84 -18.98
CA LYS A 597 -27.68 -27.38 -19.92
C LYS A 597 -27.02 -28.27 -20.97
N PHE A 598 -25.72 -28.14 -21.18
CA PHE A 598 -25.03 -29.14 -22.00
C PHE A 598 -24.82 -30.43 -21.24
N ALA A 599 -24.58 -30.35 -19.94
CA ALA A 599 -24.45 -31.56 -19.14
C ALA A 599 -25.82 -32.15 -18.82
N ASP A 600 -26.89 -31.40 -19.08
CA ASP A 600 -28.23 -31.98 -18.96
C ASP A 600 -28.70 -32.56 -20.29
N PHE A 601 -28.35 -31.92 -21.41
CA PHE A 601 -28.69 -32.47 -22.72
C PHE A 601 -27.90 -33.73 -23.01
N THR A 602 -26.60 -33.71 -22.77
CA THR A 602 -25.75 -34.87 -22.99
C THR A 602 -25.75 -35.81 -21.81
N GLN A 603 -26.54 -35.51 -20.76
CA GLN A 603 -26.69 -36.23 -19.50
C GLN A 603 -25.36 -36.73 -18.93
N ASN A 604 -24.47 -35.77 -18.72
CA ASN A 604 -23.16 -35.93 -18.09
C ASN A 604 -22.31 -36.97 -18.83
N LYS A 605 -22.27 -36.84 -20.13
CA LYS A 605 -21.42 -37.68 -20.96
C LYS A 605 -20.41 -36.87 -21.75
N LEU A 606 -20.83 -35.74 -22.32
CA LEU A 606 -19.94 -34.89 -23.09
C LEU A 606 -19.75 -33.59 -22.33
N SER A 607 -18.54 -33.05 -22.38
CA SER A 607 -18.19 -31.85 -21.64
C SER A 607 -17.67 -30.80 -22.60
N ILE A 608 -17.49 -29.60 -22.08
CA ILE A 608 -17.03 -28.47 -22.88
C ILE A 608 -15.80 -27.88 -22.21
N SER A 609 -15.17 -26.92 -22.88
CA SER A 609 -14.00 -26.24 -22.38
C SER A 609 -13.98 -24.82 -22.92
N ALA A 610 -14.46 -23.87 -22.14
CA ALA A 610 -14.62 -22.51 -22.60
C ALA A 610 -13.41 -21.67 -22.23
N GLY A 611 -13.28 -20.54 -22.90
CA GLY A 611 -12.31 -19.54 -22.50
C GLY A 611 -12.92 -18.17 -22.63
N ILE A 612 -13.01 -17.44 -21.53
CA ILE A 612 -13.69 -16.15 -21.49
C ILE A 612 -12.63 -15.06 -21.45
N GLY A 613 -12.83 -14.00 -22.23
CA GLY A 613 -11.90 -12.90 -22.23
C GLY A 613 -12.54 -11.54 -22.10
N MET A 614 -11.95 -10.66 -21.30
CA MET A 614 -12.42 -9.29 -21.17
C MET A 614 -11.66 -8.40 -22.13
N PHE A 615 -12.38 -7.67 -22.97
CA PHE A 615 -11.74 -6.82 -23.95
C PHE A 615 -12.44 -5.47 -24.01
N ARG A 616 -11.68 -4.46 -24.42
CA ARG A 616 -12.27 -3.15 -24.63
C ARG A 616 -13.11 -3.16 -25.90
N GLU A 617 -14.02 -2.19 -25.99
CA GLU A 617 -15.08 -2.26 -27.00
C GLU A 617 -14.59 -2.04 -28.41
N LYS A 618 -13.41 -1.44 -28.61
CA LYS A 618 -12.92 -1.09 -29.94
C LYS A 618 -11.61 -1.79 -30.23
N TYR A 619 -11.35 -2.89 -29.53
CA TYR A 619 -10.24 -3.80 -29.69
C TYR A 619 -10.37 -4.52 -31.04
N PRO A 620 -9.27 -4.90 -31.67
CA PRO A 620 -9.37 -5.67 -32.91
C PRO A 620 -10.01 -7.03 -32.67
N VAL A 621 -11.02 -7.33 -33.49
CA VAL A 621 -11.80 -8.56 -33.31
C VAL A 621 -10.95 -9.78 -33.66
N ALA A 622 -9.99 -9.63 -34.57
CA ALA A 622 -9.05 -10.71 -34.85
C ALA A 622 -8.18 -11.03 -33.64
N ARG A 623 -7.70 -9.99 -32.95
CA ARG A 623 -6.92 -10.23 -31.74
C ARG A 623 -7.78 -10.74 -30.60
N MET A 624 -9.05 -10.31 -30.54
CA MET A 624 -10.00 -10.84 -29.57
C MET A 624 -10.20 -12.34 -29.77
N ALA A 625 -10.38 -12.75 -31.02
CA ALA A 625 -10.59 -14.16 -31.33
C ALA A 625 -9.33 -14.99 -31.09
N SER A 626 -8.16 -14.46 -31.44
CA SER A 626 -6.91 -15.19 -31.22
C SER A 626 -6.60 -15.33 -29.74
N LEU A 627 -6.81 -14.26 -28.97
CA LEU A 627 -6.53 -14.32 -27.54
C LEU A 627 -7.51 -15.23 -26.82
N THR A 628 -8.78 -15.23 -27.22
CA THR A 628 -9.70 -16.18 -26.59
C THR A 628 -9.49 -17.60 -27.09
N GLY A 629 -8.87 -17.78 -28.25
CA GLY A 629 -8.39 -19.11 -28.62
C GLY A 629 -7.26 -19.58 -27.73
N ASP A 630 -6.40 -18.64 -27.31
CA ASP A 630 -5.37 -18.97 -26.33
C ASP A 630 -5.99 -19.35 -25.00
N LEU A 631 -7.02 -18.63 -24.57
CA LEU A 631 -7.72 -18.98 -23.34
C LEU A 631 -8.44 -20.33 -23.46
N GLU A 632 -8.98 -20.61 -24.65
CA GLU A 632 -9.57 -21.92 -24.95
C GLU A 632 -8.57 -23.05 -24.77
N ASP A 633 -7.39 -22.94 -25.40
CA ASP A 633 -6.48 -24.08 -25.31
C ASP A 633 -5.76 -24.13 -23.96
N ALA A 634 -5.73 -23.01 -23.24
CA ALA A 634 -5.33 -23.06 -21.84
C ALA A 634 -6.34 -23.84 -21.01
N ALA A 635 -7.62 -23.71 -21.32
CA ALA A 635 -8.64 -24.51 -20.64
C ALA A 635 -8.56 -25.97 -21.04
N LYS A 636 -8.24 -26.25 -22.31
CA LYS A 636 -8.16 -27.63 -22.74
C LYS A 636 -6.87 -28.30 -22.28
N ASP A 637 -5.87 -27.51 -21.88
CA ASP A 637 -4.66 -28.06 -21.28
C ASP A 637 -4.75 -28.11 -19.76
N TYR A 638 -5.94 -27.97 -19.19
CA TYR A 638 -6.10 -27.99 -17.74
C TYR A 638 -6.00 -29.41 -17.22
N LYS A 639 -5.30 -29.56 -16.10
CA LYS A 639 -5.17 -30.82 -15.38
C LYS A 639 -4.65 -30.51 -13.98
N PRO A 640 -4.83 -31.42 -13.00
CA PRO A 640 -4.07 -31.30 -11.76
C PRO A 640 -2.61 -31.71 -11.93
N ASP A 641 -1.86 -31.79 -10.83
CA ASP A 641 -0.44 -32.10 -10.92
C ASP A 641 -0.18 -33.51 -11.45
N GLU A 642 -1.02 -34.47 -11.06
CA GLU A 642 -0.99 -35.81 -11.64
C GLU A 642 -2.21 -35.98 -12.53
N ARG A 643 -2.01 -36.49 -13.76
CA ARG A 643 -0.71 -36.85 -14.34
C ARG A 643 0.02 -35.66 -14.96
N THR A 648 -9.11 -34.71 -16.03
CA THR A 648 -10.09 -33.63 -16.01
C THR A 648 -9.73 -32.58 -17.04
N LYS A 649 -10.49 -32.49 -18.12
CA LYS A 649 -10.20 -31.56 -19.20
C LYS A 649 -11.31 -30.55 -19.45
N ASN A 650 -12.32 -30.50 -18.60
CA ASN A 650 -13.40 -29.53 -18.74
C ASN A 650 -13.16 -28.38 -17.77
N ALA A 651 -12.95 -27.19 -18.31
CA ALA A 651 -12.55 -26.04 -17.52
C ALA A 651 -12.87 -24.77 -18.29
N VAL A 652 -12.84 -23.65 -17.58
CA VAL A 652 -13.12 -22.35 -18.14
C VAL A 652 -11.96 -21.43 -17.77
N THR A 653 -11.52 -20.62 -18.72
CA THR A 653 -10.42 -19.71 -18.46
C THR A 653 -10.94 -18.28 -18.41
N LEU A 654 -10.74 -17.64 -17.27
CA LEU A 654 -11.37 -16.35 -16.98
C LEU A 654 -10.37 -15.24 -17.21
N PHE A 655 -10.47 -14.60 -18.38
CA PHE A 655 -9.94 -13.28 -18.71
C PHE A 655 -8.43 -13.25 -18.87
N ASP A 656 -7.73 -14.33 -18.50
CA ASP A 656 -6.28 -14.37 -18.48
C ASP A 656 -5.85 -15.82 -18.34
N ALA A 657 -4.69 -16.18 -18.89
CA ALA A 657 -4.32 -17.57 -19.04
C ALA A 657 -3.99 -18.27 -17.73
N THR A 658 -3.81 -17.52 -16.64
CA THR A 658 -3.44 -18.14 -15.37
C THR A 658 -4.64 -18.45 -14.49
N ASN A 659 -5.82 -17.93 -14.80
CA ASN A 659 -7.01 -18.15 -13.99
C ASN A 659 -7.83 -19.29 -14.61
N VAL A 660 -7.28 -20.49 -14.55
CA VAL A 660 -7.91 -21.66 -15.13
C VAL A 660 -8.59 -22.44 -14.02
N PHE A 661 -9.92 -22.39 -14.00
CA PHE A 661 -10.72 -23.12 -13.03
C PHE A 661 -11.61 -24.08 -13.78
N SER A 662 -11.94 -25.20 -13.14
CA SER A 662 -12.90 -26.12 -13.71
C SER A 662 -14.31 -25.52 -13.62
N TRP A 663 -15.25 -26.18 -14.30
CA TRP A 663 -16.63 -25.72 -14.29
C TRP A 663 -17.23 -25.85 -12.89
N ASP A 664 -16.83 -26.89 -12.17
CA ASP A 664 -17.27 -27.07 -10.79
C ASP A 664 -16.79 -25.93 -9.91
N THR A 665 -15.52 -25.53 -10.09
CA THR A 665 -14.93 -24.47 -9.28
C THR A 665 -15.59 -23.13 -9.59
N LEU A 666 -15.79 -22.82 -10.87
CA LEU A 666 -16.42 -21.55 -11.24
C LEU A 666 -17.87 -21.49 -10.79
N GLU A 667 -18.64 -22.54 -11.06
CA GLU A 667 -20.07 -22.50 -10.78
C GLU A 667 -20.34 -22.66 -9.29
N ASN A 668 -19.46 -23.31 -8.53
CA ASN A 668 -19.69 -23.46 -7.11
C ASN A 668 -18.86 -22.47 -6.28
N ASP A 669 -17.53 -22.55 -6.32
CA ASP A 669 -16.73 -21.85 -5.32
C ASP A 669 -16.69 -20.35 -5.60
N ILE A 670 -16.30 -19.97 -6.82
CA ILE A 670 -16.24 -18.55 -7.22
C ILE A 670 -17.62 -17.91 -7.12
N PHE A 671 -18.65 -18.59 -7.60
CA PHE A 671 -19.96 -17.94 -7.70
C PHE A 671 -20.67 -17.88 -6.35
N VAL A 672 -20.50 -18.89 -5.48
CA VAL A 672 -21.03 -18.80 -4.12
C VAL A 672 -20.31 -17.72 -3.34
N LYS A 673 -18.97 -17.63 -3.48
CA LYS A 673 -18.24 -16.56 -2.82
C LYS A 673 -18.66 -15.19 -3.33
N LEU A 674 -18.88 -15.06 -4.64
CA LEU A 674 -19.29 -13.80 -5.23
C LEU A 674 -20.68 -13.39 -4.76
N ASP A 675 -21.59 -14.35 -4.65
CA ASP A 675 -22.92 -14.01 -4.20
C ASP A 675 -22.94 -13.69 -2.70
N ALA A 676 -22.06 -14.33 -1.93
CA ALA A 676 -21.93 -13.98 -0.51
C ALA A 676 -21.32 -12.60 -0.32
N ILE A 677 -20.33 -12.27 -1.15
CA ILE A 677 -19.70 -10.95 -1.10
C ILE A 677 -20.69 -9.87 -1.55
N THR A 678 -21.49 -10.16 -2.57
CA THR A 678 -22.50 -9.22 -3.02
C THR A 678 -23.64 -9.09 -2.00
N LYS A 679 -23.95 -10.17 -1.29
CA LYS A 679 -25.00 -10.11 -0.27
C LYS A 679 -24.54 -9.34 0.96
N ASN A 680 -23.28 -9.49 1.34
CA ASN A 680 -22.79 -8.85 2.55
C ASN A 680 -22.18 -7.48 2.29
N PHE A 681 -22.05 -7.05 1.05
CA PHE A 681 -21.49 -5.74 0.75
C PHE A 681 -22.49 -4.80 0.09
N GLU A 682 -23.78 -5.17 0.04
CA GLU A 682 -24.81 -4.24 -0.39
C GLU A 682 -25.53 -3.62 0.79
N LYS A 683 -25.53 -4.29 1.94
CA LYS A 683 -26.14 -3.71 3.12
C LYS A 683 -25.23 -2.70 3.81
N LEU A 684 -23.94 -2.72 3.51
CA LEU A 684 -23.01 -1.78 4.11
C LEU A 684 -22.74 -0.62 3.16
N ASP A 685 -22.88 0.60 3.67
CA ASP A 685 -22.83 1.79 2.85
C ASP A 685 -21.46 2.46 2.82
N GLU A 686 -20.44 1.87 3.44
CA GLU A 686 -19.14 2.51 3.50
C GLU A 686 -17.99 1.63 3.04
N THR A 687 -18.05 0.33 3.33
CA THR A 687 -16.86 -0.52 3.44
C THR A 687 -16.15 -0.74 2.11
N GLY A 688 -16.90 -1.10 1.08
CA GLY A 688 -16.31 -1.25 -0.23
C GLY A 688 -16.53 -0.03 -1.09
N LYS A 689 -15.67 0.16 -2.10
CA LYS A 689 -14.71 -0.83 -2.55
C LYS A 689 -13.29 -0.60 -2.05
N ALA A 690 -13.10 0.41 -1.20
CA ALA A 690 -11.76 0.71 -0.70
C ALA A 690 -11.23 -0.39 0.19
N PHE A 691 -12.09 -0.95 1.06
CA PHE A 691 -11.67 -2.07 1.88
C PHE A 691 -11.39 -3.30 1.04
N ILE A 692 -12.16 -3.51 -0.01
CA ILE A 692 -11.98 -4.67 -0.87
C ILE A 692 -10.70 -4.56 -1.68
N TYR A 693 -10.38 -3.35 -2.14
CA TYR A 693 -9.11 -3.13 -2.84
C TYR A 693 -7.93 -3.32 -1.90
N ARG A 694 -8.04 -2.86 -0.65
CA ARG A 694 -6.97 -3.12 0.31
C ARG A 694 -6.90 -4.58 0.72
N LEU A 695 -8.00 -5.32 0.57
CA LEU A 695 -7.98 -6.75 0.83
C LEU A 695 -7.28 -7.50 -0.30
N ILE A 696 -7.55 -7.11 -1.55
CA ILE A 696 -6.90 -7.72 -2.70
C ILE A 696 -5.41 -7.38 -2.73
N ASP A 697 -5.05 -6.16 -2.28
CA ASP A 697 -3.65 -5.71 -2.33
C ASP A 697 -2.74 -6.53 -1.43
N LEU A 698 -3.29 -7.26 -0.47
CA LEU A 698 -2.51 -8.21 0.29
C LEU A 698 -2.80 -9.66 -0.04
N LEU A 699 -4.00 -9.97 -0.55
CA LEU A 699 -4.27 -11.33 -1.00
C LEU A 699 -3.41 -11.70 -2.19
N ARG A 700 -3.17 -10.76 -3.08
CA ARG A 700 -2.23 -10.98 -4.17
C ARG A 700 -0.78 -10.80 -3.72
N GLY A 701 -0.55 -10.39 -2.47
CA GLY A 701 0.78 -10.28 -1.94
C GLY A 701 1.17 -11.51 -1.13
N VAL A 702 0.20 -12.39 -0.88
CA VAL A 702 0.51 -13.65 -0.20
C VAL A 702 1.44 -14.53 -1.05
N ASN A 703 1.37 -14.41 -2.37
CA ASN A 703 2.22 -15.22 -3.25
C ASN A 703 3.71 -14.90 -3.08
N GLU A 704 4.06 -13.63 -2.95
CA GLU A 704 5.46 -13.26 -2.78
C GLU A 704 5.90 -13.24 -1.32
N ASN A 705 5.04 -12.80 -0.40
CA ASN A 705 5.33 -12.77 1.02
C ASN A 705 4.15 -13.42 1.74
N GLN A 706 4.33 -14.67 2.19
CA GLN A 706 3.17 -15.43 2.63
C GLN A 706 2.76 -15.09 4.06
N GLN A 707 3.68 -15.21 5.01
CA GLN A 707 3.30 -15.20 6.42
C GLN A 707 2.86 -13.82 6.88
N ILE A 708 3.58 -12.79 6.44
CA ILE A 708 3.29 -11.45 6.94
C ILE A 708 1.97 -10.95 6.36
N ASN A 709 1.64 -11.33 5.13
CA ASN A 709 0.39 -10.91 4.53
C ASN A 709 -0.80 -11.64 5.13
N ILE A 710 -0.60 -12.89 5.55
CA ILE A 710 -1.66 -13.62 6.24
C ILE A 710 -1.89 -13.02 7.62
N ALA A 711 -0.81 -12.62 8.31
CA ALA A 711 -0.97 -11.96 9.60
C ALA A 711 -1.63 -10.59 9.46
N ARG A 712 -1.26 -9.83 8.42
CA ARG A 712 -1.88 -8.53 8.18
C ARG A 712 -3.34 -8.69 7.80
N LEU A 713 -3.66 -9.78 7.10
CA LEU A 713 -5.04 -10.12 6.80
C LEU A 713 -5.83 -10.38 8.08
N ALA A 714 -5.23 -11.12 9.02
CA ALA A 714 -5.88 -11.40 10.28
C ALA A 714 -6.11 -10.13 11.09
N TYR A 715 -5.10 -9.26 11.13
CA TYR A 715 -5.22 -8.00 11.85
C TYR A 715 -6.27 -7.10 11.23
N THR A 716 -6.30 -7.02 9.90
CA THR A 716 -7.26 -6.17 9.21
C THR A 716 -8.69 -6.67 9.40
N LEU A 717 -8.88 -7.99 9.32
CA LEU A 717 -10.23 -8.54 9.46
C LEU A 717 -10.73 -8.44 10.89
N SER A 718 -9.87 -8.67 11.89
CA SER A 718 -10.33 -8.47 13.25
C SER A 718 -10.46 -6.99 13.59
N ARG A 719 -9.70 -6.13 12.95
CA ARG A 719 -9.80 -4.71 13.22
C ARG A 719 -11.07 -4.13 12.66
N MET A 720 -11.47 -4.57 11.48
CA MET A 720 -12.59 -3.96 10.79
C MET A 720 -13.74 -4.96 10.65
N GLU A 721 -13.79 -5.96 11.53
CA GLU A 721 -14.99 -6.78 11.68
C GLU A 721 -16.08 -6.07 12.46
N GLU A 722 -15.82 -4.87 12.99
CA GLU A 722 -16.82 -4.10 13.72
C GLU A 722 -17.95 -3.64 12.83
N LYS A 723 -17.76 -3.62 11.52
CA LYS A 723 -18.77 -3.14 10.59
C LYS A 723 -19.27 -4.21 9.64
N ILE A 724 -18.42 -5.13 9.21
CA ILE A 724 -18.86 -6.16 8.27
C ILE A 724 -19.47 -7.36 8.98
N GLY A 725 -19.29 -7.47 10.28
CA GLY A 725 -19.85 -8.58 11.03
C GLY A 725 -18.81 -9.66 11.28
N LYS A 726 -18.94 -10.32 12.42
CA LYS A 726 -17.92 -11.29 12.83
C LYS A 726 -18.01 -12.57 12.03
N THR A 727 -19.20 -12.90 11.50
CA THR A 727 -19.34 -14.09 10.69
C THR A 727 -18.73 -13.90 9.31
N PHE A 728 -18.97 -12.74 8.71
CA PHE A 728 -18.41 -12.47 7.39
C PHE A 728 -16.91 -12.31 7.44
N ALA A 729 -16.40 -11.75 8.54
CA ALA A 729 -14.94 -11.64 8.69
C ALA A 729 -14.31 -12.99 8.92
N GLN A 730 -14.96 -13.86 9.70
CA GLN A 730 -14.44 -15.20 9.92
C GLN A 730 -14.43 -16.01 8.64
N GLU A 731 -15.48 -15.89 7.83
CA GLU A 731 -15.48 -16.66 6.59
C GLU A 731 -14.58 -16.03 5.53
N LEU A 732 -14.39 -14.71 5.54
CA LEU A 732 -13.40 -14.08 4.67
C LEU A 732 -11.99 -14.54 5.02
N TYR A 733 -11.69 -14.63 6.31
CA TYR A 733 -10.39 -15.13 6.74
C TYR A 733 -10.21 -16.61 6.41
N ASN A 734 -11.28 -17.40 6.57
CA ASN A 734 -11.14 -18.84 6.36
C ASN A 734 -11.06 -19.19 4.88
N TRP A 735 -11.81 -18.48 4.03
CA TRP A 735 -11.66 -18.65 2.60
C TRP A 735 -10.31 -18.11 2.13
N ALA A 736 -9.85 -17.00 2.71
CA ALA A 736 -8.56 -16.46 2.34
C ALA A 736 -7.40 -17.29 2.86
N ASN A 737 -7.65 -18.18 3.80
CA ASN A 737 -6.64 -19.12 4.26
C ASN A 737 -6.71 -20.46 3.55
N ALA A 738 -7.89 -20.88 3.10
CA ALA A 738 -8.02 -22.19 2.48
C ALA A 738 -7.86 -22.12 0.97
N ASP A 739 -8.74 -21.38 0.30
CA ASP A 739 -8.71 -21.22 -1.16
C ASP A 739 -8.59 -19.74 -1.48
N ARG A 740 -7.34 -19.26 -1.53
CA ARG A 740 -7.08 -17.86 -1.80
C ARG A 740 -7.26 -17.53 -3.28
N LYS A 741 -6.92 -18.50 -4.15
CA LYS A 741 -7.01 -18.34 -5.60
C LYS A 741 -8.43 -18.07 -6.07
N THR A 742 -9.42 -18.61 -5.37
CA THR A 742 -10.83 -18.47 -5.67
C THR A 742 -11.43 -17.17 -5.17
N LEU A 743 -11.10 -16.76 -3.95
CA LEU A 743 -11.67 -15.53 -3.41
C LEU A 743 -11.09 -14.29 -4.09
N ILE A 744 -9.85 -14.36 -4.56
CA ILE A 744 -9.28 -13.26 -5.34
C ILE A 744 -10.07 -13.06 -6.62
N MET A 745 -10.45 -14.16 -7.25
CA MET A 745 -11.22 -14.08 -8.49
C MET A 745 -12.64 -13.59 -8.20
N ALA A 746 -13.22 -14.03 -7.10
CA ALA A 746 -14.55 -13.58 -6.70
C ALA A 746 -14.57 -12.08 -6.41
N LEU A 747 -13.55 -11.58 -5.71
CA LEU A 747 -13.46 -10.16 -5.41
C LEU A 747 -13.22 -9.33 -6.66
N GLU A 748 -12.38 -9.84 -7.57
CA GLU A 748 -12.11 -9.12 -8.81
C GLU A 748 -13.37 -9.00 -9.66
N ILE A 749 -14.12 -10.09 -9.79
CA ILE A 749 -15.35 -10.04 -10.58
C ILE A 749 -16.39 -9.17 -9.88
N TYR A 750 -16.41 -9.15 -8.54
CA TYR A 750 -17.35 -8.30 -7.81
C TYR A 750 -17.07 -6.82 -8.06
N ILE A 751 -15.79 -6.43 -8.04
CA ILE A 751 -15.46 -5.03 -8.28
C ILE A 751 -15.66 -4.67 -9.74
N LEU A 752 -15.41 -5.60 -10.66
CA LEU A 752 -15.67 -5.34 -12.07
C LEU A 752 -17.17 -5.21 -12.33
N LYS A 753 -17.99 -5.96 -11.59
CA LYS A 753 -19.44 -5.89 -11.74
C LYS A 753 -20.05 -4.71 -11.01
N THR A 754 -19.33 -4.09 -10.08
CA THR A 754 -19.83 -2.94 -9.36
C THR A 754 -19.13 -1.64 -9.72
N ARG A 755 -18.35 -1.64 -10.79
CA ARG A 755 -17.65 -0.44 -11.26
C ARG A 755 -18.65 0.62 -11.68
N GLU A 756 -18.28 1.89 -11.48
CA GLU A 756 -19.13 3.07 -11.61
C GLU A 756 -20.35 2.96 -10.71
N MET B 1 28.99 -34.10 -45.05
CA MET B 1 27.81 -33.22 -45.03
C MET B 1 27.93 -32.23 -43.89
N LYS B 2 28.30 -31.00 -44.23
CA LYS B 2 28.51 -29.98 -43.21
C LYS B 2 27.17 -29.48 -42.68
N ILE B 3 27.22 -28.81 -41.52
CA ILE B 3 26.03 -28.32 -40.83
C ILE B 3 26.19 -26.82 -40.67
N ILE B 4 25.31 -26.04 -41.26
CA ILE B 4 25.32 -24.58 -41.04
C ILE B 4 24.43 -24.34 -39.83
N LYS B 5 25.04 -24.39 -38.66
CA LYS B 5 24.31 -24.14 -37.42
C LYS B 5 24.16 -22.64 -37.18
N LEU B 6 22.95 -22.20 -36.83
CA LEU B 6 22.67 -20.79 -36.61
C LEU B 6 22.13 -20.57 -35.20
N TYR B 7 22.90 -19.86 -34.38
CA TYR B 7 22.44 -19.42 -33.07
C TYR B 7 21.94 -17.99 -33.20
N PHE B 8 20.80 -17.70 -32.61
CA PHE B 8 20.17 -16.40 -32.75
C PHE B 8 20.25 -15.62 -31.45
N GLU B 9 20.65 -14.35 -31.54
CA GLU B 9 20.63 -13.43 -30.40
C GLU B 9 19.38 -12.56 -30.34
N SER B 10 18.52 -12.61 -31.34
CA SER B 10 17.37 -11.73 -31.44
C SER B 10 16.13 -12.55 -31.77
N PRO B 11 14.94 -12.07 -31.42
CA PRO B 11 13.71 -12.66 -31.97
C PRO B 11 13.67 -12.47 -33.47
N VAL B 12 13.16 -13.48 -34.18
CA VAL B 12 13.17 -13.44 -35.63
C VAL B 12 11.75 -13.41 -36.15
N HIS B 13 11.60 -12.92 -37.37
CA HIS B 13 10.31 -12.90 -38.05
C HIS B 13 10.52 -13.53 -39.42
N PHE B 14 10.05 -14.77 -39.57
CA PHE B 14 10.02 -15.44 -40.87
C PHE B 14 8.56 -15.47 -41.27
N GLY B 15 8.16 -14.54 -42.14
CA GLY B 15 6.78 -14.45 -42.53
C GLY B 15 6.39 -15.54 -43.52
N GLU B 16 5.12 -15.94 -43.46
CA GLU B 16 4.58 -16.86 -44.45
C GLU B 16 3.73 -16.13 -45.50
N LYS B 17 2.67 -15.48 -45.05
CA LYS B 17 1.88 -14.63 -45.94
C LYS B 17 1.52 -13.30 -45.32
N ARG B 18 1.67 -13.12 -44.01
CA ARG B 18 1.29 -11.90 -43.33
C ARG B 18 2.38 -11.52 -42.34
N LEU B 19 2.44 -10.23 -42.05
CA LEU B 19 3.39 -9.69 -41.08
C LEU B 19 3.04 -10.07 -39.65
N SER B 20 1.76 -10.30 -39.36
CA SER B 20 1.32 -10.54 -37.99
C SER B 20 1.77 -11.91 -37.48
N GLU B 21 2.03 -12.83 -38.39
CA GLU B 21 2.37 -14.21 -38.04
C GLU B 21 3.82 -14.51 -38.42
N SER B 22 4.39 -15.54 -37.82
CA SER B 22 5.72 -15.97 -38.20
C SER B 22 5.87 -17.46 -37.94
N LYS B 23 6.59 -18.13 -38.83
CA LYS B 23 6.97 -19.52 -38.64
C LYS B 23 8.33 -19.59 -37.98
N ILE B 24 8.71 -20.78 -37.55
CA ILE B 24 9.92 -20.96 -36.77
C ILE B 24 11.13 -21.29 -37.63
N THR B 25 10.92 -21.63 -38.89
CA THR B 25 12.00 -21.94 -39.80
C THR B 25 11.91 -21.02 -41.01
N PHE B 26 13.04 -20.71 -41.62
CA PHE B 26 13.04 -20.04 -42.90
C PHE B 26 13.23 -21.09 -43.98
N SER B 27 12.61 -20.88 -45.13
CA SER B 27 12.76 -21.83 -46.20
C SER B 27 14.06 -21.59 -46.95
N ALA B 28 14.38 -22.50 -47.87
CA ALA B 28 15.63 -22.37 -48.61
C ALA B 28 15.53 -21.33 -49.71
N ASP B 29 14.30 -20.96 -50.07
CA ASP B 29 14.06 -19.78 -50.90
C ASP B 29 14.66 -18.54 -50.24
N THR B 30 14.35 -18.36 -48.96
CA THR B 30 14.85 -17.22 -48.20
C THR B 30 16.36 -17.27 -48.05
N LEU B 31 16.91 -18.46 -47.77
CA LEU B 31 18.35 -18.55 -47.55
C LEU B 31 19.13 -18.30 -48.82
N PHE B 32 18.71 -18.88 -49.94
CA PHE B 32 19.40 -18.64 -51.21
C PHE B 32 19.24 -17.19 -51.65
N SER B 33 18.05 -16.60 -51.50
CA SER B 33 17.85 -15.22 -51.90
C SER B 33 18.62 -14.27 -51.00
N ALA B 34 18.71 -14.58 -49.70
CA ALA B 34 19.50 -13.79 -48.78
C ALA B 34 20.98 -13.85 -49.12
N LEU B 35 21.49 -15.06 -49.38
CA LEU B 35 22.90 -15.21 -49.74
C LEU B 35 23.22 -14.52 -51.06
N MET B 36 22.26 -14.48 -51.99
CA MET B 36 22.60 -13.85 -53.25
C MET B 36 22.43 -12.33 -53.17
N ILE B 37 21.56 -11.82 -52.29
CA ILE B 37 21.58 -10.39 -51.97
C ILE B 37 22.90 -10.00 -51.32
N GLU B 38 23.46 -10.88 -50.49
CA GLU B 38 24.81 -10.60 -49.99
C GLU B 38 25.86 -10.70 -51.10
N ALA B 39 25.62 -11.54 -52.10
CA ALA B 39 26.58 -11.70 -53.17
C ALA B 39 26.59 -10.49 -54.11
N VAL B 40 25.45 -9.85 -54.34
CA VAL B 40 25.43 -8.74 -55.30
C VAL B 40 26.14 -7.51 -54.75
N GLY B 41 26.26 -7.40 -53.42
CA GLY B 41 27.06 -6.33 -52.86
C GLY B 41 28.54 -6.57 -53.02
N LEU B 42 28.96 -7.83 -53.08
CA LEU B 42 30.35 -8.19 -53.29
C LEU B 42 30.76 -8.16 -54.75
N GLY B 43 29.80 -8.02 -55.66
CA GLY B 43 30.13 -8.15 -57.07
C GLY B 43 30.37 -9.57 -57.50
N LYS B 44 29.79 -10.56 -56.81
CA LYS B 44 29.98 -11.97 -57.10
C LYS B 44 28.64 -12.68 -57.18
N GLU B 45 27.69 -12.10 -57.91
CA GLU B 45 26.39 -12.75 -58.04
C GLU B 45 26.43 -13.92 -59.01
N ASP B 46 27.15 -13.78 -60.12
CA ASP B 46 27.15 -14.81 -61.15
C ASP B 46 27.96 -16.03 -60.70
N GLU B 47 29.02 -15.81 -59.93
CA GLU B 47 29.80 -16.94 -59.42
C GLU B 47 28.96 -17.78 -58.46
N PHE B 48 28.15 -17.12 -57.62
CA PHE B 48 27.27 -17.85 -56.71
C PHE B 48 26.12 -18.51 -57.45
N TYR B 49 25.57 -17.84 -58.47
CA TYR B 49 24.48 -18.41 -59.26
C TYR B 49 24.95 -19.65 -60.02
N GLN B 50 26.13 -19.58 -60.63
CA GLN B 50 26.63 -20.74 -61.35
C GLN B 50 27.17 -21.79 -60.39
N LEU B 51 27.50 -21.39 -59.17
CA LEU B 51 27.92 -22.36 -58.17
C LEU B 51 26.74 -23.18 -57.69
N ALA B 52 25.57 -22.55 -57.58
CA ALA B 52 24.37 -23.30 -57.21
C ALA B 52 23.77 -24.04 -58.40
N SER B 53 23.82 -23.44 -59.59
CA SER B 53 23.19 -23.99 -60.77
C SER B 53 23.89 -25.24 -61.27
N ASN B 54 25.21 -25.31 -61.12
CA ASN B 54 25.92 -26.54 -61.46
C ASN B 54 25.90 -27.56 -60.34
N ASN B 55 24.98 -27.43 -59.37
CA ASN B 55 24.73 -28.32 -58.26
C ASN B 55 25.95 -28.50 -57.36
N LEU B 56 26.84 -27.51 -57.29
CA LEU B 56 28.03 -27.66 -56.47
C LEU B 56 27.73 -27.31 -55.02
N VAL B 57 27.08 -26.17 -54.80
CA VAL B 57 26.55 -25.83 -53.49
C VAL B 57 25.05 -26.13 -53.50
N LYS B 58 24.62 -26.99 -52.60
CA LYS B 58 23.22 -27.37 -52.52
C LYS B 58 22.87 -27.52 -51.06
N PHE B 59 21.94 -26.71 -50.60
CA PHE B 59 21.55 -26.69 -49.20
C PHE B 59 20.06 -26.92 -49.02
N SER B 60 19.71 -27.39 -47.83
CA SER B 60 18.34 -27.56 -47.40
C SER B 60 17.76 -26.24 -46.91
N ASP B 61 16.54 -26.30 -46.40
CA ASP B 61 16.02 -25.18 -45.65
C ASP B 61 16.36 -25.36 -44.17
N ALA B 62 15.99 -24.36 -43.39
CA ALA B 62 16.30 -24.38 -41.97
C ALA B 62 15.44 -25.39 -41.25
N PHE B 63 16.06 -26.13 -40.33
CA PHE B 63 15.38 -27.03 -39.43
C PHE B 63 15.77 -26.67 -38.00
N PRO B 64 14.88 -26.90 -37.05
CA PRO B 64 15.23 -26.63 -35.66
C PRO B 64 16.21 -27.65 -35.09
N PHE B 65 17.01 -27.18 -34.13
CA PHE B 65 17.86 -28.05 -33.35
C PHE B 65 17.83 -27.59 -31.91
N ILE B 66 17.87 -28.53 -30.98
CA ILE B 66 18.03 -28.21 -29.56
C ILE B 66 19.38 -28.81 -29.17
N ASP B 67 19.73 -28.74 -27.89
CA ASP B 67 21.02 -29.22 -27.40
C ASP B 67 21.24 -30.69 -27.72
N GLN B 68 22.20 -30.94 -28.64
CA GLN B 68 22.74 -32.20 -29.18
C GLN B 68 21.76 -32.84 -30.19
N TYR B 69 20.52 -32.39 -30.29
CA TYR B 69 19.54 -33.04 -31.15
C TYR B 69 19.24 -32.18 -32.38
N TYR B 70 19.07 -32.84 -33.52
CA TYR B 70 18.67 -32.19 -34.76
C TYR B 70 17.31 -32.70 -35.18
N TYR B 71 16.38 -31.78 -35.43
CA TYR B 71 15.01 -32.13 -35.76
C TYR B 71 14.73 -31.82 -37.21
N ILE B 72 13.67 -32.45 -37.75
CA ILE B 72 13.17 -32.20 -39.10
C ILE B 72 11.65 -32.20 -39.03
N PRO B 73 10.97 -31.59 -40.02
CA PRO B 73 9.50 -31.65 -40.04
C PRO B 73 9.00 -33.06 -40.28
N LYS B 74 7.79 -33.32 -39.78
CA LYS B 74 7.14 -34.62 -39.78
C LYS B 74 6.96 -35.11 -41.20
N PRO B 75 7.60 -36.22 -41.57
CA PRO B 75 7.47 -36.76 -42.92
C PRO B 75 6.07 -37.30 -43.13
N MET B 76 5.29 -36.63 -43.99
CA MET B 76 3.92 -37.06 -44.26
C MET B 76 3.96 -38.31 -45.15
N PHE B 77 4.19 -39.44 -44.49
CA PHE B 77 4.23 -40.72 -45.18
C PHE B 77 2.81 -41.09 -45.63
N ASN B 78 2.73 -41.76 -46.78
CA ASN B 78 1.45 -42.32 -47.24
C ASN B 78 1.22 -43.68 -46.59
N LEU B 79 0.99 -43.64 -45.27
CA LEU B 79 0.87 -44.87 -44.50
C LEU B 79 -0.47 -45.53 -44.73
N LYS B 80 -0.51 -46.83 -44.46
CA LYS B 80 -1.75 -47.56 -44.31
C LYS B 80 -2.30 -47.47 -42.90
N LEU B 81 -1.60 -46.74 -42.02
CA LEU B 81 -2.04 -46.55 -40.65
CA LEU B 81 -2.04 -46.55 -40.65
C LEU B 81 -2.98 -45.35 -40.55
N ALA B 91 -1.07 -37.46 -27.05
CA ALA B 91 -0.68 -38.65 -27.80
C ALA B 91 0.55 -38.39 -28.67
N PHE B 92 0.87 -39.37 -29.50
CA PHE B 92 1.89 -39.23 -30.54
C PHE B 92 1.34 -38.62 -31.82
N LYS B 93 0.05 -38.27 -31.82
CA LYS B 93 -0.60 -37.71 -33.00
C LYS B 93 -0.04 -36.33 -33.34
N LYS B 94 0.14 -35.48 -32.33
CA LYS B 94 0.56 -34.10 -32.52
C LYS B 94 2.06 -33.99 -32.19
N LEU B 95 2.89 -34.28 -33.17
CA LEU B 95 4.33 -34.02 -33.09
C LEU B 95 4.74 -33.42 -34.44
N LEU B 96 4.86 -32.09 -34.45
CA LEU B 96 5.09 -31.39 -35.71
C LEU B 96 6.53 -31.55 -36.18
N TYR B 97 7.46 -31.81 -35.27
CA TYR B 97 8.86 -31.99 -35.63
C TYR B 97 9.39 -33.27 -34.99
N VAL B 98 10.14 -34.04 -35.76
CA VAL B 98 10.67 -35.32 -35.30
C VAL B 98 12.19 -35.27 -35.38
N PRO B 99 12.93 -36.03 -34.57
CA PRO B 99 14.39 -36.00 -34.66
C PRO B 99 14.87 -36.69 -35.93
N ILE B 100 16.06 -36.30 -36.38
CA ILE B 100 16.61 -36.90 -37.60
C ILE B 100 17.31 -38.21 -37.28
N ASP B 101 17.71 -38.42 -36.03
CA ASP B 101 18.35 -39.69 -35.65
C ASP B 101 17.34 -40.81 -35.57
N SER B 102 16.17 -40.53 -34.99
CA SER B 102 15.10 -41.53 -34.89
C SER B 102 14.01 -41.20 -35.90
N LEU B 103 14.20 -41.70 -37.12
CA LEU B 103 13.12 -41.74 -38.10
C LEU B 103 12.87 -43.15 -38.60
N GLU B 104 13.93 -43.95 -38.74
CA GLU B 104 13.79 -45.32 -39.20
C GLU B 104 13.04 -46.19 -38.20
N ASP B 105 13.19 -45.88 -36.91
CA ASP B 105 12.52 -46.72 -35.91
C ASP B 105 11.14 -46.18 -35.55
N TYR B 106 10.78 -44.98 -36.00
CA TYR B 106 9.42 -44.50 -35.79
C TYR B 106 8.42 -45.28 -36.62
N LEU B 107 8.85 -45.83 -37.74
CA LEU B 107 8.01 -46.65 -38.60
C LEU B 107 7.71 -48.00 -37.97
N SER B 119 7.28 -32.92 -24.92
CA SER B 119 8.69 -33.27 -24.88
C SER B 119 9.55 -32.26 -25.65
N PHE B 120 9.00 -31.72 -26.73
CA PHE B 120 9.73 -30.87 -27.64
C PHE B 120 9.07 -29.50 -27.70
N ASN B 121 9.82 -28.46 -27.35
CA ASN B 121 9.45 -27.09 -27.68
C ASN B 121 10.70 -26.23 -27.67
N LEU B 122 10.79 -25.34 -28.66
CA LEU B 122 11.86 -24.36 -28.74
C LEU B 122 11.26 -22.97 -28.65
N GLY B 123 11.64 -22.24 -27.61
CA GLY B 123 11.24 -20.88 -27.31
C GLY B 123 9.73 -20.71 -27.27
N LYS B 124 9.27 -19.56 -27.77
CA LYS B 124 7.85 -19.29 -27.91
C LYS B 124 7.67 -18.21 -28.95
N LEU B 125 6.48 -18.15 -29.52
CA LEU B 125 6.13 -17.10 -30.46
C LEU B 125 5.58 -15.90 -29.71
N ALA B 126 5.72 -14.73 -30.31
CA ALA B 126 5.13 -13.52 -29.76
C ALA B 126 4.69 -12.63 -30.90
N LEU B 127 3.97 -11.58 -30.54
CA LEU B 127 3.47 -10.59 -31.49
C LEU B 127 3.82 -9.22 -30.91
N SER B 128 4.84 -8.59 -31.48
CA SER B 128 5.35 -7.33 -30.96
C SER B 128 4.58 -6.19 -31.59
N GLU B 129 3.71 -5.56 -30.81
CA GLU B 129 2.83 -4.53 -31.33
C GLU B 129 3.60 -3.22 -31.52
N LYS B 130 3.42 -2.61 -32.69
CA LYS B 130 4.22 -1.48 -33.11
C LYS B 130 3.28 -0.39 -33.60
N VAL B 131 3.82 0.80 -33.86
CA VAL B 131 3.07 1.88 -34.51
C VAL B 131 3.93 2.52 -35.59
N GLN B 132 3.24 3.29 -36.42
CA GLN B 132 3.82 4.31 -37.28
C GLN B 132 3.20 5.61 -36.79
N GLN B 133 3.90 6.33 -35.93
CA GLN B 133 3.24 7.51 -35.39
C GLN B 133 3.45 8.70 -36.32
N HIS B 134 2.52 9.64 -36.24
CA HIS B 134 2.62 10.88 -36.99
C HIS B 134 2.30 12.02 -36.05
N ASP B 135 2.75 13.21 -36.40
CA ASP B 135 2.52 14.36 -35.55
C ASP B 135 1.09 14.88 -35.60
N PHE B 136 0.53 15.06 -36.79
CA PHE B 136 -0.70 15.84 -36.95
C PHE B 136 -1.87 15.00 -37.44
N LYS B 137 -1.65 13.70 -37.63
CA LYS B 137 -2.73 12.73 -37.78
C LYS B 137 -2.46 11.62 -36.78
N ASP B 138 -3.47 10.80 -36.54
CA ASP B 138 -3.32 9.76 -35.52
C ASP B 138 -2.42 8.64 -36.01
N SER B 139 -1.81 7.94 -35.06
CA SER B 139 -0.84 6.90 -35.36
C SER B 139 -1.51 5.69 -35.97
N GLU B 140 -0.71 4.87 -36.65
CA GLU B 140 -1.20 3.67 -37.32
C GLU B 140 -0.56 2.44 -36.69
N PRO B 141 -1.24 1.75 -35.78
CA PRO B 141 -0.64 0.59 -35.14
C PRO B 141 -0.60 -0.61 -36.07
N TYR B 142 0.39 -1.46 -35.86
CA TYR B 142 0.54 -2.69 -36.62
C TYR B 142 1.30 -3.68 -35.77
N ASN B 143 1.26 -4.95 -36.18
CA ASN B 143 1.87 -6.02 -35.42
C ASN B 143 2.94 -6.69 -36.25
N VAL B 144 3.99 -7.14 -35.57
CA VAL B 144 5.04 -7.94 -36.17
C VAL B 144 5.18 -9.21 -35.36
N GLY B 145 4.91 -10.35 -35.98
CA GLY B 145 4.99 -11.61 -35.29
C GLY B 145 6.44 -12.04 -35.18
N THR B 146 6.88 -12.29 -33.96
CA THR B 146 8.26 -12.63 -33.71
C THR B 146 8.35 -14.11 -33.38
N PHE B 147 9.58 -14.56 -33.15
CA PHE B 147 9.84 -15.88 -32.60
C PHE B 147 11.19 -15.84 -31.90
N THR B 148 11.20 -16.06 -30.59
CA THR B 148 12.42 -16.01 -29.81
C THR B 148 12.87 -17.44 -29.51
N PHE B 149 14.06 -17.80 -29.95
CA PHE B 149 14.63 -19.09 -29.61
C PHE B 149 15.13 -19.07 -28.17
N LYS B 150 15.42 -20.26 -27.66
CA LYS B 150 16.03 -20.32 -26.35
C LYS B 150 17.54 -20.08 -26.49
N GLU B 151 18.22 -20.05 -25.34
CA GLU B 151 19.64 -19.72 -25.33
C GLU B 151 20.51 -20.89 -25.79
N ASN B 152 19.96 -22.09 -25.84
CA ASN B 152 20.69 -23.29 -26.25
C ASN B 152 20.16 -23.87 -27.57
N THR B 153 19.51 -23.02 -28.37
CA THR B 153 18.63 -23.47 -29.43
C THR B 153 18.82 -22.54 -30.63
N GLY B 154 18.61 -23.08 -31.84
CA GLY B 154 18.56 -22.25 -33.03
C GLY B 154 18.07 -23.02 -34.23
N LEU B 155 18.56 -22.67 -35.42
CA LEU B 155 18.24 -23.40 -36.63
C LEU B 155 19.52 -23.93 -37.24
N TYR B 156 19.38 -24.97 -38.05
CA TYR B 156 20.51 -25.48 -38.82
C TYR B 156 20.10 -25.69 -40.26
N VAL B 157 21.06 -25.55 -41.16
CA VAL B 157 20.87 -25.77 -42.58
C VAL B 157 21.86 -26.84 -43.02
N LEU B 158 21.35 -27.91 -43.59
CA LEU B 158 22.19 -28.94 -44.15
C LEU B 158 22.88 -28.44 -45.41
N ILE B 159 24.12 -28.87 -45.61
CA ILE B 159 24.84 -28.49 -46.81
C ILE B 159 25.78 -29.65 -47.16
N GLU B 160 25.89 -29.94 -48.45
CA GLU B 160 26.90 -30.86 -48.94
C GLU B 160 27.98 -30.03 -49.64
N GLN B 161 29.25 -30.41 -49.38
CA GLN B 161 30.44 -29.86 -50.07
C GLN B 161 30.52 -28.34 -49.92
N THR B 162 30.84 -27.91 -48.70
CA THR B 162 30.91 -26.49 -48.37
C THR B 162 31.97 -25.77 -49.21
N HIS B 163 31.82 -24.46 -49.29
CA HIS B 163 32.57 -23.66 -50.23
C HIS B 163 33.10 -22.40 -49.54
N PRO B 164 34.30 -21.95 -49.88
CA PRO B 164 34.81 -20.69 -49.30
C PRO B 164 34.00 -19.47 -49.67
N LEU B 165 33.39 -19.44 -50.87
CA LEU B 165 32.39 -18.42 -51.19
C LEU B 165 31.17 -18.54 -50.28
N LEU B 166 30.71 -19.77 -50.04
CA LEU B 166 29.64 -19.99 -49.07
C LEU B 166 30.10 -19.68 -47.65
N GLU B 167 31.36 -19.97 -47.34
CA GLU B 167 31.88 -19.71 -46.00
C GLU B 167 31.98 -18.22 -45.72
N GLU B 168 32.17 -17.40 -46.76
CA GLU B 168 32.27 -15.97 -46.51
C GLU B 168 30.95 -15.25 -46.76
N LEU B 169 30.03 -15.86 -47.52
CA LEU B 169 28.72 -15.24 -47.70
C LEU B 169 27.89 -15.35 -46.43
N LEU B 170 28.16 -16.36 -45.61
CA LEU B 170 27.55 -16.39 -44.29
C LEU B 170 28.20 -15.38 -43.36
N GLU B 171 29.44 -14.98 -43.66
CA GLU B 171 30.14 -14.03 -42.80
C GLU B 171 29.63 -12.61 -43.02
N ASN B 172 29.11 -12.30 -44.20
CA ASN B 172 28.44 -11.03 -44.39
C ASN B 172 26.99 -11.06 -43.96
N LEU B 173 26.36 -12.24 -44.03
CA LEU B 173 24.92 -12.33 -43.75
C LEU B 173 24.64 -12.18 -42.26
N GLN B 174 25.60 -12.52 -41.41
CA GLN B 174 25.38 -12.37 -39.97
C GLN B 174 25.42 -10.91 -39.54
N TYR B 175 25.91 -10.01 -40.38
CA TYR B 175 25.90 -8.59 -40.10
C TYR B 175 24.87 -7.83 -40.95
N SER B 176 24.03 -8.55 -41.68
CA SER B 176 22.87 -7.97 -42.35
C SER B 176 21.58 -8.66 -42.03
N GLY B 177 21.63 -9.83 -41.40
CA GLY B 177 20.46 -10.44 -40.82
C GLY B 177 19.65 -11.25 -41.81
N ILE B 178 18.91 -12.22 -41.28
CA ILE B 178 18.08 -13.11 -42.08
C ILE B 178 16.66 -13.02 -41.50
N GLY B 179 15.66 -13.06 -42.36
CA GLY B 179 14.30 -13.02 -41.90
C GLY B 179 13.60 -11.79 -42.42
N GLY B 180 12.45 -11.51 -41.81
CA GLY B 180 11.60 -10.48 -42.37
C GLY B 180 11.76 -9.07 -41.82
N LYS B 181 11.56 -8.83 -40.54
CA LYS B 181 11.49 -7.44 -40.08
C LYS B 181 12.88 -6.89 -39.71
N ARG B 182 13.94 -7.58 -40.14
CA ARG B 182 15.12 -6.90 -40.65
C ARG B 182 14.67 -5.73 -41.53
N ASN B 183 15.19 -4.53 -41.29
CA ASN B 183 16.38 -4.22 -40.53
C ASN B 183 16.06 -3.82 -39.10
N SER B 184 14.79 -3.83 -38.71
CA SER B 184 14.38 -3.07 -37.53
C SER B 184 13.54 -3.89 -36.56
N GLY B 185 14.19 -4.60 -35.63
CA GLY B 185 15.52 -5.15 -35.80
C GLY B 185 15.42 -6.57 -35.33
N TYR B 186 15.46 -7.51 -36.24
CA TYR B 186 15.10 -8.85 -35.83
C TYR B 186 16.04 -9.95 -36.29
N GLY B 187 16.58 -9.85 -37.49
CA GLY B 187 17.49 -10.90 -37.90
C GLY B 187 18.88 -10.70 -37.36
N LYS B 188 19.30 -11.51 -36.40
CA LYS B 188 20.69 -11.41 -35.97
C LYS B 188 21.16 -12.79 -35.52
N PHE B 189 22.19 -13.31 -36.15
CA PHE B 189 22.63 -14.66 -35.85
C PHE B 189 24.14 -14.70 -35.92
N LYS B 190 24.69 -15.84 -35.50
CA LYS B 190 26.14 -16.04 -35.51
C LYS B 190 26.35 -17.51 -35.89
N PHE B 191 26.79 -17.74 -37.12
CA PHE B 191 26.80 -19.10 -37.62
C PHE B 191 28.03 -19.86 -37.11
N GLU B 192 27.94 -21.18 -37.21
CA GLU B 192 29.10 -22.07 -37.09
C GLU B 192 28.89 -23.16 -38.13
N ILE B 193 29.70 -23.15 -39.18
CA ILE B 193 29.69 -24.27 -40.11
C ILE B 193 30.38 -25.45 -39.42
N LEU B 194 29.63 -26.50 -39.17
CA LEU B 194 30.04 -27.59 -38.31
C LEU B 194 29.91 -28.89 -39.09
N GLU B 195 30.70 -29.89 -38.72
CA GLU B 195 30.68 -31.16 -39.43
C GLU B 195 30.32 -32.27 -38.46
N ASP B 196 29.39 -33.14 -38.87
CA ASP B 196 28.81 -34.15 -38.01
C ASP B 196 29.06 -35.54 -38.58
N SER B 197 29.04 -36.53 -37.69
CA SER B 197 29.41 -37.90 -38.03
C SER B 197 28.26 -38.89 -38.03
N ASP B 198 27.19 -38.66 -37.27
CA ASP B 198 26.07 -39.59 -37.33
C ASP B 198 24.96 -39.15 -38.29
N ILE B 199 25.03 -37.94 -38.84
CA ILE B 199 24.04 -37.51 -39.82
C ILE B 199 24.64 -37.18 -41.18
N GLU B 200 25.87 -37.62 -41.46
CA GLU B 200 26.30 -37.70 -42.85
C GLU B 200 26.08 -39.10 -43.40
N ASP B 201 26.08 -40.12 -42.53
CA ASP B 201 25.78 -41.47 -42.96
C ASP B 201 24.30 -41.80 -42.81
N LEU B 202 23.48 -40.85 -42.37
CA LEU B 202 22.05 -40.94 -42.63
C LEU B 202 21.74 -40.53 -44.06
N PHE B 203 22.65 -39.81 -44.70
CA PHE B 203 22.47 -39.45 -46.10
C PHE B 203 23.26 -40.37 -47.01
N SER B 204 24.35 -40.95 -46.51
CA SER B 204 25.04 -41.97 -47.28
C SER B 204 24.21 -43.25 -47.39
N ALA B 205 23.52 -43.61 -46.32
CA ALA B 205 22.67 -44.79 -46.34
C ALA B 205 21.36 -44.51 -47.08
N LYS B 206 20.70 -45.57 -47.51
CA LYS B 206 19.51 -45.44 -48.33
C LYS B 206 18.48 -46.51 -47.98
N GLY B 207 17.22 -46.21 -48.26
CA GLY B 207 16.10 -47.12 -48.08
C GLY B 207 15.32 -47.29 -49.36
N ASN B 208 14.01 -47.03 -49.34
CA ASN B 208 13.19 -47.12 -50.55
C ASN B 208 12.18 -46.00 -50.74
N ARG B 209 11.91 -45.18 -49.72
CA ARG B 209 11.03 -44.03 -49.85
C ARG B 209 11.80 -42.76 -49.50
N LYS B 210 11.78 -41.81 -50.43
CA LYS B 210 12.68 -40.67 -50.41
C LYS B 210 11.93 -39.43 -49.95
N ILE B 211 12.21 -38.96 -48.73
CA ILE B 211 11.49 -37.85 -48.15
C ILE B 211 12.19 -36.57 -48.57
N LEU B 212 11.44 -35.49 -48.68
CA LEU B 212 11.97 -34.23 -49.16
C LEU B 212 12.33 -33.32 -48.00
N LEU B 213 13.45 -32.61 -48.12
CA LEU B 213 13.91 -31.70 -47.08
C LEU B 213 14.26 -30.33 -47.65
N SER B 214 13.58 -29.91 -48.70
CA SER B 214 13.76 -28.56 -49.21
C SER B 214 12.50 -28.15 -49.96
N GLY B 215 12.35 -26.86 -50.17
CA GLY B 215 11.18 -26.36 -50.87
C GLY B 215 11.28 -26.58 -52.37
N ALA B 216 11.14 -27.84 -52.79
CA ALA B 216 11.47 -28.23 -54.14
C ALA B 216 10.28 -28.12 -55.08
N LEU B 217 10.59 -27.93 -56.36
CA LEU B 217 9.59 -27.99 -57.43
C LEU B 217 10.21 -28.77 -58.58
N PRO B 218 9.67 -29.93 -58.91
CA PRO B 218 10.21 -30.73 -60.01
C PRO B 218 9.94 -30.04 -61.34
N LYS B 219 10.84 -30.24 -62.29
CA LYS B 219 10.66 -29.66 -63.61
C LYS B 219 9.52 -30.37 -64.32
N ASP B 220 9.02 -29.72 -65.38
CA ASP B 220 7.82 -30.19 -66.06
C ASP B 220 8.01 -31.52 -66.77
N ALA B 221 9.25 -31.87 -67.11
CA ALA B 221 9.56 -33.14 -67.73
C ALA B 221 9.60 -34.29 -66.73
N GLU B 222 9.64 -34.01 -65.43
CA GLU B 222 9.72 -35.08 -64.45
C GLU B 222 8.70 -34.98 -63.32
N LEU B 223 7.78 -34.02 -63.37
CA LEU B 223 6.78 -33.89 -62.32
C LEU B 223 5.81 -35.08 -62.31
N GLU B 224 5.42 -35.53 -63.50
CA GLU B 224 4.39 -36.55 -63.63
C GLU B 224 4.90 -37.92 -63.17
N GLN B 225 6.22 -38.11 -63.14
CA GLN B 225 6.79 -39.30 -62.53
C GLN B 225 7.28 -39.03 -61.12
N ALA B 226 7.46 -37.75 -60.76
CA ALA B 226 7.79 -37.42 -59.37
C ALA B 226 6.63 -37.72 -58.45
N LEU B 227 5.41 -37.45 -58.90
CA LEU B 227 4.22 -37.73 -58.09
C LEU B 227 3.54 -39.00 -58.62
N LYS B 228 3.99 -40.15 -58.09
CA LYS B 228 3.36 -41.43 -58.39
C LYS B 228 2.78 -42.07 -57.14
N ASN B 229 3.59 -42.25 -56.10
CA ASN B 229 3.09 -42.60 -54.79
C ASN B 229 3.47 -41.52 -53.79
N ALA B 230 3.58 -40.30 -54.28
CA ALA B 230 3.93 -39.15 -53.47
C ALA B 230 2.81 -38.81 -52.51
N SER B 231 3.21 -38.28 -51.36
CA SER B 231 2.30 -37.68 -50.40
C SER B 231 2.92 -36.35 -50.04
N TYR B 232 2.45 -35.29 -50.67
CA TYR B 232 3.05 -33.97 -50.58
C TYR B 232 2.13 -33.02 -49.84
N LEU B 233 2.54 -31.75 -49.85
CA LEU B 233 1.70 -30.65 -49.40
C LEU B 233 2.25 -29.41 -50.09
N LEU B 234 1.52 -28.88 -51.07
CA LEU B 234 2.00 -27.69 -51.77
C LEU B 234 1.99 -26.48 -50.87
N GLU B 235 3.05 -25.68 -50.97
CA GLU B 235 3.15 -24.41 -50.27
C GLU B 235 3.45 -23.34 -51.30
N ARG B 236 2.65 -22.29 -51.33
CA ARG B 236 2.88 -21.21 -52.26
C ARG B 236 4.04 -20.33 -51.81
N ARG B 237 4.90 -19.96 -52.76
CA ARG B 237 6.04 -19.10 -52.50
C ARG B 237 5.94 -17.90 -53.43
N GLY B 238 5.70 -16.73 -52.89
CA GLY B 238 5.55 -15.53 -53.68
C GLY B 238 6.20 -14.35 -52.99
N GLY B 239 5.51 -13.21 -53.05
CA GLY B 239 5.96 -12.01 -52.39
C GLY B 239 6.56 -11.01 -53.36
N PHE B 240 7.05 -9.92 -52.79
CA PHE B 240 7.61 -8.84 -53.57
C PHE B 240 9.11 -9.02 -53.69
N VAL B 241 9.68 -8.54 -54.80
CA VAL B 241 11.13 -8.63 -54.98
C VAL B 241 11.79 -7.62 -54.06
N GLN B 242 12.98 -7.95 -53.57
CA GLN B 242 13.68 -7.10 -52.62
C GLN B 242 14.97 -6.61 -53.27
N SER B 243 14.85 -5.53 -54.03
CA SER B 243 15.99 -4.86 -54.63
C SER B 243 15.56 -3.46 -55.01
N ASP B 244 16.50 -2.53 -54.94
CA ASP B 244 16.27 -1.14 -55.31
C ASP B 244 16.60 -0.87 -56.78
N THR B 245 16.90 -1.91 -57.55
CA THR B 245 17.27 -1.76 -58.94
C THR B 245 16.29 -2.42 -59.90
N TYR B 246 15.37 -3.25 -59.41
CA TYR B 246 14.42 -3.97 -60.25
C TYR B 246 13.27 -3.03 -60.58
N ALA B 247 13.41 -2.30 -61.68
CA ALA B 247 12.39 -1.46 -62.31
C ALA B 247 11.87 -0.33 -61.41
N THR B 248 12.61 0.00 -60.35
CA THR B 248 12.38 1.16 -59.48
C THR B 248 10.96 1.21 -58.92
N ASN B 249 10.48 0.05 -58.45
CA ASN B 249 9.15 -0.09 -57.88
C ASN B 249 9.10 -1.44 -57.17
N LEU B 250 8.60 -1.45 -55.94
CA LEU B 250 8.47 -2.71 -55.20
C LEU B 250 7.35 -3.53 -55.81
N VAL B 251 7.69 -4.51 -56.62
CA VAL B 251 6.69 -5.21 -57.41
C VAL B 251 6.73 -6.70 -57.10
N LYS B 252 5.55 -7.31 -57.00
CA LYS B 252 5.40 -8.72 -56.68
C LYS B 252 5.99 -9.57 -57.78
N LYS B 253 6.53 -10.72 -57.42
CA LYS B 253 7.03 -11.69 -58.38
C LYS B 253 6.03 -12.84 -58.46
N GLN B 254 6.03 -13.54 -59.60
CA GLN B 254 4.98 -14.51 -59.87
C GLN B 254 5.11 -15.72 -58.95
N ASP B 255 3.97 -16.14 -58.41
CA ASP B 255 3.93 -17.12 -57.33
C ASP B 255 4.35 -18.49 -57.82
N LEU B 256 5.12 -19.18 -56.99
CA LEU B 256 5.64 -20.50 -57.33
C LEU B 256 5.15 -21.47 -56.28
N TYR B 257 4.47 -22.51 -56.73
CA TYR B 257 3.88 -23.49 -55.83
C TYR B 257 4.81 -24.69 -55.76
N VAL B 258 5.48 -24.84 -54.63
CA VAL B 258 6.49 -25.87 -54.44
C VAL B 258 5.97 -26.86 -53.42
N PHE B 259 6.63 -28.00 -53.34
CA PHE B 259 6.30 -28.96 -52.30
C PHE B 259 6.88 -28.52 -50.97
N LYS B 260 6.23 -28.93 -49.88
CA LYS B 260 6.76 -28.67 -48.56
C LYS B 260 8.02 -29.51 -48.34
N SER B 261 8.85 -29.06 -47.41
CA SER B 261 10.08 -29.75 -47.05
C SER B 261 9.86 -30.83 -46.01
N GLY B 262 8.66 -31.41 -45.93
CA GLY B 262 8.43 -32.56 -45.10
C GLY B 262 7.62 -33.60 -45.84
N SER B 263 7.64 -33.53 -47.16
CA SER B 263 6.89 -34.45 -48.01
C SER B 263 7.77 -35.64 -48.37
N THR B 264 7.13 -36.74 -48.78
CA THR B 264 7.84 -37.95 -49.14
C THR B 264 7.59 -38.26 -50.61
N PHE B 265 8.41 -39.16 -51.16
CA PHE B 265 8.31 -39.52 -52.57
C PHE B 265 8.74 -40.96 -52.76
N GLU B 266 8.41 -41.50 -53.93
CA GLU B 266 8.89 -42.80 -54.36
C GLU B 266 9.90 -42.70 -55.50
N ASN B 267 9.78 -41.69 -56.35
CA ASN B 267 10.72 -41.46 -57.45
C ASN B 267 11.37 -40.11 -57.24
N SER B 268 12.68 -40.11 -56.98
CA SER B 268 13.41 -38.88 -56.74
C SER B 268 13.53 -38.05 -58.02
N PHE B 269 13.66 -36.74 -57.81
CA PHE B 269 13.80 -35.79 -58.90
C PHE B 269 14.93 -34.83 -58.53
N ASP B 270 15.05 -33.77 -59.32
CA ASP B 270 15.96 -32.67 -59.00
C ASP B 270 15.24 -31.39 -59.42
N GLY B 271 15.21 -30.40 -58.54
CA GLY B 271 14.46 -29.20 -58.84
C GLY B 271 15.18 -28.26 -59.78
N ASP B 272 14.99 -26.96 -59.59
CA ASP B 272 15.62 -25.98 -60.46
C ASP B 272 15.71 -24.65 -59.73
N ILE B 273 16.51 -23.74 -60.29
CA ILE B 273 16.56 -22.36 -59.84
C ILE B 273 15.63 -21.58 -60.76
N TYR B 274 14.36 -21.49 -60.37
CA TYR B 274 13.39 -20.84 -61.22
C TYR B 274 13.52 -19.33 -61.14
N GLN B 275 13.42 -18.68 -62.29
CA GLN B 275 13.49 -17.22 -62.35
C GLN B 275 12.07 -16.68 -62.32
N VAL B 276 11.59 -16.36 -61.12
CA VAL B 276 10.20 -15.94 -60.95
C VAL B 276 10.18 -14.43 -61.11
N GLY B 277 9.73 -13.99 -62.28
CA GLY B 277 9.56 -12.57 -62.54
C GLY B 277 9.52 -12.20 -64.00
N LYS B 278 8.64 -11.26 -64.36
CA LYS B 278 8.63 -10.68 -65.69
C LYS B 278 9.60 -9.50 -65.70
N LYS B 279 9.41 -8.57 -66.65
CA LYS B 279 10.37 -7.54 -67.05
C LYS B 279 10.98 -6.76 -65.89
N GLY B 280 12.31 -6.63 -65.93
CA GLY B 280 13.04 -6.05 -64.84
C GLY B 280 14.52 -6.04 -65.16
N ASN B 281 15.31 -5.53 -64.22
CA ASN B 281 16.71 -5.23 -64.50
C ASN B 281 17.67 -6.35 -64.11
N HIS B 282 17.21 -7.38 -63.41
CA HIS B 282 18.04 -8.49 -63.04
C HIS B 282 17.16 -9.72 -62.84
N PRO B 283 17.69 -10.93 -63.02
CA PRO B 283 16.84 -12.11 -62.83
C PRO B 283 16.63 -12.41 -61.35
N VAL B 284 15.36 -12.49 -60.96
CA VAL B 284 14.98 -12.76 -59.58
C VAL B 284 14.84 -14.27 -59.44
N TYR B 285 15.74 -14.89 -58.69
CA TYR B 285 15.82 -16.34 -58.61
C TYR B 285 15.09 -16.86 -57.37
N LYS B 286 14.73 -18.13 -57.44
CA LYS B 286 14.04 -18.82 -56.36
C LYS B 286 14.55 -20.24 -56.29
N TYR B 287 15.12 -20.62 -55.16
CA TYR B 287 15.71 -21.93 -55.01
C TYR B 287 14.64 -23.00 -54.86
N ALA B 288 14.44 -23.79 -55.89
CA ALA B 288 13.47 -24.87 -55.78
C ALA B 288 14.14 -26.21 -56.04
N LYS B 289 15.43 -26.33 -55.74
CA LYS B 289 16.04 -27.64 -55.80
C LYS B 289 15.67 -28.49 -54.60
N SER B 290 15.95 -29.77 -54.71
CA SER B 290 15.55 -30.77 -53.73
C SER B 290 16.74 -31.26 -52.92
N PHE B 291 16.43 -31.96 -51.84
CA PHE B 291 17.46 -32.52 -50.96
C PHE B 291 16.80 -33.68 -50.23
N PHE B 292 17.08 -34.91 -50.68
CA PHE B 292 16.33 -36.06 -50.22
C PHE B 292 17.04 -36.80 -49.10
N LEU B 293 16.24 -37.37 -48.22
CA LEU B 293 16.69 -38.23 -47.13
C LEU B 293 16.05 -39.58 -47.35
N GLU B 294 16.76 -40.50 -47.98
CA GLU B 294 16.18 -41.79 -48.32
C GLU B 294 16.07 -42.66 -47.09
N VAL B 295 14.88 -43.23 -46.85
CA VAL B 295 14.64 -44.08 -45.70
C VAL B 295 13.76 -45.24 -46.15
N SER B 296 13.83 -46.34 -45.42
CA SER B 296 13.15 -47.58 -45.81
C SER B 296 11.77 -47.65 -45.18
N VAL B 297 10.73 -47.51 -46.01
CA VAL B 297 9.36 -47.82 -45.61
C VAL B 297 8.52 -48.18 -46.83
N MET C 1 31.72 -3.78 -46.89
CA MET C 1 32.24 -3.69 -45.53
C MET C 1 31.15 -3.44 -44.51
N LYS C 2 31.08 -4.29 -43.50
CA LYS C 2 30.09 -4.14 -42.43
C LYS C 2 30.78 -3.56 -41.20
N LEU C 3 30.37 -2.37 -40.81
CA LEU C 3 30.85 -1.74 -39.58
C LEU C 3 29.80 -1.92 -38.50
N VAL C 4 30.27 -2.04 -37.26
CA VAL C 4 29.42 -2.22 -36.10
C VAL C 4 29.51 -0.97 -35.24
N ILE C 5 28.40 -0.25 -35.10
CA ILE C 5 28.33 0.91 -34.22
C ILE C 5 27.90 0.38 -32.86
N GLU C 6 28.79 0.45 -31.87
CA GLU C 6 28.54 -0.12 -30.57
C GLU C 6 28.49 1.01 -29.55
N GLY C 7 27.63 0.89 -28.56
CA GLY C 7 27.44 1.94 -27.59
C GLY C 7 26.66 1.46 -26.39
N THR C 8 26.16 2.42 -25.61
CA THR C 8 25.43 2.08 -24.40
C THR C 8 24.45 3.21 -24.05
N ILE C 9 23.17 2.87 -23.96
CA ILE C 9 22.12 3.80 -23.57
C ILE C 9 21.93 3.70 -22.06
N VAL C 10 22.15 4.80 -21.35
CA VAL C 10 21.87 4.86 -19.92
C VAL C 10 20.64 5.75 -19.69
N LEU C 11 19.71 5.27 -18.88
CA LEU C 11 18.46 5.97 -18.65
C LEU C 11 18.64 6.99 -17.53
N LYS C 12 18.40 8.25 -17.83
CA LYS C 12 18.41 9.28 -16.81
C LYS C 12 17.04 9.48 -16.16
N THR C 13 15.99 8.87 -16.71
CA THR C 13 14.63 8.88 -16.17
C THR C 13 14.06 7.48 -16.35
N GLY C 14 12.73 7.38 -16.29
CA GLY C 14 12.08 6.08 -16.30
C GLY C 14 12.22 5.34 -17.62
N MET C 15 11.71 5.92 -18.71
CA MET C 15 11.58 5.29 -20.03
C MET C 15 10.70 4.05 -19.96
N HIS C 16 9.42 4.33 -19.76
CA HIS C 16 8.38 3.41 -20.20
C HIS C 16 8.45 3.30 -21.71
N ILE C 17 8.31 2.07 -22.23
CA ILE C 17 8.41 1.84 -23.66
C ILE C 17 7.47 0.70 -24.01
N GLY C 18 6.97 0.70 -25.24
CA GLY C 18 6.32 -0.46 -25.78
C GLY C 18 4.91 -0.70 -25.30
N GLY C 19 4.22 -1.58 -26.02
CA GLY C 19 2.85 -1.91 -25.69
C GLY C 19 2.68 -3.41 -25.66
N SER C 20 1.72 -3.86 -24.87
CA SER C 20 1.40 -5.27 -24.75
C SER C 20 -0.10 -5.45 -24.81
N SER C 21 -0.49 -6.64 -25.29
CA SER C 21 -1.88 -7.09 -25.26
C SER C 21 -2.18 -7.90 -24.01
N ASP C 22 -1.31 -7.83 -23.02
CA ASP C 22 -1.40 -8.67 -21.84
C ASP C 22 -2.56 -8.20 -20.97
N PHE C 23 -3.24 -9.15 -20.32
CA PHE C 23 -4.38 -8.78 -19.50
C PHE C 23 -3.93 -8.18 -18.18
N SER C 24 -4.64 -7.13 -17.75
CA SER C 24 -4.34 -6.45 -16.51
C SER C 24 -5.45 -6.71 -15.52
N ALA C 25 -5.10 -6.92 -14.26
CA ALA C 25 -6.09 -7.06 -13.20
C ALA C 25 -6.59 -5.68 -12.79
N ILE C 26 -7.35 -5.63 -11.69
CA ILE C 26 -7.98 -4.37 -11.30
C ILE C 26 -6.97 -3.43 -10.61
N GLY C 27 -6.32 -3.87 -9.54
CA GLY C 27 -5.20 -3.09 -9.07
C GLY C 27 -3.91 -3.68 -9.61
N ALA C 28 -3.45 -3.20 -10.75
CA ALA C 28 -2.34 -3.81 -11.47
C ALA C 28 -1.93 -2.85 -12.57
N VAL C 29 -0.76 -3.10 -13.15
CA VAL C 29 -0.20 -2.23 -14.15
C VAL C 29 -0.94 -2.40 -15.47
N ALA C 30 -1.58 -1.32 -15.92
CA ALA C 30 -2.07 -1.23 -17.28
C ALA C 30 -0.97 -0.58 -18.12
N SER C 31 -0.85 -1.05 -19.36
CA SER C 31 0.30 -0.81 -20.23
C SER C 31 1.61 -1.17 -19.54
N PRO C 32 1.94 -2.46 -19.40
CA PRO C 32 3.26 -2.81 -18.91
C PRO C 32 4.31 -2.64 -20.00
N VAL C 33 5.57 -2.64 -19.57
CA VAL C 33 6.67 -2.40 -20.50
C VAL C 33 6.97 -3.70 -21.26
N VAL C 34 7.52 -3.56 -22.47
CA VAL C 34 7.85 -4.74 -23.28
C VAL C 34 9.08 -5.42 -22.72
N ARG C 35 9.06 -6.75 -22.72
CA ARG C 35 10.16 -7.55 -22.21
C ARG C 35 10.54 -8.58 -23.27
N ASP C 36 11.70 -9.19 -23.09
CA ASP C 36 12.05 -10.34 -23.91
C ASP C 36 11.14 -11.50 -23.53
N THR C 37 10.75 -12.31 -24.52
CA THR C 37 9.65 -13.24 -24.29
C THR C 37 10.11 -14.48 -23.56
N LEU C 38 11.43 -14.68 -23.47
CA LEU C 38 11.96 -15.83 -22.73
C LEU C 38 12.62 -15.42 -21.43
N THR C 39 13.58 -14.50 -21.49
CA THR C 39 14.34 -14.12 -20.31
C THR C 39 13.63 -13.10 -19.43
N ARG C 40 12.62 -12.41 -19.96
CA ARG C 40 11.83 -11.39 -19.27
C ARG C 40 12.69 -10.25 -18.72
N LEU C 41 13.80 -9.94 -19.39
CA LEU C 41 14.47 -8.67 -19.10
C LEU C 41 13.73 -7.55 -19.83
N PRO C 42 13.74 -6.34 -19.28
CA PRO C 42 13.19 -5.20 -20.02
C PRO C 42 14.00 -4.94 -21.27
N LEU C 43 13.30 -4.56 -22.34
CA LEU C 43 13.87 -4.55 -23.67
C LEU C 43 13.53 -3.25 -24.37
N ILE C 44 14.51 -2.69 -25.08
CA ILE C 44 14.28 -1.62 -26.05
C ILE C 44 14.23 -2.28 -27.42
N PRO C 45 13.13 -2.17 -28.16
CA PRO C 45 13.13 -2.68 -29.53
C PRO C 45 14.06 -1.85 -30.40
N GLY C 46 14.59 -2.48 -31.44
CA GLY C 46 15.36 -1.74 -32.40
C GLY C 46 14.50 -0.81 -33.24
N SER C 47 13.22 -1.12 -33.37
CA SER C 47 12.32 -0.28 -34.13
C SER C 47 12.02 1.03 -33.41
N SER C 48 11.94 0.98 -32.08
CA SER C 48 11.66 2.19 -31.31
C SER C 48 12.82 3.16 -31.37
N LEU C 49 14.04 2.64 -31.19
CA LEU C 49 15.24 3.45 -31.31
C LEU C 49 15.40 3.98 -32.73
N LYS C 50 15.13 3.13 -33.73
CA LYS C 50 15.26 3.54 -35.11
C LYS C 50 14.26 4.63 -35.48
N GLY C 51 13.00 4.46 -35.07
CA GLY C 51 11.99 5.44 -35.38
C GLY C 51 12.20 6.75 -34.66
N LYS C 52 12.68 6.69 -33.42
CA LYS C 52 12.93 7.94 -32.70
C LYS C 52 14.13 8.68 -33.28
N MET C 53 15.18 7.95 -33.66
CA MET C 53 16.33 8.57 -34.32
C MET C 53 15.95 9.17 -35.66
N ARG C 54 15.13 8.45 -36.44
CA ARG C 54 14.66 8.98 -37.72
C ARG C 54 13.80 10.21 -37.53
N TYR C 55 12.95 10.21 -36.51
CA TYR C 55 12.08 11.35 -36.23
C TYR C 55 12.90 12.58 -35.89
N LEU C 56 13.92 12.43 -35.05
CA LEU C 56 14.72 13.58 -34.65
C LEU C 56 15.60 14.06 -35.79
N LEU C 57 16.18 13.15 -36.57
CA LEU C 57 17.03 13.56 -37.68
C LEU C 57 16.23 14.21 -38.80
N ALA C 58 15.05 13.68 -39.10
CA ALA C 58 14.23 14.29 -40.15
C ALA C 58 13.57 15.56 -39.67
N LYS C 59 13.38 15.71 -38.36
CA LYS C 59 12.92 16.99 -37.83
C LYS C 59 14.00 18.05 -37.94
N GLU C 60 15.25 17.72 -37.63
CA GLU C 60 16.31 18.71 -37.69
C GLU C 60 16.79 18.99 -39.11
N LEU C 61 17.25 17.97 -39.83
CA LEU C 61 17.94 18.15 -41.10
C LEU C 61 17.04 18.70 -42.21
N ASN C 62 15.75 18.45 -42.15
CA ASN C 62 14.81 18.99 -43.11
C ASN C 62 14.25 20.30 -42.57
N ASN C 63 14.09 21.28 -43.45
CA ASN C 63 13.67 22.63 -43.07
C ASN C 63 12.53 23.10 -43.97
N GLY C 64 11.54 22.24 -44.17
CA GLY C 64 10.39 22.60 -44.98
C GLY C 64 10.53 22.14 -46.43
N ILE C 65 11.29 21.07 -46.65
CA ILE C 65 11.48 20.54 -47.99
C ILE C 65 10.23 19.77 -48.41
N ASP C 73 11.50 14.16 -47.75
CA ASP C 73 12.80 13.93 -47.11
C ASP C 73 13.88 13.89 -48.19
N GLN C 74 15.02 14.52 -47.94
CA GLN C 74 16.13 14.34 -48.86
C GLN C 74 16.93 13.10 -48.50
N ASP C 75 17.91 12.77 -49.36
CA ASP C 75 18.42 11.42 -49.42
C ASP C 75 19.32 11.06 -48.25
N GLU C 76 19.79 12.05 -47.47
CA GLU C 76 20.70 11.78 -46.37
C GLU C 76 20.04 11.04 -45.22
N ILE C 77 18.71 10.95 -45.20
CA ILE C 77 17.98 10.14 -44.25
C ILE C 77 17.54 8.82 -44.87
N LEU C 78 17.20 8.84 -46.16
CA LEU C 78 16.78 7.62 -46.85
C LEU C 78 17.94 6.66 -47.04
N ARG C 79 19.17 7.17 -47.15
CA ARG C 79 20.30 6.25 -47.29
C ARG C 79 20.64 5.61 -45.96
N LEU C 80 20.21 6.21 -44.84
CA LEU C 80 20.51 5.67 -43.54
C LEU C 80 19.44 4.68 -43.11
N PHE C 81 18.17 5.04 -43.30
CA PHE C 81 17.07 4.27 -42.76
C PHE C 81 16.24 3.55 -43.82
N GLY C 82 16.43 3.86 -45.10
CA GLY C 82 15.76 3.12 -46.15
C GLY C 82 14.43 3.74 -46.54
N SER C 83 14.01 3.43 -47.75
CA SER C 83 12.70 3.86 -48.21
C SER C 83 12.20 2.85 -49.23
N SER C 84 10.88 2.79 -49.37
CA SER C 84 10.25 1.98 -50.39
C SER C 84 9.12 2.75 -51.03
N GLU C 85 9.39 3.99 -51.41
CA GLU C 85 8.39 4.79 -52.09
C GLU C 85 8.33 4.40 -53.57
N LYS C 86 7.65 5.21 -54.37
CA LYS C 86 7.43 4.83 -55.76
C LYS C 86 8.66 4.97 -56.62
N ASP C 87 9.53 5.90 -56.33
CA ASP C 87 10.66 6.11 -57.23
C ASP C 87 12.00 6.12 -56.52
N LYS C 88 12.06 6.62 -55.29
CA LYS C 88 13.30 6.70 -54.54
C LYS C 88 13.37 5.55 -53.54
N ILE C 89 13.67 4.37 -54.07
CA ILE C 89 13.86 3.19 -53.22
C ILE C 89 15.33 3.09 -52.87
N ARG C 90 15.63 3.07 -51.58
CA ARG C 90 17.00 2.94 -51.12
C ARG C 90 17.11 1.85 -50.07
N ARG C 91 18.14 1.04 -50.20
CA ARG C 91 18.42 0.00 -49.22
C ARG C 91 18.96 0.64 -47.95
N ALA C 92 18.42 0.23 -46.82
CA ALA C 92 18.80 0.84 -45.54
C ALA C 92 20.19 0.40 -45.13
N ARG C 93 21.07 1.37 -44.88
CA ARG C 93 22.42 1.03 -44.48
C ARG C 93 22.48 0.56 -43.03
N LEU C 94 21.82 1.26 -42.12
CA LEU C 94 21.84 0.87 -40.72
C LEU C 94 20.89 -0.28 -40.46
N LYS C 95 21.36 -1.21 -39.63
CA LYS C 95 20.61 -2.41 -39.25
C LYS C 95 20.52 -2.39 -37.73
N PHE C 96 19.43 -1.83 -37.21
CA PHE C 96 19.24 -1.78 -35.77
C PHE C 96 18.93 -3.16 -35.23
N ASN C 97 19.13 -3.32 -33.93
CA ASN C 97 18.94 -4.60 -33.27
C ASN C 97 18.17 -4.40 -31.99
N ASP C 98 17.52 -5.46 -31.53
CA ASP C 98 16.76 -5.42 -30.28
C ASP C 98 17.72 -5.36 -29.11
N ILE C 99 17.57 -4.33 -28.29
CA ILE C 99 18.49 -4.04 -27.19
C ILE C 99 17.89 -4.59 -25.91
N LYS C 100 18.65 -5.44 -25.23
CA LYS C 100 18.21 -6.02 -23.98
C LYS C 100 18.93 -5.33 -22.82
N LEU C 101 18.48 -5.63 -21.60
CA LEU C 101 19.07 -5.00 -20.43
C LEU C 101 20.46 -5.54 -20.18
N SER C 102 21.42 -4.63 -20.03
CA SER C 102 22.82 -4.98 -19.91
C SER C 102 23.27 -5.18 -18.48
N ASN C 103 23.08 -4.19 -17.62
CA ASN C 103 23.64 -4.20 -16.27
C ASN C 103 22.64 -4.71 -15.23
N LEU C 104 22.15 -5.94 -15.39
CA LEU C 104 21.37 -6.53 -14.31
C LEU C 104 22.26 -6.93 -13.14
N ALA C 105 23.56 -7.17 -13.40
CA ALA C 105 24.48 -7.45 -12.31
C ALA C 105 24.74 -6.21 -11.47
N GLU C 106 24.62 -5.03 -12.06
CA GLU C 106 24.78 -3.80 -11.31
C GLU C 106 23.55 -3.52 -10.44
N LEU C 107 22.36 -3.84 -10.93
CA LEU C 107 21.15 -3.51 -10.20
C LEU C 107 20.94 -4.43 -9.01
N GLU C 108 21.43 -5.67 -9.10
CA GLU C 108 21.32 -6.57 -7.96
C GLU C 108 22.39 -6.25 -6.91
N THR C 109 23.40 -5.47 -7.28
CA THR C 109 24.33 -4.96 -6.28
C THR C 109 23.71 -3.83 -5.48
N PHE C 110 22.84 -3.04 -6.12
CA PHE C 110 22.12 -1.98 -5.44
C PHE C 110 20.80 -2.47 -4.86
N ASN C 111 20.53 -3.78 -4.96
CA ASN C 111 19.38 -4.45 -4.35
C ASN C 111 18.05 -3.90 -4.86
N VAL C 112 18.00 -3.59 -6.16
CA VAL C 112 16.79 -3.10 -6.80
C VAL C 112 16.50 -4.00 -7.99
N SER C 113 15.23 -3.99 -8.42
CA SER C 113 14.83 -4.79 -9.56
C SER C 113 15.14 -4.02 -10.84
N SER C 114 14.72 -4.57 -11.98
CA SER C 114 14.97 -3.97 -13.28
C SER C 114 13.89 -2.97 -13.69
N THR C 115 12.79 -2.90 -12.95
CA THR C 115 11.67 -2.06 -13.34
C THR C 115 10.86 -1.71 -12.09
N GLU C 116 10.06 -0.66 -12.21
CA GLU C 116 9.27 -0.10 -11.13
C GLU C 116 7.86 0.14 -11.60
N VAL C 117 6.97 0.41 -10.66
CA VAL C 117 5.57 0.70 -10.97
C VAL C 117 5.35 2.17 -10.62
N LYS C 118 5.06 2.97 -11.65
CA LYS C 118 4.79 4.38 -11.42
C LYS C 118 3.30 4.62 -11.28
N PHE C 119 2.91 5.29 -10.20
CA PHE C 119 1.51 5.57 -9.91
C PHE C 119 1.17 6.98 -10.35
N GLU C 120 0.20 7.08 -11.26
CA GLU C 120 -0.22 8.38 -11.78
C GLU C 120 -1.74 8.46 -11.67
N ASN C 121 -2.26 9.65 -11.92
CA ASN C 121 -3.70 9.83 -12.04
C ASN C 121 -3.96 11.06 -12.90
N THR C 122 -5.25 11.31 -13.15
CA THR C 122 -5.65 12.57 -13.75
C THR C 122 -6.82 13.14 -12.98
N ILE C 123 -6.87 14.47 -12.92
CA ILE C 123 -7.94 15.19 -12.24
C ILE C 123 -8.82 15.82 -13.30
N ASN C 124 -10.10 15.51 -13.26
CA ASN C 124 -11.08 16.18 -14.11
C ASN C 124 -11.23 17.61 -13.64
N ARG C 125 -11.34 18.55 -14.58
CA ARG C 125 -11.44 19.93 -14.14
C ARG C 125 -12.86 20.30 -13.75
N LYS C 126 -13.84 19.48 -14.11
CA LYS C 126 -15.22 19.77 -13.78
C LYS C 126 -15.70 19.12 -12.49
N THR C 127 -15.28 17.89 -12.21
CA THR C 127 -15.75 17.19 -11.02
C THR C 127 -14.64 16.84 -10.05
N ALA C 128 -13.38 17.16 -10.38
CA ALA C 128 -12.20 17.03 -9.51
C ALA C 128 -12.02 15.62 -8.96
N VAL C 129 -12.39 14.62 -9.75
CA VAL C 129 -12.26 13.24 -9.32
C VAL C 129 -10.98 12.69 -9.92
N ALA C 130 -10.31 11.85 -9.16
CA ALA C 130 -9.08 11.26 -9.65
C ALA C 130 -9.39 10.07 -10.54
N ASN C 131 -8.36 9.58 -11.22
CA ASN C 131 -8.51 8.44 -12.12
C ASN C 131 -7.16 7.76 -12.16
N PRO C 132 -6.88 6.87 -11.22
CA PRO C 132 -5.51 6.39 -11.03
C PRO C 132 -5.10 5.36 -12.07
N ARG C 133 -3.88 5.49 -12.53
CA ARG C 133 -3.29 4.55 -13.46
C ARG C 133 -1.95 4.10 -12.90
N GLN C 134 -1.55 2.90 -13.28
CA GLN C 134 -0.24 2.38 -12.92
C GLN C 134 0.51 2.07 -14.21
N ILE C 135 1.61 2.78 -14.45
CA ILE C 135 2.43 2.53 -15.61
C ILE C 135 3.78 1.96 -15.15
N GLU C 136 4.22 0.89 -15.80
CA GLU C 136 5.43 0.19 -15.41
C GLU C 136 6.60 0.67 -16.24
N ARG C 137 7.49 1.43 -15.63
CA ARG C 137 8.67 1.93 -16.31
C ARG C 137 9.89 1.14 -15.88
N VAL C 138 10.94 1.21 -16.70
CA VAL C 138 12.27 0.76 -16.32
C VAL C 138 12.78 1.76 -15.29
N ILE C 139 13.61 1.30 -14.34
CA ILE C 139 14.12 2.26 -13.37
C ILE C 139 15.25 3.05 -14.01
N ALA C 140 15.50 4.23 -13.47
CA ALA C 140 16.56 5.07 -13.99
C ALA C 140 17.92 4.54 -13.57
N GLY C 141 18.93 4.84 -14.38
CA GLY C 141 20.26 4.36 -14.10
C GLY C 141 20.57 2.96 -14.59
N SER C 142 19.74 2.40 -15.47
CA SER C 142 20.00 1.11 -16.09
C SER C 142 20.59 1.33 -17.48
N LYS C 143 21.69 0.63 -17.76
CA LYS C 143 22.40 0.76 -19.02
C LYS C 143 21.84 -0.22 -20.06
N PHE C 144 22.02 0.12 -21.34
CA PHE C 144 21.48 -0.67 -22.45
C PHE C 144 22.55 -0.75 -23.53
N ASP C 145 23.23 -1.89 -23.63
CA ASP C 145 24.30 -2.04 -24.61
C ASP C 145 23.72 -2.42 -25.96
N PHE C 146 23.97 -1.61 -26.99
CA PHE C 146 23.40 -1.85 -28.31
C PHE C 146 24.49 -2.08 -29.35
N GLU C 147 24.07 -2.60 -30.50
CA GLU C 147 24.94 -2.79 -31.67
C GLU C 147 24.13 -2.41 -32.90
N ILE C 148 24.63 -1.46 -33.67
CA ILE C 148 23.98 -0.99 -34.90
C ILE C 148 24.91 -1.29 -36.06
N PHE C 149 24.53 -2.26 -36.90
CA PHE C 149 25.37 -2.67 -38.00
C PHE C 149 25.24 -1.69 -39.16
N TYR C 150 26.37 -1.12 -39.57
CA TYR C 150 26.41 -0.19 -40.70
C TYR C 150 26.96 -0.94 -41.90
N ASN C 151 26.30 -0.80 -43.03
CA ASN C 151 26.73 -1.47 -44.25
C ASN C 151 27.39 -0.45 -45.18
N LEU C 152 28.72 -0.42 -45.16
CA LEU C 152 29.51 0.50 -45.96
C LEU C 152 29.61 -0.05 -47.37
N ASP C 153 28.97 0.62 -48.31
CA ASP C 153 29.17 0.34 -49.72
C ASP C 153 29.56 1.57 -50.54
N ASP C 154 29.20 2.77 -50.10
CA ASP C 154 29.64 4.02 -50.71
C ASP C 154 30.66 4.63 -49.76
N ILE C 155 31.94 4.43 -50.06
CA ILE C 155 33.03 4.90 -49.21
C ILE C 155 33.17 6.41 -49.23
N LYS C 156 32.56 7.09 -50.20
CA LYS C 156 32.62 8.54 -50.29
C LYS C 156 31.82 9.24 -49.19
N GLU C 157 30.68 8.68 -48.78
CA GLU C 157 29.74 9.37 -47.93
C GLU C 157 29.61 8.76 -46.53
N VAL C 158 30.54 7.88 -46.14
CA VAL C 158 30.51 7.32 -44.79
C VAL C 158 30.81 8.40 -43.76
N GLU C 159 31.56 9.44 -44.16
CA GLU C 159 31.89 10.54 -43.26
C GLU C 159 30.63 11.33 -42.89
N LYS C 160 29.86 11.71 -43.91
CA LYS C 160 28.62 12.45 -43.69
C LYS C 160 27.58 11.58 -42.99
N ASP C 161 27.56 10.28 -43.29
CA ASP C 161 26.58 9.41 -42.63
C ASP C 161 26.91 9.20 -41.17
N PHE C 162 28.20 9.10 -40.82
CA PHE C 162 28.50 8.93 -39.40
C PHE C 162 28.40 10.25 -38.64
N GLU C 163 28.62 11.39 -39.32
CA GLU C 163 28.27 12.68 -38.73
C GLU C 163 26.79 12.77 -38.45
N ASN C 164 25.96 12.27 -39.38
CA ASN C 164 24.51 12.32 -39.19
C ASN C 164 24.06 11.35 -38.09
N ILE C 165 24.73 10.21 -37.95
CA ILE C 165 24.41 9.27 -36.88
C ILE C 165 24.75 9.87 -35.52
N LYS C 166 25.91 10.54 -35.43
CA LYS C 166 26.27 11.20 -34.17
C LYS C 166 25.33 12.36 -33.87
N GLN C 167 24.87 13.08 -34.90
CA GLN C 167 23.89 14.13 -34.69
C GLN C 167 22.56 13.56 -34.22
N GLY C 168 22.17 12.41 -34.74
CA GLY C 168 20.95 11.77 -34.26
C GLY C 168 21.07 11.29 -32.82
N PHE C 169 22.24 10.81 -32.45
CA PHE C 169 22.49 10.41 -31.07
C PHE C 169 22.43 11.61 -30.12
N ASP C 170 23.08 12.73 -30.48
CA ASP C 170 23.07 13.85 -29.55
C ASP C 170 21.78 14.66 -29.63
N LEU C 171 20.95 14.47 -30.66
CA LEU C 171 19.60 15.00 -30.62
C LEU C 171 18.71 14.13 -29.73
N LEU C 172 18.98 12.82 -29.71
CA LEU C 172 18.24 11.94 -28.83
C LEU C 172 18.69 12.09 -27.38
N GLU C 173 19.86 12.70 -27.16
CA GLU C 173 20.30 12.97 -25.80
C GLU C 173 19.43 14.01 -25.09
N PHE C 174 18.64 14.77 -25.84
CA PHE C 174 17.77 15.79 -25.27
C PHE C 174 16.29 15.47 -25.39
N ASP C 175 15.92 14.39 -26.04
CA ASP C 175 14.52 13.95 -26.06
C ASP C 175 14.41 12.57 -25.45
N TYR C 176 13.16 12.14 -25.32
CA TYR C 176 12.86 10.86 -24.70
C TYR C 176 13.05 9.73 -25.70
N LEU C 177 12.98 8.49 -25.22
CA LEU C 177 13.13 7.36 -26.13
C LEU C 177 11.82 6.64 -26.38
N GLY C 178 10.82 6.84 -25.54
CA GLY C 178 9.54 6.25 -25.82
C GLY C 178 8.60 6.45 -24.65
N GLY C 179 7.35 6.11 -24.89
CA GLY C 179 6.38 6.18 -23.83
C GLY C 179 6.06 7.61 -23.44
N HIS C 180 5.60 7.76 -22.21
CA HIS C 180 5.01 9.01 -21.72
C HIS C 180 6.10 10.04 -21.48
N GLY C 181 6.66 10.54 -22.59
CA GLY C 181 7.91 11.25 -22.52
C GLY C 181 7.77 12.66 -22.02
N THR C 182 6.75 13.37 -22.46
CA THR C 182 6.53 14.75 -22.06
C THR C 182 6.23 14.90 -20.57
N ARG C 183 5.68 13.87 -19.96
CA ARG C 183 5.33 13.88 -18.55
C ARG C 183 6.42 13.25 -17.70
N GLY C 184 7.67 13.46 -18.07
CA GLY C 184 8.79 13.15 -17.19
C GLY C 184 9.29 11.73 -17.22
N SER C 185 9.57 11.20 -18.40
CA SER C 185 10.22 9.90 -18.52
C SER C 185 10.88 9.84 -19.88
N GLY C 186 11.72 8.84 -20.05
CA GLY C 186 12.30 8.60 -21.35
C GLY C 186 13.67 9.17 -21.59
N ARG C 187 14.18 10.03 -20.71
CA ARG C 187 15.44 10.71 -20.96
C ARG C 187 16.60 9.74 -20.93
N ILE C 188 17.35 9.69 -22.02
CA ILE C 188 18.43 8.74 -22.19
C ILE C 188 19.74 9.51 -22.37
N ALA C 189 20.83 8.78 -22.27
CA ALA C 189 22.15 9.32 -22.52
C ALA C 189 23.01 8.23 -23.11
N PHE C 190 23.80 8.59 -24.12
CA PHE C 190 24.67 7.67 -24.82
C PHE C 190 26.07 7.78 -24.24
N GLU C 191 26.71 6.64 -24.05
CA GLU C 191 28.09 6.62 -23.61
C GLU C 191 28.77 5.42 -24.21
N ASN C 192 30.10 5.50 -24.29
CA ASN C 192 30.97 4.46 -24.84
C ASN C 192 30.63 4.12 -26.27
N LEU C 193 30.40 5.15 -27.08
CA LEU C 193 30.18 4.94 -28.50
C LEU C 193 31.50 4.59 -29.18
N SER C 194 31.50 3.50 -29.94
CA SER C 194 32.71 3.03 -30.62
C SER C 194 32.33 2.21 -31.84
N VAL C 195 33.17 2.31 -32.87
CA VAL C 195 32.93 1.70 -34.17
C VAL C 195 34.03 0.70 -34.45
N ILE C 196 33.66 -0.52 -34.85
CA ILE C 196 34.63 -1.57 -35.12
C ILE C 196 34.18 -2.35 -36.34
N THR C 197 35.10 -2.55 -37.29
CA THR C 197 34.80 -3.19 -38.56
C THR C 197 34.58 -4.69 -38.34
N ALA C 198 33.43 -5.18 -38.79
CA ALA C 198 33.09 -6.59 -38.57
C ALA C 198 33.74 -7.49 -39.60
N VAL C 199 33.39 -7.31 -40.87
CA VAL C 199 34.05 -8.03 -41.96
C VAL C 199 34.70 -7.01 -42.88
N GLY C 200 35.76 -7.43 -43.55
CA GLY C 200 36.61 -6.51 -44.25
C GLY C 200 37.55 -5.80 -43.29
N ASN C 201 38.43 -5.01 -43.86
CA ASN C 201 39.32 -4.13 -43.09
C ASN C 201 39.14 -2.72 -43.67
N PHE C 202 38.52 -1.85 -42.90
CA PHE C 202 38.35 -0.46 -43.30
C PHE C 202 39.60 0.29 -42.92
N GLU C 203 40.10 1.12 -43.84
CA GLU C 203 41.27 1.93 -43.56
C GLU C 203 40.95 3.05 -42.58
N LYS C 204 39.99 3.90 -42.94
CA LYS C 204 39.73 5.13 -42.18
C LYS C 204 38.63 4.86 -41.16
N ILE C 205 38.90 3.92 -40.26
CA ILE C 205 38.04 3.71 -39.10
C ILE C 205 38.38 4.63 -37.95
N ASN C 206 39.57 5.25 -37.95
CA ASN C 206 39.94 6.17 -36.88
C ASN C 206 39.14 7.46 -36.96
N THR C 207 38.86 7.94 -38.18
CA THR C 207 38.08 9.17 -38.30
C THR C 207 36.62 8.94 -37.97
N LEU C 208 36.12 7.72 -38.16
CA LEU C 208 34.76 7.41 -37.74
C LEU C 208 34.69 7.28 -36.22
N ASN C 209 35.70 6.65 -35.62
CA ASN C 209 35.70 6.54 -34.16
C ASN C 209 36.08 7.84 -33.49
N GLU C 210 36.56 8.83 -34.26
CA GLU C 210 36.79 10.15 -33.71
C GLU C 210 35.62 11.09 -33.99
N ILE C 211 34.75 10.74 -34.93
CA ILE C 211 33.47 11.45 -35.06
C ILE C 211 32.56 11.12 -33.89
N LEU C 212 32.45 9.83 -33.55
CA LEU C 212 31.69 9.44 -32.36
C LEU C 212 32.47 9.69 -31.08
N GLY C 213 33.63 9.07 -30.93
CA GLY C 213 34.34 9.10 -29.66
C GLY C 213 34.98 10.42 -29.32
N ALA C 214 34.16 11.43 -29.06
CA ALA C 214 34.62 12.75 -28.70
C ALA C 214 33.66 13.38 -27.70
N MET D 1 -7.50 35.79 -9.58
CA MET D 1 -6.94 36.61 -8.53
C MET D 1 -6.66 35.76 -7.30
N LYS D 2 -5.59 36.11 -6.58
CA LYS D 2 -5.20 35.37 -5.38
C LYS D 2 -4.87 36.37 -4.29
N LEU D 3 -5.43 36.15 -3.10
CA LEU D 3 -5.15 36.96 -1.93
C LEU D 3 -4.38 36.15 -0.89
N VAL D 4 -3.57 36.84 -0.10
CA VAL D 4 -2.77 36.20 0.93
C VAL D 4 -3.20 36.76 2.28
N ILE D 5 -3.79 35.90 3.12
CA ILE D 5 -4.14 36.26 4.49
C ILE D 5 -2.90 35.99 5.33
N GLU D 6 -2.38 37.02 5.98
CA GLU D 6 -1.19 36.88 6.80
C GLU D 6 -1.38 37.59 8.14
N GLY D 7 -0.66 37.13 9.14
CA GLY D 7 -0.79 37.69 10.48
C GLY D 7 0.27 37.13 11.40
N THR D 8 -0.12 36.88 12.65
CA THR D 8 0.78 36.38 13.67
C THR D 8 -0.04 35.67 14.74
N ILE D 9 0.43 34.50 15.15
CA ILE D 9 -0.18 33.74 16.24
C ILE D 9 0.75 33.80 17.43
N VAL D 10 0.40 34.60 18.43
CA VAL D 10 1.16 34.65 19.67
C VAL D 10 0.52 33.65 20.63
N LEU D 11 1.31 33.09 21.53
CA LEU D 11 0.79 32.12 22.47
C LEU D 11 0.68 32.75 23.84
N LYS D 12 -0.53 32.76 24.39
CA LYS D 12 -0.73 33.21 25.76
C LYS D 12 -0.53 32.10 26.77
N THR D 13 -0.50 30.85 26.33
CA THR D 13 -0.37 29.69 27.19
C THR D 13 0.64 28.78 26.48
N GLY D 14 0.82 27.55 26.94
CA GLY D 14 1.89 26.68 26.46
C GLY D 14 1.84 26.22 25.02
N MET D 15 0.73 25.62 24.59
CA MET D 15 0.54 25.00 23.28
C MET D 15 1.56 23.91 23.00
N HIS D 16 1.46 22.81 23.73
CA HIS D 16 2.01 21.56 23.23
C HIS D 16 1.15 21.10 22.06
N ILE D 17 1.80 20.59 21.02
CA ILE D 17 1.09 20.15 19.83
C ILE D 17 1.88 19.01 19.22
N GLY D 18 1.18 18.12 18.53
CA GLY D 18 1.85 17.20 17.63
C GLY D 18 2.58 16.05 18.27
N GLY D 19 3.08 15.15 17.45
CA GLY D 19 3.84 14.01 17.92
C GLY D 19 5.00 13.69 17.02
N SER D 20 6.07 13.18 17.64
CA SER D 20 7.20 12.58 16.96
C SER D 20 7.12 11.08 17.21
N SER D 21 7.69 10.19 16.37
CA SER D 21 8.79 10.17 15.37
C SER D 21 10.15 10.56 15.95
N ASP D 22 10.33 10.26 17.23
CA ASP D 22 11.61 10.44 17.90
C ASP D 22 11.62 9.58 19.16
N PHE D 23 12.77 9.02 19.50
CA PHE D 23 12.91 8.28 20.74
C PHE D 23 12.88 9.21 21.93
N SER D 24 12.46 8.68 23.07
CA SER D 24 12.40 9.43 24.32
C SER D 24 13.24 8.71 25.37
N ALA D 25 13.99 9.47 26.16
CA ALA D 25 14.73 8.87 27.25
C ALA D 25 13.80 8.49 28.39
N ILE D 26 14.34 7.83 29.40
CA ILE D 26 13.50 7.19 30.41
C ILE D 26 12.93 8.24 31.36
N GLY D 27 13.77 8.93 32.13
CA GLY D 27 13.17 10.01 32.88
C GLY D 27 13.35 11.31 32.13
N ALA D 28 12.40 11.61 31.24
CA ALA D 28 12.58 12.70 30.30
C ALA D 28 11.26 12.97 29.60
N VAL D 29 11.27 13.92 28.66
CA VAL D 29 10.04 14.42 28.11
C VAL D 29 9.45 13.42 27.11
N ALA D 30 8.33 12.82 27.49
CA ALA D 30 7.53 12.03 26.58
C ALA D 30 6.66 12.97 25.77
N SER D 31 6.34 12.55 24.55
CA SER D 31 5.53 13.31 23.57
C SER D 31 6.16 14.67 23.28
N PRO D 32 7.25 14.73 22.53
CA PRO D 32 7.80 16.03 22.17
C PRO D 32 6.93 16.73 21.13
N VAL D 33 7.11 18.03 21.05
CA VAL D 33 6.36 18.86 20.11
C VAL D 33 6.89 18.64 18.70
N VAL D 34 6.05 18.83 17.68
CA VAL D 34 6.52 18.74 16.31
C VAL D 34 7.38 19.94 15.96
N ARG D 35 8.50 19.67 15.29
CA ARG D 35 9.44 20.69 14.88
C ARG D 35 9.74 20.50 13.40
N ASP D 36 10.08 21.61 12.74
CA ASP D 36 10.43 21.61 11.33
C ASP D 36 11.79 20.95 11.17
N THR D 37 11.81 19.79 10.51
CA THR D 37 12.86 18.78 10.69
C THR D 37 14.27 19.30 10.37
N LEU D 38 14.38 20.29 9.49
CA LEU D 38 15.68 20.84 9.13
C LEU D 38 16.23 21.70 10.26
N THR D 39 15.55 22.79 10.59
CA THR D 39 15.99 23.62 11.71
C THR D 39 15.67 23.00 13.05
N ARG D 40 14.57 22.24 13.14
CA ARG D 40 14.14 21.54 14.35
C ARG D 40 13.83 22.56 15.45
N LEU D 41 13.25 23.70 15.01
CA LEU D 41 12.56 24.75 15.74
C LEU D 41 11.04 24.51 15.65
N PRO D 42 10.29 24.72 16.74
CA PRO D 42 8.93 24.16 16.84
C PRO D 42 7.94 24.74 15.85
N LEU D 43 6.96 23.93 15.48
CA LEU D 43 6.09 24.14 14.34
C LEU D 43 4.62 24.09 14.73
N ILE D 44 3.82 24.94 14.11
CA ILE D 44 2.37 24.74 14.08
C ILE D 44 2.06 24.11 12.74
N PRO D 45 1.57 22.86 12.69
CA PRO D 45 1.15 22.29 11.43
C PRO D 45 -0.05 23.04 10.87
N GLY D 46 -0.10 23.19 9.55
CA GLY D 46 -1.24 23.82 8.94
C GLY D 46 -2.49 22.98 9.03
N SER D 47 -2.32 21.66 9.15
CA SER D 47 -3.44 20.75 9.25
C SER D 47 -4.18 20.94 10.57
N SER D 48 -3.42 21.14 11.66
CA SER D 48 -4.04 21.27 12.98
C SER D 48 -4.84 22.55 13.09
N LEU D 49 -4.31 23.65 12.54
CA LEU D 49 -5.03 24.91 12.57
C LEU D 49 -6.24 24.85 11.64
N LYS D 50 -6.10 24.20 10.49
CA LYS D 50 -7.24 24.03 9.60
C LYS D 50 -8.33 23.20 10.25
N GLY D 51 -7.95 22.13 10.94
CA GLY D 51 -8.93 21.27 11.57
C GLY D 51 -9.67 21.97 12.70
N LYS D 52 -8.94 22.72 13.52
CA LYS D 52 -9.60 23.39 14.63
C LYS D 52 -10.46 24.57 14.16
N MET D 53 -9.97 25.34 13.19
CA MET D 53 -10.76 26.45 12.65
C MET D 53 -11.99 25.95 11.91
N ARG D 54 -11.85 24.84 11.17
CA ARG D 54 -12.98 24.25 10.48
C ARG D 54 -14.00 23.71 11.47
N TYR D 55 -13.53 23.07 12.53
CA TYR D 55 -14.40 22.61 13.60
C TYR D 55 -15.17 23.77 14.23
N LEU D 56 -14.50 24.89 14.46
CA LEU D 56 -15.14 26.01 15.12
C LEU D 56 -16.16 26.71 14.24
N LEU D 57 -15.82 26.98 12.97
CA LEU D 57 -16.81 27.58 12.08
C LEU D 57 -17.95 26.62 11.73
N ALA D 58 -17.66 25.35 11.53
CA ALA D 58 -18.74 24.44 11.18
C ALA D 58 -19.65 24.18 12.38
N LYS D 59 -19.10 24.25 13.59
CA LYS D 59 -19.92 24.18 14.80
C LYS D 59 -20.74 25.44 14.99
N GLU D 60 -20.13 26.61 14.85
CA GLU D 60 -20.80 27.87 15.14
C GLU D 60 -21.81 28.26 14.07
N LEU D 61 -21.46 28.12 12.80
CA LEU D 61 -22.35 28.49 11.71
C LEU D 61 -23.56 27.57 11.60
N ASN D 62 -23.47 26.35 12.14
CA ASN D 62 -24.61 25.44 12.12
C ASN D 62 -25.74 25.99 12.99
N ASN D 63 -25.63 25.84 14.31
CA ASN D 63 -26.27 26.73 15.26
C ASN D 63 -25.45 26.73 16.56
N GLY D 64 -24.41 25.91 16.59
CA GLY D 64 -23.85 25.46 17.84
C GLY D 64 -24.04 23.98 18.09
N ILE D 65 -24.65 23.27 17.16
CA ILE D 65 -24.83 21.83 17.25
C ILE D 65 -24.13 21.21 16.05
N LEU D 66 -23.13 20.39 16.30
CA LEU D 66 -22.34 19.75 15.26
C LEU D 66 -22.13 18.29 15.62
N LEU D 67 -22.68 17.40 14.79
CA LEU D 67 -22.43 15.98 14.92
C LEU D 67 -22.15 15.34 13.58
N ASN D 68 -22.18 16.13 12.51
CA ASN D 68 -22.04 15.59 11.17
C ASN D 68 -20.59 15.37 10.83
N GLU D 69 -20.37 14.78 9.77
CA GLU D 69 -19.13 14.49 9.09
C GLU D 69 -18.60 15.76 8.44
N PRO D 70 -17.30 15.87 8.12
CA PRO D 70 -16.82 17.08 7.43
C PRO D 70 -17.46 17.36 6.07
N ASN D 71 -18.03 16.36 5.41
CA ASN D 71 -18.68 16.61 4.14
C ASN D 71 -20.15 16.98 4.28
N ASN D 72 -20.65 17.14 5.50
CA ASN D 72 -22.03 17.52 5.74
C ASN D 72 -22.11 18.83 6.52
N ASP D 73 -21.13 19.70 6.33
CA ASP D 73 -21.14 21.04 6.90
C ASP D 73 -21.98 21.94 6.02
N GLN D 74 -21.93 23.25 6.30
CA GLN D 74 -22.67 24.21 5.50
C GLN D 74 -21.98 24.41 4.15
N ASP D 75 -22.70 25.04 3.23
CA ASP D 75 -22.14 25.33 1.91
C ASP D 75 -21.00 26.33 2.00
N GLU D 76 -21.01 27.17 3.03
CA GLU D 76 -19.92 28.11 3.25
C GLU D 76 -18.66 27.38 3.71
N ILE D 77 -18.80 26.44 4.64
CA ILE D 77 -17.66 25.70 5.16
C ILE D 77 -17.07 24.81 4.07
N LEU D 78 -17.92 24.20 3.26
CA LEU D 78 -17.42 23.42 2.13
C LEU D 78 -16.86 24.31 1.04
N ARG D 79 -17.29 25.57 0.97
CA ARG D 79 -16.72 26.48 0.00
C ARG D 79 -15.28 26.84 0.38
N LEU D 80 -15.04 27.11 1.66
CA LEU D 80 -13.70 27.51 2.07
C LEU D 80 -12.78 26.33 2.33
N PHE D 81 -13.16 25.45 3.24
CA PHE D 81 -12.25 24.42 3.72
C PHE D 81 -12.23 23.18 2.86
N GLY D 82 -12.93 23.18 1.73
CA GLY D 82 -12.92 22.06 0.83
C GLY D 82 -13.86 20.96 1.26
N SER D 83 -14.16 20.10 0.31
CA SER D 83 -15.08 18.99 0.54
C SER D 83 -14.70 17.87 -0.43
N SER D 84 -15.25 16.69 -0.18
CA SER D 84 -15.00 15.57 -1.05
C SER D 84 -16.28 14.80 -1.31
N GLU D 85 -17.39 15.51 -1.47
CA GLU D 85 -18.64 14.84 -1.79
C GLU D 85 -18.62 14.36 -3.24
N LYS D 86 -19.34 13.28 -3.49
CA LYS D 86 -19.12 12.45 -4.67
C LYS D 86 -19.59 13.09 -5.97
N ASP D 87 -20.41 14.13 -5.92
CA ASP D 87 -21.05 14.61 -7.13
C ASP D 87 -20.75 16.06 -7.45
N LYS D 88 -20.86 16.96 -6.48
CA LYS D 88 -20.87 18.40 -6.71
C LYS D 88 -19.73 19.10 -5.99
N ILE D 89 -18.52 18.53 -6.12
CA ILE D 89 -17.40 18.79 -5.21
C ILE D 89 -16.93 20.24 -5.26
N ARG D 90 -16.24 20.65 -4.19
CA ARG D 90 -15.73 22.00 -4.03
C ARG D 90 -14.22 21.98 -3.85
N ARG D 91 -13.55 22.93 -4.48
CA ARG D 91 -12.14 23.18 -4.22
C ARG D 91 -12.02 24.03 -2.97
N ALA D 92 -11.00 23.78 -2.17
CA ALA D 92 -10.78 24.57 -0.97
C ALA D 92 -10.24 25.94 -1.37
N ARG D 93 -10.94 27.00 -0.95
CA ARG D 93 -10.46 28.34 -1.27
C ARG D 93 -9.24 28.72 -0.43
N LEU D 94 -9.17 28.28 0.81
CA LEU D 94 -8.02 28.57 1.64
C LEU D 94 -7.02 27.44 1.57
N LYS D 95 -5.76 27.82 1.36
CA LYS D 95 -4.64 26.88 1.35
C LYS D 95 -3.85 27.25 2.59
N PHE D 96 -3.85 26.37 3.59
CA PHE D 96 -3.08 26.61 4.80
C PHE D 96 -1.64 26.19 4.59
N ASN D 97 -0.76 26.65 5.48
CA ASN D 97 0.67 26.38 5.38
C ASN D 97 1.19 26.01 6.76
N ASP D 98 2.29 25.26 6.78
CA ASP D 98 2.96 24.95 8.03
C ASP D 98 3.59 26.22 8.59
N ILE D 99 3.48 26.40 9.88
CA ILE D 99 3.74 27.68 10.53
C ILE D 99 4.92 27.48 11.46
N LYS D 100 5.99 28.21 11.23
CA LYS D 100 7.20 28.02 12.01
C LYS D 100 7.26 29.04 13.13
N LEU D 101 8.03 28.72 14.16
CA LEU D 101 8.27 29.68 15.23
C LEU D 101 9.10 30.83 14.70
N SER D 102 8.59 32.04 14.84
CA SER D 102 9.13 33.18 14.10
C SER D 102 10.06 34.05 14.92
N ASN D 103 9.67 34.43 16.13
CA ASN D 103 10.45 35.42 16.89
C ASN D 103 11.48 34.76 17.81
N LEU D 104 12.34 33.92 17.24
CA LEU D 104 13.39 33.29 18.06
C LEU D 104 14.43 34.29 18.54
N ALA D 105 14.60 35.39 17.83
CA ALA D 105 15.51 36.44 18.29
C ALA D 105 15.02 37.06 19.58
N GLU D 106 13.71 37.27 19.70
CA GLU D 106 13.15 37.87 20.90
C GLU D 106 13.13 36.88 22.07
N LEU D 107 13.06 35.58 21.77
CA LEU D 107 13.08 34.59 22.85
C LEU D 107 14.50 34.28 23.28
N GLU D 108 15.48 34.45 22.38
CA GLU D 108 16.87 34.29 22.78
C GLU D 108 17.41 35.55 23.44
N THR D 109 16.75 36.68 23.20
CA THR D 109 17.10 37.92 23.90
C THR D 109 16.78 37.81 25.39
N PHE D 110 15.76 37.02 25.73
CA PHE D 110 15.43 36.71 27.11
C PHE D 110 16.23 35.54 27.66
N ASN D 111 17.08 34.94 26.83
CA ASN D 111 17.97 33.83 27.19
C ASN D 111 17.20 32.61 27.70
N VAL D 112 16.11 32.27 27.02
CA VAL D 112 15.37 31.05 27.29
C VAL D 112 15.20 30.28 25.99
N SER D 113 15.27 28.96 26.09
CA SER D 113 15.08 28.10 24.93
C SER D 113 13.60 28.07 24.57
N SER D 114 13.29 27.67 23.34
CA SER D 114 11.99 27.87 22.75
C SER D 114 10.92 26.91 23.28
N THR D 115 11.33 25.79 23.88
CA THR D 115 10.37 24.84 24.43
C THR D 115 10.74 24.55 25.88
N GLU D 116 9.73 24.46 26.72
CA GLU D 116 9.89 24.09 28.12
C GLU D 116 9.40 22.67 28.32
N VAL D 117 9.48 22.20 29.56
CA VAL D 117 9.02 20.88 29.93
C VAL D 117 8.05 21.08 31.08
N LYS D 118 6.79 20.72 30.88
CA LYS D 118 5.81 20.88 31.94
C LYS D 118 5.63 19.56 32.68
N PHE D 119 5.91 19.59 33.98
CA PHE D 119 5.84 18.39 34.81
C PHE D 119 4.43 18.24 35.32
N GLU D 120 3.77 17.15 34.91
CA GLU D 120 2.41 16.87 35.31
C GLU D 120 2.37 15.50 35.94
N ASN D 121 1.24 15.18 36.56
CA ASN D 121 1.04 13.86 37.13
C ASN D 121 -0.45 13.59 37.27
N THR D 122 -0.80 12.31 37.42
CA THR D 122 -2.13 11.94 37.85
C THR D 122 -2.02 11.22 39.17
N ILE D 123 -3.06 11.36 39.99
CA ILE D 123 -3.14 10.68 41.27
C ILE D 123 -4.25 9.64 41.17
N ASN D 124 -3.94 8.41 41.54
CA ASN D 124 -4.97 7.39 41.65
C ASN D 124 -5.90 7.74 42.80
N ARG D 125 -7.20 7.60 42.57
CA ARG D 125 -8.15 7.80 43.66
C ARG D 125 -8.18 6.61 44.61
N LYS D 126 -8.10 5.39 44.09
CA LYS D 126 -8.22 4.20 44.93
C LYS D 126 -7.01 3.97 45.83
N THR D 127 -5.80 4.05 45.28
CA THR D 127 -4.61 3.68 46.03
C THR D 127 -3.71 4.86 46.41
N ALA D 128 -4.04 6.08 45.98
CA ALA D 128 -3.30 7.31 46.27
C ALA D 128 -1.85 7.27 45.81
N VAL D 129 -1.59 6.55 44.72
CA VAL D 129 -0.27 6.48 44.12
C VAL D 129 -0.25 7.43 42.93
N ALA D 130 0.92 7.97 42.60
CA ALA D 130 1.02 8.97 41.55
C ALA D 130 1.63 8.38 40.29
N ASN D 131 1.66 9.20 39.23
CA ASN D 131 2.15 8.77 37.92
C ASN D 131 2.56 10.01 37.14
N PRO D 132 3.83 10.38 37.19
CA PRO D 132 4.24 11.64 36.58
C PRO D 132 4.43 11.53 35.08
N ARG D 133 4.16 12.64 34.40
CA ARG D 133 4.45 12.76 32.99
C ARG D 133 5.15 14.09 32.76
N GLN D 134 5.97 14.14 31.72
CA GLN D 134 6.62 15.37 31.31
C GLN D 134 6.29 15.60 29.85
N ILE D 135 5.67 16.75 29.56
CA ILE D 135 5.27 17.08 28.21
C ILE D 135 6.01 18.32 27.76
N GLU D 136 6.24 18.44 26.47
CA GLU D 136 7.02 19.53 25.91
C GLU D 136 6.09 20.57 25.30
N ARG D 137 5.88 21.67 25.99
CA ARG D 137 5.11 22.76 25.45
C ARG D 137 6.07 23.81 24.90
N VAL D 138 5.55 24.61 23.97
CA VAL D 138 6.24 25.81 23.54
C VAL D 138 6.08 26.85 24.65
N ILE D 139 6.91 27.86 24.69
CA ILE D 139 6.79 28.82 25.76
C ILE D 139 5.81 29.91 25.35
N ALA D 140 5.14 30.50 26.32
CA ALA D 140 4.14 31.52 26.05
C ALA D 140 4.80 32.81 25.60
N GLY D 141 4.07 33.56 24.76
CA GLY D 141 4.61 34.77 24.17
C GLY D 141 5.44 34.55 22.94
N SER D 142 5.49 33.33 22.41
CA SER D 142 6.32 32.99 21.27
C SER D 142 5.50 33.03 20.00
N LYS D 143 5.67 34.08 19.22
CA LYS D 143 4.84 34.39 18.06
C LYS D 143 5.05 33.37 16.94
N PHE D 144 4.08 33.30 16.04
CA PHE D 144 4.07 32.33 14.95
C PHE D 144 3.59 33.07 13.72
N ASP D 145 4.51 33.59 12.92
CA ASP D 145 4.12 34.29 11.70
C ASP D 145 3.59 33.28 10.69
N PHE D 146 2.43 33.57 10.13
CA PHE D 146 1.76 32.66 9.21
C PHE D 146 1.30 33.42 7.98
N GLU D 147 0.98 32.66 6.93
CA GLU D 147 0.33 33.22 5.75
C GLU D 147 -0.53 32.13 5.10
N ILE D 148 -1.71 32.52 4.65
CA ILE D 148 -2.71 31.61 4.08
C ILE D 148 -3.17 32.21 2.75
N PHE D 149 -3.17 31.41 1.70
CA PHE D 149 -3.58 31.87 0.39
C PHE D 149 -5.09 31.66 0.23
N TYR D 150 -5.76 32.67 -0.32
CA TYR D 150 -7.20 32.62 -0.53
C TYR D 150 -7.48 32.62 -2.03
N ASN D 151 -8.07 31.53 -2.51
CA ASN D 151 -8.37 31.38 -3.93
C ASN D 151 -9.65 32.15 -4.25
N LEU D 152 -9.50 33.30 -4.89
CA LEU D 152 -10.60 34.21 -5.17
C LEU D 152 -11.29 33.81 -6.47
N ASP D 153 -12.44 33.15 -6.35
CA ASP D 153 -13.18 32.67 -7.50
C ASP D 153 -14.32 33.57 -7.94
N ASP D 154 -15.03 34.21 -7.02
CA ASP D 154 -16.12 35.13 -7.37
C ASP D 154 -16.07 36.37 -6.49
N ILE D 155 -16.24 37.54 -7.11
CA ILE D 155 -16.17 38.81 -6.41
C ILE D 155 -17.38 39.00 -5.50
N LYS D 156 -18.54 38.46 -5.87
CA LYS D 156 -19.77 38.72 -5.13
C LYS D 156 -19.91 37.90 -3.85
N GLU D 157 -18.85 37.24 -3.40
CA GLU D 157 -18.97 36.34 -2.25
C GLU D 157 -17.77 36.47 -1.31
N VAL D 158 -16.79 37.30 -1.67
CA VAL D 158 -15.52 37.33 -0.94
C VAL D 158 -15.68 38.03 0.42
N GLU D 159 -16.58 39.01 0.50
CA GLU D 159 -16.73 39.77 1.75
C GLU D 159 -17.34 38.89 2.84
N LYS D 160 -18.33 38.07 2.48
CA LYS D 160 -18.90 37.13 3.44
C LYS D 160 -17.89 36.07 3.83
N ASP D 161 -17.05 35.65 2.87
CA ASP D 161 -15.99 34.70 3.16
C ASP D 161 -15.00 35.24 4.17
N PHE D 162 -14.62 36.50 4.01
CA PHE D 162 -13.63 37.07 4.93
C PHE D 162 -14.26 37.41 6.27
N GLU D 163 -15.55 37.74 6.29
CA GLU D 163 -16.24 37.90 7.56
C GLU D 163 -16.31 36.57 8.32
N ASN D 164 -16.52 35.48 7.59
CA ASN D 164 -16.53 34.16 8.23
C ASN D 164 -15.13 33.73 8.66
N ILE D 165 -14.10 34.10 7.91
CA ILE D 165 -12.73 33.81 8.31
C ILE D 165 -12.37 34.57 9.58
N LYS D 166 -12.76 35.84 9.66
CA LYS D 166 -12.52 36.62 10.87
C LYS D 166 -13.33 36.06 12.04
N GLN D 167 -14.52 35.53 11.76
CA GLN D 167 -15.30 34.87 12.79
C GLN D 167 -14.59 33.61 13.29
N GLY D 168 -13.96 32.87 12.38
CA GLY D 168 -13.19 31.70 12.78
C GLY D 168 -11.95 32.06 13.58
N PHE D 169 -11.32 33.17 13.25
CA PHE D 169 -10.15 33.61 14.01
C PHE D 169 -10.56 34.09 15.39
N ASP D 170 -11.72 34.75 15.50
CA ASP D 170 -12.21 35.19 16.80
C ASP D 170 -12.70 34.02 17.63
N LEU D 171 -13.22 32.98 17.00
CA LEU D 171 -13.58 31.77 17.73
C LEU D 171 -12.34 31.02 18.18
N LEU D 172 -11.30 31.03 17.33
CA LEU D 172 -10.06 30.34 17.66
C LEU D 172 -9.29 31.08 18.74
N GLU D 173 -9.55 32.37 18.90
CA GLU D 173 -8.94 33.12 19.98
C GLU D 173 -9.52 32.77 21.34
N PHE D 174 -10.66 32.07 21.38
CA PHE D 174 -11.27 31.70 22.65
C PHE D 174 -11.18 30.21 22.95
N ASP D 175 -10.44 29.45 22.14
CA ASP D 175 -10.12 28.06 22.41
C ASP D 175 -8.63 27.84 22.28
N TYR D 176 -8.24 26.57 22.24
CA TYR D 176 -6.85 26.19 22.14
C TYR D 176 -6.54 25.72 20.73
N LEU D 177 -5.25 25.62 20.41
CA LEU D 177 -4.86 25.24 19.06
C LEU D 177 -4.40 23.78 18.96
N GLY D 178 -3.92 23.20 20.05
CA GLY D 178 -3.61 21.79 20.00
C GLY D 178 -3.16 21.31 21.36
N GLY D 179 -3.17 19.98 21.50
CA GLY D 179 -2.69 19.38 22.71
C GLY D 179 -3.67 19.49 23.86
N HIS D 180 -3.14 19.36 25.06
CA HIS D 180 -3.93 19.21 26.27
C HIS D 180 -4.59 20.53 26.65
N GLY D 181 -5.65 20.90 25.93
CA GLY D 181 -6.10 22.27 25.96
C GLY D 181 -6.93 22.61 27.18
N THR D 182 -7.72 21.67 27.66
CA THR D 182 -8.55 21.89 28.83
C THR D 182 -7.75 21.98 30.13
N ARG D 183 -6.47 21.62 30.11
CA ARG D 183 -5.62 21.66 31.28
C ARG D 183 -4.67 22.85 31.27
N GLY D 184 -4.94 23.83 30.43
CA GLY D 184 -4.13 25.03 30.45
C GLY D 184 -2.97 24.99 29.49
N SER D 185 -3.26 24.71 28.23
CA SER D 185 -2.29 24.87 27.16
C SER D 185 -3.07 25.18 25.90
N GLY D 186 -2.37 25.75 24.93
CA GLY D 186 -2.94 25.88 23.61
C GLY D 186 -3.56 27.21 23.29
N ARG D 187 -3.77 28.08 24.28
CA ARG D 187 -4.50 29.32 24.03
C ARG D 187 -3.66 30.25 23.17
N ILE D 188 -4.26 30.72 22.08
CA ILE D 188 -3.57 31.55 21.11
C ILE D 188 -4.25 32.90 21.07
N ALA D 189 -3.69 33.78 20.23
CA ALA D 189 -4.26 35.09 19.99
C ALA D 189 -3.73 35.58 18.65
N PHE D 190 -4.62 36.08 17.81
CA PHE D 190 -4.25 36.52 16.48
C PHE D 190 -4.08 38.03 16.50
N GLU D 191 -2.94 38.50 15.99
CA GLU D 191 -2.70 39.92 15.83
C GLU D 191 -2.01 40.14 14.50
N ASN D 192 -1.95 41.41 14.11
CA ASN D 192 -1.36 41.89 12.86
C ASN D 192 -2.00 41.23 11.64
N LEU D 193 -3.30 40.97 11.71
CA LEU D 193 -4.02 40.30 10.65
C LEU D 193 -4.23 41.25 9.48
N SER D 194 -3.71 40.88 8.33
CA SER D 194 -3.78 41.72 7.14
C SER D 194 -3.94 40.82 5.93
N VAL D 195 -4.40 41.40 4.83
CA VAL D 195 -4.65 40.68 3.59
C VAL D 195 -4.01 41.45 2.45
N ILE D 196 -3.16 40.76 1.68
CA ILE D 196 -2.47 41.36 0.55
C ILE D 196 -2.80 40.51 -0.68
N THR D 197 -2.67 41.10 -1.86
CA THR D 197 -2.92 40.40 -3.12
C THR D 197 -1.64 39.79 -3.65
N ALA D 198 -1.74 38.57 -4.17
CA ALA D 198 -0.54 37.84 -4.59
C ALA D 198 0.06 38.43 -5.86
N VAL D 199 -0.78 38.78 -6.82
CA VAL D 199 -0.36 39.42 -8.06
C VAL D 199 -1.52 40.27 -8.57
N GLY D 200 -1.20 41.43 -9.14
CA GLY D 200 -2.22 42.36 -9.57
C GLY D 200 -2.79 43.13 -8.40
N ASN D 201 -3.90 43.81 -8.67
CA ASN D 201 -4.56 44.66 -7.68
C ASN D 201 -6.04 44.35 -7.65
N PHE D 202 -6.53 43.93 -6.48
CA PHE D 202 -7.94 43.65 -6.29
C PHE D 202 -8.70 44.98 -6.24
N GLU D 203 -9.94 44.96 -6.73
CA GLU D 203 -10.76 46.17 -6.81
C GLU D 203 -11.06 46.73 -5.43
N LYS D 204 -11.36 45.85 -4.47
CA LYS D 204 -11.71 46.24 -3.12
C LYS D 204 -10.86 45.45 -2.12
N ILE D 205 -9.65 45.97 -1.88
CA ILE D 205 -8.74 45.37 -0.92
C ILE D 205 -8.86 46.16 0.38
N ASN D 206 -9.53 47.30 0.31
CA ASN D 206 -9.68 48.12 1.51
C ASN D 206 -10.76 47.56 2.42
N THR D 207 -11.85 47.03 1.84
CA THR D 207 -12.94 46.52 2.68
C THR D 207 -12.65 45.13 3.19
N LEU D 208 -11.66 44.44 2.61
CA LEU D 208 -11.29 43.13 3.13
C LEU D 208 -10.24 43.27 4.22
N ASN D 209 -9.31 44.21 4.05
CA ASN D 209 -8.32 44.45 5.09
C ASN D 209 -8.91 45.22 6.25
N GLU D 210 -10.08 45.84 6.05
CA GLU D 210 -10.80 46.43 7.17
C GLU D 210 -11.40 45.36 8.06
N ILE D 211 -11.89 44.26 7.48
CA ILE D 211 -12.59 43.23 8.25
C ILE D 211 -11.62 42.51 9.18
N LEU D 212 -10.47 42.09 8.65
CA LEU D 212 -9.52 41.36 9.47
C LEU D 212 -8.75 42.30 10.39
N GLY D 213 -8.55 43.55 9.98
CA GLY D 213 -7.87 44.51 10.82
C GLY D 213 -8.84 45.42 11.56
N ALA D 214 -9.96 44.87 12.00
CA ALA D 214 -11.01 45.65 12.66
C ALA D 214 -10.56 46.13 14.04
N MET E 1 15.71 24.89 -33.03
CA MET E 1 16.68 24.39 -32.07
C MET E 1 16.00 23.92 -30.78
N LYS E 2 16.79 23.67 -29.75
CA LYS E 2 16.30 23.14 -28.50
C LYS E 2 16.80 24.03 -27.37
N LEU E 3 15.92 24.33 -26.42
CA LEU E 3 16.28 25.11 -25.25
C LEU E 3 16.17 24.24 -24.01
N VAL E 4 16.73 24.73 -22.91
CA VAL E 4 16.73 24.01 -21.64
C VAL E 4 16.34 25.02 -20.57
N ILE E 5 15.31 24.72 -19.80
CA ILE E 5 14.90 25.53 -18.65
C ILE E 5 15.35 24.78 -17.41
N GLU E 6 16.28 25.36 -16.65
CA GLU E 6 16.82 24.71 -15.47
C GLU E 6 16.78 25.67 -14.28
N GLY E 7 16.42 25.14 -13.13
CA GLY E 7 16.32 25.94 -11.93
C GLY E 7 16.34 25.07 -10.71
N THR E 8 15.63 25.50 -9.67
CA THR E 8 15.64 24.79 -8.41
C THR E 8 14.28 24.95 -7.75
N ILE E 9 13.62 23.84 -7.47
CA ILE E 9 12.39 23.83 -6.69
C ILE E 9 12.83 23.69 -5.24
N VAL E 10 12.71 24.74 -4.46
CA VAL E 10 12.99 24.67 -3.04
C VAL E 10 11.67 24.58 -2.29
N LEU E 11 11.58 23.65 -1.34
CA LEU E 11 10.33 23.45 -0.62
C LEU E 11 10.28 24.39 0.56
N LYS E 12 9.11 25.00 0.77
CA LYS E 12 8.89 25.81 1.95
C LYS E 12 8.16 25.04 3.04
N THR E 13 7.40 24.01 2.67
CA THR E 13 6.74 23.09 3.60
C THR E 13 7.03 21.67 3.13
N GLY E 14 6.29 20.71 3.68
CA GLY E 14 6.60 19.30 3.51
C GLY E 14 6.61 18.67 2.13
N MET E 15 5.58 18.91 1.33
CA MET E 15 5.39 18.35 -0.01
C MET E 15 5.45 16.83 -0.04
N HIS E 16 4.47 16.18 0.58
CA HIS E 16 4.13 14.82 0.24
C HIS E 16 3.69 14.77 -1.21
N ILE E 17 4.25 13.84 -1.99
CA ILE E 17 3.94 13.73 -3.40
C ILE E 17 4.03 12.26 -3.77
N GLY E 18 3.26 11.86 -4.77
CA GLY E 18 3.31 10.50 -5.26
C GLY E 18 2.75 9.51 -4.28
N GLY E 19 2.98 8.24 -4.53
CA GLY E 19 2.67 7.24 -3.52
C GLY E 19 2.65 5.85 -4.09
N SER E 20 2.20 4.94 -3.24
CA SER E 20 1.85 3.59 -3.62
C SER E 20 0.55 3.24 -2.91
N SER E 21 -0.29 2.50 -3.61
CA SER E 21 -1.53 2.01 -3.01
C SER E 21 -1.32 0.73 -2.22
N ASP E 22 -0.07 0.26 -2.12
CA ASP E 22 0.26 -0.99 -1.47
C ASP E 22 -0.05 -0.93 0.02
N PHE E 23 -0.36 -2.09 0.59
CA PHE E 23 -0.66 -2.18 2.01
C PHE E 23 0.59 -1.94 2.82
N SER E 24 0.71 -0.74 3.40
CA SER E 24 1.81 -0.45 4.30
C SER E 24 1.61 -1.18 5.62
N ALA E 25 2.67 -1.23 6.43
CA ALA E 25 2.73 -2.05 7.63
C ALA E 25 1.69 -1.68 8.70
N ILE E 26 1.57 -2.50 9.74
CA ILE E 26 0.54 -2.29 10.75
C ILE E 26 0.85 -1.04 11.56
N GLY E 27 2.02 -1.00 12.17
CA GLY E 27 2.56 0.27 12.58
C GLY E 27 3.51 0.65 11.47
N ALA E 28 3.38 1.87 10.94
CA ALA E 28 4.07 2.20 9.71
C ALA E 28 4.14 3.68 9.48
N VAL E 29 4.62 4.05 8.32
CA VAL E 29 4.13 5.25 7.66
C VAL E 29 3.27 4.80 6.49
N ALA E 30 2.10 5.42 6.34
CA ALA E 30 1.19 5.07 5.28
C ALA E 30 1.28 6.11 4.17
N SER E 31 1.13 5.65 2.93
CA SER E 31 1.27 6.43 1.70
C SER E 31 2.61 7.15 1.65
N PRO E 32 3.71 6.46 1.39
CA PRO E 32 5.01 7.11 1.38
C PRO E 32 5.19 8.00 0.16
N VAL E 33 6.18 8.87 0.26
CA VAL E 33 6.51 9.79 -0.83
C VAL E 33 7.13 8.99 -1.96
N VAL E 34 6.96 9.47 -3.20
CA VAL E 34 7.50 8.77 -4.36
C VAL E 34 9.01 8.95 -4.40
N ARG E 35 9.71 7.87 -4.75
CA ARG E 35 11.16 7.87 -4.72
C ARG E 35 11.70 7.29 -6.01
N ASP E 36 12.94 7.67 -6.32
CA ASP E 36 13.74 6.91 -7.27
C ASP E 36 14.05 5.56 -6.66
N THR E 37 13.90 4.49 -7.44
CA THR E 37 14.15 3.16 -6.91
C THR E 37 15.63 2.91 -6.67
N LEU E 38 16.48 3.43 -7.56
CA LEU E 38 17.91 3.13 -7.50
C LEU E 38 18.58 3.86 -6.34
N THR E 39 18.56 5.19 -6.36
CA THR E 39 19.28 6.00 -5.39
C THR E 39 18.54 6.14 -4.07
N ARG E 40 17.25 5.82 -4.03
CA ARG E 40 16.34 6.07 -2.90
C ARG E 40 16.35 7.54 -2.49
N LEU E 41 16.39 8.41 -3.46
CA LEU E 41 16.18 9.82 -3.27
C LEU E 41 14.70 10.13 -3.38
N PRO E 42 14.17 11.04 -2.56
CA PRO E 42 12.80 11.51 -2.80
C PRO E 42 12.72 12.28 -4.11
N LEU E 43 11.57 12.20 -4.76
CA LEU E 43 11.44 12.55 -6.17
C LEU E 43 10.25 13.47 -6.39
N ILE E 44 10.39 14.39 -7.33
CA ILE E 44 9.26 15.08 -7.93
C ILE E 44 9.05 14.48 -9.31
N PRO E 45 7.93 13.81 -9.57
CA PRO E 45 7.66 13.35 -10.93
C PRO E 45 7.45 14.52 -11.86
N GLY E 46 7.89 14.37 -13.10
CA GLY E 46 7.68 15.42 -14.08
C GLY E 46 6.23 15.54 -14.48
N SER E 47 5.48 14.43 -14.36
CA SER E 47 4.06 14.45 -14.66
C SER E 47 3.30 15.29 -13.66
N SER E 48 3.67 15.22 -12.39
CA SER E 48 2.99 15.99 -11.35
C SER E 48 3.24 17.48 -11.53
N LEU E 49 4.48 17.84 -11.84
CA LEU E 49 4.81 19.24 -12.11
C LEU E 49 4.08 19.74 -13.34
N LYS E 50 4.04 18.93 -14.40
CA LYS E 50 3.35 19.35 -15.64
C LYS E 50 1.86 19.48 -15.44
N GLY E 51 1.25 18.52 -14.72
CA GLY E 51 -0.18 18.56 -14.51
C GLY E 51 -0.62 19.72 -13.63
N LYS E 52 0.11 19.96 -12.53
CA LYS E 52 -0.26 21.05 -11.65
C LYS E 52 0.01 22.41 -12.31
N MET E 53 1.14 22.54 -13.01
CA MET E 53 1.46 23.79 -13.70
C MET E 53 0.47 24.08 -14.82
N ARG E 54 0.08 23.04 -15.57
CA ARG E 54 -0.89 23.20 -16.64
C ARG E 54 -2.25 23.57 -16.08
N TYR E 55 -2.65 22.97 -14.95
CA TYR E 55 -3.95 23.29 -14.36
C TYR E 55 -4.01 24.74 -13.89
N LEU E 56 -2.97 25.21 -13.21
CA LEU E 56 -2.98 26.59 -12.74
C LEU E 56 -2.89 27.59 -13.89
N LEU E 57 -2.06 27.28 -14.90
CA LEU E 57 -1.93 28.18 -16.04
C LEU E 57 -3.19 28.16 -16.90
N ALA E 58 -3.92 27.04 -16.90
CA ALA E 58 -5.15 26.96 -17.66
C ALA E 58 -6.26 27.70 -16.97
N LYS E 59 -6.29 27.65 -15.65
CA LYS E 59 -7.24 28.43 -14.89
C LYS E 59 -6.98 29.92 -15.03
N GLU E 60 -5.73 30.35 -15.01
CA GLU E 60 -5.44 31.78 -15.05
C GLU E 60 -5.60 32.40 -16.43
N LEU E 61 -5.24 31.69 -17.50
CA LEU E 61 -5.34 32.22 -18.85
C LEU E 61 -6.74 32.12 -19.44
N ASN E 62 -7.73 31.71 -18.65
CA ASN E 62 -9.06 31.46 -19.17
C ASN E 62 -9.94 32.72 -19.24
N ASN E 63 -10.20 33.45 -18.13
CA ASN E 63 -9.58 33.52 -16.79
C ASN E 63 -10.51 33.10 -15.67
N GLY E 64 -9.93 32.80 -14.52
CA GLY E 64 -10.72 32.54 -13.34
C GLY E 64 -11.29 31.15 -13.25
N ILE E 65 -12.21 30.82 -14.14
CA ILE E 65 -12.89 29.53 -14.12
C ILE E 65 -12.24 28.62 -15.16
N LEU E 66 -12.25 27.32 -14.87
CA LEU E 66 -11.71 26.33 -15.79
C LEU E 66 -12.47 25.04 -15.53
N LEU E 67 -13.38 24.68 -16.43
CA LEU E 67 -14.27 23.54 -16.24
C LEU E 67 -14.40 22.74 -17.53
N ASN E 68 -13.29 22.50 -18.21
CA ASN E 68 -13.33 21.73 -19.45
C ASN E 68 -12.40 20.52 -19.34
N GLU E 69 -12.43 19.69 -20.38
CA GLU E 69 -11.47 18.61 -20.49
C GLU E 69 -10.08 19.20 -20.76
N PRO E 70 -9.01 18.49 -20.40
CA PRO E 70 -7.66 19.01 -20.67
C PRO E 70 -7.33 19.17 -22.15
N ASN E 71 -8.05 18.49 -23.03
CA ASN E 71 -7.75 18.51 -24.45
C ASN E 71 -8.07 19.84 -25.12
N ASN E 72 -9.02 20.60 -24.61
CA ASN E 72 -9.43 21.85 -25.27
C ASN E 72 -9.20 23.08 -24.39
N ASP E 73 -8.01 23.21 -23.82
CA ASP E 73 -7.61 24.42 -23.12
C ASP E 73 -7.32 25.53 -24.14
N GLN E 74 -6.76 26.63 -23.64
CA GLN E 74 -6.39 27.73 -24.53
C GLN E 74 -5.23 27.31 -25.43
N ASP E 75 -5.13 27.97 -26.60
CA ASP E 75 -4.19 27.55 -27.63
C ASP E 75 -2.75 27.76 -27.21
N GLU E 76 -2.51 28.76 -26.36
CA GLU E 76 -1.19 28.91 -25.74
C GLU E 76 -0.87 27.70 -24.87
N ILE E 77 -1.85 27.23 -24.13
CA ILE E 77 -1.62 26.16 -23.19
C ILE E 77 -1.52 24.83 -23.92
N LEU E 78 -2.26 24.71 -25.03
CA LEU E 78 -2.09 23.57 -25.93
C LEU E 78 -0.70 23.57 -26.56
N ARG E 79 -0.20 24.74 -26.97
CA ARG E 79 1.05 24.74 -27.72
C ARG E 79 2.25 24.58 -26.79
N LEU E 80 2.10 24.87 -25.49
CA LEU E 80 3.13 24.42 -24.56
C LEU E 80 2.99 22.94 -24.19
N PHE E 81 1.83 22.53 -23.69
CA PHE E 81 1.74 21.23 -23.02
C PHE E 81 1.25 20.10 -23.90
N GLY E 82 0.64 20.38 -25.04
CA GLY E 82 0.21 19.33 -25.94
C GLY E 82 -1.30 19.22 -26.03
N SER E 83 -1.74 18.54 -27.09
CA SER E 83 -3.16 18.33 -27.32
C SER E 83 -3.34 17.07 -28.13
N SER E 84 -4.51 16.45 -27.96
CA SER E 84 -4.83 15.22 -28.68
C SER E 84 -6.25 15.25 -29.22
N GLU E 85 -6.62 16.33 -29.92
CA GLU E 85 -7.92 16.39 -30.56
C GLU E 85 -7.94 15.53 -31.82
N LYS E 86 -9.00 15.65 -32.60
CA LYS E 86 -9.12 14.79 -33.78
C LYS E 86 -8.37 15.33 -34.98
N ASP E 87 -8.51 16.59 -35.28
CA ASP E 87 -7.73 17.18 -36.37
C ASP E 87 -6.81 18.30 -35.90
N LYS E 88 -7.08 18.86 -34.73
CA LYS E 88 -6.24 19.92 -34.18
C LYS E 88 -5.29 19.36 -33.12
N ILE E 89 -4.39 18.46 -33.56
CA ILE E 89 -3.39 17.91 -32.65
C ILE E 89 -2.23 18.89 -32.58
N ARG E 90 -1.80 19.21 -31.36
CA ARG E 90 -0.72 20.17 -31.15
C ARG E 90 0.38 19.49 -30.35
N ARG E 91 1.59 19.49 -30.90
CA ARG E 91 2.72 18.85 -30.24
C ARG E 91 3.18 19.68 -29.05
N ALA E 92 3.58 18.99 -28.00
CA ALA E 92 4.05 19.67 -26.81
C ALA E 92 5.45 20.20 -27.01
N ARG E 93 5.65 21.48 -26.69
CA ARG E 93 6.99 22.05 -26.74
C ARG E 93 7.78 21.75 -25.48
N LEU E 94 7.17 21.95 -24.32
CA LEU E 94 7.83 21.64 -23.06
C LEU E 94 7.96 20.13 -22.89
N LYS E 95 9.02 19.71 -22.20
CA LYS E 95 9.26 18.30 -21.88
C LYS E 95 9.79 18.26 -20.47
N PHE E 96 8.95 17.86 -19.53
CA PHE E 96 9.34 17.84 -18.13
C PHE E 96 10.16 16.59 -17.83
N ASN E 97 10.84 16.59 -16.69
CA ASN E 97 11.67 15.46 -16.31
C ASN E 97 11.42 15.09 -14.85
N ASP E 98 11.66 13.83 -14.51
CA ASP E 98 11.65 13.41 -13.11
C ASP E 98 12.78 14.11 -12.38
N ILE E 99 12.50 14.55 -11.16
CA ILE E 99 13.36 15.49 -10.46
C ILE E 99 13.81 14.83 -9.16
N LYS E 100 15.08 14.48 -9.07
CA LYS E 100 15.60 13.89 -7.85
C LYS E 100 15.95 14.98 -6.85
N LEU E 101 16.21 14.57 -5.62
CA LEU E 101 16.59 15.51 -4.58
C LEU E 101 18.01 16.03 -4.80
N SER E 102 18.14 17.35 -4.88
CA SER E 102 19.41 17.97 -5.22
C SER E 102 20.36 18.09 -4.04
N ASN E 103 19.94 18.70 -2.94
CA ASN E 103 20.85 18.93 -1.82
C ASN E 103 20.71 17.87 -0.73
N LEU E 104 20.96 16.60 -1.10
CA LEU E 104 20.99 15.56 -0.07
C LEU E 104 22.21 15.71 0.83
N ALA E 105 23.35 16.14 0.27
CA ALA E 105 24.58 16.25 1.04
C ALA E 105 24.48 17.35 2.10
N GLU E 106 23.87 18.48 1.71
CA GLU E 106 23.65 19.57 2.66
C GLU E 106 22.69 19.16 3.78
N LEU E 107 21.65 18.39 3.42
CA LEU E 107 20.76 17.83 4.44
C LEU E 107 21.47 16.80 5.30
N GLU E 108 22.53 16.17 4.78
CA GLU E 108 23.33 15.26 5.57
C GLU E 108 24.26 16.01 6.52
N THR E 109 24.65 17.24 6.17
CA THR E 109 25.54 18.01 7.04
C THR E 109 24.87 18.39 8.35
N PHE E 110 23.57 18.67 8.32
CA PHE E 110 22.79 18.92 9.52
C PHE E 110 22.43 17.64 10.25
N ASN E 111 22.71 16.49 9.63
CA ASN E 111 22.44 15.15 10.15
C ASN E 111 20.93 15.05 10.38
N VAL E 112 20.17 15.16 9.30
CA VAL E 112 18.75 14.86 9.22
C VAL E 112 18.53 14.02 7.97
N SER E 113 17.63 13.06 8.06
CA SER E 113 17.25 12.33 6.87
C SER E 113 16.40 13.23 5.98
N SER E 114 16.38 12.93 4.68
CA SER E 114 15.77 13.81 3.69
C SER E 114 14.25 13.74 3.70
N THR E 115 13.68 12.90 4.55
CA THR E 115 12.23 12.79 4.61
C THR E 115 11.81 12.70 6.08
N GLU E 116 10.58 13.10 6.35
CA GLU E 116 10.03 13.10 7.69
C GLU E 116 8.71 12.36 7.66
N VAL E 117 8.30 11.89 8.82
CA VAL E 117 7.03 11.19 8.98
C VAL E 117 6.13 12.09 9.81
N LYS E 118 5.11 12.65 9.17
CA LYS E 118 4.19 13.55 9.86
C LYS E 118 3.06 12.76 10.51
N PHE E 119 2.75 13.11 11.76
CA PHE E 119 1.69 12.46 12.50
C PHE E 119 0.43 13.31 12.42
N GLU E 120 -0.68 12.68 12.08
CA GLU E 120 -1.92 13.39 11.82
C GLU E 120 -3.08 12.50 12.26
N ASN E 121 -4.26 13.11 12.38
CA ASN E 121 -5.48 12.38 12.68
C ASN E 121 -6.68 13.20 12.21
N THR E 122 -7.87 12.62 12.36
CA THR E 122 -9.12 13.34 12.26
C THR E 122 -9.99 12.97 13.45
N ILE E 123 -10.84 13.89 13.86
CA ILE E 123 -11.71 13.68 15.01
C ILE E 123 -13.14 13.51 14.51
N ASN E 124 -13.69 12.32 14.71
CA ASN E 124 -15.05 12.03 14.29
C ASN E 124 -16.02 12.82 15.14
N ARG E 125 -16.68 13.79 14.52
CA ARG E 125 -17.34 14.88 15.23
C ARG E 125 -18.54 14.42 16.04
N LYS E 126 -19.17 13.33 15.65
CA LYS E 126 -20.25 12.75 16.45
C LYS E 126 -19.70 12.11 17.73
N THR E 127 -18.58 11.42 17.60
CA THR E 127 -18.07 10.55 18.66
C THR E 127 -16.79 11.05 19.32
N ALA E 128 -16.13 12.07 18.75
CA ALA E 128 -14.92 12.72 19.29
C ALA E 128 -13.76 11.75 19.48
N VAL E 129 -13.64 10.74 18.60
CA VAL E 129 -12.55 9.78 18.67
C VAL E 129 -11.60 10.08 17.52
N ALA E 130 -10.32 9.75 17.70
CA ALA E 130 -9.29 10.13 16.75
C ALA E 130 -8.99 9.00 15.79
N ASN E 131 -8.60 9.36 14.56
CA ASN E 131 -8.28 8.39 13.51
C ASN E 131 -6.88 8.68 13.02
N PRO E 132 -5.87 8.11 13.70
CA PRO E 132 -4.48 8.51 13.45
C PRO E 132 -3.98 8.07 12.08
N ARG E 133 -3.09 8.88 11.51
CA ARG E 133 -2.43 8.51 10.27
C ARG E 133 -1.02 9.04 10.31
N GLN E 134 -0.13 8.34 9.63
CA GLN E 134 1.23 8.80 9.40
C GLN E 134 1.42 8.95 7.90
N ILE E 135 2.01 10.08 7.49
CA ILE E 135 2.31 10.33 6.09
C ILE E 135 3.78 10.73 6.00
N GLU E 136 4.43 10.32 4.91
CA GLU E 136 5.85 10.54 4.72
C GLU E 136 6.05 11.73 3.80
N ARG E 137 6.41 12.87 4.37
CA ARG E 137 6.70 14.05 3.58
C ARG E 137 8.20 14.17 3.41
N VAL E 138 8.60 14.92 2.38
CA VAL E 138 9.98 15.40 2.30
C VAL E 138 10.14 16.47 3.38
N ILE E 139 11.36 16.67 3.85
CA ILE E 139 11.53 17.74 4.82
C ILE E 139 11.64 19.07 4.09
N ALA E 140 11.22 20.13 4.76
CA ALA E 140 11.21 21.45 4.16
C ALA E 140 12.63 21.98 4.01
N GLY E 141 12.79 22.96 3.12
CA GLY E 141 14.11 23.49 2.86
C GLY E 141 14.98 22.61 2.00
N SER E 142 14.42 21.57 1.38
CA SER E 142 15.17 20.69 0.50
C SER E 142 14.97 21.14 -0.93
N LYS E 143 16.01 21.01 -1.74
CA LYS E 143 16.00 21.55 -3.09
C LYS E 143 15.82 20.46 -4.12
N PHE E 144 15.49 20.86 -5.34
CA PHE E 144 15.14 19.94 -6.41
C PHE E 144 15.58 20.58 -7.72
N ASP E 145 16.78 20.28 -8.19
CA ASP E 145 17.30 20.92 -9.39
C ASP E 145 16.69 20.27 -10.63
N PHE E 146 15.79 20.99 -11.30
CA PHE E 146 15.08 20.45 -12.43
C PHE E 146 15.71 20.87 -13.74
N GLU E 147 15.16 20.34 -14.82
CA GLU E 147 15.66 20.58 -16.17
C GLU E 147 14.51 20.30 -17.12
N ILE E 148 13.99 21.34 -17.76
CA ILE E 148 12.86 21.22 -18.68
C ILE E 148 13.36 21.60 -20.07
N PHE E 149 13.19 20.69 -21.02
CA PHE E 149 13.49 20.97 -22.42
C PHE E 149 12.32 21.68 -23.07
N TYR E 150 12.63 22.57 -24.02
CA TYR E 150 11.61 23.34 -24.72
C TYR E 150 11.92 23.31 -26.22
N ASN E 151 11.03 22.68 -26.99
CA ASN E 151 11.11 22.74 -28.44
C ASN E 151 10.95 24.17 -28.92
N LEU E 152 11.64 24.52 -29.99
CA LEU E 152 11.52 25.86 -30.57
C LEU E 152 11.04 25.70 -32.01
N ASP E 153 9.73 25.81 -32.19
CA ASP E 153 9.09 25.65 -33.49
C ASP E 153 8.85 26.97 -34.21
N ASP E 154 8.40 27.98 -33.49
CA ASP E 154 8.06 29.27 -34.07
C ASP E 154 8.87 30.33 -33.34
N ILE E 155 9.47 31.25 -34.08
CA ILE E 155 10.36 32.22 -33.45
C ILE E 155 9.59 33.46 -33.00
N LYS E 156 8.39 33.68 -33.53
CA LYS E 156 7.59 34.84 -33.15
C LYS E 156 6.74 34.57 -31.92
N GLU E 157 6.73 33.33 -31.43
CA GLU E 157 5.89 32.94 -30.30
C GLU E 157 6.70 32.52 -29.09
N VAL E 158 8.02 32.52 -29.16
CA VAL E 158 8.85 32.04 -28.07
C VAL E 158 8.81 33.02 -26.89
N GLU E 159 8.68 34.32 -27.15
CA GLU E 159 8.64 35.30 -26.07
C GLU E 159 7.33 35.18 -25.29
N LYS E 160 6.23 34.98 -26.01
CA LYS E 160 4.94 34.76 -25.35
C LYS E 160 4.92 33.43 -24.59
N ASP E 161 5.52 32.38 -25.16
CA ASP E 161 5.54 31.10 -24.47
C ASP E 161 6.40 31.14 -23.21
N PHE E 162 7.53 31.85 -23.25
CA PHE E 162 8.34 31.94 -22.04
C PHE E 162 7.73 32.89 -21.02
N GLU E 163 6.94 33.87 -21.47
CA GLU E 163 6.13 34.65 -20.53
C GLU E 163 5.12 33.77 -19.81
N ASN E 164 4.49 32.86 -20.56
CA ASN E 164 3.52 31.95 -19.94
C ASN E 164 4.22 30.93 -19.04
N ILE E 165 5.45 30.54 -19.38
CA ILE E 165 6.21 29.62 -18.54
C ILE E 165 6.55 30.28 -17.21
N LYS E 166 7.02 31.53 -17.25
CA LYS E 166 7.31 32.25 -16.02
C LYS E 166 6.04 32.53 -15.23
N GLN E 167 4.92 32.76 -15.93
CA GLN E 167 3.65 32.96 -15.24
C GLN E 167 3.18 31.69 -14.55
N GLY E 168 3.36 30.53 -15.18
CA GLY E 168 3.01 29.28 -14.53
C GLY E 168 3.90 28.97 -13.35
N PHE E 169 5.19 29.33 -13.46
CA PHE E 169 6.10 29.17 -12.32
C PHE E 169 5.71 30.10 -11.18
N ASP E 170 5.28 31.31 -11.49
CA ASP E 170 4.89 32.26 -10.45
C ASP E 170 3.55 31.90 -9.82
N LEU E 171 2.61 31.39 -10.61
CA LEU E 171 1.34 30.95 -10.06
C LEU E 171 1.50 29.69 -9.22
N LEU E 172 2.49 28.87 -9.55
CA LEU E 172 2.71 27.67 -8.77
C LEU E 172 3.36 27.99 -7.43
N GLU E 173 3.96 29.17 -7.30
CA GLU E 173 4.53 29.58 -6.02
C GLU E 173 3.45 29.90 -4.99
N PHE E 174 2.24 30.20 -5.44
CA PHE E 174 1.13 30.49 -4.55
C PHE E 174 0.11 29.35 -4.52
N ASP E 175 0.58 28.12 -4.72
CA ASP E 175 -0.20 26.92 -4.60
C ASP E 175 0.72 25.84 -4.05
N TYR E 176 0.30 24.60 -4.13
CA TYR E 176 1.10 23.49 -3.67
C TYR E 176 1.51 22.61 -4.84
N LEU E 177 2.40 21.65 -4.59
CA LEU E 177 2.86 20.81 -5.69
C LEU E 177 2.28 19.40 -5.65
N GLY E 178 1.87 18.91 -4.49
CA GLY E 178 1.18 17.65 -4.46
C GLY E 178 0.78 17.30 -3.04
N GLY E 179 0.04 16.20 -2.94
CA GLY E 179 -0.37 15.63 -1.69
C GLY E 179 -1.29 16.56 -0.93
N HIS E 180 -1.28 16.42 0.38
CA HIS E 180 -2.21 17.13 1.25
C HIS E 180 -1.88 18.60 1.29
N GLY E 181 -2.23 19.31 0.22
CA GLY E 181 -1.69 20.65 0.04
C GLY E 181 -2.40 21.70 0.86
N THR E 182 -3.73 21.66 0.88
CA THR E 182 -4.48 22.63 1.65
C THR E 182 -4.45 22.35 3.15
N ARG E 183 -3.95 21.19 3.57
CA ARG E 183 -3.73 20.88 4.98
C ARG E 183 -2.31 21.22 5.41
N GLY E 184 -1.70 22.21 4.76
CA GLY E 184 -0.47 22.81 5.24
C GLY E 184 0.82 22.28 4.66
N SER E 185 0.77 21.69 3.49
CA SER E 185 1.99 21.12 2.91
C SER E 185 1.99 21.45 1.42
N GLY E 186 3.02 20.97 0.74
CA GLY E 186 3.13 21.12 -0.69
C GLY E 186 3.74 22.42 -1.15
N ARG E 187 4.06 23.34 -0.26
CA ARG E 187 4.45 24.67 -0.70
C ARG E 187 5.88 24.68 -1.22
N ILE E 188 6.05 25.11 -2.46
CA ILE E 188 7.34 25.12 -3.14
C ILE E 188 7.66 26.55 -3.54
N ALA E 189 8.92 26.75 -3.94
CA ALA E 189 9.35 28.01 -4.53
C ALA E 189 10.35 27.70 -5.64
N PHE E 190 10.46 28.59 -6.61
CA PHE E 190 11.38 28.42 -7.73
C PHE E 190 12.55 29.40 -7.59
N GLU E 191 13.76 28.87 -7.69
CA GLU E 191 14.97 29.67 -7.57
C GLU E 191 15.90 29.36 -8.74
N ASN E 192 16.70 30.37 -9.10
CA ASN E 192 17.79 30.26 -10.08
C ASN E 192 17.30 29.82 -11.44
N LEU E 193 16.16 30.35 -11.86
CA LEU E 193 15.60 30.02 -13.17
C LEU E 193 16.44 30.69 -14.25
N SER E 194 16.86 29.89 -15.24
CA SER E 194 17.64 30.40 -16.36
C SER E 194 17.43 29.50 -17.56
N VAL E 195 17.81 30.01 -18.72
CA VAL E 195 17.70 29.29 -19.98
C VAL E 195 19.08 29.12 -20.59
N ILE E 196 19.42 27.89 -20.96
CA ILE E 196 20.60 27.61 -21.74
C ILE E 196 20.16 26.86 -22.99
N THR E 197 20.75 27.23 -24.12
CA THR E 197 20.49 26.52 -25.36
C THR E 197 21.15 25.14 -25.32
N ALA E 198 20.53 24.18 -25.99
CA ALA E 198 21.06 22.82 -25.99
C ALA E 198 22.33 22.74 -26.82
N VAL E 199 22.21 22.96 -28.13
CA VAL E 199 23.36 23.10 -29.02
C VAL E 199 23.19 24.39 -29.80
N GLY E 200 24.29 24.95 -30.26
CA GLY E 200 24.24 26.16 -31.04
C GLY E 200 24.09 27.40 -30.18
N ASN E 201 24.01 28.53 -30.87
CA ASN E 201 23.87 29.84 -30.23
C ASN E 201 22.56 30.48 -30.66
N PHE E 202 21.89 31.12 -29.72
CA PHE E 202 20.61 31.76 -29.96
C PHE E 202 20.80 33.27 -29.96
N GLU E 203 20.18 33.94 -30.94
CA GLU E 203 20.28 35.38 -31.10
C GLU E 203 19.36 36.14 -30.16
N LYS E 204 18.41 35.47 -29.53
CA LYS E 204 17.40 36.11 -28.69
C LYS E 204 17.26 35.31 -27.39
N ILE E 205 18.39 34.98 -26.77
CA ILE E 205 18.37 34.20 -25.54
C ILE E 205 18.48 35.11 -24.31
N ASN E 206 18.96 36.34 -24.51
CA ASN E 206 19.10 37.28 -23.41
C ASN E 206 17.75 37.69 -22.85
N THR E 207 16.75 37.88 -23.73
CA THR E 207 15.45 38.30 -23.24
C THR E 207 14.70 37.17 -22.56
N LEU E 208 14.96 35.91 -22.96
CA LEU E 208 14.34 34.79 -22.27
C LEU E 208 14.98 34.57 -20.91
N ASN E 209 16.30 34.72 -20.83
CA ASN E 209 16.99 34.61 -19.55
C ASN E 209 16.73 35.82 -18.68
N GLU E 210 16.21 36.92 -19.26
CA GLU E 210 15.82 38.07 -18.47
C GLU E 210 14.39 37.97 -17.99
N ILE E 211 13.50 37.40 -18.80
CA ILE E 211 12.13 37.13 -18.37
C ILE E 211 12.13 36.11 -17.24
N LEU E 212 12.90 35.04 -17.42
CA LEU E 212 12.95 34.00 -16.41
C LEU E 212 13.94 34.31 -15.30
N GLY E 213 14.71 35.37 -15.44
CA GLY E 213 15.64 35.74 -14.39
C GLY E 213 15.05 36.75 -13.42
N ALA E 214 13.78 37.07 -13.58
CA ALA E 214 13.13 38.04 -12.70
C ALA E 214 11.66 37.69 -12.46
N MET F 1 -22.45 30.24 21.60
CA MET F 1 -22.01 31.27 22.54
C MET F 1 -20.99 30.66 23.48
N LYS F 2 -20.14 31.50 24.07
CA LYS F 2 -19.08 31.02 24.94
C LYS F 2 -18.89 32.00 26.09
N LEU F 3 -18.86 31.49 27.30
CA LEU F 3 -18.79 32.30 28.50
C LEU F 3 -17.38 32.27 29.06
N VAL F 4 -16.98 33.40 29.65
CA VAL F 4 -15.66 33.55 30.25
C VAL F 4 -15.86 33.77 31.74
N ILE F 5 -15.27 32.90 32.55
CA ILE F 5 -15.29 33.04 34.01
C ILE F 5 -13.98 33.71 34.39
N GLU F 6 -14.03 35.01 34.70
CA GLU F 6 -12.84 35.74 35.10
C GLU F 6 -12.94 36.09 36.58
N GLY F 7 -11.86 35.83 37.30
CA GLY F 7 -11.83 36.08 38.73
C GLY F 7 -10.43 36.44 39.17
N THR F 8 -10.12 36.13 40.42
CA THR F 8 -8.82 36.42 41.01
C THR F 8 -8.59 35.43 42.14
N ILE F 9 -7.39 34.86 42.19
CA ILE F 9 -7.01 33.89 43.21
C ILE F 9 -6.02 34.57 44.14
N VAL F 10 -6.47 34.98 45.31
CA VAL F 10 -5.58 35.52 46.34
C VAL F 10 -5.12 34.37 47.22
N LEU F 11 -3.81 34.31 47.47
CA LEU F 11 -3.23 33.26 48.28
C LEU F 11 -3.24 33.70 49.74
N LYS F 12 -3.64 32.80 50.62
CA LYS F 12 -3.59 33.09 52.05
C LYS F 12 -2.45 32.35 52.75
N THR F 13 -1.78 31.44 52.05
CA THR F 13 -0.59 30.77 52.55
C THR F 13 0.40 30.71 51.38
N GLY F 14 1.40 29.84 51.48
CA GLY F 14 2.45 29.76 50.49
C GLY F 14 2.06 29.27 49.11
N MET F 15 1.55 28.04 49.03
CA MET F 15 1.31 27.33 47.77
C MET F 15 2.59 27.21 46.94
N HIS F 16 3.54 26.44 47.47
CA HIS F 16 4.54 25.84 46.61
C HIS F 16 3.83 24.92 45.64
N ILE F 17 4.26 24.93 44.38
CA ILE F 17 3.57 24.16 43.35
C ILE F 17 4.55 23.82 42.24
N GLY F 18 4.41 22.64 41.69
CA GLY F 18 5.08 22.30 40.45
C GLY F 18 6.51 21.83 40.63
N GLY F 19 7.10 21.48 39.50
CA GLY F 19 8.52 21.17 39.44
C GLY F 19 9.12 21.84 38.23
N SER F 20 10.42 22.07 38.27
CA SER F 20 11.11 22.75 37.18
C SER F 20 12.25 21.89 36.65
N SER F 21 12.72 22.25 35.46
CA SER F 21 13.88 21.63 34.86
C SER F 21 15.17 22.31 35.27
N ASP F 22 15.10 23.33 36.11
CA ASP F 22 16.28 24.06 36.52
C ASP F 22 17.05 23.30 37.59
N PHE F 23 18.37 23.45 37.58
CA PHE F 23 19.20 22.86 38.61
C PHE F 23 18.99 23.54 39.95
N SER F 24 19.33 22.83 41.01
CA SER F 24 19.40 23.41 42.34
C SER F 24 20.86 23.61 42.73
N ALA F 25 21.08 24.13 43.92
CA ALA F 25 22.42 24.14 44.49
C ALA F 25 22.48 23.18 45.66
N ILE F 26 23.67 23.03 46.24
CA ILE F 26 23.88 21.98 47.25
C ILE F 26 23.22 22.37 48.56
N GLY F 27 23.61 23.48 49.15
CA GLY F 27 22.80 23.98 50.23
C GLY F 27 21.93 25.11 49.74
N ALA F 28 20.70 24.78 49.34
CA ALA F 28 19.78 25.76 48.75
C ALA F 28 18.39 25.15 48.66
N VAL F 29 17.50 25.83 47.94
CA VAL F 29 16.17 25.29 47.71
C VAL F 29 16.22 24.14 46.72
N ALA F 30 15.57 23.04 47.07
CA ALA F 30 15.24 21.98 46.14
C ALA F 30 13.74 22.05 45.85
N SER F 31 13.37 21.61 44.64
CA SER F 31 12.02 21.63 44.10
C SER F 31 11.44 23.05 44.08
N PRO F 32 11.87 23.90 43.16
CA PRO F 32 11.33 25.26 43.11
C PRO F 32 9.93 25.28 42.53
N VAL F 33 9.33 26.47 42.56
CA VAL F 33 7.97 26.66 42.07
C VAL F 33 7.96 26.56 40.55
N VAL F 34 6.83 26.16 39.97
CA VAL F 34 6.69 26.19 38.53
C VAL F 34 6.45 27.62 38.06
N ARG F 35 7.25 28.07 37.10
CA ARG F 35 7.19 29.45 36.64
C ARG F 35 7.08 29.47 35.13
N ASP F 36 6.55 30.58 34.62
CA ASP F 36 6.62 30.87 33.20
C ASP F 36 8.07 31.16 32.83
N THR F 37 8.49 30.69 31.66
CA THR F 37 9.91 30.81 31.31
C THR F 37 10.25 32.21 30.85
N LEU F 38 9.33 32.88 30.16
CA LEU F 38 9.67 34.16 29.55
C LEU F 38 9.61 35.28 30.59
N THR F 39 8.46 35.46 31.21
CA THR F 39 8.26 36.55 32.14
C THR F 39 8.96 36.35 33.48
N ARG F 40 9.34 35.10 33.81
CA ARG F 40 9.80 34.67 35.13
C ARG F 40 8.85 35.12 36.21
N LEU F 41 7.56 34.91 35.98
CA LEU F 41 6.45 35.02 36.90
C LEU F 41 6.10 33.65 37.46
N PRO F 42 5.94 33.54 38.78
CA PRO F 42 5.39 32.30 39.35
C PRO F 42 3.97 32.08 38.85
N LEU F 43 3.61 30.82 38.71
CA LEU F 43 2.48 30.43 37.89
C LEU F 43 1.65 29.36 38.58
N ILE F 44 0.34 29.40 38.32
CA ILE F 44 -0.55 28.30 38.66
C ILE F 44 -0.89 27.58 37.35
N PRO F 45 -0.57 26.29 37.21
CA PRO F 45 -0.96 25.57 36.00
C PRO F 45 -2.48 25.42 35.94
N GLY F 46 -3.01 25.45 34.71
CA GLY F 46 -4.40 25.11 34.52
C GLY F 46 -4.69 23.67 34.88
N SER F 47 -3.72 22.78 34.66
CA SER F 47 -3.86 21.38 35.01
C SER F 47 -3.99 21.19 36.50
N SER F 48 -3.23 21.96 37.29
CA SER F 48 -3.24 21.78 38.74
C SER F 48 -4.56 22.20 39.34
N LEU F 49 -5.07 23.36 38.93
CA LEU F 49 -6.34 23.84 39.48
C LEU F 49 -7.49 23.01 38.95
N LYS F 50 -7.41 22.56 37.69
CA LYS F 50 -8.45 21.68 37.16
C LYS F 50 -8.49 20.35 37.88
N GLY F 51 -7.33 19.73 38.12
CA GLY F 51 -7.30 18.46 38.80
C GLY F 51 -7.75 18.56 40.25
N LYS F 52 -7.36 19.64 40.93
CA LYS F 52 -7.78 19.78 42.32
C LYS F 52 -9.26 20.12 42.42
N MET F 53 -9.78 20.94 41.50
CA MET F 53 -11.21 21.22 41.48
C MET F 53 -12.02 19.98 41.15
N ARG F 54 -11.54 19.17 40.20
CA ARG F 54 -12.25 17.95 39.83
C ARG F 54 -12.24 16.93 40.96
N TYR F 55 -11.13 16.83 41.68
CA TYR F 55 -11.08 15.95 42.84
C TYR F 55 -11.98 16.45 43.95
N LEU F 56 -12.08 17.76 44.13
CA LEU F 56 -12.90 18.28 45.21
C LEU F 56 -14.39 18.19 44.89
N LEU F 57 -14.76 18.41 43.63
CA LEU F 57 -16.16 18.29 43.24
C LEU F 57 -16.60 16.84 43.20
N ALA F 58 -15.77 15.97 42.62
CA ALA F 58 -16.16 14.58 42.43
C ALA F 58 -16.28 13.85 43.75
N LYS F 59 -15.45 14.23 44.73
CA LYS F 59 -15.62 13.70 46.07
C LYS F 59 -16.88 14.24 46.73
N GLU F 60 -17.29 15.45 46.39
CA GLU F 60 -18.44 16.07 47.03
C GLU F 60 -19.76 15.69 46.36
N LEU F 61 -19.80 15.62 45.04
CA LEU F 61 -21.01 15.20 44.35
C LEU F 61 -21.29 13.71 44.49
N ASN F 62 -20.29 12.92 44.86
CA ASN F 62 -20.48 11.52 45.24
C ASN F 62 -20.38 11.33 46.75
N ASN F 63 -20.81 12.33 47.53
CA ASN F 63 -21.15 12.22 48.95
C ASN F 63 -19.96 11.92 49.86
N GLY F 64 -18.72 11.93 49.38
CA GLY F 64 -17.54 11.72 50.20
C GLY F 64 -16.64 10.60 49.73
N ILE F 65 -17.22 9.53 49.20
CA ILE F 65 -16.44 8.38 48.76
C ILE F 65 -16.07 8.57 47.30
N LEU F 66 -14.78 8.55 47.00
CA LEU F 66 -14.31 8.72 45.62
C LEU F 66 -13.13 7.78 45.41
N LEU F 67 -13.43 6.58 44.90
CA LEU F 67 -12.44 5.52 44.69
C LEU F 67 -12.57 4.94 43.29
N ASN F 68 -12.69 5.82 42.29
CA ASN F 68 -12.93 5.36 40.93
C ASN F 68 -12.13 6.22 39.96
N GLU F 69 -12.01 5.74 38.73
CA GLU F 69 -11.36 6.47 37.65
C GLU F 69 -12.14 7.72 37.29
N PRO F 70 -11.49 8.73 36.70
CA PRO F 70 -12.22 9.95 36.34
C PRO F 70 -13.22 9.78 35.20
N ASN F 71 -13.25 8.63 34.53
CA ASN F 71 -14.33 8.32 33.61
C ASN F 71 -15.47 7.57 34.27
N ASN F 72 -15.47 7.45 35.59
CA ASN F 72 -16.56 6.85 36.35
C ASN F 72 -17.31 7.87 37.20
N ASP F 73 -17.14 9.15 36.92
CA ASP F 73 -17.79 10.18 37.70
C ASP F 73 -19.20 10.42 37.21
N GLN F 74 -19.92 11.27 37.92
CA GLN F 74 -21.26 11.66 37.48
C GLN F 74 -21.18 12.56 36.27
N ASP F 75 -22.23 12.53 35.45
CA ASP F 75 -22.21 13.22 34.15
C ASP F 75 -22.20 14.73 34.31
N GLU F 76 -22.62 15.24 35.47
CA GLU F 76 -22.56 16.68 35.67
C GLU F 76 -21.19 17.13 36.15
N ILE F 77 -20.24 16.19 36.28
CA ILE F 77 -18.82 16.50 36.28
C ILE F 77 -18.22 16.32 34.89
N LEU F 78 -18.62 15.23 34.21
CA LEU F 78 -18.00 14.84 32.96
C LEU F 78 -18.33 15.81 31.84
N ARG F 79 -19.42 16.57 31.95
CA ARG F 79 -19.64 17.59 30.94
C ARG F 79 -18.98 18.90 31.32
N LEU F 80 -18.38 18.98 32.50
CA LEU F 80 -17.54 20.13 32.83
C LEU F 80 -16.09 19.85 32.47
N PHE F 81 -15.55 18.75 32.95
CA PHE F 81 -14.12 18.50 32.87
C PHE F 81 -13.74 17.42 31.86
N GLY F 82 -14.66 16.97 31.03
CA GLY F 82 -14.32 16.03 29.99
C GLY F 82 -14.27 14.59 30.46
N SER F 83 -14.24 13.69 29.47
CA SER F 83 -14.25 12.27 29.72
C SER F 83 -13.63 11.56 28.53
N SER F 84 -13.08 10.38 28.76
CA SER F 84 -12.52 9.61 27.67
C SER F 84 -12.82 8.13 27.83
N GLU F 85 -14.06 7.79 28.16
CA GLU F 85 -14.51 6.41 28.02
C GLU F 85 -14.60 6.08 26.53
N LYS F 86 -14.62 4.78 26.21
CA LYS F 86 -14.45 4.33 24.84
C LYS F 86 -15.61 4.72 23.93
N ASP F 87 -16.80 4.92 24.47
CA ASP F 87 -17.99 5.12 23.66
C ASP F 87 -18.63 6.49 23.85
N LYS F 88 -18.87 6.91 25.09
CA LYS F 88 -19.53 8.18 25.36
C LYS F 88 -18.52 9.28 25.73
N ILE F 89 -17.71 9.68 24.75
CA ILE F 89 -16.73 10.74 24.97
C ILE F 89 -17.47 12.07 25.08
N ARG F 90 -17.29 12.75 26.20
CA ARG F 90 -17.94 14.02 26.44
C ARG F 90 -16.92 15.15 26.38
N ARG F 91 -17.14 16.06 25.45
CA ARG F 91 -16.26 17.22 25.31
C ARG F 91 -16.44 18.13 26.51
N ALA F 92 -15.34 18.58 27.10
CA ALA F 92 -15.40 19.42 28.28
C ALA F 92 -15.95 20.78 27.93
N ARG F 93 -16.88 21.28 28.75
CA ARG F 93 -17.34 22.65 28.59
C ARG F 93 -16.35 23.65 29.15
N LEU F 94 -15.54 23.23 30.12
CA LEU F 94 -14.57 24.12 30.73
C LEU F 94 -13.24 24.05 30.01
N LYS F 95 -12.61 25.21 29.82
CA LYS F 95 -11.28 25.28 29.23
C LYS F 95 -10.45 26.13 30.18
N PHE F 96 -9.60 25.48 30.96
CA PHE F 96 -8.72 26.17 31.89
C PHE F 96 -7.52 26.75 31.17
N ASN F 97 -6.89 27.73 31.80
CA ASN F 97 -5.69 28.36 31.26
C ASN F 97 -4.63 28.42 32.33
N ASP F 98 -3.37 28.57 31.90
CA ASP F 98 -2.29 28.74 32.83
C ASP F 98 -2.39 30.09 33.51
N ILE F 99 -2.41 30.08 34.83
CA ILE F 99 -2.68 31.26 35.62
C ILE F 99 -1.36 31.84 36.09
N LYS F 100 -0.94 32.93 35.47
CA LYS F 100 0.29 33.62 35.85
C LYS F 100 0.01 34.56 37.02
N LEU F 101 1.09 35.03 37.62
CA LEU F 101 0.98 36.08 38.63
C LEU F 101 0.49 37.36 38.00
N SER F 102 -0.24 38.15 38.77
CA SER F 102 -0.86 39.37 38.26
C SER F 102 -0.49 40.63 39.01
N ASN F 103 -0.07 40.53 40.28
CA ASN F 103 0.19 41.70 41.10
C ASN F 103 1.65 41.79 41.57
N LEU F 104 2.61 41.57 40.68
CA LEU F 104 4.01 41.81 41.03
C LEU F 104 4.28 43.28 41.28
N ALA F 105 3.53 44.16 40.60
CA ALA F 105 3.65 45.60 40.86
C ALA F 105 3.23 45.95 42.29
N GLU F 106 2.21 45.26 42.80
CA GLU F 106 1.76 45.50 44.17
C GLU F 106 2.80 45.01 45.17
N LEU F 107 3.44 43.87 44.90
CA LEU F 107 4.41 43.33 45.84
C LEU F 107 5.70 44.12 45.82
N GLU F 108 6.06 44.70 44.68
CA GLU F 108 7.22 45.58 44.65
C GLU F 108 6.84 47.02 44.98
N THR F 109 5.55 47.28 45.17
CA THR F 109 5.13 48.51 45.83
C THR F 109 5.20 48.35 47.34
N PHE F 110 4.93 47.14 47.83
CA PHE F 110 5.14 46.79 49.23
C PHE F 110 6.56 46.34 49.53
N ASN F 111 7.46 46.44 48.54
CA ASN F 111 8.92 46.35 48.70
C ASN F 111 9.32 44.92 49.15
N VAL F 112 8.71 43.92 48.52
CA VAL F 112 9.11 42.53 48.68
C VAL F 112 9.17 41.89 47.29
N SER F 113 9.76 40.71 47.23
CA SER F 113 9.80 39.94 45.99
C SER F 113 8.56 39.07 45.90
N SER F 114 8.47 38.25 44.86
CA SER F 114 7.28 37.46 44.61
C SER F 114 7.29 36.11 45.30
N THR F 115 8.41 35.71 45.91
CA THR F 115 8.48 34.38 46.49
C THR F 115 9.41 34.30 47.69
N GLU F 116 9.24 33.27 48.51
CA GLU F 116 10.09 33.04 49.67
C GLU F 116 10.69 31.63 49.57
N VAL F 117 11.57 31.33 50.52
CA VAL F 117 12.12 30.00 50.69
C VAL F 117 11.78 29.57 52.12
N LYS F 118 11.36 28.32 52.28
CA LYS F 118 10.85 27.88 53.56
C LYS F 118 11.66 26.70 54.07
N PHE F 119 12.25 26.87 55.25
CA PHE F 119 13.19 25.90 55.78
C PHE F 119 12.41 24.86 56.56
N GLU F 120 12.75 23.59 56.35
CA GLU F 120 12.00 22.48 56.93
C GLU F 120 12.93 21.32 57.16
N ASN F 121 12.50 20.38 58.00
CA ASN F 121 13.21 19.12 58.12
C ASN F 121 12.22 18.05 58.56
N THR F 122 12.73 16.85 58.76
CA THR F 122 12.03 15.78 59.46
C THR F 122 12.92 15.35 60.61
N ILE F 123 12.34 14.71 61.62
CA ILE F 123 13.09 14.22 62.76
C ILE F 123 12.91 12.71 62.85
N ASN F 124 13.98 12.00 63.16
CA ASN F 124 13.88 10.58 63.44
C ASN F 124 13.63 10.40 64.92
N ARG F 125 12.95 9.33 65.28
CA ARG F 125 12.60 9.15 66.68
C ARG F 125 13.51 8.15 67.39
N LYS F 126 14.56 7.68 66.71
CA LYS F 126 15.57 6.84 67.34
C LYS F 126 16.77 7.65 67.81
N THR F 127 17.46 8.30 66.87
CA THR F 127 18.68 9.04 67.17
C THR F 127 18.49 10.55 67.16
N ALA F 128 17.25 11.02 66.93
CA ALA F 128 16.91 12.44 66.76
C ALA F 128 17.76 13.12 65.69
N VAL F 129 17.98 12.44 64.58
CA VAL F 129 18.75 12.99 63.48
C VAL F 129 17.81 13.79 62.60
N ALA F 130 18.30 14.90 62.08
CA ALA F 130 17.50 15.79 61.25
C ALA F 130 17.87 15.63 59.78
N ASN F 131 16.97 16.08 58.92
CA ASN F 131 17.18 16.02 57.48
C ASN F 131 16.59 17.27 56.87
N PRO F 132 17.38 18.35 56.78
CA PRO F 132 16.84 19.64 56.35
C PRO F 132 16.48 19.68 54.88
N ARG F 133 15.53 20.56 54.56
CA ARG F 133 15.13 20.82 53.20
C ARG F 133 14.70 22.27 53.10
N GLN F 134 14.66 22.78 51.87
CA GLN F 134 14.14 24.11 51.62
C GLN F 134 13.14 24.01 50.47
N ILE F 135 12.00 24.67 50.61
CA ILE F 135 10.94 24.66 49.60
C ILE F 135 10.57 26.09 49.25
N GLU F 136 10.48 26.38 47.96
CA GLU F 136 10.26 27.74 47.47
C GLU F 136 8.78 27.96 47.18
N ARG F 137 8.11 28.68 48.08
CA ARG F 137 6.71 29.01 47.92
C ARG F 137 6.57 30.44 47.43
N VAL F 138 5.45 30.70 46.77
CA VAL F 138 5.04 32.06 46.49
C VAL F 138 4.57 32.67 47.81
N ILE F 139 4.77 33.96 48.00
CA ILE F 139 4.36 34.55 49.27
C ILE F 139 2.84 34.70 49.30
N ALA F 140 2.29 34.76 50.51
CA ALA F 140 0.87 35.01 50.66
C ALA F 140 0.58 36.48 50.34
N GLY F 141 -0.63 36.72 49.84
CA GLY F 141 -1.01 38.05 49.42
C GLY F 141 -0.83 38.33 47.95
N SER F 142 -0.40 37.34 47.17
CA SER F 142 -0.19 37.53 45.75
C SER F 142 -1.40 37.00 44.98
N LYS F 143 -1.90 37.80 44.06
CA LYS F 143 -3.11 37.49 43.31
C LYS F 143 -2.76 36.67 42.06
N PHE F 144 -3.78 36.11 41.44
CA PHE F 144 -3.61 35.26 40.26
C PHE F 144 -4.87 35.41 39.41
N ASP F 145 -4.86 36.34 38.47
CA ASP F 145 -6.02 36.55 37.61
C ASP F 145 -6.12 35.43 36.59
N PHE F 146 -7.33 34.96 36.33
CA PHE F 146 -7.56 33.83 35.44
C PHE F 146 -8.77 34.08 34.56
N GLU F 147 -8.82 33.35 33.44
CA GLU F 147 -9.92 33.43 32.48
C GLU F 147 -10.26 32.01 32.03
N ILE F 148 -11.19 31.37 32.72
CA ILE F 148 -11.69 30.04 32.35
C ILE F 148 -12.79 30.23 31.31
N PHE F 149 -12.69 29.50 30.20
CA PHE F 149 -13.69 29.58 29.14
C PHE F 149 -14.75 28.52 29.37
N TYR F 150 -16.00 28.86 29.08
CA TYR F 150 -17.12 27.94 29.22
C TYR F 150 -17.85 27.83 27.89
N ASN F 151 -17.90 26.63 27.34
CA ASN F 151 -18.68 26.38 26.13
C ASN F 151 -20.16 26.33 26.48
N LEU F 152 -20.90 27.35 26.05
CA LEU F 152 -22.34 27.39 26.27
C LEU F 152 -22.96 26.56 25.15
N ASP F 153 -23.05 25.26 25.39
CA ASP F 153 -23.55 24.32 24.40
C ASP F 153 -24.97 23.83 24.67
N ASP F 154 -25.43 23.87 25.91
CA ASP F 154 -26.82 23.63 26.24
C ASP F 154 -27.27 24.73 27.18
N ILE F 155 -28.50 25.23 27.00
CA ILE F 155 -28.98 26.32 27.83
C ILE F 155 -29.74 25.82 29.05
N LYS F 156 -30.13 24.54 29.07
CA LYS F 156 -30.93 24.01 30.17
C LYS F 156 -30.11 23.59 31.38
N GLU F 157 -28.80 23.40 31.22
CA GLU F 157 -27.96 22.97 32.32
C GLU F 157 -26.93 24.00 32.72
N VAL F 158 -26.95 25.20 32.13
CA VAL F 158 -25.92 26.19 32.42
C VAL F 158 -26.07 26.75 33.84
N GLU F 159 -27.29 26.86 34.35
CA GLU F 159 -27.50 27.40 35.69
C GLU F 159 -26.96 26.46 36.74
N LYS F 160 -27.28 25.17 36.63
CA LYS F 160 -26.81 24.22 37.64
C LYS F 160 -25.34 23.88 37.40
N ASP F 161 -24.85 24.02 36.17
CA ASP F 161 -23.41 23.85 35.93
C ASP F 161 -22.61 24.98 36.55
N PHE F 162 -23.14 26.20 36.53
CA PHE F 162 -22.43 27.30 37.17
C PHE F 162 -22.59 27.24 38.68
N GLU F 163 -23.69 26.64 39.16
CA GLU F 163 -23.78 26.30 40.57
C GLU F 163 -22.71 25.28 40.96
N ASN F 164 -22.46 24.30 40.10
CA ASN F 164 -21.39 23.32 40.32
C ASN F 164 -20.02 23.99 40.30
N ILE F 165 -19.83 24.95 39.38
CA ILE F 165 -18.56 25.68 39.28
C ILE F 165 -18.32 26.50 40.54
N LYS F 166 -19.36 27.17 41.04
CA LYS F 166 -19.25 27.92 42.29
C LYS F 166 -18.98 26.99 43.48
N GLN F 167 -19.58 25.81 43.48
CA GLN F 167 -19.32 24.86 44.55
C GLN F 167 -17.88 24.34 44.49
N GLY F 168 -17.36 24.16 43.28
CA GLY F 168 -15.96 23.77 43.13
C GLY F 168 -14.99 24.86 43.57
N PHE F 169 -15.37 26.12 43.36
CA PHE F 169 -14.59 27.23 43.89
C PHE F 169 -14.61 27.23 45.41
N ASP F 170 -15.80 27.06 46.00
CA ASP F 170 -15.91 27.19 47.46
C ASP F 170 -15.37 25.98 48.20
N LEU F 171 -15.34 24.82 47.55
CA LEU F 171 -14.64 23.68 48.15
C LEU F 171 -13.14 23.87 48.06
N LEU F 172 -12.68 24.64 47.07
CA LEU F 172 -11.27 24.97 46.97
C LEU F 172 -10.89 26.10 47.92
N GLU F 173 -11.86 26.83 48.47
CA GLU F 173 -11.55 27.76 49.54
C GLU F 173 -11.26 27.03 50.84
N PHE F 174 -11.82 25.83 51.00
CA PHE F 174 -11.67 25.03 52.22
C PHE F 174 -10.53 24.04 52.15
N ASP F 175 -9.75 24.04 51.08
CA ASP F 175 -8.78 22.98 50.84
C ASP F 175 -7.63 23.56 50.03
N TYR F 176 -6.47 22.92 50.10
CA TYR F 176 -5.26 23.46 49.49
C TYR F 176 -5.29 23.28 47.99
N LEU F 177 -4.43 24.03 47.30
CA LEU F 177 -4.38 23.93 45.84
C LEU F 177 -3.31 22.96 45.37
N GLY F 178 -2.09 23.06 45.88
CA GLY F 178 -1.06 22.15 45.44
C GLY F 178 0.16 22.21 46.34
N GLY F 179 1.09 21.32 46.08
CA GLY F 179 2.27 21.22 46.90
C GLY F 179 1.95 20.70 48.28
N HIS F 180 2.83 21.03 49.23
CA HIS F 180 2.77 20.51 50.58
C HIS F 180 1.61 21.11 51.37
N GLY F 181 0.40 20.78 50.93
CA GLY F 181 -0.79 21.44 51.43
C GLY F 181 -1.32 20.87 52.72
N THR F 182 -0.92 19.65 53.04
CA THR F 182 -1.39 19.04 54.26
C THR F 182 -0.51 19.46 55.44
N ARG F 183 0.57 20.18 55.16
CA ARG F 183 1.49 20.68 56.19
C ARG F 183 1.37 22.18 56.38
N GLY F 184 0.29 22.78 55.92
CA GLY F 184 0.12 24.21 56.15
C GLY F 184 0.60 25.11 55.04
N SER F 185 0.13 24.88 53.82
CA SER F 185 0.41 25.75 52.70
C SER F 185 -0.70 25.54 51.67
N GLY F 186 -0.79 26.45 50.71
CA GLY F 186 -1.71 26.27 49.62
C GLY F 186 -3.14 26.69 49.87
N ARG F 187 -3.45 27.30 51.01
CA ARG F 187 -4.80 27.78 51.25
C ARG F 187 -5.10 28.97 50.34
N ILE F 188 -6.13 28.84 49.52
CA ILE F 188 -6.45 29.83 48.51
C ILE F 188 -7.87 30.35 48.74
N ALA F 189 -8.11 31.58 48.28
CA ALA F 189 -9.43 32.19 48.38
C ALA F 189 -9.69 32.95 47.09
N PHE F 190 -10.96 33.04 46.70
CA PHE F 190 -11.33 33.62 45.43
C PHE F 190 -11.94 35.01 45.60
N GLU F 191 -11.57 35.92 44.72
CA GLU F 191 -12.04 37.30 44.76
C GLU F 191 -12.54 37.71 43.39
N ASN F 192 -13.66 38.46 43.39
CA ASN F 192 -14.25 39.08 42.20
C ASN F 192 -14.59 38.06 41.11
N LEU F 193 -15.33 37.02 41.48
CA LEU F 193 -15.79 36.04 40.51
C LEU F 193 -16.88 36.67 39.66
N SER F 194 -16.76 36.55 38.33
CA SER F 194 -17.66 37.21 37.42
C SER F 194 -17.71 36.44 36.11
N VAL F 195 -18.77 36.70 35.33
CA VAL F 195 -18.97 36.05 34.05
C VAL F 195 -19.22 37.13 33.00
N ILE F 196 -18.55 37.01 31.85
CA ILE F 196 -18.87 37.81 30.69
C ILE F 196 -18.99 36.86 29.51
N THR F 197 -19.68 37.30 28.47
CA THR F 197 -19.82 36.52 27.24
C THR F 197 -18.73 36.89 26.26
N ALA F 198 -18.36 35.94 25.41
CA ALA F 198 -17.32 36.18 24.42
C ALA F 198 -17.75 37.23 23.40
N VAL F 199 -18.73 36.91 22.58
CA VAL F 199 -19.29 37.82 21.58
C VAL F 199 -20.79 37.61 21.55
N GLY F 200 -21.54 38.67 21.76
CA GLY F 200 -22.98 38.57 21.80
C GLY F 200 -23.54 38.88 23.16
N ASN F 201 -24.86 38.72 23.27
CA ASN F 201 -25.58 38.95 24.51
C ASN F 201 -26.31 37.68 24.91
N PHE F 202 -25.88 37.08 26.02
CA PHE F 202 -26.61 35.97 26.61
C PHE F 202 -27.72 36.57 27.45
N GLU F 203 -28.94 36.06 27.26
CA GLU F 203 -30.09 36.64 27.96
C GLU F 203 -30.04 36.29 29.45
N LYS F 204 -29.60 35.09 29.77
CA LYS F 204 -29.59 34.58 31.14
C LYS F 204 -28.17 34.75 31.72
N ILE F 205 -27.66 35.97 31.66
CA ILE F 205 -26.29 36.26 32.05
C ILE F 205 -26.20 37.01 33.37
N ASN F 206 -27.25 37.70 33.80
CA ASN F 206 -27.19 38.39 35.08
C ASN F 206 -27.33 37.41 36.24
N THR F 207 -28.12 36.34 36.04
CA THR F 207 -28.33 35.42 37.13
C THR F 207 -27.18 34.44 37.27
N LEU F 208 -26.32 34.34 36.25
CA LEU F 208 -25.08 33.58 36.41
C LEU F 208 -24.11 34.34 37.29
N ASN F 209 -24.08 35.67 37.16
CA ASN F 209 -23.34 36.50 38.10
C ASN F 209 -23.96 36.43 39.49
N GLU F 210 -25.28 36.20 39.55
CA GLU F 210 -25.94 36.07 40.85
C GLU F 210 -25.57 34.74 41.51
N ILE F 211 -25.18 33.74 40.72
CA ILE F 211 -24.72 32.48 41.29
C ILE F 211 -23.26 32.60 41.73
N LEU F 212 -22.40 33.14 40.86
CA LEU F 212 -20.99 33.31 41.23
C LEU F 212 -20.80 34.39 42.29
N GLY F 213 -21.45 35.54 42.14
CA GLY F 213 -21.34 36.59 43.13
C GLY F 213 -22.23 36.36 44.34
N ALA F 214 -22.05 35.24 45.02
CA ALA F 214 -22.90 34.84 46.13
C ALA F 214 -22.06 34.25 47.25
N MET G 1 -16.01 12.85 58.80
CA MET G 1 -15.75 13.30 57.43
C MET G 1 -15.58 14.81 57.37
N LYS G 2 -14.32 15.24 57.22
CA LYS G 2 -13.94 16.64 57.04
C LYS G 2 -14.38 17.51 58.22
N LYS G 3 -13.89 17.17 59.40
CA LYS G 3 -14.19 17.94 60.60
C LYS G 3 -13.17 19.05 60.75
N THR G 4 -13.55 20.27 60.43
CA THR G 4 -12.67 21.42 60.51
C THR G 4 -12.77 22.03 61.90
N TYR G 5 -11.62 22.42 62.46
CA TYR G 5 -11.59 23.03 63.77
C TYR G 5 -10.90 24.39 63.74
N ARG G 6 -10.59 24.92 64.92
CA ARG G 6 -9.78 26.13 65.05
C ARG G 6 -8.88 25.91 66.26
N VAL G 7 -7.68 25.41 66.03
CA VAL G 7 -6.75 25.16 67.12
C VAL G 7 -6.15 26.48 67.58
N THR G 8 -6.40 26.84 68.83
CA THR G 8 -5.88 28.07 69.41
C THR G 8 -4.74 27.71 70.35
N LEU G 9 -3.56 28.21 70.04
CA LEU G 9 -2.36 27.95 70.83
C LEU G 9 -2.15 29.11 71.78
N THR G 10 -2.14 28.83 73.07
CA THR G 10 -1.81 29.81 74.10
C THR G 10 -0.52 29.32 74.74
N ALA G 11 0.56 30.05 74.48
CA ALA G 11 1.87 29.71 75.01
C ALA G 11 1.93 29.88 76.52
N LEU G 12 2.01 28.78 77.25
CA LEU G 12 2.31 28.87 78.68
C LEU G 12 3.78 29.16 78.90
N GLY G 13 4.66 28.34 78.34
CA GLY G 13 6.07 28.59 78.36
C GLY G 13 6.49 29.27 77.07
N PRO G 14 7.78 29.52 76.91
CA PRO G 14 8.26 30.19 75.69
C PRO G 14 8.15 29.28 74.47
N ILE G 15 7.75 29.87 73.35
CA ILE G 15 7.61 29.17 72.08
C ILE G 15 8.59 29.80 71.09
N PHE G 16 9.47 28.99 70.54
CA PHE G 16 10.44 29.42 69.55
C PHE G 16 10.34 28.50 68.35
N ILE G 17 10.46 29.05 67.15
CA ILE G 17 10.38 28.18 65.98
C ILE G 17 11.41 28.64 64.93
N GLY G 18 12.14 27.66 64.39
CA GLY G 18 12.95 27.74 63.18
C GLY G 18 13.79 28.96 62.85
N GLY G 19 13.62 29.45 61.62
CA GLY G 19 14.13 30.73 61.20
C GLY G 19 15.13 30.65 60.08
N GLY G 20 16.09 29.74 60.20
CA GLY G 20 17.15 29.65 59.22
C GLY G 20 18.16 30.77 59.28
N GLU G 21 18.12 31.59 60.33
CA GLU G 21 19.01 32.73 60.47
C GLU G 21 19.71 32.64 61.82
N LYS G 22 21.00 32.94 61.82
CA LYS G 22 21.81 32.96 63.03
C LYS G 22 22.46 34.33 63.11
N LEU G 23 21.80 35.25 63.79
CA LEU G 23 22.25 36.63 63.89
C LEU G 23 23.45 36.70 64.83
N LYS G 24 24.56 37.27 64.37
CA LYS G 24 25.84 37.11 65.04
C LYS G 24 25.97 38.04 66.23
N LYS G 25 27.19 38.13 66.76
CA LYS G 25 27.44 38.97 67.93
C LYS G 25 27.36 40.45 67.60
N TYR G 26 27.71 40.81 66.36
CA TYR G 26 27.71 42.20 65.92
C TYR G 26 26.63 42.49 64.89
N GLU G 27 26.03 41.45 64.31
CA GLU G 27 25.15 41.61 63.16
C GLU G 27 23.80 42.11 63.64
N TYR G 28 23.57 43.41 63.49
CA TYR G 28 22.31 44.12 63.71
C TYR G 28 21.76 44.05 65.12
N ILE G 29 22.56 43.78 66.15
CA ILE G 29 22.01 43.58 67.51
C ILE G 29 22.60 44.61 68.46
N PHE G 30 21.74 45.21 69.26
CA PHE G 30 22.15 46.20 70.27
C PHE G 30 21.32 45.97 71.53
N ASP G 31 21.94 45.57 72.62
CA ASP G 31 21.26 45.52 73.91
C ASP G 31 22.04 46.26 74.97
N LYS G 32 21.35 47.09 75.74
CA LYS G 32 21.93 47.84 76.86
C LYS G 32 20.93 47.84 78.01
N GLN G 33 21.13 48.75 78.96
CA GLN G 33 20.37 48.73 80.21
C GLN G 33 18.91 49.15 80.03
N LYS G 34 18.54 49.70 78.86
CA LYS G 34 17.13 49.92 78.56
C LYS G 34 16.43 48.63 78.13
N LYS G 35 17.19 47.56 77.92
CA LYS G 35 16.72 46.18 77.76
C LYS G 35 15.81 46.02 76.53
N VAL G 36 16.31 46.53 75.41
CA VAL G 36 15.71 46.28 74.11
C VAL G 36 16.81 45.74 73.20
N ALA G 37 16.42 45.01 72.16
CA ALA G 37 17.35 44.49 71.16
C ALA G 37 16.77 44.81 69.79
N HIS G 38 17.14 45.98 69.26
CA HIS G 38 16.71 46.34 67.92
C HIS G 38 17.44 45.47 66.91
N MET G 39 16.72 44.95 65.91
CA MET G 39 17.34 44.32 64.76
C MET G 39 17.28 45.27 63.56
N ILE G 40 18.47 45.64 63.09
CA ILE G 40 18.61 46.51 61.92
C ILE G 40 18.33 45.69 60.66
N ASP G 41 17.54 46.29 59.75
CA ASP G 41 17.29 45.71 58.44
C ASP G 41 18.58 45.57 57.63
N HIS G 42 18.54 44.64 56.67
CA HIS G 42 19.77 43.97 56.26
C HIS G 42 20.61 44.80 55.30
N THR G 43 20.08 45.07 54.11
CA THR G 43 20.85 45.69 53.05
C THR G 43 20.89 47.20 53.13
N LYS G 44 19.96 47.80 53.87
CA LYS G 44 19.95 49.26 54.02
C LYS G 44 21.14 49.74 54.84
N PHE G 45 21.58 48.92 55.80
CA PHE G 45 22.72 49.30 56.64
C PHE G 45 24.01 49.38 55.83
N THR G 46 24.23 48.40 54.95
CA THR G 46 25.46 48.42 54.17
C THR G 46 25.35 49.37 52.97
N LYS G 47 24.14 49.59 52.45
CA LYS G 47 24.02 50.64 51.45
C LYS G 47 24.04 52.03 52.07
N TYR G 48 23.92 52.16 53.38
CA TYR G 48 24.13 53.42 54.07
C TYR G 48 25.58 53.56 54.54
N LEU G 49 26.29 52.43 54.67
CA LEU G 49 27.73 52.49 54.88
C LEU G 49 28.48 52.66 53.56
N LEU G 50 27.78 52.51 52.43
CA LEU G 50 28.30 52.90 51.13
C LEU G 50 28.65 54.38 51.08
N GLU G 51 27.78 55.23 51.62
CA GLU G 51 27.87 56.67 51.43
C GLU G 51 28.67 57.39 52.51
N LYS G 52 29.25 56.68 53.47
CA LYS G 52 30.16 57.30 54.43
C LYS G 52 31.19 56.29 54.90
N ASN G 53 32.47 56.65 54.78
CA ASN G 53 33.69 55.94 55.17
C ASN G 53 33.66 54.42 54.97
N LEU G 54 33.44 54.00 53.71
CA LEU G 54 33.20 52.62 53.26
C LEU G 54 34.24 51.60 53.74
N LEU G 55 35.47 51.76 53.29
CA LEU G 55 36.52 50.80 53.66
C LEU G 55 36.88 50.98 55.14
N ASP G 56 36.76 52.21 55.63
CA ASP G 56 36.99 52.48 57.05
C ASP G 56 35.96 51.80 57.92
N ASP G 57 34.68 51.83 57.53
CA ASP G 57 33.67 51.16 58.36
C ASP G 57 33.74 49.65 58.22
N PHE G 58 34.14 49.15 57.06
CA PHE G 58 34.37 47.70 56.92
C PHE G 58 35.52 47.23 57.79
N THR G 59 36.63 47.99 57.81
CA THR G 59 37.76 47.68 58.67
C THR G 59 37.40 47.81 60.15
N SER G 60 36.57 48.81 60.49
CA SER G 60 36.11 48.97 61.85
C SER G 60 35.23 47.80 62.28
N ARG G 61 34.33 47.36 61.38
CA ARG G 61 33.41 46.28 61.72
C ARG G 61 34.11 44.94 61.81
N VAL G 62 35.26 44.78 61.14
CA VAL G 62 35.99 43.53 61.29
C VAL G 62 37.05 43.60 62.40
N ASN G 63 37.55 44.80 62.74
CA ASN G 63 38.66 44.90 63.67
C ASN G 63 38.31 45.74 64.88
N SER G 64 37.03 45.79 65.27
CA SER G 64 36.66 46.42 66.53
C SER G 64 36.37 45.40 67.63
N HIS G 65 36.62 44.12 67.37
CA HIS G 65 36.47 43.04 68.33
C HIS G 65 37.50 43.20 69.45
N PHE G 66 37.16 42.75 70.68
CA PHE G 66 36.01 41.92 71.10
C PHE G 66 34.77 42.69 71.59
N ASP G 67 34.32 43.70 70.83
CA ASP G 67 33.21 44.56 71.26
C ASP G 67 32.56 45.27 70.08
N LEU G 68 31.35 44.88 69.68
CA LEU G 68 30.61 45.70 68.71
C LEU G 68 29.12 45.84 68.98
N TYR G 69 28.59 45.39 70.12
CA TYR G 69 27.15 45.44 70.32
C TYR G 69 26.68 46.87 70.61
N ASP G 70 27.51 47.66 71.28
CA ASP G 70 27.24 49.06 71.57
C ASP G 70 28.43 49.96 71.27
N TYR G 71 29.65 49.41 71.25
CA TYR G 71 30.90 50.16 71.22
C TYR G 71 31.08 51.02 69.97
N LEU G 72 30.69 50.52 68.79
CA LEU G 72 30.92 51.24 67.55
C LEU G 72 29.72 52.06 67.08
N VAL G 73 28.63 52.05 67.81
CA VAL G 73 27.55 53.01 67.58
C VAL G 73 27.53 54.08 68.68
N ASN G 74 28.59 54.20 69.43
CA ASN G 74 28.67 55.18 70.51
C ASN G 74 29.93 56.03 70.43
N LYS G 75 31.06 55.44 70.04
CA LYS G 75 32.31 56.16 69.90
C LYS G 75 32.72 56.36 68.44
N LYS G 76 31.77 56.30 67.52
CA LYS G 76 32.06 56.55 66.11
C LYS G 76 31.19 57.64 65.53
N GLY G 77 29.92 57.70 65.88
CA GLY G 77 29.02 58.66 65.28
C GLY G 77 27.86 57.99 64.58
N ILE G 78 27.55 56.76 65.01
CA ILE G 78 26.43 55.98 64.48
C ILE G 78 25.41 55.96 65.61
N VAL G 79 25.40 57.05 66.38
CA VAL G 79 24.58 57.11 67.59
C VAL G 79 23.10 57.19 67.24
N PHE G 80 22.78 57.77 66.09
CA PHE G 80 21.43 57.73 65.55
C PHE G 80 21.01 56.30 65.21
N MET G 81 19.78 55.94 65.57
CA MET G 81 19.22 54.62 65.29
C MET G 81 17.84 54.69 64.63
N PRO G 82 17.75 55.08 63.36
CA PRO G 82 16.48 54.92 62.62
C PRO G 82 16.37 53.68 61.75
N LEU G 83 17.39 52.81 61.73
CA LEU G 83 17.45 51.67 60.83
C LEU G 83 16.85 50.40 61.42
N VAL G 84 16.03 50.53 62.46
CA VAL G 84 15.50 49.38 63.16
C VAL G 84 14.39 48.74 62.33
N LYS G 85 14.14 47.45 62.57
CA LYS G 85 12.94 46.81 62.04
C LYS G 85 11.83 46.83 63.08
N TYR G 86 12.15 46.43 64.30
CA TYR G 86 11.25 46.41 65.44
C TYR G 86 12.11 46.24 66.69
N SER G 87 11.53 46.61 67.81
CA SER G 87 12.17 46.39 69.10
C SER G 87 11.68 45.08 69.70
N VAL G 88 12.45 44.56 70.64
CA VAL G 88 12.06 43.33 71.33
C VAL G 88 12.70 43.34 72.73
N PRO G 89 11.98 42.96 73.77
CA PRO G 89 12.60 42.89 75.10
C PRO G 89 13.49 41.66 75.22
N VAL G 90 14.38 41.71 76.21
CA VAL G 90 15.47 40.75 76.31
C VAL G 90 15.39 39.99 77.63
N ALA G 91 16.38 39.13 77.87
CA ALA G 91 16.47 38.38 79.12
C ALA G 91 17.91 37.99 79.34
N GLN G 92 18.51 38.48 80.43
CA GLN G 92 19.89 38.13 80.75
C GLN G 92 19.93 36.81 81.53
N PHE G 93 21.15 36.34 81.76
CA PHE G 93 21.48 35.18 82.62
C PHE G 93 20.82 33.88 82.17
N MET G 110 26.08 35.07 75.39
CA MET G 110 25.80 36.50 75.46
C MET G 110 25.31 36.95 74.09
N ASN G 111 25.66 36.18 73.07
CA ASN G 111 25.37 36.54 71.68
C ASN G 111 25.03 35.35 70.81
N ASP G 112 25.16 35.52 69.49
CA ASP G 112 24.70 34.59 68.46
C ASP G 112 23.21 34.30 68.56
N LEU G 113 22.39 35.33 68.31
CA LEU G 113 20.95 35.23 68.45
C LEU G 113 20.30 34.51 67.26
N ASN G 114 19.33 33.64 67.56
CA ASN G 114 18.55 32.95 66.54
C ASN G 114 17.29 33.74 66.24
N THR G 115 16.51 33.30 65.25
CA THR G 115 15.46 34.14 64.69
C THR G 115 14.17 33.35 64.58
N PHE G 116 13.06 34.02 64.89
CA PHE G 116 11.74 33.45 64.70
C PHE G 116 11.40 33.42 63.21
N VAL G 117 10.55 32.46 62.82
CA VAL G 117 10.22 32.29 61.41
C VAL G 117 9.36 33.44 60.94
N LYS G 118 9.77 34.08 59.85
CA LYS G 118 9.02 35.17 59.25
C LYS G 118 8.77 34.86 57.79
N ASP G 119 7.74 35.50 57.24
CA ASP G 119 7.50 35.46 55.81
C ASP G 119 8.37 36.51 55.11
N ALA G 120 8.06 36.81 53.84
CA ALA G 120 8.76 37.91 53.19
C ALA G 120 8.31 39.27 53.71
N PHE G 121 7.14 39.33 54.35
CA PHE G 121 6.69 40.56 54.99
C PHE G 121 7.26 40.73 56.39
N GLY G 122 7.94 39.72 56.92
CA GLY G 122 8.65 39.85 58.17
C GLY G 122 7.81 39.66 59.41
N ARG G 123 6.50 39.48 59.29
CA ARG G 123 5.68 39.19 60.45
C ARG G 123 5.95 37.76 60.91
N PRO G 124 6.12 37.53 62.22
CA PRO G 124 6.31 36.16 62.70
C PRO G 124 5.04 35.35 62.53
N TYR G 125 5.24 34.05 62.32
CA TYR G 125 4.14 33.11 62.23
C TYR G 125 4.67 31.73 62.56
N ILE G 126 3.75 30.82 62.85
CA ILE G 126 4.09 29.42 63.08
C ILE G 126 3.67 28.65 61.83
N PRO G 127 4.60 27.99 61.14
CA PRO G 127 4.20 27.14 60.01
C PRO G 127 3.37 25.96 60.49
N GLY G 128 2.43 25.53 59.64
CA GLY G 128 1.55 24.46 60.01
C GLY G 128 2.23 23.11 60.07
N SER G 129 3.37 22.98 59.40
CA SER G 129 4.13 21.74 59.43
C SER G 129 4.72 21.48 60.81
N SER G 130 5.10 22.53 61.52
CA SER G 130 5.64 22.38 62.87
C SER G 130 4.58 21.86 63.83
N LEU G 131 3.37 22.44 63.75
CA LEU G 131 2.27 21.96 64.58
C LEU G 131 1.85 20.56 64.17
N LYS G 132 1.91 20.24 62.87
CA LYS G 132 1.60 18.89 62.43
C LYS G 132 2.61 17.88 62.91
N GLY G 133 3.89 18.25 62.93
CA GLY G 133 4.90 17.34 63.46
C GLY G 133 4.78 17.17 64.96
N ALA G 134 4.41 18.25 65.66
CA ALA G 134 4.16 18.16 67.09
C ALA G 134 2.96 17.26 67.39
N LEU G 135 1.90 17.39 66.61
CA LEU G 135 0.74 16.53 66.78
C LEU G 135 1.02 15.11 66.33
N ARG G 136 1.93 14.92 65.37
CA ARG G 136 2.35 13.58 64.98
C ARG G 136 3.10 12.89 66.13
N THR G 137 3.98 13.63 66.79
CA THR G 137 4.62 13.10 68.00
C THR G 137 3.61 12.86 69.11
N ALA G 138 2.53 13.63 69.17
CA ALA G 138 1.51 13.37 70.17
C ALA G 138 0.70 12.12 69.86
N ILE G 139 0.26 11.94 68.62
CA ILE G 139 -0.52 10.77 68.23
C ILE G 139 0.30 9.48 68.26
N LEU G 140 1.58 9.52 67.90
CA LEU G 140 2.42 8.33 67.90
C LEU G 140 2.92 7.91 69.28
N ASN G 141 2.28 8.33 70.38
CA ASN G 141 2.58 7.73 71.67
C ASN G 141 2.22 6.25 71.69
N ASP G 142 1.01 5.91 71.29
CA ASP G 142 0.63 4.55 70.97
C ASP G 142 1.05 4.28 69.53
N LEU G 143 1.39 3.01 69.26
CA LEU G 143 1.92 2.56 67.97
C LEU G 143 3.16 3.37 67.59
N LYS G 144 4.22 3.15 68.38
CA LYS G 144 5.50 3.78 68.11
C LYS G 144 6.06 3.39 66.75
N GLU G 145 5.97 2.13 66.37
CA GLU G 145 6.30 1.69 65.02
C GLU G 145 5.11 1.97 64.11
N ASP G 146 4.78 3.25 63.95
CA ASP G 146 3.79 3.71 62.99
C ASP G 146 4.61 4.08 61.77
N THR G 147 4.40 3.36 60.69
CA THR G 147 5.46 3.09 59.73
C THR G 147 5.66 4.27 58.78
N LYS G 148 6.51 4.06 57.78
CA LYS G 148 6.87 5.00 56.74
C LYS G 148 5.67 5.37 55.87
N GLU G 149 4.73 4.44 55.74
CA GLU G 149 3.62 4.51 54.80
C GLU G 149 2.31 4.76 55.53
N ASN G 150 2.31 5.70 56.48
CA ASN G 150 1.14 5.95 57.31
C ASN G 150 -0.02 6.51 56.49
N GLU G 151 -1.23 6.20 56.95
CA GLU G 151 -2.44 6.65 56.29
C GLU G 151 -3.25 7.64 57.10
N VAL G 152 -2.89 7.88 58.37
CA VAL G 152 -3.64 8.85 59.17
C VAL G 152 -3.34 10.26 58.71
N PHE G 153 -2.07 10.58 58.50
CA PHE G 153 -1.64 11.95 58.30
C PHE G 153 -1.72 12.43 56.85
N ALA G 154 -2.21 11.60 55.94
CA ALA G 154 -2.63 12.14 54.65
C ALA G 154 -3.96 12.85 54.74
N HIS G 155 -4.72 12.65 55.82
CA HIS G 155 -6.00 13.29 56.04
C HIS G 155 -5.96 14.39 57.08
N LEU G 156 -5.04 14.33 58.04
CA LEU G 156 -4.92 15.38 59.05
C LEU G 156 -4.28 16.60 58.39
N GLN G 157 -5.10 17.58 58.05
CA GLN G 157 -4.63 18.79 57.40
C GLN G 157 -4.48 19.90 58.43
N VAL G 158 -3.28 20.44 58.56
CA VAL G 158 -2.99 21.58 59.42
C VAL G 158 -2.74 22.78 58.52
N SER G 159 -2.99 23.98 59.02
CA SER G 159 -2.77 25.19 58.23
C SER G 159 -1.82 26.13 58.96
N ASP G 160 -1.45 27.20 58.25
CA ASP G 160 -0.55 28.21 58.80
C ASP G 160 -1.25 29.04 59.86
N SER G 161 -0.46 29.60 60.76
CA SER G 161 -0.97 30.47 61.79
C SER G 161 -1.37 31.83 61.23
N GLU G 162 -2.06 32.59 62.05
CA GLU G 162 -2.18 34.02 61.79
C GLU G 162 -0.82 34.68 61.98
N THR G 163 -0.56 35.69 61.16
CA THR G 163 0.68 36.44 61.32
C THR G 163 0.56 37.33 62.55
N ILE G 164 1.07 36.84 63.67
CA ILE G 164 0.93 37.51 64.96
C ILE G 164 1.77 38.78 65.00
N ASP G 165 1.55 39.61 66.00
CA ASP G 165 2.18 40.92 66.04
C ASP G 165 3.64 40.79 66.47
N LEU G 166 4.34 41.91 66.39
CA LEU G 166 5.76 41.96 66.74
C LEU G 166 5.98 42.29 68.21
N GLU G 167 4.92 42.33 69.02
CA GLU G 167 5.03 42.61 70.44
C GLU G 167 4.73 41.36 71.28
N ASN G 168 4.60 40.20 70.65
CA ASN G 168 4.50 38.94 71.37
C ASN G 168 5.84 38.24 71.48
N LEU G 169 6.91 38.89 71.03
CA LEU G 169 8.26 38.35 71.05
C LEU G 169 9.04 38.91 72.22
N LYS G 170 9.88 38.07 72.83
CA LYS G 170 10.92 38.56 73.72
C LYS G 170 12.12 37.63 73.65
N VAL G 171 13.31 38.21 73.57
CA VAL G 171 14.54 37.43 73.47
C VAL G 171 14.84 36.77 74.81
N TYR G 172 15.02 35.46 74.80
CA TYR G 172 15.35 34.72 76.00
C TYR G 172 16.78 34.20 75.91
N GLN G 173 17.28 33.72 77.05
CA GLN G 173 18.59 33.05 77.12
C GLN G 173 18.35 31.71 77.81
N LYS G 174 18.75 30.63 77.15
CA LYS G 174 18.43 29.30 77.67
C LYS G 174 19.37 28.92 78.81
N VAL G 175 18.89 28.02 79.66
CA VAL G 175 19.67 27.54 80.80
C VAL G 175 19.41 26.05 80.95
N ASP G 176 20.46 25.31 81.32
CA ASP G 176 20.35 23.90 81.58
C ASP G 176 20.66 23.62 83.05
N TYR G 177 20.06 22.56 83.58
CA TYR G 177 20.02 22.36 85.04
C TYR G 177 20.24 20.90 85.39
N SER G 178 21.38 20.59 86.01
CA SER G 178 21.58 19.34 86.73
C SER G 178 21.77 19.58 88.22
N LYS G 179 22.78 20.34 88.61
CA LYS G 179 23.02 20.68 90.00
C LYS G 179 23.15 22.18 90.23
N THR G 180 23.38 22.95 89.17
CA THR G 180 23.33 24.41 89.23
C THR G 180 22.83 24.89 87.88
N ALA G 181 22.14 26.02 87.89
CA ALA G 181 21.55 26.58 86.67
C ALA G 181 22.66 27.25 85.87
N LYS G 182 23.30 26.48 84.99
CA LYS G 182 24.48 26.91 84.24
C LYS G 182 24.06 27.77 83.04
N PRO G 183 24.58 28.99 82.93
CA PRO G 183 24.26 29.81 81.75
C PRO G 183 24.87 29.21 80.48
N LEU G 184 24.17 29.43 79.36
CA LEU G 184 24.63 29.00 78.05
C LEU G 184 24.63 30.20 77.11
N PRO G 185 25.62 30.27 76.18
CA PRO G 185 25.71 31.43 75.28
C PRO G 185 24.86 31.30 74.02
N LEU G 186 23.58 30.99 74.21
CA LEU G 186 22.64 30.87 73.10
C LEU G 186 21.46 31.78 73.38
N TYR G 187 21.15 32.64 72.42
CA TYR G 187 20.02 33.56 72.52
C TYR G 187 19.01 33.22 71.44
N ARG G 188 17.74 33.14 71.84
CA ARG G 188 16.66 32.84 70.91
C ARG G 188 15.48 33.76 71.21
N GLU G 189 14.98 34.43 70.18
CA GLU G 189 13.79 35.28 70.33
C GLU G 189 12.57 34.37 70.32
N CYS G 190 12.04 34.08 71.50
CA CYS G 190 10.92 33.20 71.66
C CYS G 190 9.62 34.02 71.64
N LEU G 191 8.51 33.39 72.00
CA LEU G 191 7.25 34.09 72.16
C LEU G 191 6.99 34.41 73.61
N LYS G 192 6.28 35.50 73.85
CA LYS G 192 5.82 35.84 75.18
C LYS G 192 4.83 34.78 75.67
N PRO G 193 4.76 34.52 76.97
CA PRO G 193 3.68 33.70 77.49
C PRO G 193 2.34 34.40 77.36
N ASN G 194 1.28 33.58 77.37
CA ASN G 194 -0.12 33.99 77.13
C ASN G 194 -0.29 34.70 75.79
N THR G 195 0.27 34.13 74.73
CA THR G 195 0.10 34.62 73.37
C THR G 195 -0.89 33.73 72.64
N GLU G 196 -1.94 34.33 72.09
CA GLU G 196 -3.00 33.59 71.41
C GLU G 196 -2.65 33.42 69.94
N ILE G 197 -2.62 32.17 69.48
CA ILE G 197 -2.19 31.84 68.12
C ILE G 197 -3.27 31.00 67.46
N THR G 198 -3.79 31.48 66.33
CA THR G 198 -4.96 30.91 65.67
C THR G 198 -4.58 30.09 64.44
N PHE G 199 -5.09 28.87 64.40
CA PHE G 199 -4.84 27.93 63.31
C PHE G 199 -6.17 27.51 62.71
N THR G 200 -6.12 26.50 61.84
CA THR G 200 -7.28 25.65 61.55
C THR G 200 -6.78 24.28 61.15
N VAL G 201 -7.48 23.24 61.61
CA VAL G 201 -7.05 21.86 61.50
C VAL G 201 -8.24 20.99 61.07
N SER G 202 -8.03 20.16 60.06
CA SER G 202 -9.10 19.33 59.54
C SER G 202 -8.62 17.90 59.33
N PHE G 203 -9.54 16.94 59.46
CA PHE G 203 -9.26 15.54 59.14
C PHE G 203 -10.59 14.83 58.88
N ASP G 204 -10.48 13.60 58.39
CA ASP G 204 -11.65 12.71 58.26
C ASP G 204 -11.83 11.91 59.54
N ASP G 205 -13.09 11.66 59.90
CA ASP G 205 -13.40 11.02 61.16
C ASP G 205 -13.38 9.50 61.08
N GLU G 206 -13.07 8.93 59.91
CA GLU G 206 -12.87 7.48 59.83
C GLU G 206 -11.60 7.04 60.54
N TYR G 207 -10.59 7.90 60.60
CA TYR G 207 -9.28 7.55 61.12
C TYR G 207 -8.92 8.25 62.42
N LEU G 208 -9.50 9.41 62.70
CA LEU G 208 -9.12 10.18 63.87
C LEU G 208 -10.24 11.15 64.21
N THR G 209 -10.42 11.41 65.50
CA THR G 209 -11.39 12.40 66.00
C THR G 209 -10.68 13.33 66.97
N LEU G 210 -11.42 14.32 67.47
CA LEU G 210 -10.82 15.27 68.41
C LEU G 210 -10.63 14.65 69.79
N LYS G 211 -11.50 13.70 70.15
CA LYS G 211 -11.34 13.01 71.43
C LYS G 211 -10.10 12.11 71.40
N LYS G 212 -9.82 11.53 70.23
CA LYS G 212 -8.58 10.79 70.04
C LYS G 212 -7.36 11.68 70.21
N ILE G 213 -7.44 12.91 69.68
CA ILE G 213 -6.38 13.90 69.86
C ILE G 213 -6.19 14.22 71.33
N GLN G 214 -7.30 14.42 72.05
CA GLN G 214 -7.20 14.83 73.45
C GLN G 214 -6.63 13.73 74.34
N ASN G 215 -7.06 12.48 74.14
CA ASN G 215 -6.50 11.42 74.96
C ASN G 215 -5.06 11.10 74.55
N ALA G 216 -4.71 11.29 73.27
CA ALA G 216 -3.33 11.08 72.83
C ALA G 216 -2.40 12.14 73.41
N LEU G 217 -2.84 13.41 73.41
CA LEU G 217 -2.08 14.51 73.98
C LEU G 217 -1.88 14.32 75.47
N HIS G 218 -2.95 13.92 76.17
CA HIS G 218 -2.84 13.70 77.61
C HIS G 218 -1.93 12.54 77.93
N LYS G 219 -1.98 11.47 77.10
CA LYS G 219 -1.11 10.33 77.29
C LYS G 219 0.35 10.69 77.08
N THR G 220 0.63 11.48 76.05
CA THR G 220 2.00 11.92 75.77
C THR G 220 2.54 12.79 76.90
N TYR G 221 1.73 13.73 77.40
CA TYR G 221 2.19 14.61 78.46
C TYR G 221 2.38 13.86 79.78
N GLN G 222 1.47 12.92 80.11
CA GLN G 222 1.62 12.20 81.36
C GLN G 222 2.79 11.24 81.30
N HIS G 223 3.08 10.67 80.13
CA HIS G 223 4.25 9.81 80.01
C HIS G 223 5.54 10.62 80.00
N TYR G 224 5.48 11.89 79.58
CA TYR G 224 6.68 12.72 79.68
C TYR G 224 6.93 13.16 81.12
N TYR G 225 5.87 13.53 81.85
CA TYR G 225 6.06 13.98 83.23
C TYR G 225 6.46 12.82 84.15
N ILE G 226 5.74 11.72 84.08
CA ILE G 226 6.01 10.57 84.93
C ILE G 226 7.24 9.87 84.36
N LYS G 227 8.06 9.30 85.26
CA LYS G 227 9.11 8.31 85.04
C LYS G 227 10.32 8.82 84.28
N TRP G 228 10.28 10.06 83.77
CA TRP G 228 11.55 10.70 83.43
C TRP G 228 11.66 12.11 84.00
N LEU G 229 10.58 12.88 84.01
CA LEU G 229 10.66 14.27 84.45
C LEU G 229 10.45 14.38 85.97
N LYS G 230 9.40 13.75 86.49
CA LYS G 230 9.18 13.81 87.93
C LYS G 230 10.15 12.92 88.69
N GLY G 231 10.59 11.81 88.07
CA GLY G 231 11.61 10.98 88.71
C GLY G 231 12.97 11.64 88.73
N GLY G 232 13.20 12.59 87.84
CA GLY G 232 14.41 13.40 87.89
C GLY G 232 14.15 14.73 88.56
N LYS G 233 12.90 14.97 88.96
CA LYS G 233 12.58 16.18 89.71
C LYS G 233 12.64 15.92 91.21
N VAL G 234 12.32 14.69 91.63
CA VAL G 234 12.47 14.31 93.02
C VAL G 234 13.94 14.21 93.40
N GLY G 235 14.82 14.02 92.42
CA GLY G 235 16.24 14.20 92.61
C GLY G 235 16.66 15.59 92.16
N GLU G 236 17.77 16.06 92.76
CA GLU G 236 18.41 17.35 92.46
C GLU G 236 17.47 18.54 92.61
N THR G 237 16.60 18.53 93.62
CA THR G 237 15.75 19.68 93.94
C THR G 237 16.49 20.51 94.99
N LEU G 238 17.04 21.64 94.56
CA LEU G 238 17.90 22.44 95.42
C LEU G 238 17.38 23.87 95.50
N ILE G 239 18.19 24.79 96.05
CA ILE G 239 17.74 26.15 96.32
C ILE G 239 17.54 26.95 95.03
N LYS G 240 18.13 26.49 93.93
CA LYS G 240 17.79 26.98 92.60
C LYS G 240 16.75 26.12 91.90
N GLY G 241 16.30 25.04 92.54
CA GLY G 241 15.32 24.17 91.91
C GLY G 241 13.92 24.74 91.95
N VAL G 242 13.38 24.93 93.14
CA VAL G 242 12.02 25.44 93.30
C VAL G 242 12.04 26.80 94.00
N THR G 254 3.00 28.63 87.52
CA THR G 254 4.22 29.08 86.85
C THR G 254 5.06 27.90 86.37
N PHE G 255 5.77 27.28 87.31
CA PHE G 255 6.67 26.20 86.93
C PHE G 255 6.66 25.02 87.90
N ALA G 256 5.80 25.01 88.93
CA ALA G 256 5.84 23.98 89.96
C ALA G 256 5.47 22.59 89.44
N LEU G 257 4.21 22.38 89.06
CA LEU G 257 3.83 21.11 88.44
C LEU G 257 3.19 21.31 87.07
N ASP G 258 2.10 22.08 87.05
CA ASP G 258 1.25 22.46 85.91
C ASP G 258 0.48 21.30 85.29
N GLN G 259 0.69 20.05 85.71
CA GLN G 259 -0.14 18.97 85.22
C GLN G 259 -1.48 18.79 85.95
N PRO G 260 -1.54 18.54 87.27
CA PRO G 260 -2.79 18.00 87.82
C PRO G 260 -3.82 19.04 88.23
N SER G 261 -3.58 20.33 87.96
CA SER G 261 -4.55 21.35 88.34
C SER G 261 -5.78 21.27 87.46
N GLN G 262 -5.62 21.52 86.16
CA GLN G 262 -6.67 21.26 85.18
C GLN G 262 -6.03 20.47 84.05
N ASN G 263 -6.53 19.24 83.83
CA ASN G 263 -6.15 18.52 82.63
C ASN G 263 -6.81 19.12 81.39
N GLN G 264 -7.87 19.93 81.57
CA GLN G 264 -8.46 20.69 80.48
C GLN G 264 -7.47 21.74 80.01
N GLY G 265 -7.50 22.06 78.71
CA GLY G 265 -6.50 22.91 78.12
C GLY G 265 -5.16 22.21 78.03
N GLU G 266 -5.09 21.20 77.17
CA GLU G 266 -3.96 20.28 77.15
C GLU G 266 -2.74 20.92 76.46
N ILE G 267 -1.63 20.19 76.50
CA ILE G 267 -0.31 20.75 76.24
C ILE G 267 0.33 20.00 75.08
N ILE G 268 0.81 20.75 74.08
CA ILE G 268 1.69 20.22 73.05
C ILE G 268 3.00 21.00 73.15
N TYR G 269 4.09 20.39 72.68
CA TYR G 269 5.38 21.05 72.67
C TYR G 269 5.72 21.45 71.24
N ILE G 270 5.97 22.73 71.02
CA ILE G 270 6.46 23.22 69.74
C ILE G 270 7.96 23.43 69.89
N GLY G 271 8.72 22.92 68.92
CA GLY G 271 10.13 22.63 69.10
C GLY G 271 11.07 23.81 69.22
N GLY G 272 10.94 24.54 70.31
CA GLY G 272 11.89 25.58 70.64
C GLY G 272 13.01 25.06 71.53
N GLY G 273 13.73 24.05 71.06
CA GLY G 273 14.75 23.43 71.89
C GLY G 273 14.21 22.70 73.09
N ALA G 274 13.14 21.91 72.91
CA ALA G 274 12.50 21.24 74.04
C ALA G 274 13.38 20.14 74.61
N GLY G 275 14.10 19.42 73.75
CA GLY G 275 15.03 18.39 74.19
C GLY G 275 14.82 17.07 73.46
N PHE G 276 15.69 16.11 73.80
CA PHE G 276 15.63 14.78 73.18
C PHE G 276 14.37 14.03 73.57
N VAL G 277 13.95 14.18 74.83
CA VAL G 277 12.85 13.38 75.38
C VAL G 277 11.53 13.75 74.70
N SER G 278 11.38 15.01 74.33
CA SER G 278 10.19 15.45 73.62
C SER G 278 10.12 14.87 72.21
N LYS G 279 11.27 14.72 71.54
CA LYS G 279 11.26 14.28 70.15
C LYS G 279 11.16 12.77 70.05
N THR G 280 11.88 12.04 70.92
CA THR G 280 11.78 10.59 70.90
C THR G 280 10.48 10.16 71.59
N LEU G 281 10.06 8.92 71.30
CA LEU G 281 8.75 8.50 71.78
C LEU G 281 8.63 7.03 72.19
N HIS G 282 9.71 6.26 72.28
CA HIS G 282 9.52 4.86 72.62
C HIS G 282 9.31 4.70 74.13
N TYR G 283 8.05 4.80 74.55
CA TYR G 283 7.68 4.88 75.95
C TYR G 283 7.31 3.54 76.58
N LYS G 284 6.37 2.82 75.98
CA LYS G 284 5.73 1.68 76.61
C LYS G 284 6.54 0.41 76.33
N SER G 285 6.96 -0.29 77.40
CA SER G 285 6.70 0.09 78.79
C SER G 285 7.99 0.46 79.50
N LYS G 286 8.88 1.14 78.78
CA LYS G 286 10.22 1.39 79.27
C LYS G 286 10.20 2.50 80.32
N ASN G 287 10.56 2.16 81.56
CA ASN G 287 10.61 3.11 82.65
C ASN G 287 12.03 3.53 82.98
N ARG G 288 12.91 2.57 83.27
CA ARG G 288 14.33 2.82 83.46
C ARG G 288 15.17 2.38 82.27
N ASP G 289 14.65 1.45 81.47
CA ASP G 289 15.31 1.06 80.23
C ASP G 289 15.36 2.25 79.26
N GLN G 290 14.28 3.04 79.23
CA GLN G 290 14.25 4.27 78.46
C GLN G 290 15.33 5.24 78.94
N ALA G 291 15.46 5.41 80.25
CA ALA G 291 16.40 6.38 80.80
C ALA G 291 17.85 5.97 80.53
N ARG G 292 18.17 4.69 80.74
CA ARG G 292 19.54 4.25 80.55
C ARG G 292 19.91 4.16 79.06
N ASN G 293 18.96 3.77 78.21
CA ASN G 293 19.23 3.76 76.77
C ASN G 293 19.38 5.16 76.21
N ASP G 294 18.57 6.11 76.70
CA ASP G 294 18.71 7.51 76.32
C ASP G 294 20.06 8.06 76.76
N SER G 295 20.47 7.74 77.99
CA SER G 295 21.75 8.22 78.50
C SER G 295 22.91 7.67 77.71
N PHE G 296 22.87 6.36 77.39
CA PHE G 296 23.94 5.74 76.61
C PHE G 296 23.99 6.29 75.19
N ASP G 297 22.82 6.40 74.53
CA ASP G 297 22.73 6.92 73.17
C ASP G 297 23.20 8.36 73.05
N ILE G 298 22.69 9.27 73.88
CA ILE G 298 23.11 10.67 73.83
C ILE G 298 24.55 10.87 74.26
N LEU G 299 24.97 10.26 75.37
CA LEU G 299 26.26 10.56 75.97
C LEU G 299 27.43 9.88 75.30
N LYS G 300 27.28 8.62 74.85
CA LYS G 300 28.41 7.86 74.33
C LYS G 300 28.88 8.35 72.98
N GLN G 301 28.03 9.02 72.21
CA GLN G 301 28.36 9.44 70.86
C GLN G 301 28.71 10.92 70.72
N LEU G 302 28.41 11.74 71.73
CA LEU G 302 28.47 13.19 71.58
C LEU G 302 29.49 13.85 72.50
N PHE G 303 29.42 13.59 73.81
CA PHE G 303 30.13 14.42 74.78
C PHE G 303 30.51 13.56 75.98
N ARG G 304 30.82 14.20 77.11
CA ARG G 304 31.21 13.51 78.34
C ARG G 304 30.08 12.65 78.89
N THR G 305 30.44 11.59 79.61
CA THR G 305 29.47 10.61 80.10
C THR G 305 29.22 10.83 81.59
N THR G 306 27.96 11.04 81.94
CA THR G 306 27.54 11.24 83.33
C THR G 306 26.47 10.20 83.65
N TYR G 307 25.79 10.41 84.78
CA TYR G 307 24.79 9.50 85.33
C TYR G 307 23.39 9.93 84.89
N SER G 308 22.41 9.09 85.22
CA SER G 308 21.02 9.38 84.97
C SER G 308 20.42 10.19 86.12
N LYS G 309 19.64 11.22 85.80
CA LYS G 309 19.32 11.68 84.44
C LYS G 309 20.37 12.69 83.98
N MET G 310 20.30 13.15 82.72
CA MET G 310 21.30 14.10 82.29
C MET G 310 20.99 15.52 82.80
N ARG G 311 19.87 16.10 82.37
CA ARG G 311 19.49 17.52 82.50
C ARG G 311 18.14 17.78 81.85
N SER G 312 17.50 18.89 82.20
CA SER G 312 16.38 19.45 81.48
C SER G 312 16.77 20.83 80.96
N VAL G 313 15.82 21.56 80.37
CA VAL G 313 16.10 22.90 79.86
C VAL G 313 14.98 23.91 80.17
N PRO G 314 15.11 24.66 81.27
CA PRO G 314 14.27 25.84 81.49
C PRO G 314 14.87 27.06 80.79
N ASP G 315 14.24 28.22 81.02
CA ASP G 315 14.78 29.48 80.50
C ASP G 315 15.18 30.39 81.65
N ASN G 316 15.67 31.58 81.34
CA ASN G 316 15.97 32.59 82.35
C ASN G 316 15.45 33.94 81.91
N VAL G 317 14.76 34.62 82.84
CA VAL G 317 14.38 36.01 82.69
C VAL G 317 14.29 36.67 84.06
N PRO G 318 15.13 37.67 84.35
CA PRO G 318 14.97 38.47 85.56
C PRO G 318 13.69 39.31 85.54
N THR G 335 13.55 41.68 90.41
CA THR G 335 14.57 40.97 89.66
C THR G 335 14.71 39.54 90.18
N GLY G 336 14.57 38.57 89.28
CA GLY G 336 14.71 37.17 89.63
C GLY G 336 14.34 36.24 88.48
N LYS G 337 15.14 35.20 88.29
CA LYS G 337 14.93 34.23 87.22
C LYS G 337 13.75 33.33 87.55
N HIS G 338 12.86 33.11 86.58
CA HIS G 338 11.59 32.43 86.81
C HIS G 338 11.58 30.95 86.43
N TYR G 339 12.49 30.51 85.55
CA TYR G 339 12.70 29.09 85.21
C TYR G 339 11.47 28.41 84.63
N LEU G 340 11.06 28.82 83.44
CA LEU G 340 9.95 28.18 82.74
C LEU G 340 10.43 27.25 81.63
N GLU G 341 9.68 26.18 81.42
CA GLU G 341 10.02 25.16 80.45
C GLU G 341 9.54 25.55 79.06
N MET G 342 10.41 25.30 78.08
CA MET G 342 10.21 25.76 76.71
C MET G 342 9.25 24.86 75.96
N GLY G 343 8.33 25.47 75.22
CA GLY G 343 7.44 24.76 74.32
C GLY G 343 6.06 24.38 74.82
N LYS G 344 5.85 24.35 76.13
CA LYS G 344 4.55 23.92 76.65
C LYS G 344 3.50 25.00 76.45
N ALA G 345 2.33 24.59 75.96
CA ALA G 345 1.33 25.52 75.44
C ALA G 345 -0.06 25.04 75.84
N ARG G 346 -1.09 25.73 75.36
CA ARG G 346 -2.47 25.40 75.63
C ARG G 346 -3.22 25.22 74.32
N ILE G 347 -4.27 24.40 74.35
CA ILE G 347 -4.93 23.92 73.15
C ILE G 347 -6.44 24.01 73.30
N LYS G 348 -7.08 24.69 72.35
CA LYS G 348 -8.54 24.81 72.31
C LYS G 348 -9.00 24.43 70.92
N LEU G 349 -10.05 23.61 70.83
CA LEU G 349 -10.65 23.24 69.56
C LEU G 349 -12.13 23.59 69.55
N GLU G 350 -12.53 24.39 68.57
CA GLU G 350 -13.92 24.77 68.35
C GLU G 350 -14.26 24.48 66.90
N GLU G 351 -15.49 24.04 66.65
CA GLU G 351 -15.87 23.61 65.31
C GLU G 351 -16.02 24.78 64.37
N LEU G 352 -15.74 24.53 63.09
CA LEU G 352 -15.87 25.49 61.98
C LEU G 352 -15.11 26.80 62.16
N THR I 1 18.74 -16.76 6.20
CA THR I 1 18.42 -15.62 7.05
C THR I 1 17.57 -16.07 8.21
N GLU I 2 18.19 -16.21 9.37
CA GLU I 2 17.54 -16.83 10.51
C GLU I 2 17.59 -15.88 11.70
N LEU I 3 16.89 -16.27 12.77
CA LEU I 3 16.80 -15.44 13.98
C LEU I 3 16.47 -16.38 15.14
N LYS I 4 17.47 -16.69 15.96
CA LYS I 4 17.31 -17.66 17.04
C LYS I 4 16.41 -17.09 18.12
N ILE I 5 15.28 -17.74 18.38
CA ILE I 5 14.32 -17.24 19.35
C ILE I 5 14.61 -17.80 20.74
N GLY I 6 14.40 -19.09 20.96
CA GLY I 6 15.03 -19.66 22.13
C GLY I 6 16.22 -20.51 21.73
N ASN I 7 15.89 -21.53 20.95
CA ASN I 7 16.82 -22.32 20.17
C ASN I 7 16.19 -22.69 18.84
N GLU I 8 14.95 -22.27 18.60
CA GLU I 8 14.17 -22.61 17.41
C GLU I 8 14.21 -21.40 16.47
N LYS I 9 14.98 -21.56 15.40
CA LYS I 9 15.25 -20.45 14.50
C LYS I 9 14.05 -20.17 13.61
N VAL I 10 13.74 -18.88 13.44
CA VAL I 10 12.69 -18.45 12.54
C VAL I 10 13.32 -17.82 11.31
N ASN I 11 12.83 -18.21 10.15
CA ASN I 11 13.24 -17.58 8.90
C ASN I 11 12.03 -16.88 8.30
N SER I 12 12.12 -16.46 7.05
CA SER I 12 11.04 -15.71 6.41
C SER I 12 9.89 -16.60 5.95
N THR I 13 9.84 -17.85 6.39
CA THR I 13 8.80 -18.78 5.99
C THR I 13 7.98 -19.25 7.18
N ASN I 14 8.57 -19.22 8.39
CA ASN I 14 7.91 -19.78 9.55
C ASN I 14 8.10 -18.89 10.78
N PHE I 15 7.94 -17.58 10.62
CA PHE I 15 7.93 -16.70 11.77
C PHE I 15 6.54 -16.32 12.24
N GLY I 16 5.58 -16.15 11.32
CA GLY I 16 4.22 -15.85 11.73
C GLY I 16 3.56 -17.02 12.43
N ASP I 17 3.93 -18.24 12.03
CA ASP I 17 3.47 -19.44 12.72
C ASP I 17 3.93 -19.45 14.16
N PHE I 18 5.19 -19.09 14.40
CA PHE I 18 5.69 -19.08 15.77
C PHE I 18 5.20 -17.86 16.55
N ALA I 19 4.87 -16.77 15.86
CA ALA I 19 4.24 -15.64 16.53
C ALA I 19 2.84 -16.00 17.02
N GLU I 20 2.06 -16.69 16.18
CA GLU I 20 0.73 -17.15 16.59
C GLU I 20 0.83 -18.22 17.66
N LYS I 21 1.84 -19.09 17.57
CA LYS I 21 2.07 -20.10 18.60
C LYS I 21 2.45 -19.45 19.92
N ALA I 22 3.21 -18.37 19.87
CA ALA I 22 3.59 -17.67 21.10
C ALA I 22 2.42 -16.91 21.70
N ILE I 23 1.52 -16.40 20.85
CA ILE I 23 0.31 -15.78 21.36
C ILE I 23 -0.59 -16.81 22.04
N ARG I 24 -0.69 -18.01 21.46
CA ARG I 24 -1.44 -19.08 22.13
C ARG I 24 -0.66 -19.74 23.26
N GLY I 25 0.62 -19.42 23.40
CA GLY I 25 1.30 -19.74 24.63
C GLY I 25 0.93 -18.76 25.72
N ILE I 26 0.83 -17.48 25.36
CA ILE I 26 0.46 -16.45 26.34
C ILE I 26 -1.02 -16.52 26.65
N ASN I 27 -1.85 -16.60 25.63
CA ASN I 27 -3.24 -16.93 25.85
C ASN I 27 -3.36 -18.40 26.24
N HIS I 28 -4.50 -18.74 26.84
CA HIS I 28 -4.90 -20.08 27.34
C HIS I 28 -4.11 -20.47 28.60
N LYS I 29 -3.06 -19.73 28.96
CA LYS I 29 -2.35 -19.82 30.23
C LYS I 29 -1.79 -18.42 30.47
N PRO I 30 -2.58 -17.50 31.00
CA PRO I 30 -2.11 -16.12 31.15
C PRO I 30 -1.39 -15.90 32.45
N PHE I 31 -0.88 -14.68 32.61
CA PHE I 31 0.06 -14.39 33.68
C PHE I 31 -0.66 -14.15 35.00
N VAL I 32 -0.49 -15.05 35.95
CA VAL I 32 -0.94 -14.84 37.33
C VAL I 32 0.04 -13.88 37.99
N ASN I 33 -0.49 -12.93 38.75
CA ASN I 33 0.26 -11.72 39.08
C ASN I 33 0.73 -11.65 40.51
N SER I 34 0.70 -12.75 41.26
CA SER I 34 0.96 -12.93 42.69
C SER I 34 -0.11 -12.26 43.57
N LYS I 35 -1.06 -11.52 42.99
CA LYS I 35 -2.24 -11.09 43.71
C LYS I 35 -3.28 -12.20 43.73
N GLY I 36 -3.23 -13.10 42.76
CA GLY I 36 -4.15 -14.22 42.67
C GLY I 36 -4.79 -14.34 41.30
N GLY I 37 -5.13 -13.21 40.68
CA GLY I 37 -5.81 -13.20 39.41
C GLY I 37 -4.84 -13.23 38.24
N GLU I 38 -5.41 -13.38 37.05
CA GLU I 38 -4.63 -13.48 35.83
C GLU I 38 -4.87 -12.24 34.98
N GLN I 39 -3.78 -11.69 34.46
CA GLN I 39 -3.81 -10.48 33.68
C GLN I 39 -3.10 -10.71 32.36
N LYS I 40 -3.52 -9.94 31.35
CA LYS I 40 -2.84 -9.93 30.06
C LYS I 40 -2.49 -8.50 29.70
N ILE I 41 -1.50 -8.37 28.82
CA ILE I 41 -0.92 -7.06 28.50
C ILE I 41 -1.93 -6.23 27.75
N THR I 42 -2.01 -4.94 28.10
CA THR I 42 -2.98 -4.06 27.47
C THR I 42 -2.57 -3.74 26.04
N THR I 43 -3.52 -3.20 25.28
CA THR I 43 -3.23 -2.89 23.89
C THR I 43 -2.33 -1.67 23.75
N SER I 44 -2.36 -0.75 24.71
CA SER I 44 -1.57 0.47 24.58
C SER I 44 -0.09 0.19 24.79
N LYS I 45 0.24 -0.68 25.74
CA LYS I 45 1.65 -1.03 25.95
C LYS I 45 2.21 -1.82 24.77
N ILE I 46 1.42 -2.73 24.21
CA ILE I 46 1.92 -3.54 23.11
C ILE I 46 2.02 -2.71 21.83
N ARG I 47 1.14 -1.71 21.66
CA ARG I 47 1.29 -0.82 20.53
C ARG I 47 2.41 0.19 20.76
N GLY I 48 2.76 0.42 22.03
CA GLY I 48 3.97 1.18 22.32
C GLY I 48 5.22 0.43 21.90
N ILE I 49 5.24 -0.88 22.14
CA ILE I 49 6.33 -1.73 21.67
C ILE I 49 6.40 -1.73 20.14
N LEU I 50 5.23 -1.79 19.49
CA LEU I 50 5.17 -1.76 18.03
C LEU I 50 5.68 -0.44 17.47
N GLU I 51 5.28 0.70 18.06
CA GLU I 51 5.81 1.96 17.55
C GLU I 51 7.27 2.15 17.92
N LEU I 52 7.72 1.48 18.98
CA LEU I 52 9.13 1.50 19.35
C LEU I 52 9.99 0.85 18.28
N VAL I 53 9.53 -0.28 17.74
CA VAL I 53 10.31 -0.86 16.64
C VAL I 53 10.00 -0.16 15.32
N ASN I 54 8.88 0.55 15.22
CA ASN I 54 8.56 1.20 13.96
C ASN I 54 9.28 2.53 13.79
N LYS I 55 9.78 3.11 14.88
CA LYS I 55 10.64 4.28 14.74
C LYS I 55 11.96 3.95 14.05
N VAL I 56 12.38 2.68 14.06
CA VAL I 56 13.51 2.22 13.29
C VAL I 56 13.07 1.67 11.94
N TYR I 57 11.90 1.01 11.90
CA TYR I 57 11.37 0.46 10.65
C TYR I 57 11.09 1.54 9.61
N ASN I 58 10.75 2.75 10.07
CA ASN I 58 10.55 3.85 9.13
C ASN I 58 11.86 4.29 8.48
N ARG I 59 12.99 4.00 9.13
CA ARG I 59 14.28 4.40 8.62
C ARG I 59 15.07 3.25 8.01
N VAL I 60 14.60 2.02 8.12
CA VAL I 60 15.30 0.86 7.57
C VAL I 60 14.84 0.55 6.16
N ILE I 61 13.52 0.54 5.91
CA ILE I 61 12.98 0.11 4.62
C ILE I 61 13.37 1.04 3.48
N ASN I 62 13.60 2.31 3.75
CA ASN I 62 13.98 3.26 2.72
C ASN I 62 15.47 3.28 2.41
N THR I 63 16.22 2.25 2.82
CA THR I 63 17.62 2.11 2.49
C THR I 63 17.85 0.74 1.83
N ASN I 64 18.71 0.72 0.81
CA ASN I 64 19.01 -0.54 0.13
C ASN I 64 20.16 -1.30 0.77
N ASP I 65 20.92 -0.69 1.66
CA ASP I 65 22.18 -1.24 2.13
C ASP I 65 21.95 -2.46 3.00
N VAL I 66 22.56 -3.58 2.61
CA VAL I 66 22.32 -4.83 3.31
C VAL I 66 23.05 -4.86 4.65
N GLU I 67 24.04 -4.00 4.82
CA GLU I 67 24.71 -3.82 6.10
C GLU I 67 24.06 -2.65 6.82
N LEU I 68 23.66 -2.85 8.08
CA LEU I 68 22.97 -1.81 8.82
C LEU I 68 23.93 -0.68 9.19
N SER I 69 23.39 0.53 9.26
CA SER I 69 24.17 1.68 9.65
C SER I 69 24.47 1.63 11.14
N GLU I 70 25.42 2.48 11.56
CA GLU I 70 25.76 2.52 12.97
C GLU I 70 24.71 3.27 13.78
N ASN I 71 23.97 4.16 13.12
CA ASN I 71 22.89 4.87 13.80
C ASN I 71 21.68 3.97 13.97
N ILE I 72 21.45 3.07 13.02
CA ILE I 72 20.32 2.15 13.12
C ILE I 72 20.55 1.13 14.22
N LEU I 73 21.77 0.57 14.28
CA LEU I 73 22.11 -0.39 15.33
C LEU I 73 22.11 0.25 16.71
N ALA I 74 22.46 1.54 16.78
CA ALA I 74 22.36 2.28 18.03
C ALA I 74 20.92 2.31 18.53
N ASP I 75 19.98 2.55 17.62
CA ASP I 75 18.58 2.58 18.01
C ASP I 75 18.02 1.19 18.26
N ILE I 76 18.61 0.15 17.66
CA ILE I 76 18.19 -1.21 17.96
C ILE I 76 18.63 -1.62 19.36
N ALA I 77 19.86 -1.27 19.76
CA ALA I 77 20.28 -1.53 21.13
C ALA I 77 19.54 -0.64 22.11
N TYR I 78 19.14 0.56 21.67
CA TYR I 78 18.34 1.44 22.50
C TYR I 78 16.93 0.87 22.70
N ILE I 79 16.39 0.25 21.66
CA ILE I 79 15.14 -0.50 21.75
C ILE I 79 15.27 -1.63 22.77
N LYS I 80 16.41 -2.32 22.75
CA LYS I 80 16.64 -3.41 23.71
C LYS I 80 16.67 -2.89 25.15
N VAL I 81 17.39 -1.80 25.41
CA VAL I 81 17.44 -1.28 26.78
C VAL I 81 16.10 -0.69 27.20
N LYS I 82 15.34 -0.16 26.25
CA LYS I 82 14.03 0.39 26.61
C LYS I 82 13.04 -0.71 26.91
N ILE I 83 13.08 -1.80 26.13
CA ILE I 83 12.24 -2.97 26.39
C ILE I 83 12.62 -3.60 27.72
N ALA I 84 13.92 -3.62 28.03
CA ALA I 84 14.35 -4.10 29.34
C ALA I 84 13.89 -3.18 30.45
N TYR I 85 13.73 -1.89 30.17
CA TYR I 85 13.19 -0.99 31.18
C TYR I 85 11.71 -1.26 31.42
N GLU I 86 10.90 -1.37 30.35
CA GLU I 86 9.47 -1.62 30.54
C GLU I 86 9.20 -3.00 31.12
N SER I 87 10.09 -3.95 30.85
CA SER I 87 9.96 -5.28 31.45
C SER I 87 10.25 -5.22 32.94
N GLY I 88 11.07 -4.27 33.38
CA GLY I 88 11.30 -4.11 34.80
C GLY I 88 10.22 -3.31 35.50
N ARG I 89 9.36 -2.64 34.74
CA ARG I 89 8.31 -1.82 35.34
C ARG I 89 7.17 -2.67 35.86
N GLU I 90 6.49 -3.37 34.97
CA GLU I 90 5.39 -4.24 35.35
C GLU I 90 5.69 -5.65 34.86
N PRO I 91 5.42 -6.68 35.65
CA PRO I 91 5.74 -8.04 35.22
C PRO I 91 4.83 -8.59 34.15
N VAL I 92 3.68 -7.96 33.89
CA VAL I 92 2.81 -8.40 32.81
C VAL I 92 3.50 -8.16 31.47
N VAL I 93 4.27 -7.08 31.37
CA VAL I 93 5.12 -6.88 30.20
C VAL I 93 6.27 -7.87 30.21
N LYS I 94 6.80 -8.20 31.40
CA LYS I 94 7.95 -9.09 31.49
C LYS I 94 7.61 -10.50 31.01
N ASP I 95 6.41 -10.98 31.37
CA ASP I 95 5.97 -12.28 30.90
C ASP I 95 5.75 -12.28 29.39
N PHE I 96 5.33 -11.14 28.83
CA PHE I 96 5.15 -11.04 27.39
C PHE I 96 6.48 -11.06 26.67
N ILE I 97 7.47 -10.31 27.18
CA ILE I 97 8.79 -10.25 26.56
C ILE I 97 9.53 -11.57 26.76
N GLN I 98 9.18 -12.32 27.81
CA GLN I 98 9.78 -13.63 28.01
C GLN I 98 9.19 -14.66 27.05
N ARG I 99 7.85 -14.77 27.01
CA ARG I 99 7.25 -15.85 26.25
C ARG I 99 7.32 -15.60 24.74
N THR I 100 7.04 -14.38 24.30
CA THR I 100 7.41 -13.94 22.96
C THR I 100 8.80 -13.35 23.09
N ALA I 101 9.82 -14.14 22.77
CA ALA I 101 11.20 -13.86 23.20
C ALA I 101 11.72 -12.66 22.43
N PHE I 102 11.32 -11.48 22.89
CA PHE I 102 11.67 -10.22 22.26
C PHE I 102 13.13 -9.88 22.46
N THR I 103 13.65 -10.12 23.67
CA THR I 103 15.03 -9.77 23.96
C THR I 103 16.00 -10.70 23.25
N ALA I 104 15.65 -11.96 23.08
CA ALA I 104 16.56 -12.87 22.40
C ALA I 104 16.59 -12.61 20.89
N ALA I 105 15.44 -12.30 20.31
CA ALA I 105 15.41 -11.90 18.90
C ALA I 105 16.12 -10.57 18.69
N ILE I 106 16.02 -9.65 19.66
CA ILE I 106 16.64 -8.36 19.45
C ILE I 106 18.15 -8.47 19.66
N THR I 107 18.61 -9.45 20.47
CA THR I 107 20.03 -9.75 20.52
C THR I 107 20.52 -10.35 19.21
N ASP I 108 19.70 -11.22 18.60
CA ASP I 108 20.13 -11.87 17.37
C ASP I 108 20.26 -10.85 16.24
N VAL I 109 19.35 -9.88 16.17
CA VAL I 109 19.56 -8.84 15.16
C VAL I 109 20.67 -7.88 15.60
N MET I 110 20.96 -7.81 16.90
CA MET I 110 22.09 -7.01 17.36
C MET I 110 23.43 -7.68 17.01
N ASN I 111 23.45 -9.00 16.87
CA ASN I 111 24.69 -9.69 16.52
C ASN I 111 24.93 -9.66 15.02
N GLN I 112 24.04 -10.27 14.25
CA GLN I 112 24.19 -10.33 12.80
C GLN I 112 23.62 -9.05 12.19
N ARG I 113 24.50 -8.05 12.08
CA ARG I 113 24.10 -6.67 11.75
C ARG I 113 23.77 -6.56 10.27
N THR I 114 22.64 -7.14 9.89
CA THR I 114 22.22 -7.11 8.50
C THR I 114 20.76 -6.69 8.40
N ARG I 115 20.44 -6.07 7.26
CA ARG I 115 19.13 -5.44 7.06
C ARG I 115 18.03 -6.48 7.02
N GLU I 116 18.31 -7.66 6.47
CA GLU I 116 17.32 -8.72 6.39
C GLU I 116 16.97 -9.25 7.78
N SER I 117 17.91 -9.21 8.73
CA SER I 117 17.62 -9.64 10.08
C SER I 117 16.65 -8.69 10.76
N PHE I 118 16.84 -7.38 10.58
CA PHE I 118 15.89 -6.46 11.18
C PHE I 118 14.56 -6.48 10.47
N LEU I 119 14.55 -6.69 9.16
CA LEU I 119 13.29 -6.80 8.46
C LEU I 119 12.52 -8.03 8.92
N LEU I 120 13.21 -9.16 9.12
CA LEU I 120 12.54 -10.35 9.63
C LEU I 120 12.04 -10.15 11.05
N PHE I 121 12.83 -9.47 11.89
CA PHE I 121 12.38 -9.19 13.26
C PHE I 121 11.20 -8.23 13.27
N ALA I 122 11.18 -7.27 12.36
CA ALA I 122 10.07 -6.32 12.30
C ALA I 122 8.80 -6.99 11.81
N ARG I 123 8.92 -7.90 10.83
CA ARG I 123 7.73 -8.63 10.40
C ARG I 123 7.28 -9.61 11.47
N TYR I 124 8.21 -10.13 12.29
CA TYR I 124 7.83 -10.98 13.41
C TYR I 124 7.04 -10.21 14.45
N VAL I 125 7.50 -9.00 14.79
CA VAL I 125 6.80 -8.17 15.77
C VAL I 125 5.45 -7.73 15.24
N GLU I 126 5.40 -7.37 13.95
CA GLU I 126 4.18 -6.89 13.33
C GLU I 126 3.13 -8.01 13.25
N SER I 127 3.58 -9.21 12.88
CA SER I 127 2.72 -10.40 12.91
C SER I 127 2.28 -10.73 14.33
N LEU I 128 3.11 -10.41 15.32
CA LEU I 128 2.76 -10.68 16.70
C LEU I 128 1.69 -9.73 17.21
N ILE I 129 1.75 -8.45 16.82
CA ILE I 129 0.67 -7.50 17.11
C ILE I 129 -0.60 -7.95 16.39
N ALA I 130 -0.44 -8.44 15.16
CA ALA I 130 -1.57 -8.89 14.36
C ALA I 130 -2.31 -10.05 15.02
N TYR I 131 -1.56 -11.03 15.50
CA TYR I 131 -2.21 -12.17 16.13
C TYR I 131 -2.66 -11.85 17.55
N PHE I 132 -2.08 -10.82 18.17
CA PHE I 132 -2.63 -10.33 19.43
C PHE I 132 -4.01 -9.71 19.22
N LYS I 133 -4.18 -8.91 18.17
CA LYS I 133 -5.49 -8.33 17.92
C LYS I 133 -6.49 -9.37 17.43
N PHE I 134 -6.03 -10.34 16.63
CA PHE I 134 -6.97 -11.34 16.10
C PHE I 134 -7.37 -12.35 17.16
N TYR I 135 -6.41 -13.09 17.71
CA TYR I 135 -6.71 -14.18 18.62
C TYR I 135 -6.83 -13.70 20.06
N GLY I 136 -8.03 -13.87 20.61
CA GLY I 136 -8.25 -13.64 22.02
C GLY I 136 -8.25 -12.19 22.44
N GLY I 137 -8.45 -11.28 21.50
CA GLY I 137 -8.53 -9.86 21.80
C GLY I 137 -9.93 -9.48 22.23
N LYS I 138 -10.10 -8.20 22.58
CA LYS I 138 -11.42 -7.65 22.80
C LYS I 138 -12.12 -7.27 21.50
N ASP I 139 -11.44 -7.40 20.37
CA ASP I 139 -12.05 -7.19 19.07
C ASP I 139 -11.55 -8.24 18.07
N THR J 1 31.76 7.84 16.78
CA THR J 1 31.37 8.26 18.11
C THR J 1 31.89 7.28 19.15
N GLU J 2 32.80 7.75 20.01
CA GLU J 2 33.54 6.87 20.90
C GLU J 2 33.48 7.45 22.31
N LEU J 3 33.57 6.58 23.31
CA LEU J 3 33.53 7.01 24.71
C LEU J 3 34.37 6.04 25.53
N LYS J 4 35.64 6.37 25.76
CA LYS J 4 36.56 5.50 26.49
C LYS J 4 36.28 5.63 27.98
N ILE J 5 36.01 4.51 28.64
CA ILE J 5 35.62 4.63 30.05
C ILE J 5 36.82 4.36 30.96
N GLY J 6 37.15 3.09 31.21
CA GLY J 6 38.33 2.80 31.98
C GLY J 6 39.44 2.19 31.16
N ASN J 7 39.10 1.07 30.51
CA ASN J 7 39.91 0.45 29.48
C ASN J 7 39.10 0.26 28.22
N GLU J 8 37.80 0.55 28.26
CA GLU J 8 36.84 0.14 27.25
C GLU J 8 36.33 1.38 26.53
N LYS J 9 36.76 1.54 25.30
CA LYS J 9 36.06 2.44 24.39
C LYS J 9 34.66 1.90 24.15
N VAL J 10 33.65 2.58 24.70
CA VAL J 10 32.27 2.25 24.40
C VAL J 10 31.84 3.16 23.26
N ASN J 11 31.33 2.58 22.19
CA ASN J 11 30.93 3.37 21.06
C ASN J 11 29.41 3.49 21.11
N SER J 12 28.82 4.00 20.03
CA SER J 12 27.40 4.33 19.99
C SER J 12 26.48 3.10 20.03
N THR J 13 27.04 1.88 20.10
CA THR J 13 26.28 0.66 19.90
C THR J 13 26.30 -0.31 21.07
N ASN J 14 27.39 -0.39 21.84
CA ASN J 14 27.50 -1.41 22.88
C ASN J 14 27.26 -0.87 24.27
N PHE J 15 26.57 0.27 24.39
CA PHE J 15 26.31 0.86 25.70
C PHE J 15 25.38 0.01 26.56
N GLY J 16 24.45 -0.69 25.92
CA GLY J 16 23.46 -1.46 26.66
C GLY J 16 24.04 -2.68 27.32
N ASP J 17 24.87 -3.42 26.60
CA ASP J 17 25.48 -4.62 27.17
C ASP J 17 26.47 -4.26 28.27
N PHE J 18 27.17 -3.13 28.12
CA PHE J 18 28.13 -2.72 29.14
C PHE J 18 27.43 -2.20 30.39
N ALA J 19 26.32 -1.47 30.23
CA ALA J 19 25.53 -1.09 31.39
C ALA J 19 24.90 -2.30 32.05
N GLU J 20 24.52 -3.31 31.26
CA GLU J 20 23.94 -4.53 31.80
C GLU J 20 24.95 -5.31 32.65
N LYS J 21 26.18 -5.45 32.16
CA LYS J 21 27.18 -6.18 32.94
C LYS J 21 27.68 -5.34 34.11
N ALA J 22 27.58 -4.01 34.00
CA ALA J 22 27.94 -3.16 35.12
C ALA J 22 26.93 -3.28 36.26
N ILE J 23 25.64 -3.38 35.92
CA ILE J 23 24.63 -3.61 36.95
C ILE J 23 24.74 -5.03 37.49
N ARG J 24 25.03 -6.00 36.61
CA ARG J 24 25.16 -7.39 37.04
C ARG J 24 26.44 -7.61 37.85
N GLY J 25 27.38 -6.68 37.78
CA GLY J 25 28.55 -6.77 38.63
C GLY J 25 28.25 -6.44 40.08
N ILE J 26 27.39 -5.45 40.31
CA ILE J 26 27.04 -5.06 41.67
C ILE J 26 26.17 -6.13 42.31
N ASN J 27 25.25 -6.70 41.55
CA ASN J 27 24.57 -7.90 42.01
C ASN J 27 25.54 -9.07 42.03
N HIS J 28 25.28 -10.02 42.93
CA HIS J 28 26.10 -11.19 43.27
C HIS J 28 27.48 -10.81 43.82
N LYS J 29 27.73 -9.53 44.12
CA LYS J 29 28.89 -9.00 44.80
C LYS J 29 28.55 -7.60 45.30
N PRO J 30 27.70 -7.46 46.31
CA PRO J 30 27.18 -6.14 46.67
C PRO J 30 28.06 -5.41 47.67
N PHE J 31 27.71 -4.15 47.90
CA PHE J 31 28.45 -3.30 48.81
C PHE J 31 28.26 -3.73 50.27
N VAL J 32 29.35 -3.66 51.02
CA VAL J 32 29.34 -3.86 52.47
C VAL J 32 29.58 -2.52 53.13
N ASN J 33 28.73 -2.18 54.10
CA ASN J 33 28.74 -0.85 54.72
C ASN J 33 29.88 -0.63 55.69
N SER J 34 30.73 -1.66 55.91
CA SER J 34 31.75 -1.88 56.94
C SER J 34 31.13 -2.15 58.30
N LYS J 35 29.80 -2.05 58.45
CA LYS J 35 29.14 -2.42 59.68
C LYS J 35 28.77 -3.89 59.69
N GLY J 36 28.84 -4.56 58.55
CA GLY J 36 28.51 -5.97 58.49
C GLY J 36 27.25 -6.22 57.70
N GLY J 37 26.51 -5.16 57.41
CA GLY J 37 25.11 -5.22 57.13
C GLY J 37 24.79 -5.58 55.69
N GLU J 38 23.53 -5.32 55.32
CA GLU J 38 22.93 -5.81 54.10
C GLU J 38 22.46 -4.63 53.27
N GLN J 39 23.29 -4.19 52.33
CA GLN J 39 23.06 -2.91 51.67
C GLN J 39 23.24 -3.00 50.16
N LYS J 40 22.50 -2.15 49.46
CA LYS J 40 22.64 -1.88 48.03
C LYS J 40 21.98 -0.54 47.76
N ILE J 41 22.23 0.00 46.56
CA ILE J 41 21.74 1.34 46.24
C ILE J 41 20.24 1.32 46.00
N THR J 42 19.56 2.36 46.47
CA THR J 42 18.13 2.59 46.27
C THR J 42 17.84 2.96 44.82
N THR J 43 16.55 3.15 44.54
CA THR J 43 16.17 3.63 43.21
C THR J 43 16.02 5.14 43.17
N SER J 44 15.75 5.79 44.31
CA SER J 44 15.50 7.22 44.31
C SER J 44 16.78 8.01 44.00
N LYS J 45 17.91 7.55 44.54
CA LYS J 45 19.16 8.26 44.28
C LYS J 45 19.66 8.01 42.86
N ILE J 46 19.46 6.81 42.33
CA ILE J 46 19.92 6.55 40.97
C ILE J 46 19.03 7.28 39.96
N ARG J 47 17.73 7.43 40.26
CA ARG J 47 16.91 8.21 39.36
C ARG J 47 17.09 9.71 39.59
N GLY J 48 17.61 10.09 40.76
CA GLY J 48 18.10 11.44 40.92
C GLY J 48 19.33 11.70 40.07
N ILE J 49 20.19 10.69 39.92
CA ILE J 49 21.33 10.78 39.01
C ILE J 49 20.85 10.96 37.57
N LEU J 50 19.83 10.18 37.17
CA LEU J 50 19.30 10.29 35.81
C LEU J 50 18.65 11.66 35.59
N GLU J 51 17.86 12.15 36.55
CA GLU J 51 17.20 13.43 36.34
C GLU J 51 18.15 14.60 36.57
N LEU J 52 19.34 14.35 37.09
CA LEU J 52 20.43 15.31 36.92
C LEU J 52 20.92 15.29 35.49
N VAL J 53 21.12 14.10 34.93
CA VAL J 53 21.63 13.97 33.56
C VAL J 53 20.61 14.50 32.55
N ASN J 54 19.34 14.16 32.74
CA ASN J 54 18.31 14.49 31.76
C ASN J 54 17.92 15.95 31.76
N LYS J 55 18.36 16.75 32.73
CA LYS J 55 18.10 18.18 32.68
C LYS J 55 18.90 18.86 31.58
N VAL J 56 19.96 18.23 31.10
CA VAL J 56 20.72 18.73 29.96
C VAL J 56 20.26 18.08 28.66
N TYR J 57 19.85 16.80 28.73
CA TYR J 57 19.46 16.03 27.54
C TYR J 57 18.29 16.66 26.80
N ASN J 58 17.28 17.10 27.54
CA ASN J 58 16.08 17.63 26.90
C ASN J 58 16.26 19.08 26.47
N ARG J 59 17.44 19.64 26.65
CA ARG J 59 17.82 20.91 26.06
C ARG J 59 18.81 20.74 24.93
N VAL J 60 19.57 19.64 24.92
CA VAL J 60 20.46 19.23 23.84
C VAL J 60 19.64 18.86 22.62
N ILE J 61 18.47 18.24 22.83
CA ILE J 61 17.63 17.83 21.71
C ILE J 61 16.92 19.01 21.05
N ASN J 62 17.03 20.21 21.62
CA ASN J 62 16.71 21.40 20.84
C ASN J 62 17.76 21.67 19.76
N THR J 63 19.00 21.26 19.96
CA THR J 63 20.15 21.72 19.18
C THR J 63 20.46 20.76 18.04
N ASN J 64 20.71 21.30 16.85
CA ASN J 64 21.10 20.49 15.70
C ASN J 64 22.61 20.44 15.50
N ASP J 65 23.32 21.50 15.86
CA ASP J 65 24.77 21.61 15.70
C ASP J 65 25.51 20.66 16.64
N VAL J 66 26.59 20.04 16.16
CA VAL J 66 27.26 18.99 16.93
C VAL J 66 28.29 19.58 17.89
N GLU J 67 28.36 20.89 18.00
CA GLU J 67 29.27 21.54 18.93
C GLU J 67 28.47 22.08 20.11
N LEU J 68 28.73 21.55 21.29
CA LEU J 68 27.99 21.96 22.48
C LEU J 68 28.48 23.33 22.97
N SER J 69 27.51 24.16 23.35
CA SER J 69 27.80 25.48 23.88
C SER J 69 28.39 25.37 25.28
N GLU J 70 29.11 26.42 25.69
CA GLU J 70 29.89 26.35 26.93
C GLU J 70 29.00 26.40 28.17
N ASN J 71 27.76 26.90 28.06
CA ASN J 71 26.88 26.79 29.21
C ASN J 71 26.43 25.35 29.43
N ILE J 72 26.27 24.59 28.34
CA ILE J 72 25.95 23.17 28.46
C ILE J 72 27.14 22.41 29.05
N LEU J 73 28.36 22.82 28.72
CA LEU J 73 29.54 22.23 29.36
C LEU J 73 29.61 22.61 30.83
N ALA J 74 29.18 23.83 31.17
CA ALA J 74 29.10 24.24 32.58
C ALA J 74 28.11 23.37 33.33
N ASP J 75 26.98 23.08 32.70
CA ASP J 75 25.95 22.25 33.33
C ASP J 75 26.39 20.80 33.42
N ILE J 76 27.18 20.32 32.46
CA ILE J 76 27.67 18.94 32.50
C ILE J 76 28.73 18.78 33.60
N ALA J 77 29.65 19.75 33.72
CA ALA J 77 30.60 19.71 34.83
C ALA J 77 29.89 19.94 36.16
N TYR J 78 28.76 20.63 36.13
CA TYR J 78 27.98 20.85 37.34
C TYR J 78 27.27 19.57 37.76
N ILE J 79 26.84 18.77 36.79
CA ILE J 79 26.38 17.41 37.04
C ILE J 79 27.49 16.59 37.67
N LYS J 80 28.71 16.73 37.13
CA LYS J 80 29.86 15.99 37.65
C LYS J 80 30.16 16.36 39.10
N VAL J 81 30.04 17.65 39.44
CA VAL J 81 30.36 18.05 40.81
C VAL J 81 29.21 17.73 41.76
N LYS J 82 27.97 17.68 41.26
CA LYS J 82 26.88 17.26 42.13
C LYS J 82 26.94 15.76 42.39
N ILE J 83 27.39 15.01 41.38
CA ILE J 83 27.64 13.58 41.55
C ILE J 83 28.79 13.36 42.52
N ALA J 84 29.78 14.26 42.48
CA ALA J 84 30.86 14.24 43.46
C ALA J 84 30.34 14.50 44.87
N TYR J 85 29.39 15.43 45.01
CA TYR J 85 28.81 15.70 46.33
C TYR J 85 28.02 14.51 46.84
N GLU J 86 27.14 13.95 46.00
CA GLU J 86 26.27 12.86 46.44
C GLU J 86 27.08 11.60 46.69
N SER J 87 28.18 11.41 45.96
CA SER J 87 29.09 10.32 46.28
C SER J 87 29.84 10.61 47.56
N GLY J 88 30.06 11.89 47.87
CA GLY J 88 30.70 12.23 49.13
C GLY J 88 29.79 12.04 50.32
N ARG J 89 28.48 12.10 50.08
CA ARG J 89 27.52 11.91 51.17
C ARG J 89 27.55 10.47 51.69
N GLU J 90 27.19 9.53 50.85
CA GLU J 90 27.09 8.15 51.30
C GLU J 90 28.11 7.28 50.55
N PRO J 91 28.70 6.29 51.22
CA PRO J 91 29.65 5.42 50.52
C PRO J 91 28.98 4.45 49.56
N VAL J 92 27.67 4.26 49.66
CA VAL J 92 26.95 3.40 48.73
C VAL J 92 26.95 4.01 47.34
N VAL J 93 26.63 5.31 47.27
CA VAL J 93 26.60 6.02 45.99
C VAL J 93 28.01 6.15 45.43
N LYS J 94 29.00 6.39 46.31
CA LYS J 94 30.40 6.45 45.91
C LYS J 94 30.88 5.13 45.33
N ASP J 95 30.50 4.03 45.96
CA ASP J 95 30.88 2.71 45.45
C ASP J 95 30.15 2.37 44.16
N PHE J 96 28.91 2.83 44.02
CA PHE J 96 28.19 2.65 42.76
C PHE J 96 28.89 3.37 41.62
N ILE J 97 29.26 4.64 41.84
CA ILE J 97 29.89 5.42 40.77
C ILE J 97 31.29 4.90 40.49
N GLN J 98 32.00 4.42 41.52
CA GLN J 98 33.30 3.81 41.29
C GLN J 98 33.19 2.50 40.50
N ARG J 99 32.17 1.70 40.78
CA ARG J 99 32.00 0.43 40.06
C ARG J 99 31.49 0.67 38.65
N THR J 100 30.30 1.25 38.52
CA THR J 100 29.78 1.64 37.22
C THR J 100 30.37 3.00 36.91
N ALA J 101 31.43 3.04 36.11
CA ALA J 101 32.34 4.18 36.07
C ALA J 101 31.69 5.38 35.40
N PHE J 102 30.81 6.03 36.17
CA PHE J 102 30.18 7.27 35.75
C PHE J 102 31.19 8.40 35.67
N THR J 103 32.16 8.42 36.58
CA THR J 103 33.15 9.49 36.62
C THR J 103 34.02 9.48 35.37
N ALA J 104 34.38 8.29 34.90
CA ALA J 104 35.16 8.17 33.67
C ALA J 104 34.37 8.63 32.46
N ALA J 105 33.08 8.29 32.39
CA ALA J 105 32.24 8.70 31.28
C ALA J 105 32.04 10.21 31.27
N ILE J 106 31.88 10.82 32.45
CA ILE J 106 31.65 12.26 32.49
C ILE J 106 32.95 13.02 32.21
N THR J 107 34.12 12.45 32.58
CA THR J 107 35.37 13.04 32.14
C THR J 107 35.54 12.94 30.64
N ASP J 108 35.13 11.83 30.03
CA ASP J 108 35.25 11.70 28.58
C ASP J 108 34.34 12.69 27.86
N VAL J 109 33.12 12.90 28.36
CA VAL J 109 32.24 13.83 27.68
C VAL J 109 32.66 15.27 27.92
N MET J 110 33.33 15.56 29.04
CA MET J 110 33.90 16.89 29.20
C MET J 110 35.17 17.05 28.37
N ASN J 111 35.84 15.95 28.06
CA ASN J 111 37.02 16.02 27.20
C ASN J 111 36.63 16.32 25.76
N GLN J 112 35.78 15.49 25.17
CA GLN J 112 35.35 15.67 23.79
C GLN J 112 33.96 16.32 23.79
N ARG J 113 33.96 17.64 23.64
CA ARG J 113 32.75 18.45 23.83
C ARG J 113 31.91 18.43 22.57
N THR J 114 31.27 17.29 22.32
CA THR J 114 30.43 17.17 21.13
C THR J 114 29.07 16.59 21.52
N ARG J 115 28.09 16.83 20.64
CA ARG J 115 26.72 16.43 20.90
C ARG J 115 26.57 14.93 20.96
N GLU J 116 27.28 14.21 20.08
CA GLU J 116 27.13 12.76 19.98
C GLU J 116 27.65 12.06 21.23
N SER J 117 28.72 12.59 21.82
CA SER J 117 29.29 11.99 23.02
C SER J 117 28.35 12.13 24.20
N PHE J 118 27.68 13.29 24.32
CA PHE J 118 26.74 13.46 25.42
C PHE J 118 25.49 12.63 25.22
N LEU J 119 25.04 12.47 23.98
CA LEU J 119 23.88 11.62 23.72
C LEU J 119 24.19 10.17 24.01
N LEU J 120 25.40 9.72 23.67
CA LEU J 120 25.83 8.37 24.02
C LEU J 120 26.00 8.19 25.52
N PHE J 121 26.51 9.20 26.21
CA PHE J 121 26.66 9.13 27.65
C PHE J 121 25.32 9.10 28.36
N ALA J 122 24.36 9.88 27.85
CA ALA J 122 23.00 9.87 28.41
C ALA J 122 22.33 8.54 28.14
N ARG J 123 22.58 7.94 26.98
CA ARG J 123 22.08 6.59 26.72
C ARG J 123 22.72 5.57 27.64
N TYR J 124 23.99 5.77 28.00
CA TYR J 124 24.65 4.85 28.90
C TYR J 124 24.08 4.94 30.31
N VAL J 125 23.84 6.15 30.79
CA VAL J 125 23.23 6.34 32.11
C VAL J 125 21.80 5.83 32.12
N GLU J 126 21.08 6.07 31.01
CA GLU J 126 19.71 5.62 30.89
C GLU J 126 19.60 4.10 30.85
N SER J 127 20.55 3.44 30.17
CA SER J 127 20.57 1.98 30.17
C SER J 127 21.02 1.42 31.50
N LEU J 128 21.85 2.16 32.23
CA LEU J 128 22.19 1.78 33.59
C LEU J 128 20.96 1.79 34.49
N ILE J 129 20.10 2.81 34.32
CA ILE J 129 18.80 2.86 34.99
C ILE J 129 17.92 1.69 34.58
N ALA J 130 17.87 1.41 33.27
CA ALA J 130 16.99 0.38 32.75
C ALA J 130 17.37 -1.00 33.23
N TYR J 131 18.67 -1.31 33.25
CA TYR J 131 19.08 -2.61 33.74
C TYR J 131 19.15 -2.67 35.25
N PHE J 132 19.14 -1.54 35.95
CA PHE J 132 18.96 -1.60 37.39
C PHE J 132 17.50 -1.92 37.72
N LYS J 133 16.57 -1.34 36.96
CA LYS J 133 15.16 -1.62 37.22
C LYS J 133 14.77 -3.00 36.72
N PHE J 134 15.44 -3.49 35.69
CA PHE J 134 15.17 -4.83 35.19
C PHE J 134 15.70 -5.91 36.13
N TYR J 135 16.84 -5.66 36.78
CA TYR J 135 17.45 -6.62 37.67
C TYR J 135 17.14 -6.27 39.12
N ILE K 5 33.17 36.41 31.56
CA ILE K 5 33.17 35.11 32.19
C ILE K 5 34.55 34.81 32.82
N GLY K 6 35.17 35.84 33.36
CA GLY K 6 36.51 35.69 33.92
C GLY K 6 36.55 35.02 35.27
N ASN K 7 36.00 35.70 36.30
CA ASN K 7 35.93 35.23 37.69
C ASN K 7 37.29 34.76 38.23
N GLU K 8 38.32 35.58 38.02
CA GLU K 8 39.70 35.33 38.49
C GLU K 8 40.24 34.00 37.94
N LYS K 9 40.39 33.95 36.61
CA LYS K 9 40.88 32.85 35.79
C LYS K 9 39.96 31.63 35.75
N VAL K 10 38.85 31.65 36.48
CA VAL K 10 37.97 30.50 36.61
C VAL K 10 36.96 30.58 35.47
N ASN K 11 37.21 29.83 34.41
CA ASN K 11 36.32 29.75 33.26
C ASN K 11 34.99 29.11 33.69
N SER K 12 33.95 29.37 32.89
CA SER K 12 32.63 28.80 33.13
C SER K 12 32.60 27.29 33.02
N THR K 13 33.55 26.67 32.32
CA THR K 13 33.53 25.23 32.10
C THR K 13 34.60 24.50 32.90
N ASN K 14 35.22 25.15 33.89
CA ASN K 14 36.21 24.44 34.70
C ASN K 14 36.18 24.80 36.18
N PHE K 15 35.06 25.32 36.69
CA PHE K 15 34.95 25.70 38.10
C PHE K 15 35.09 24.50 39.03
N GLY K 16 34.53 23.36 38.62
CA GLY K 16 34.67 22.16 39.42
C GLY K 16 36.10 21.66 39.47
N ASP K 17 36.81 21.74 38.34
CA ASP K 17 38.21 21.31 38.31
C ASP K 17 39.08 22.22 39.16
N PHE K 18 38.79 23.53 39.14
CA PHE K 18 39.52 24.47 39.99
C PHE K 18 39.28 24.20 41.46
N ALA K 19 38.02 23.91 41.83
CA ALA K 19 37.71 23.61 43.23
C ALA K 19 38.32 22.27 43.65
N GLU K 20 38.33 21.29 42.76
CA GLU K 20 38.90 19.99 43.06
C GLU K 20 40.40 20.08 43.28
N LYS K 21 41.11 20.80 42.40
CA LYS K 21 42.55 20.96 42.58
C LYS K 21 42.86 21.81 43.81
N ALA K 22 42.03 22.82 44.09
CA ALA K 22 42.24 23.65 45.28
C ALA K 22 42.04 22.84 46.54
N ILE K 23 41.09 21.92 46.56
CA ILE K 23 40.88 21.21 47.81
C ILE K 23 41.80 20.00 47.94
N ARG K 24 42.35 19.49 46.83
CA ARG K 24 43.46 18.56 46.96
C ARG K 24 44.70 19.29 47.47
N GLY K 25 44.83 20.59 47.14
CA GLY K 25 45.83 21.41 47.79
C GLY K 25 45.46 21.84 49.20
N ILE K 26 44.21 21.65 49.61
CA ILE K 26 43.82 21.87 51.00
C ILE K 26 44.19 20.68 51.87
N ASN K 27 43.69 19.48 51.53
CA ASN K 27 43.83 18.36 52.46
C ASN K 27 45.26 17.81 52.48
N HIS K 28 45.99 17.99 51.38
CA HIS K 28 47.44 17.92 51.45
C HIS K 28 47.97 19.29 51.84
N LYS K 29 49.05 19.30 52.64
CA LYS K 29 49.49 20.43 53.45
C LYS K 29 48.30 20.89 54.32
N PRO K 30 47.99 20.17 55.41
CA PRO K 30 46.99 20.67 56.35
C PRO K 30 47.65 21.43 57.51
N PHE K 31 46.81 22.02 58.34
CA PHE K 31 47.28 22.76 59.51
C PHE K 31 47.13 21.90 60.76
N VAL K 32 48.26 21.68 61.45
CA VAL K 32 48.45 20.87 62.68
C VAL K 32 47.57 19.62 62.81
N GLN K 39 44.05 18.63 64.85
CA GLN K 39 42.71 19.09 64.53
C GLN K 39 42.63 19.70 63.13
N LYS K 40 41.56 19.38 62.43
CA LYS K 40 41.40 19.72 61.03
C LYS K 40 40.33 20.80 60.89
N ILE K 41 39.98 21.14 59.65
CA ILE K 41 38.86 22.03 59.40
C ILE K 41 37.54 21.27 59.54
N THR K 42 36.60 21.88 60.24
CA THR K 42 35.27 21.31 60.43
C THR K 42 34.44 21.59 59.17
N THR K 43 33.47 20.71 58.90
CA THR K 43 32.54 20.93 57.79
C THR K 43 31.43 21.93 58.11
N SER K 44 31.50 22.59 59.27
CA SER K 44 30.45 23.52 59.67
C SER K 44 30.70 24.94 59.21
N LYS K 45 31.95 25.41 59.20
CA LYS K 45 32.21 26.81 58.86
C LYS K 45 32.13 27.04 57.36
N ILE K 46 32.59 26.08 56.56
CA ILE K 46 32.38 26.13 55.12
C ILE K 46 30.89 26.04 54.80
N ARG K 47 30.15 25.30 55.63
CA ARG K 47 28.70 25.24 55.46
C ARG K 47 28.07 26.57 55.80
N GLY K 48 28.60 27.28 56.79
CA GLY K 48 28.13 28.62 57.07
C GLY K 48 28.42 29.61 55.95
N ILE K 49 29.57 29.44 55.29
CA ILE K 49 29.89 30.22 54.10
C ILE K 49 28.86 29.97 53.00
N LEU K 50 28.47 28.70 52.83
CA LEU K 50 27.46 28.37 51.83
C LEU K 50 26.08 28.91 52.21
N GLU K 51 25.73 28.85 53.49
CA GLU K 51 24.44 29.38 53.93
C GLU K 51 24.42 30.90 53.94
N LEU K 52 25.57 31.55 53.84
CA LEU K 52 25.57 32.99 53.58
C LEU K 52 25.43 33.29 52.09
N VAL K 53 26.09 32.52 51.23
CA VAL K 53 26.05 32.86 49.81
C VAL K 53 24.72 32.45 49.17
N ASN K 54 24.01 31.47 49.74
CA ASN K 54 22.90 30.89 49.01
C ASN K 54 21.64 31.77 49.06
N LYS K 55 21.55 32.67 50.04
CA LYS K 55 20.38 33.54 50.11
C LYS K 55 20.36 34.53 48.96
N VAL K 56 21.51 35.15 48.67
CA VAL K 56 21.58 36.05 47.54
C VAL K 56 21.70 35.27 46.24
N TYR K 57 22.13 33.99 46.30
CA TYR K 57 21.96 33.10 45.15
C TYR K 57 20.48 32.90 44.82
N ASN K 58 19.65 32.69 45.85
CA ASN K 58 18.20 32.59 45.67
C ASN K 58 17.61 33.90 45.17
N ARG K 59 18.18 35.02 45.58
CA ARG K 59 17.71 36.32 45.09
C ARG K 59 18.04 36.53 43.62
N VAL K 60 19.24 36.13 43.19
CA VAL K 60 19.69 36.40 41.83
C VAL K 60 19.15 35.38 40.82
N ILE K 61 18.86 34.15 41.25
CA ILE K 61 18.54 33.06 40.32
C ILE K 61 17.22 33.29 39.59
N ASN K 62 16.32 34.11 40.14
CA ASN K 62 15.05 34.42 39.50
C ASN K 62 15.02 35.82 38.93
N THR K 63 16.13 36.55 39.04
CA THR K 63 16.17 37.95 38.64
C THR K 63 16.29 38.08 37.13
N ASN K 64 15.48 38.98 36.56
CA ASN K 64 15.38 39.14 35.12
C ASN K 64 16.64 39.76 34.51
N ASP K 65 16.95 41.00 34.90
CA ASP K 65 17.90 41.83 34.18
C ASP K 65 19.34 41.36 34.39
N VAL K 66 20.19 41.72 33.42
CA VAL K 66 21.60 41.35 33.45
C VAL K 66 22.35 42.13 34.52
N GLU K 67 22.20 43.45 34.58
CA GLU K 67 22.91 44.25 35.55
C GLU K 67 22.29 44.10 36.94
N LEU K 68 23.12 43.73 37.91
CA LEU K 68 22.69 43.50 39.27
C LEU K 68 22.33 44.82 39.96
N SER K 69 21.49 44.73 40.98
CA SER K 69 21.06 45.92 41.68
C SER K 69 22.03 46.28 42.80
N GLU K 70 21.78 47.43 43.42
CA GLU K 70 22.60 47.89 44.54
C GLU K 70 22.45 46.96 45.75
N ASN K 71 21.24 46.46 45.98
CA ASN K 71 20.96 45.67 47.17
C ASN K 71 21.69 44.34 47.14
N ILE K 72 21.84 43.77 45.94
CA ILE K 72 22.57 42.52 45.76
C ILE K 72 24.03 42.69 46.10
N LEU K 73 24.67 43.73 45.57
CA LEU K 73 26.08 43.98 45.85
C LEU K 73 26.29 44.36 47.30
N ALA K 74 25.29 45.01 47.90
CA ALA K 74 25.36 45.34 49.32
C ALA K 74 25.34 44.08 50.19
N ASP K 75 24.47 43.13 49.83
CA ASP K 75 24.47 41.83 50.52
C ASP K 75 25.79 41.08 50.30
N ILE K 76 26.35 41.16 49.09
CA ILE K 76 27.64 40.54 48.78
C ILE K 76 28.75 41.19 49.62
N ALA K 77 28.68 42.51 49.80
CA ALA K 77 29.64 43.20 50.64
C ALA K 77 29.54 42.75 52.08
N TYR K 78 28.32 42.49 52.57
CA TYR K 78 28.24 42.09 53.97
C TYR K 78 28.63 40.61 54.10
N ILE K 79 28.54 39.85 53.01
CA ILE K 79 29.18 38.52 52.96
C ILE K 79 30.69 38.64 53.12
N LYS K 80 31.30 39.64 52.46
CA LYS K 80 32.73 39.89 52.64
C LYS K 80 33.06 40.25 54.09
N VAL K 81 32.21 41.09 54.70
CA VAL K 81 32.42 41.48 56.09
C VAL K 81 32.31 40.27 57.01
N LYS K 82 31.34 39.39 56.73
CA LYS K 82 31.13 38.21 57.57
C LYS K 82 32.27 37.21 57.44
N ILE K 83 32.70 36.91 56.20
CA ILE K 83 33.80 35.96 56.02
C ILE K 83 35.10 36.55 56.54
N ALA K 84 35.22 37.88 56.53
CA ALA K 84 36.34 38.52 57.21
C ALA K 84 36.23 38.37 58.71
N TYR K 85 35.00 38.31 59.24
CA TYR K 85 34.82 38.13 60.69
C TYR K 85 35.26 36.74 61.15
N GLU K 86 34.84 35.69 60.42
CA GLU K 86 35.34 34.37 60.85
C GLU K 86 36.80 34.16 60.45
N SER K 87 37.29 34.88 59.43
CA SER K 87 38.71 34.79 59.11
C SER K 87 39.56 35.42 60.21
N GLY K 88 39.18 36.60 60.69
CA GLY K 88 39.91 37.21 61.79
C GLY K 88 39.74 36.45 63.09
N ARG K 89 38.59 35.79 63.26
CA ARG K 89 38.33 35.07 64.50
C ARG K 89 39.06 33.73 64.53
N GLU K 90 39.15 33.04 63.39
CA GLU K 90 39.77 31.72 63.35
C GLU K 90 40.77 31.61 62.21
N PRO K 91 41.95 30.99 62.44
CA PRO K 91 43.02 31.02 61.44
C PRO K 91 42.84 30.01 60.31
N VAL K 92 42.12 28.91 60.58
CA VAL K 92 41.85 27.93 59.54
C VAL K 92 40.89 28.52 58.52
N VAL K 93 40.03 29.44 58.96
CA VAL K 93 39.10 30.10 58.05
C VAL K 93 39.84 30.99 57.07
N LYS K 94 40.75 31.85 57.56
CA LYS K 94 41.52 32.69 56.63
C LYS K 94 42.47 31.85 55.78
N ASP K 95 42.93 30.70 56.30
CA ASP K 95 43.66 29.73 55.49
C ASP K 95 42.82 29.27 54.31
N PHE K 96 41.53 29.01 54.55
CA PHE K 96 40.63 28.63 53.46
C PHE K 96 40.40 29.79 52.49
N ILE K 97 40.26 31.02 53.01
CA ILE K 97 39.93 32.14 52.12
C ILE K 97 41.13 32.52 51.25
N GLN K 98 42.36 32.37 51.76
CA GLN K 98 43.50 32.67 50.89
C GLN K 98 43.91 31.48 50.03
N ARG K 99 43.71 30.25 50.52
CA ARG K 99 44.14 29.08 49.77
C ARG K 99 43.20 28.79 48.62
N THR K 100 41.90 28.70 48.89
CA THR K 100 40.90 28.68 47.85
C THR K 100 40.51 30.13 47.59
N ALA K 101 40.73 30.60 46.35
CA ALA K 101 40.73 32.03 46.04
C ALA K 101 39.30 32.56 46.11
N PHE K 102 38.82 32.74 47.33
CA PHE K 102 37.42 33.07 47.59
C PHE K 102 37.17 34.57 47.52
N THR K 103 37.94 35.35 48.30
CA THR K 103 37.71 36.79 48.34
C THR K 103 38.18 37.47 47.06
N ALA K 104 39.16 36.88 46.36
CA ALA K 104 39.50 37.34 45.02
C ALA K 104 38.33 37.14 44.07
N ALA K 105 37.61 36.03 44.22
CA ALA K 105 36.42 35.79 43.43
C ALA K 105 35.30 36.76 43.80
N ILE K 106 35.19 37.14 45.08
CA ILE K 106 34.13 38.07 45.48
C ILE K 106 34.43 39.48 44.98
N THR K 107 35.70 39.91 45.06
CA THR K 107 36.10 41.17 44.45
C THR K 107 35.90 41.13 42.95
N ASP K 108 36.08 39.96 42.34
CA ASP K 108 35.79 39.81 40.91
C ASP K 108 34.30 39.93 40.64
N VAL K 109 33.45 39.43 41.53
CA VAL K 109 32.00 39.56 41.37
C VAL K 109 31.59 41.03 41.47
N MET K 110 32.12 41.75 42.45
CA MET K 110 31.78 43.17 42.52
C MET K 110 32.54 44.02 41.52
N ASN K 111 33.52 43.45 40.81
CA ASN K 111 34.17 44.17 39.72
C ASN K 111 33.51 43.92 38.38
N GLN K 112 32.83 42.78 38.20
CA GLN K 112 32.05 42.59 36.99
C GLN K 112 30.61 43.06 37.17
N ARG K 113 29.98 42.66 38.27
CA ARG K 113 28.57 42.94 38.61
C ARG K 113 27.62 42.42 37.54
N THR K 114 27.97 41.30 36.92
CA THR K 114 27.11 40.66 35.95
C THR K 114 26.49 39.42 36.58
N ARG K 115 25.39 38.96 35.97
CA ARG K 115 24.64 37.84 36.54
C ARG K 115 25.44 36.55 36.46
N GLU K 116 26.02 36.25 35.30
CA GLU K 116 26.74 35.01 35.11
C GLU K 116 28.00 34.95 35.95
N SER K 117 28.57 36.11 36.30
CA SER K 117 29.72 36.13 37.19
C SER K 117 29.35 35.63 38.58
N PHE K 118 28.21 36.08 39.10
CA PHE K 118 27.80 35.62 40.42
C PHE K 118 27.32 34.17 40.38
N LEU K 119 26.69 33.76 39.28
CA LEU K 119 26.31 32.36 39.15
C LEU K 119 27.53 31.44 39.09
N LEU K 120 28.57 31.85 38.36
CA LEU K 120 29.81 31.09 38.30
C LEU K 120 30.50 31.04 39.66
N PHE K 121 30.45 32.15 40.39
CA PHE K 121 31.02 32.21 41.73
C PHE K 121 30.26 31.32 42.72
N ALA K 122 28.93 31.32 42.62
CA ALA K 122 28.11 30.46 43.46
C ALA K 122 28.35 29.00 43.15
N ARG K 123 28.49 28.66 41.87
CA ARG K 123 28.83 27.29 41.50
C ARG K 123 30.23 26.92 41.95
N TYR K 124 31.14 27.90 42.05
CA TYR K 124 32.48 27.59 42.53
C TYR K 124 32.48 27.27 44.02
N VAL K 125 31.80 28.09 44.83
CA VAL K 125 31.77 27.80 46.28
C VAL K 125 30.93 26.55 46.57
N GLU K 126 29.93 26.31 45.72
CA GLU K 126 29.18 25.07 45.70
C GLU K 126 30.09 23.87 45.42
N SER K 127 31.00 24.02 44.46
CA SER K 127 31.92 22.94 44.15
C SER K 127 32.95 22.74 45.26
N LEU K 128 33.31 23.83 45.95
CA LEU K 128 34.20 23.74 47.11
C LEU K 128 33.59 22.88 48.20
N ILE K 129 32.31 23.12 48.52
CA ILE K 129 31.69 22.31 49.58
C ILE K 129 31.38 20.90 49.08
N ALA K 130 31.17 20.73 47.77
CA ALA K 130 30.93 19.40 47.21
C ALA K 130 32.16 18.52 47.32
N TYR K 131 33.32 19.06 46.95
CA TYR K 131 34.55 18.29 47.08
C TYR K 131 35.03 18.22 48.52
N PHE K 132 34.57 19.11 49.40
CA PHE K 132 34.81 18.91 50.83
C PHE K 132 34.01 17.74 51.37
N LYS K 133 32.78 17.55 50.88
CA LYS K 133 32.05 16.35 51.25
C LYS K 133 32.65 15.11 50.59
N PHE K 134 33.30 15.27 49.44
CA PHE K 134 33.85 14.12 48.74
C PHE K 134 35.12 13.58 49.41
N TYR K 135 35.77 14.41 50.22
CA TYR K 135 37.03 14.03 50.86
C TYR K 135 36.98 14.04 52.38
#